data_8X9B
#
_entry.id   8X9B
#
_cell.length_a   1.00
_cell.length_b   1.00
_cell.length_c   1.00
_cell.angle_alpha   90.00
_cell.angle_beta   90.00
_cell.angle_gamma   90.00
#
_symmetry.space_group_name_H-M   'P 1'
#
loop_
_entity.id
_entity.type
_entity.pdbx_description
1 polymer 'Capsid protein VP1'
2 polymer 'Genome polyprotein'
3 polymer 'Genome polyprotein'
4 polymer 'The heavy chain of Fab h1A6.2'
5 polymer 'The light chain of Fab h1A6.2'
#
loop_
_entity_poly.entity_id
_entity_poly.type
_entity_poly.pdbx_seq_one_letter_code
_entity_poly.pdbx_strand_id
1 'polypeptide(L)'
;GDPIADMIDQTVNNQVNRSLTALQVLPTAANTEASSHRLGTGVVPALQAAETGASSNASDKNLIETRCVLNHHSTQETAI
GNFFSRAGLVSIITMPTTDTQNTDGYVNWDIDLMGYAQLRRKCELFTYMRFDAEFTFVVAKPNGVLVPQLLQYMYVPPGA
PKPTSRDSFAWQTATNPSVFVKMTDPPAQVSVPFMSPASAYQWFYDGYPTFGEHLQANDLDYGQCPNNMMGTFSIRTVGT
EKSPHSITLRVYMRIKHVRAWIPRPLRNQPYLFKTNPNYKGNDIKCTSTSRDKITTL
;
D,E,F,H
2 'polypeptide(L)'
;SPSAEACGYSDRVAQLTIGNSTITTQEAANIVIAYGEWPEYCPDTDATAVDKPTRPDVSVNRFFTLDTKSWAKDSKGWYW
KFPDVLTEVGVFGQNAQFHYLYRSGFCVHVQCNASKFHQGALLVAVLPEYVLGTIAGGTGNENSHPPYATTQPGQVGAVL
THPYVLDAGIPLSQLTVCPHQWINLRTNNCATIIVPYMNTVPFDSALNHCNFGLLVIPVVPLDFNAGATSEIPITVTIAP
MCAEFAGLRQAVKQ
;
G,I,J,L
3 'polypeptide(L)'
;GIPTELKPGTNQFLTTDDGVSAPILPGFHPTPPIHIPGEVHNLLEICRVETILEVNNLKTNETTPMQRLCFPVSVQSKTG
ELCAAFRADPGRDGPWQSTILGQLCRYYTQWSGSLEVTFMFAGSFMATGKMLIAYTPPGGNVPADRITAMLGTHVIWDFG
LQSSVTLVVPWISNTHYRAHARAGYFDYYTTGIITIWYQTNYVVPIGAPTTAYIVALAAAQDNFTMKLCKDTEDIEQTAN
IQ
;
K,M,N,Q
4 'polypeptide(L)'
;EVQLVQSGAEVKKPGASVKVSCKASGFNIKDFYIHWVRQRPGQGLEWIGWIDPKVGNTMFDPKFQGKARITVDASISTAY
LELSRLRSDDTAVYYCSRGAAAYWGQGTLVTVSS
;
O,R
5 'polypeptide(L)'
;AVVMTQTPLSLPVTLGQPASISCKSSQSLLYSDGKTYVNWFQQRPGQSPKRLIYLVSRLDSGVPDRFSGSGSGTDFTLKI
SRVEAEDLGVYYCWQGTHLPYTFGQGTKLEIK
;
P,S
#
# COMPACT_ATOMS: atom_id res chain seq x y z
N SER A 74 17.00 27.00 -21.48
CA SER A 74 17.50 26.77 -22.82
C SER A 74 18.99 26.56 -22.83
N THR A 75 19.59 26.44 -24.01
CA THR A 75 21.00 26.15 -24.13
C THR A 75 21.85 27.35 -24.48
N GLN A 76 21.26 28.53 -24.63
CA GLN A 76 22.03 29.68 -25.06
C GLN A 76 22.75 30.38 -23.93
N GLU A 77 22.30 30.17 -22.71
CA GLU A 77 22.89 30.86 -21.57
C GLU A 77 24.26 30.33 -21.21
N THR A 78 24.52 29.08 -21.56
CA THR A 78 25.78 28.46 -21.22
C THR A 78 26.75 28.40 -22.39
N ALA A 79 26.50 29.21 -23.41
CA ALA A 79 27.39 29.25 -24.58
C ALA A 79 28.68 29.97 -24.29
N ILE A 80 29.61 29.93 -25.22
CA ILE A 80 30.90 30.56 -25.02
C ILE A 80 30.85 32.06 -25.09
N GLY A 81 29.83 32.60 -25.72
CA GLY A 81 29.67 34.05 -25.78
C GLY A 81 29.18 34.63 -24.47
N ASN A 82 28.42 33.87 -23.67
CA ASN A 82 27.90 34.40 -22.42
C ASN A 82 28.87 34.18 -21.29
N PHE A 83 29.80 33.26 -21.43
CA PHE A 83 30.69 32.91 -20.34
C PHE A 83 31.84 33.84 -20.20
N PHE A 84 31.97 34.81 -21.09
CA PHE A 84 33.01 35.81 -20.94
C PHE A 84 32.51 37.21 -21.23
N SER A 85 31.21 37.43 -21.32
CA SER A 85 30.72 38.74 -21.74
C SER A 85 30.77 39.85 -20.74
N ARG A 86 30.31 39.55 -19.54
CA ARG A 86 30.20 40.58 -18.56
C ARG A 86 31.54 41.16 -18.26
N ALA A 87 31.61 42.47 -18.08
CA ALA A 87 32.88 43.16 -17.81
C ALA A 87 33.34 43.12 -16.39
N GLY A 88 34.59 43.48 -16.14
CA GLY A 88 35.12 43.52 -14.78
C GLY A 88 36.32 44.42 -14.75
N LEU A 89 36.75 44.83 -13.57
CA LEU A 89 37.96 45.65 -13.47
C LEU A 89 39.20 44.78 -13.57
N VAL A 90 40.26 45.29 -14.21
CA VAL A 90 41.50 44.52 -14.30
C VAL A 90 42.63 45.15 -13.51
N SER A 91 42.59 46.46 -13.28
CA SER A 91 43.63 47.12 -12.51
C SER A 91 43.18 48.40 -11.89
N ILE A 92 43.88 48.85 -10.83
CA ILE A 92 43.59 50.13 -10.21
C ILE A 92 44.87 50.91 -10.35
N ILE A 93 44.79 52.13 -10.86
CA ILE A 93 45.96 52.96 -11.11
C ILE A 93 45.90 54.20 -10.24
N THR A 94 46.94 54.43 -9.45
CA THR A 94 46.98 55.57 -8.55
C THR A 94 48.14 56.47 -8.90
N MET A 95 47.87 57.77 -9.07
CA MET A 95 48.90 58.75 -9.38
C MET A 95 48.82 59.85 -8.33
N PRO A 96 49.67 59.76 -7.29
CA PRO A 96 49.62 60.76 -6.22
C PRO A 96 50.43 61.98 -6.56
N THR A 97 50.52 62.93 -5.63
CA THR A 97 51.34 64.12 -5.83
C THR A 97 52.74 63.89 -5.29
N ASP A 104 56.42 60.43 -10.43
CA ASP A 104 57.07 60.92 -11.65
C ASP A 104 56.04 61.60 -12.51
N GLY A 105 54.76 61.32 -12.27
CA GLY A 105 53.68 61.95 -13.00
C GLY A 105 53.12 61.14 -14.14
N TYR A 106 53.56 59.90 -14.29
CA TYR A 106 53.05 59.03 -15.34
C TYR A 106 53.17 57.60 -14.91
N VAL A 107 52.42 56.72 -15.57
CA VAL A 107 52.45 55.29 -15.26
C VAL A 107 52.34 54.51 -16.55
N ASN A 108 52.99 53.36 -16.62
CA ASN A 108 52.94 52.53 -17.81
C ASN A 108 52.31 51.22 -17.43
N TRP A 109 50.99 51.16 -17.48
CA TRP A 109 50.29 49.93 -17.15
C TRP A 109 50.35 49.00 -18.34
N ASP A 110 51.01 47.87 -18.17
CA ASP A 110 51.05 46.86 -19.22
C ASP A 110 49.69 46.22 -19.38
N ILE A 111 49.43 45.63 -20.53
CA ILE A 111 48.20 44.89 -20.70
C ILE A 111 48.34 43.67 -19.81
N ASP A 112 47.25 43.15 -19.29
CA ASP A 112 47.34 42.05 -18.37
C ASP A 112 46.03 41.32 -18.27
N LEU A 113 46.03 40.01 -18.43
CA LEU A 113 44.84 39.21 -18.20
C LEU A 113 45.08 38.20 -17.11
N MET A 114 46.31 37.96 -16.75
CA MET A 114 46.58 37.09 -15.64
C MET A 114 46.78 37.98 -14.42
N GLY A 115 46.11 39.12 -14.36
CA GLY A 115 46.34 40.07 -13.29
C GLY A 115 45.63 39.91 -12.00
N TYR A 116 44.35 39.60 -12.07
CA TYR A 116 43.57 39.37 -10.89
C TYR A 116 43.41 37.94 -11.06
N ALA A 117 43.04 37.27 -10.02
CA ALA A 117 42.96 35.84 -10.09
C ALA A 117 41.75 35.33 -10.77
N GLN A 118 40.59 35.83 -10.41
CA GLN A 118 39.38 35.24 -10.93
C GLN A 118 39.41 34.95 -12.42
N LEU A 119 39.82 35.89 -13.24
CA LEU A 119 39.77 35.67 -14.67
C LEU A 119 40.66 34.53 -15.06
N ARG A 120 41.87 34.48 -14.46
CA ARG A 120 42.87 33.46 -14.80
C ARG A 120 42.28 32.08 -14.82
N ARG A 121 41.51 31.72 -13.78
CA ARG A 121 41.02 30.38 -13.70
C ARG A 121 40.11 30.21 -14.85
N LYS A 122 39.25 31.18 -15.05
CA LYS A 122 38.27 31.02 -16.08
C LYS A 122 38.94 30.91 -17.41
N CYS A 123 39.94 31.73 -17.64
CA CYS A 123 40.58 31.72 -18.95
C CYS A 123 41.23 30.39 -19.26
N GLU A 124 41.91 29.80 -18.31
CA GLU A 124 42.66 28.60 -18.63
C GLU A 124 41.84 27.38 -18.96
N LEU A 125 40.54 27.43 -18.82
CA LEU A 125 39.73 26.31 -19.22
C LEU A 125 40.06 25.88 -20.64
N PHE A 126 40.67 26.72 -21.46
CA PHE A 126 41.06 26.39 -22.83
C PHE A 126 42.51 26.76 -23.02
N THR A 127 43.10 26.34 -24.14
CA THR A 127 44.50 26.65 -24.40
C THR A 127 44.73 27.50 -25.62
N TYR A 128 43.72 27.72 -26.43
CA TYR A 128 43.85 28.64 -27.55
C TYR A 128 42.61 29.53 -27.58
N MET A 129 42.79 30.83 -27.37
CA MET A 129 41.67 31.75 -27.40
C MET A 129 41.93 32.84 -28.40
N ARG A 130 40.86 33.53 -28.80
CA ARG A 130 40.96 34.59 -29.80
C ARG A 130 39.84 35.55 -29.53
N PHE A 131 40.18 36.81 -29.28
CA PHE A 131 39.21 37.79 -28.87
C PHE A 131 39.78 39.17 -28.93
N ASP A 132 38.92 40.18 -29.07
CA ASP A 132 39.36 41.56 -28.99
C ASP A 132 38.77 42.08 -27.68
N ALA A 133 39.21 43.25 -27.23
CA ALA A 133 38.77 43.80 -25.96
C ALA A 133 38.10 45.13 -26.15
N GLU A 134 37.59 45.71 -25.06
CA GLU A 134 36.93 47.00 -25.10
C GLU A 134 37.10 47.60 -23.73
N PHE A 135 37.95 48.63 -23.63
CA PHE A 135 38.29 49.18 -22.32
C PHE A 135 37.47 50.38 -21.94
N THR A 136 37.50 50.74 -20.65
CA THR A 136 36.79 51.91 -20.17
C THR A 136 37.49 52.42 -18.93
N PHE A 137 37.80 53.72 -18.90
CA PHE A 137 38.53 54.31 -17.78
C PHE A 137 37.65 55.29 -17.02
N VAL A 138 37.34 54.97 -15.77
CA VAL A 138 36.59 55.88 -14.91
C VAL A 138 37.62 56.58 -14.02
N VAL A 139 37.56 57.91 -13.92
CA VAL A 139 38.58 58.68 -13.20
C VAL A 139 37.98 59.59 -12.17
N ALA A 140 38.55 59.62 -10.96
CA ALA A 140 38.12 60.53 -9.94
C ALA A 140 39.24 60.79 -8.98
N LYS A 141 39.03 61.73 -8.06
CA LYS A 141 40.02 61.99 -7.02
C LYS A 141 39.89 60.82 -6.01
N PRO A 142 40.84 60.65 -5.09
CA PRO A 142 40.73 59.56 -4.11
C PRO A 142 39.54 59.65 -3.17
N ASN A 143 38.96 60.83 -3.01
CA ASN A 143 37.76 60.99 -2.19
C ASN A 143 36.62 61.15 -3.12
N GLY A 144 36.81 60.72 -4.34
CA GLY A 144 35.76 60.79 -5.30
C GLY A 144 35.10 62.11 -5.58
N VAL A 145 35.85 63.19 -5.74
CA VAL A 145 35.26 64.47 -6.16
C VAL A 145 35.92 64.91 -7.47
N LEU A 146 35.13 65.24 -8.48
CA LEU A 146 35.72 65.59 -9.77
C LEU A 146 36.30 67.00 -9.84
N VAL A 147 37.33 67.20 -10.68
CA VAL A 147 37.95 68.51 -10.86
C VAL A 147 38.13 68.67 -12.38
N PRO A 148 37.82 69.85 -12.96
CA PRO A 148 37.92 69.99 -14.42
C PRO A 148 39.36 70.00 -14.90
N GLN A 149 39.95 68.81 -15.04
CA GLN A 149 41.37 68.71 -15.40
C GLN A 149 41.52 67.75 -16.56
N LEU A 150 42.54 67.97 -17.38
CA LEU A 150 42.71 67.20 -18.62
C LEU A 150 43.62 66.01 -18.46
N LEU A 151 43.43 65.00 -19.29
CA LEU A 151 44.23 63.78 -19.22
C LEU A 151 44.58 63.29 -20.60
N GLN A 152 45.42 62.26 -20.68
CA GLN A 152 45.77 61.67 -21.96
C GLN A 152 46.13 60.22 -21.72
N TYR A 153 45.50 59.30 -22.44
CA TYR A 153 45.75 57.87 -22.28
C TYR A 153 46.43 57.37 -23.54
N MET A 154 47.75 57.46 -23.58
CA MET A 154 48.50 57.05 -24.75
C MET A 154 48.59 55.55 -24.82
N TYR A 155 48.32 54.99 -26.00
CA TYR A 155 48.36 53.55 -26.19
C TYR A 155 49.48 53.20 -27.16
N VAL A 156 50.35 52.29 -26.75
CA VAL A 156 51.44 51.87 -27.61
C VAL A 156 51.11 50.49 -28.18
N PRO A 157 51.51 50.22 -29.42
CA PRO A 157 51.30 48.87 -29.94
C PRO A 157 52.45 47.97 -29.51
N PRO A 158 52.39 46.67 -29.83
CA PRO A 158 53.56 45.85 -29.54
C PRO A 158 54.69 46.18 -30.49
N GLY A 159 55.88 46.41 -29.95
CA GLY A 159 57.06 46.72 -30.77
C GLY A 159 57.54 48.14 -30.67
N ALA A 160 56.64 49.08 -30.44
CA ALA A 160 57.03 50.47 -30.28
C ALA A 160 57.65 50.67 -28.88
N PRO A 161 58.61 51.59 -28.75
CA PRO A 161 59.21 51.84 -27.44
C PRO A 161 58.30 52.58 -26.47
N LYS A 162 58.41 52.26 -25.19
CA LYS A 162 57.53 52.86 -24.19
C LYS A 162 58.11 54.18 -23.76
N PRO A 163 57.28 55.09 -23.23
CA PRO A 163 57.86 56.33 -22.68
C PRO A 163 58.63 56.06 -21.41
N THR A 164 59.58 56.92 -21.11
CA THR A 164 60.39 56.75 -19.92
C THR A 164 60.41 57.93 -18.98
N SER A 165 59.91 59.09 -19.41
CA SER A 165 59.81 60.26 -18.56
C SER A 165 58.49 60.94 -18.87
N ARG A 166 58.14 61.93 -18.07
CA ARG A 166 56.90 62.67 -18.30
C ARG A 166 57.02 63.56 -19.53
N ASP A 167 58.23 63.97 -19.87
CA ASP A 167 58.47 64.86 -21.02
C ASP A 167 59.34 64.16 -22.05
N SER A 168 59.09 62.88 -22.27
CA SER A 168 59.90 62.12 -23.21
C SER A 168 59.54 62.39 -24.65
N PHE A 169 60.25 61.76 -25.57
CA PHE A 169 59.97 61.92 -26.99
C PHE A 169 58.75 61.14 -27.48
N ALA A 170 58.39 60.06 -26.79
CA ALA A 170 57.31 59.19 -27.25
C ALA A 170 55.92 59.78 -27.23
N TRP A 171 55.69 60.75 -26.36
CA TRP A 171 54.35 61.34 -26.20
C TRP A 171 53.86 62.12 -27.43
N GLN A 172 54.77 62.54 -28.30
CA GLN A 172 54.39 63.25 -29.52
C GLN A 172 54.42 62.37 -30.76
N THR A 173 54.67 61.07 -30.60
CA THR A 173 54.75 60.19 -31.74
C THR A 173 53.37 59.93 -32.32
N ALA A 174 53.20 60.15 -33.62
CA ALA A 174 51.88 60.06 -34.23
C ALA A 174 51.32 58.66 -34.33
N THR A 175 52.19 57.67 -34.42
CA THR A 175 51.73 56.29 -34.61
C THR A 175 51.23 55.62 -33.35
N ASN A 176 51.40 56.24 -32.19
CA ASN A 176 50.84 55.69 -30.94
C ASN A 176 49.57 56.47 -30.65
N PRO A 177 48.39 55.88 -30.90
CA PRO A 177 47.15 56.65 -30.72
C PRO A 177 46.83 56.95 -29.28
N SER A 178 46.18 58.09 -29.04
CA SER A 178 45.84 58.49 -27.68
C SER A 178 44.51 59.19 -27.66
N VAL A 179 43.87 59.20 -26.51
CA VAL A 179 42.60 59.90 -26.36
C VAL A 179 42.84 61.07 -25.44
N PHE A 180 42.04 62.12 -25.57
CA PHE A 180 42.18 63.33 -24.77
C PHE A 180 40.81 63.59 -24.18
N VAL A 181 40.62 63.28 -22.91
CA VAL A 181 39.30 63.41 -22.29
C VAL A 181 39.41 64.18 -21.00
N LYS A 182 38.38 64.97 -20.69
CA LYS A 182 38.35 65.73 -19.45
C LYS A 182 37.94 64.80 -18.33
N MET A 183 38.03 65.27 -17.10
CA MET A 183 37.68 64.46 -15.95
C MET A 183 36.18 64.48 -15.68
N THR A 184 35.51 65.57 -16.00
CA THR A 184 34.08 65.70 -15.72
C THR A 184 33.24 65.09 -16.82
N ASP A 185 33.88 64.57 -17.85
CA ASP A 185 33.17 63.97 -18.97
C ASP A 185 32.71 62.56 -18.68
N PRO A 186 31.92 61.97 -19.60
CA PRO A 186 31.65 60.54 -19.41
C PRO A 186 32.95 59.76 -19.61
N PRO A 187 33.04 58.54 -19.08
CA PRO A 187 34.30 57.81 -19.22
C PRO A 187 34.61 57.41 -20.64
N ALA A 188 35.88 57.32 -20.97
CA ALA A 188 36.31 56.95 -22.32
C ALA A 188 36.03 55.50 -22.62
N GLN A 189 35.96 55.15 -23.91
CA GLN A 189 35.76 53.77 -24.29
C GLN A 189 36.55 53.49 -25.55
N VAL A 190 37.46 52.52 -25.49
CA VAL A 190 38.33 52.21 -26.61
C VAL A 190 38.30 50.73 -26.86
N SER A 191 38.20 50.33 -28.13
CA SER A 191 38.31 48.92 -28.48
C SER A 191 39.63 48.67 -29.17
N VAL A 192 40.26 47.53 -28.89
CA VAL A 192 41.54 47.20 -29.48
C VAL A 192 41.46 45.79 -30.08
N PRO A 193 41.77 45.63 -31.38
CA PRO A 193 41.72 44.29 -31.96
C PRO A 193 42.92 43.48 -31.56
N PHE A 194 42.83 42.17 -31.69
CA PHE A 194 43.92 41.29 -31.29
C PHE A 194 45.04 41.36 -32.29
N MET A 195 46.28 41.59 -31.84
CA MET A 195 47.40 41.81 -32.77
C MET A 195 48.48 40.73 -32.69
N SER A 196 48.11 39.46 -32.51
CA SER A 196 49.15 38.46 -32.46
C SER A 196 49.64 38.16 -33.85
N PRO A 197 50.95 37.89 -34.02
CA PRO A 197 51.44 37.48 -35.34
C PRO A 197 50.93 36.07 -35.67
N ALA A 198 50.56 35.29 -34.68
CA ALA A 198 49.99 33.97 -34.90
C ALA A 198 48.49 34.13 -35.09
N SER A 199 47.74 33.03 -35.09
CA SER A 199 46.30 33.11 -35.27
C SER A 199 45.46 33.03 -34.00
N ALA A 200 46.06 32.71 -32.87
CA ALA A 200 45.34 32.66 -31.60
C ALA A 200 46.29 32.85 -30.45
N TYR A 201 45.77 33.31 -29.32
CA TYR A 201 46.61 33.47 -28.14
C TYR A 201 46.92 32.13 -27.52
N GLN A 202 48.06 32.04 -26.84
CA GLN A 202 48.42 30.82 -26.14
C GLN A 202 48.66 31.09 -24.69
N TRP A 203 47.88 30.48 -23.82
CA TRP A 203 48.12 30.61 -22.40
C TRP A 203 49.13 29.57 -21.92
N PHE A 204 49.46 28.59 -22.75
CA PHE A 204 50.40 27.56 -22.36
C PHE A 204 51.39 27.32 -23.50
N TYR A 205 52.65 27.70 -23.29
CA TYR A 205 53.71 27.44 -24.28
C TYR A 205 54.69 26.48 -23.68
N ASP A 206 55.07 25.47 -24.44
CA ASP A 206 55.96 24.42 -23.91
C ASP A 206 57.43 24.69 -24.12
N GLY A 207 57.78 25.28 -25.25
CA GLY A 207 59.16 25.49 -25.58
C GLY A 207 59.81 26.71 -25.05
N TYR A 208 60.97 27.06 -25.62
CA TYR A 208 61.74 28.24 -25.25
C TYR A 208 61.57 29.29 -26.35
N PRO A 209 61.56 30.58 -25.99
CA PRO A 209 61.45 31.62 -27.02
C PRO A 209 62.71 31.76 -27.88
N GLY A 223 63.55 30.22 -20.78
CA GLY A 223 62.21 30.70 -20.54
C GLY A 223 61.13 29.76 -21.02
N GLN A 224 59.93 29.86 -20.46
CA GLN A 224 58.80 29.03 -20.87
C GLN A 224 57.61 29.92 -21.17
N CYS A 225 57.87 31.13 -21.69
CA CYS A 225 56.81 32.09 -21.99
C CYS A 225 56.77 32.38 -23.51
N PRO A 226 55.57 32.55 -24.08
CA PRO A 226 55.47 32.87 -25.51
C PRO A 226 55.63 34.35 -25.79
N ASN A 227 55.42 34.76 -27.03
CA ASN A 227 55.48 36.17 -27.40
C ASN A 227 54.10 36.69 -27.77
N ASN A 228 53.22 36.85 -26.78
CA ASN A 228 51.90 37.44 -27.03
C ASN A 228 51.82 38.64 -26.16
N MET A 229 51.71 39.81 -26.75
CA MET A 229 51.53 41.00 -25.96
C MET A 229 50.65 41.91 -26.73
N MET A 230 49.79 42.61 -26.03
CA MET A 230 48.79 43.46 -26.64
C MET A 230 49.09 44.90 -26.29
N GLY A 231 50.35 45.22 -26.07
CA GLY A 231 50.72 46.60 -25.83
C GLY A 231 50.55 47.03 -24.40
N THR A 232 50.73 48.33 -24.14
CA THR A 232 50.61 48.85 -22.80
C THR A 232 49.95 50.19 -22.95
N PHE A 233 49.40 50.73 -21.86
CA PHE A 233 48.72 52.00 -21.91
C PHE A 233 49.64 52.94 -21.13
N SER A 234 49.49 54.24 -21.34
CA SER A 234 50.31 55.22 -20.64
C SER A 234 49.45 56.39 -20.30
N ILE A 235 49.34 56.71 -19.02
CA ILE A 235 48.41 57.73 -18.56
C ILE A 235 49.17 58.84 -17.88
N ARG A 236 48.92 60.08 -18.30
CA ARG A 236 49.53 61.23 -17.67
C ARG A 236 48.65 62.43 -17.87
N THR A 237 48.90 63.46 -17.06
CA THR A 237 48.16 64.70 -17.21
C THR A 237 48.75 65.50 -18.34
N VAL A 238 48.04 66.52 -18.79
CA VAL A 238 48.50 67.32 -19.91
C VAL A 238 48.98 68.65 -19.38
N GLY A 239 50.22 69.00 -19.69
CA GLY A 239 50.78 70.27 -19.25
C GLY A 239 52.26 70.14 -19.03
N THR A 240 52.86 71.19 -18.49
CA THR A 240 54.31 71.20 -18.24
C THR A 240 54.64 71.01 -16.77
N GLU A 241 54.00 71.76 -15.89
CA GLU A 241 54.23 71.57 -14.46
C GLU A 241 53.21 70.61 -13.89
N LYS A 242 53.39 70.24 -12.64
CA LYS A 242 52.50 69.27 -12.03
C LYS A 242 51.13 69.82 -11.71
N SER A 243 50.09 69.06 -12.04
CA SER A 243 48.74 69.47 -11.70
C SER A 243 48.54 69.24 -10.20
N PRO A 244 47.87 70.16 -9.50
CA PRO A 244 47.71 70.02 -8.05
C PRO A 244 46.51 69.17 -7.67
N HIS A 245 46.34 68.02 -8.32
CA HIS A 245 45.22 67.14 -8.02
C HIS A 245 45.66 65.71 -8.20
N SER A 246 45.77 64.98 -7.10
CA SER A 246 46.10 63.55 -7.19
C SER A 246 44.89 62.82 -7.75
N ILE A 247 45.13 61.90 -8.67
CA ILE A 247 44.03 61.18 -9.31
C ILE A 247 44.19 59.68 -9.18
N THR A 248 43.08 58.95 -9.21
CA THR A 248 43.13 57.50 -9.26
C THR A 248 42.16 57.10 -10.37
N LEU A 249 42.34 55.90 -10.92
CA LEU A 249 41.43 55.43 -11.95
C LEU A 249 41.31 53.93 -11.96
N ARG A 250 40.20 53.44 -12.53
CA ARG A 250 39.98 52.01 -12.67
C ARG A 250 39.79 51.72 -14.14
N VAL A 251 40.21 50.54 -14.59
CA VAL A 251 40.11 50.16 -15.98
C VAL A 251 39.24 48.93 -16.08
N TYR A 252 38.07 49.06 -16.67
CA TYR A 252 37.20 47.91 -16.90
C TYR A 252 37.43 47.38 -18.31
N MET A 253 37.13 46.10 -18.53
CA MET A 253 37.41 45.50 -19.82
C MET A 253 36.43 44.43 -20.17
N ARG A 254 35.81 44.54 -21.35
CA ARG A 254 34.92 43.49 -21.84
C ARG A 254 35.72 42.60 -22.78
N ILE A 255 35.11 41.51 -23.23
CA ILE A 255 35.74 40.61 -24.18
C ILE A 255 34.71 40.30 -25.26
N LYS A 256 35.03 40.55 -26.52
CA LYS A 256 34.08 40.34 -27.59
C LYS A 256 34.52 39.29 -28.57
N HIS A 257 33.56 38.62 -29.21
CA HIS A 257 33.82 37.65 -30.27
C HIS A 257 34.78 36.56 -29.87
N VAL A 258 34.42 35.79 -28.85
CA VAL A 258 35.30 34.79 -28.33
C VAL A 258 35.25 33.50 -29.11
N ARG A 259 36.34 32.78 -29.24
CA ARG A 259 36.29 31.48 -29.86
C ARG A 259 37.37 30.73 -29.14
N ALA A 260 37.21 29.43 -28.90
CA ALA A 260 38.20 28.64 -28.17
C ALA A 260 38.45 27.36 -28.91
N TRP A 261 39.66 26.81 -28.81
CA TRP A 261 40.00 25.63 -29.59
C TRP A 261 40.47 24.30 -28.99
N ILE A 262 40.80 24.13 -27.71
CA ILE A 262 41.08 22.79 -27.14
C ILE A 262 40.73 22.89 -25.69
N PRO A 263 40.11 21.88 -25.10
CA PRO A 263 39.77 22.08 -23.70
C PRO A 263 40.78 21.43 -22.77
N ARG A 264 40.90 21.85 -21.51
CA ARG A 264 41.90 21.33 -20.57
C ARG A 264 41.31 21.22 -19.21
N PRO A 265 41.98 20.56 -18.27
CA PRO A 265 41.42 20.54 -16.93
C PRO A 265 41.60 21.80 -16.13
N LEU A 266 40.87 21.97 -15.01
CA LEU A 266 40.91 23.22 -14.23
C LEU A 266 42.12 23.27 -13.33
N ARG A 267 42.19 24.26 -12.44
CA ARG A 267 43.28 24.38 -11.50
C ARG A 267 42.75 24.42 -10.08
N ASN A 268 43.35 23.63 -9.19
CA ASN A 268 42.94 23.59 -7.78
C ASN A 268 43.95 24.17 -6.81
N GLN A 269 45.22 24.06 -7.11
CA GLN A 269 46.24 24.59 -6.24
C GLN A 269 46.28 26.11 -6.32
N PRO A 270 46.67 26.79 -5.24
CA PRO A 270 46.81 28.24 -5.32
C PRO A 270 47.97 28.65 -6.18
N TYR A 271 47.89 29.82 -6.79
CA TYR A 271 48.95 30.30 -7.65
C TYR A 271 50.10 30.88 -6.88
N LEU A 272 51.25 31.00 -7.51
CA LEU A 272 52.45 31.56 -6.87
C LEU A 272 53.11 32.69 -7.63
N PHE A 273 53.03 32.71 -8.95
CA PHE A 273 53.65 33.73 -9.76
C PHE A 273 52.66 34.16 -10.83
N LYS A 274 53.10 35.01 -11.75
CA LYS A 274 52.22 35.52 -12.79
C LYS A 274 52.46 34.90 -14.14
N THR A 275 53.51 34.11 -14.30
CA THR A 275 53.84 33.57 -15.62
C THR A 275 53.96 32.07 -15.74
N ASN A 276 54.23 31.36 -14.65
CA ASN A 276 54.50 29.93 -14.72
C ASN A 276 53.58 29.19 -13.78
N PRO A 277 53.17 27.97 -14.14
CA PRO A 277 52.22 27.25 -13.29
C PRO A 277 52.92 26.51 -12.17
N ASN A 278 53.57 27.23 -11.28
CA ASN A 278 54.18 26.58 -10.13
C ASN A 278 53.14 26.31 -9.09
N TYR A 279 53.48 25.50 -8.09
CA TYR A 279 52.58 25.23 -7.00
C TYR A 279 53.39 24.94 -5.77
N LYS A 280 52.76 24.92 -4.63
CA LYS A 280 53.48 24.73 -3.38
C LYS A 280 53.79 23.27 -3.29
N GLY A 281 55.06 22.93 -3.10
CA GLY A 281 55.45 21.53 -3.18
C GLY A 281 55.19 20.63 -2.01
N ASN A 282 55.50 21.11 -0.82
CA ASN A 282 55.37 20.26 0.37
C ASN A 282 53.97 19.85 0.76
N ASP A 283 53.03 20.80 0.74
CA ASP A 283 51.64 20.51 1.08
C ASP A 283 50.77 20.72 -0.12
N ILE A 284 49.85 19.79 -0.37
CA ILE A 284 48.95 19.86 -1.51
C ILE A 284 47.54 19.85 -1.00
N LYS A 285 46.76 20.86 -1.32
CA LYS A 285 45.44 20.92 -0.76
C LYS A 285 44.56 20.06 -1.60
N CYS A 286 44.02 19.00 -1.04
CA CYS A 286 43.23 18.10 -1.85
C CYS A 286 42.00 18.84 -2.28
N THR A 287 41.47 18.48 -3.44
CA THR A 287 40.34 19.22 -3.97
C THR A 287 39.07 19.17 -3.16
N SER A 288 38.73 18.02 -2.62
CA SER A 288 37.48 17.86 -1.91
C SER A 288 37.55 18.16 -0.45
N THR A 289 36.41 18.23 0.22
CA THR A 289 36.41 18.36 1.65
C THR A 289 36.53 16.93 2.12
N SER A 290 36.33 16.63 3.41
CA SER A 290 36.48 15.30 3.95
C SER A 290 35.42 14.88 4.90
N ARG A 291 35.26 13.57 5.07
CA ARG A 291 34.33 13.03 6.04
C ARG A 291 35.13 12.02 6.84
N ASP A 292 34.50 11.42 7.84
CA ASP A 292 35.20 10.51 8.75
C ASP A 292 35.10 9.05 8.39
N LYS A 293 33.97 8.63 7.84
CA LYS A 293 33.77 7.22 7.48
C LYS A 293 33.14 7.17 6.10
N ILE A 294 33.49 6.17 5.31
CA ILE A 294 32.98 6.08 3.93
C ILE A 294 31.51 5.72 3.89
N THR A 295 30.99 5.10 4.92
CA THR A 295 29.61 4.64 4.92
C THR A 295 28.66 5.64 5.53
N THR A 296 29.11 6.87 5.76
CA THR A 296 28.22 7.91 6.26
C THR A 296 27.28 8.39 5.18
N LEU A 297 26.23 9.09 5.56
CA LEU A 297 25.22 9.49 4.56
C LEU A 297 25.70 10.67 3.76
N SER B 74 -13.39 55.38 -23.31
CA SER B 74 -13.58 54.05 -23.87
C SER B 74 -13.33 53.03 -22.80
N THR B 75 -13.09 51.77 -23.18
CA THR B 75 -12.87 50.71 -22.22
C THR B 75 -11.41 50.38 -22.04
N GLN B 76 -10.53 51.12 -22.67
CA GLN B 76 -9.11 50.82 -22.57
C GLN B 76 -8.49 51.39 -21.33
N GLU B 77 -9.13 52.37 -20.73
CA GLU B 77 -8.55 53.04 -19.57
C GLU B 77 -8.57 52.18 -18.34
N THR B 78 -9.43 51.18 -18.34
CA THR B 78 -9.61 50.35 -17.16
C THR B 78 -8.98 49.00 -17.32
N ALA B 79 -8.14 48.84 -18.32
CA ALA B 79 -7.44 47.56 -18.55
C ALA B 79 -6.35 47.31 -17.52
N ILE B 80 -5.81 46.08 -17.50
CA ILE B 80 -4.77 45.71 -16.53
C ILE B 80 -3.52 46.51 -16.75
N GLY B 81 -3.24 46.88 -17.98
CA GLY B 81 -2.04 47.63 -18.29
C GLY B 81 -2.04 49.02 -17.74
N ASN B 82 -3.20 49.65 -17.72
CA ASN B 82 -3.30 51.04 -17.28
C ASN B 82 -3.63 51.12 -15.80
N PHE B 83 -3.58 49.99 -15.09
CA PHE B 83 -3.84 49.99 -13.66
C PHE B 83 -2.58 50.01 -12.85
N PHE B 84 -1.44 49.72 -13.46
CA PHE B 84 -0.15 49.74 -12.75
C PHE B 84 0.89 50.57 -13.45
N SER B 85 0.52 51.33 -14.46
CA SER B 85 1.50 52.03 -15.29
C SER B 85 2.26 53.19 -14.70
N ARG B 86 1.74 53.81 -13.65
CA ARG B 86 2.39 54.99 -13.13
C ARG B 86 3.58 54.64 -12.25
N ALA B 87 4.56 55.54 -12.21
CA ALA B 87 5.76 55.31 -11.39
C ALA B 87 5.56 55.93 -10.04
N GLY B 88 6.11 55.32 -9.00
CA GLY B 88 6.00 55.88 -7.66
C GLY B 88 7.18 55.45 -6.83
N LEU B 89 7.59 56.27 -5.87
CA LEU B 89 8.77 55.95 -5.10
C LEU B 89 8.52 54.81 -4.16
N VAL B 90 9.47 53.90 -4.08
CA VAL B 90 9.33 52.73 -3.21
C VAL B 90 10.16 52.83 -1.94
N SER B 91 11.24 53.61 -1.95
CA SER B 91 12.05 53.77 -0.76
C SER B 91 12.86 55.03 -0.75
N ILE B 92 13.30 55.47 0.42
CA ILE B 92 14.16 56.63 0.55
C ILE B 92 15.43 56.12 1.22
N ILE B 93 16.60 56.43 0.66
CA ILE B 93 17.86 55.93 1.18
C ILE B 93 18.71 57.10 1.60
N THR B 94 19.16 57.11 2.86
CA THR B 94 19.98 58.19 3.38
C THR B 94 21.33 57.67 3.83
N MET B 95 22.42 58.31 3.39
CA MET B 95 23.77 57.94 3.78
C MET B 95 24.42 59.19 4.36
N PRO B 96 24.40 59.31 5.69
CA PRO B 96 24.95 60.53 6.30
C PRO B 96 26.43 60.45 6.50
N THR B 97 27.02 61.47 7.12
CA THR B 97 28.44 61.47 7.43
C THR B 97 28.70 60.87 8.80
N ASP B 104 28.73 53.64 7.95
CA ASP B 104 29.52 52.55 7.39
C ASP B 104 29.88 52.90 5.96
N GLY B 105 29.07 53.73 5.31
CA GLY B 105 29.37 54.17 3.96
C GLY B 105 28.72 53.37 2.87
N TYR B 106 27.84 52.44 3.23
CA TYR B 106 27.14 51.66 2.24
C TYR B 106 25.82 51.21 2.81
N VAL B 107 24.89 50.84 1.95
CA VAL B 107 23.57 50.39 2.35
C VAL B 107 23.12 49.29 1.41
N ASN B 108 22.36 48.33 1.91
CA ASN B 108 21.91 47.21 1.10
C ASN B 108 20.39 47.22 1.12
N TRP B 109 19.76 48.02 0.27
CA TRP B 109 18.29 48.12 0.24
C TRP B 109 17.68 46.96 -0.46
N ASP B 110 16.89 46.19 0.26
CA ASP B 110 16.32 45.01 -0.34
C ASP B 110 15.24 45.45 -1.26
N ILE B 111 14.95 44.61 -2.25
CA ILE B 111 13.96 44.97 -3.22
C ILE B 111 12.67 44.29 -2.86
N ASP B 112 11.56 45.03 -2.90
CA ASP B 112 10.28 44.41 -2.78
C ASP B 112 9.30 45.45 -3.17
N LEU B 113 8.26 45.03 -3.88
CA LEU B 113 7.20 45.96 -4.23
C LEU B 113 6.62 46.36 -2.91
N MET B 114 6.58 45.44 -1.96
CA MET B 114 6.00 45.71 -0.67
C MET B 114 6.83 46.74 0.01
N GLY B 115 6.26 47.41 0.99
CA GLY B 115 6.99 48.39 1.77
C GLY B 115 6.42 49.76 1.87
N TYR B 116 5.46 50.08 1.04
CA TYR B 116 4.80 51.34 1.17
C TYR B 116 3.46 50.77 0.99
N ALA B 117 2.51 51.14 1.81
CA ALA B 117 1.22 50.47 1.80
C ALA B 117 0.30 50.53 0.62
N GLN B 118 0.18 51.68 0.00
CA GLN B 118 -0.81 51.79 -1.03
C GLN B 118 -0.69 50.73 -2.06
N LEU B 119 0.51 50.49 -2.52
CA LEU B 119 0.65 49.53 -3.59
C LEU B 119 0.28 48.19 -3.13
N ARG B 120 0.55 47.85 -1.90
CA ARG B 120 0.32 46.49 -1.48
C ARG B 120 -1.06 46.07 -1.74
N ARG B 121 -2.02 46.86 -1.31
CA ARG B 121 -3.39 46.44 -1.46
C ARG B 121 -3.71 46.32 -2.93
N LYS B 122 -3.15 47.18 -3.77
CA LYS B 122 -3.51 47.14 -5.17
C LYS B 122 -3.04 45.84 -5.74
N CYS B 123 -1.84 45.45 -5.38
CA CYS B 123 -1.30 44.24 -5.94
C CYS B 123 -2.10 43.08 -5.49
N GLU B 124 -2.59 43.10 -4.28
CA GLU B 124 -3.27 41.93 -3.77
C GLU B 124 -4.51 41.57 -4.54
N LEU B 125 -5.03 42.47 -5.38
CA LEU B 125 -6.17 42.17 -6.22
C LEU B 125 -6.05 40.80 -6.84
N PHE B 126 -4.85 40.39 -7.24
CA PHE B 126 -4.64 39.09 -7.84
C PHE B 126 -3.66 38.23 -7.02
N THR B 127 -3.59 36.93 -7.28
CA THR B 127 -2.69 36.04 -6.56
C THR B 127 -1.53 35.53 -7.38
N TYR B 128 -1.53 35.75 -8.69
CA TYR B 128 -0.38 35.40 -9.52
C TYR B 128 -0.13 36.55 -10.48
N MET B 129 1.03 37.20 -10.37
CA MET B 129 1.38 38.31 -11.24
C MET B 129 2.68 38.03 -11.93
N ARG B 130 2.92 38.73 -13.04
CA ARG B 130 4.14 38.56 -13.80
C ARG B 130 4.48 39.86 -14.46
N PHE B 131 5.67 40.40 -14.18
CA PHE B 131 6.04 41.71 -14.67
C PHE B 131 7.51 41.95 -14.50
N ASP B 132 8.06 42.88 -15.27
CA ASP B 132 9.45 43.28 -15.08
C ASP B 132 9.36 44.71 -14.59
N ALA B 133 10.48 45.25 -14.11
CA ALA B 133 10.48 46.58 -13.52
C ALA B 133 11.43 47.48 -14.23
N GLU B 134 11.41 48.77 -13.87
CA GLU B 134 12.31 49.74 -14.45
C GLU B 134 12.53 50.78 -13.38
N PHE B 135 13.74 50.80 -12.85
CA PHE B 135 14.02 51.69 -11.73
C PHE B 135 14.65 52.99 -12.16
N THR B 136 14.63 53.98 -11.28
CA THR B 136 15.28 55.25 -11.56
C THR B 136 15.72 55.86 -10.25
N PHE B 137 16.98 56.29 -10.19
CA PHE B 137 17.54 56.84 -8.96
C PHE B 137 17.84 58.32 -9.08
N VAL B 138 17.15 59.17 -8.31
CA VAL B 138 17.47 60.59 -8.30
C VAL B 138 18.29 60.87 -7.05
N VAL B 139 19.35 61.65 -7.15
CA VAL B 139 20.26 61.85 -6.02
C VAL B 139 20.63 63.27 -5.81
N ALA B 140 20.61 63.73 -4.57
CA ALA B 140 21.02 65.08 -4.24
C ALA B 140 21.29 65.13 -2.77
N LYS B 141 21.94 66.18 -2.33
CA LYS B 141 22.29 66.28 -0.92
C LYS B 141 21.05 66.52 -0.11
N PRO B 142 21.13 66.26 1.20
CA PRO B 142 19.90 66.43 1.93
C PRO B 142 19.42 67.82 1.75
N ASN B 143 20.34 68.75 1.68
CA ASN B 143 19.96 70.15 1.57
C ASN B 143 19.36 70.60 0.24
N GLY B 144 19.45 69.77 -0.80
CA GLY B 144 18.90 70.12 -2.10
C GLY B 144 19.87 70.71 -3.11
N VAL B 145 21.16 70.52 -2.91
CA VAL B 145 22.19 71.04 -3.81
C VAL B 145 23.05 69.89 -4.32
N LEU B 146 23.70 70.08 -5.47
CA LEU B 146 24.50 69.02 -6.07
C LEU B 146 25.99 69.25 -6.00
N VAL B 147 26.77 68.16 -5.97
CA VAL B 147 28.23 68.22 -5.90
C VAL B 147 28.75 66.96 -6.57
N PRO B 148 29.72 67.09 -7.48
CA PRO B 148 30.10 65.84 -8.11
C PRO B 148 30.71 64.80 -7.17
N GLN B 149 30.19 63.57 -7.17
CA GLN B 149 30.74 62.50 -6.38
C GLN B 149 30.33 61.26 -7.11
N LEU B 150 31.24 60.62 -7.81
CA LEU B 150 30.82 59.50 -8.60
C LEU B 150 30.26 58.49 -7.66
N LEU B 151 29.11 57.93 -7.95
CA LEU B 151 28.55 56.89 -7.12
C LEU B 151 28.54 55.59 -7.86
N GLN B 152 28.12 54.50 -7.21
CA GLN B 152 28.00 53.20 -7.87
C GLN B 152 26.81 52.45 -7.29
N TYR B 153 25.93 51.94 -8.13
CA TYR B 153 24.77 51.21 -7.67
C TYR B 153 24.93 49.77 -8.09
N MET B 154 25.57 48.98 -7.26
CA MET B 154 25.79 47.58 -7.56
C MET B 154 24.54 46.78 -7.36
N TYR B 155 24.22 45.91 -8.33
CA TYR B 155 23.01 45.10 -8.26
C TYR B 155 23.38 43.64 -8.17
N VAL B 156 22.84 42.90 -7.19
CA VAL B 156 23.22 41.51 -7.01
C VAL B 156 22.05 40.74 -7.49
N PRO B 157 22.27 39.63 -8.21
CA PRO B 157 21.10 38.85 -8.55
C PRO B 157 20.73 37.97 -7.40
N PRO B 158 19.59 37.32 -7.47
CA PRO B 158 19.29 36.38 -6.40
C PRO B 158 20.32 35.27 -6.23
N GLY B 159 20.74 34.94 -5.00
CA GLY B 159 21.64 33.84 -4.74
C GLY B 159 23.09 34.21 -4.57
N ALA B 160 23.49 35.33 -5.13
CA ALA B 160 24.87 35.78 -4.97
C ALA B 160 25.03 36.40 -3.60
N PRO B 161 26.22 36.30 -3.01
CA PRO B 161 26.44 36.86 -1.68
C PRO B 161 26.46 38.38 -1.64
N LYS B 162 25.88 38.98 -0.60
CA LYS B 162 25.76 40.43 -0.53
C LYS B 162 27.03 41.02 0.02
N PRO B 163 27.29 42.31 -0.24
CA PRO B 163 28.46 42.91 0.38
C PRO B 163 28.28 43.10 1.87
N THR B 164 29.38 43.12 2.59
CA THR B 164 29.33 43.28 4.04
C THR B 164 30.13 44.44 4.58
N SER B 165 31.04 44.99 3.81
CA SER B 165 31.85 46.13 4.23
C SER B 165 32.00 47.07 3.06
N ARG B 166 32.55 48.25 3.30
CA ARG B 166 32.76 49.20 2.22
C ARG B 166 33.84 48.75 1.27
N ASP B 167 34.78 47.95 1.74
CA ASP B 167 35.90 47.49 0.92
C ASP B 167 35.90 45.98 0.85
N SER B 168 34.72 45.39 0.72
CA SER B 168 34.61 43.94 0.69
C SER B 168 35.03 43.35 -0.63
N PHE B 169 35.01 42.02 -0.74
CA PHE B 169 35.35 41.35 -1.97
C PHE B 169 34.29 41.43 -3.05
N ALA B 170 33.03 41.60 -2.65
CA ALA B 170 31.93 41.59 -3.61
C ALA B 170 31.88 42.72 -4.61
N TRP B 171 32.42 43.87 -4.25
CA TRP B 171 32.32 45.04 -5.12
C TRP B 171 33.08 44.93 -6.43
N GLN B 172 34.05 44.05 -6.49
CA GLN B 172 34.81 43.82 -7.73
C GLN B 172 34.39 42.54 -8.45
N THR B 173 33.31 41.90 -8.02
CA THR B 173 32.86 40.69 -8.69
C THR B 173 32.22 41.03 -10.02
N ALA B 174 32.63 40.36 -11.09
CA ALA B 174 32.10 40.69 -12.38
C ALA B 174 30.65 40.35 -12.48
N THR B 175 30.24 39.23 -11.94
CA THR B 175 28.87 38.79 -12.13
C THR B 175 27.78 39.70 -11.67
N ASN B 176 28.10 40.61 -10.78
CA ASN B 176 27.13 41.54 -10.32
C ASN B 176 27.27 42.76 -11.22
N PRO B 177 26.21 43.15 -11.97
CA PRO B 177 26.34 44.36 -12.76
C PRO B 177 26.09 45.62 -11.97
N SER B 178 26.67 46.73 -12.40
CA SER B 178 26.52 48.00 -11.68
C SER B 178 26.48 49.16 -12.64
N VAL B 179 26.03 50.33 -12.21
CA VAL B 179 26.10 51.51 -13.06
C VAL B 179 27.03 52.48 -12.38
N PHE B 180 27.67 53.36 -13.14
CA PHE B 180 28.56 54.36 -12.59
C PHE B 180 28.08 55.69 -13.12
N VAL B 181 27.48 56.51 -12.27
CA VAL B 181 26.91 57.76 -12.71
C VAL B 181 27.29 58.89 -11.80
N LYS B 182 27.31 60.08 -12.36
CA LYS B 182 27.68 61.26 -11.61
C LYS B 182 26.46 61.91 -11.03
N MET B 183 26.63 62.62 -9.91
CA MET B 183 25.50 63.26 -9.25
C MET B 183 24.98 64.37 -10.11
N THR B 184 25.83 64.99 -10.91
CA THR B 184 25.41 66.15 -11.70
C THR B 184 24.76 65.72 -13.00
N ASP B 185 24.66 64.43 -13.23
CA ASP B 185 24.09 63.90 -14.45
C ASP B 185 22.60 63.71 -14.36
N PRO B 186 21.96 63.38 -15.49
CA PRO B 186 20.55 63.01 -15.40
C PRO B 186 20.45 61.69 -14.60
N PRO B 187 19.29 61.40 -14.03
CA PRO B 187 19.22 60.20 -13.21
C PRO B 187 19.35 58.91 -13.98
N ALA B 188 19.89 57.89 -13.36
CA ALA B 188 20.11 56.60 -14.01
C ALA B 188 18.80 55.86 -14.26
N GLN B 189 18.80 54.92 -15.19
CA GLN B 189 17.61 54.11 -15.43
C GLN B 189 18.02 52.70 -15.74
N VAL B 190 17.52 51.74 -14.97
CA VAL B 190 17.88 50.36 -15.13
C VAL B 190 16.63 49.51 -15.20
N SER B 191 16.56 48.57 -16.13
CA SER B 191 15.44 47.64 -16.19
C SER B 191 15.94 46.27 -15.80
N VAL B 192 15.13 45.52 -15.07
CA VAL B 192 15.51 44.20 -14.61
C VAL B 192 14.41 43.22 -14.97
N PRO B 193 14.75 42.13 -15.66
CA PRO B 193 13.69 41.19 -16.02
C PRO B 193 13.34 40.32 -14.84
N PHE B 194 12.19 39.68 -14.86
CA PHE B 194 11.74 38.90 -13.71
C PHE B 194 12.50 37.61 -13.66
N MET B 195 12.98 37.24 -12.49
CA MET B 195 13.85 36.09 -12.37
C MET B 195 13.37 35.05 -11.42
N SER B 196 12.09 34.76 -11.48
CA SER B 196 11.62 33.69 -10.65
C SER B 196 11.92 32.36 -11.30
N PRO B 197 12.25 31.35 -10.50
CA PRO B 197 12.42 30.02 -11.10
C PRO B 197 11.10 29.44 -11.55
N ALA B 198 10.00 29.92 -11.00
CA ALA B 198 8.67 29.49 -11.41
C ALA B 198 8.21 30.35 -12.57
N SER B 199 6.94 30.27 -12.93
CA SER B 199 6.43 31.05 -14.04
C SER B 199 5.74 32.33 -13.68
N ALA B 200 5.44 32.57 -12.42
CA ALA B 200 4.83 33.82 -12.00
C ALA B 200 5.08 34.03 -10.54
N TYR B 201 5.01 35.27 -10.09
CA TYR B 201 5.19 35.56 -8.69
C TYR B 201 3.98 35.15 -7.89
N GLN B 202 4.17 34.86 -6.61
CA GLN B 202 3.06 34.52 -5.73
C GLN B 202 3.04 35.44 -4.54
N TRP B 203 1.98 36.21 -4.35
CA TRP B 203 1.86 37.03 -3.17
C TRP B 203 1.26 36.26 -2.00
N PHE B 204 0.74 35.07 -2.25
CA PHE B 204 0.16 34.27 -1.21
C PHE B 204 0.63 32.82 -1.34
N TYR B 205 1.40 32.34 -0.36
CA TYR B 205 1.86 30.95 -0.35
C TYR B 205 1.28 30.31 0.87
N ASP B 206 0.72 29.12 0.72
CA ASP B 206 0.04 28.47 1.83
C ASP B 206 0.95 27.61 2.69
N GLY B 207 1.92 26.97 2.08
CA GLY B 207 2.76 26.03 2.80
C GLY B 207 3.95 26.57 3.50
N TYR B 208 4.87 25.68 3.88
CA TYR B 208 6.08 26.04 4.58
C TYR B 208 7.26 25.94 3.59
N PRO B 209 8.29 26.76 3.79
CA PRO B 209 9.43 26.70 2.87
C PRO B 209 10.31 25.50 3.11
N THR B 210 10.29 24.53 2.22
CA THR B 210 11.12 23.33 2.35
C THR B 210 11.54 22.79 1.01
N ALA B 217 8.45 13.26 1.36
CA ALA B 217 8.36 14.70 1.46
C ALA B 217 7.42 14.98 2.59
N ASN B 218 7.72 15.96 3.43
CA ASN B 218 6.85 16.35 4.53
C ASN B 218 7.31 17.71 5.01
N ASP B 219 6.48 18.42 5.76
CA ASP B 219 6.86 19.73 6.28
C ASP B 219 8.02 19.63 7.23
N LEU B 220 8.98 20.56 7.14
CA LEU B 220 10.19 20.51 7.96
C LEU B 220 10.49 21.69 8.86
N ASP B 221 9.93 22.86 8.57
CA ASP B 221 10.25 24.04 9.36
C ASP B 221 9.06 24.97 9.38
N TYR B 222 9.08 25.98 10.25
CA TYR B 222 7.95 26.89 10.36
C TYR B 222 8.11 28.21 9.60
N GLY B 223 7.03 28.71 9.01
CA GLY B 223 7.07 29.92 8.21
C GLY B 223 5.94 29.83 7.20
N GLN B 224 5.47 30.95 6.66
CA GLN B 224 4.42 30.96 5.63
C GLN B 224 4.83 31.89 4.48
N CYS B 225 6.13 31.97 4.17
CA CYS B 225 6.63 32.83 3.10
C CYS B 225 7.24 32.01 1.96
N PRO B 226 7.03 32.41 0.69
CA PRO B 226 7.62 31.68 -0.43
C PRO B 226 9.03 32.07 -0.75
N ASN B 227 9.58 31.53 -1.83
CA ASN B 227 10.90 31.89 -2.28
C ASN B 227 10.79 32.63 -3.60
N ASN B 228 10.56 33.95 -3.55
CA ASN B 228 10.57 34.79 -4.75
C ASN B 228 11.24 36.10 -4.37
N MET B 229 12.20 36.57 -5.15
CA MET B 229 12.88 37.83 -4.87
C MET B 229 13.60 38.32 -6.09
N MET B 230 13.92 39.60 -6.13
CA MET B 230 14.67 40.16 -7.24
C MET B 230 16.06 40.59 -6.86
N GLY B 231 16.45 40.34 -5.62
CA GLY B 231 17.81 40.66 -5.21
C GLY B 231 17.96 42.09 -4.77
N THR B 232 19.02 42.39 -4.06
CA THR B 232 19.18 43.70 -3.51
C THR B 232 19.97 44.64 -4.38
N PHE B 233 19.90 45.93 -4.07
CA PHE B 233 20.75 46.89 -4.71
C PHE B 233 21.74 47.28 -3.62
N SER B 234 22.86 47.86 -4.01
CA SER B 234 23.86 48.26 -3.05
C SER B 234 24.48 49.54 -3.53
N ILE B 235 24.43 50.57 -2.68
CA ILE B 235 24.88 51.87 -3.10
C ILE B 235 26.02 52.36 -2.24
N ARG B 236 27.10 52.79 -2.87
CA ARG B 236 28.22 53.35 -2.15
C ARG B 236 28.98 54.33 -3.00
N THR B 237 29.88 55.08 -2.38
CA THR B 237 30.62 56.08 -3.07
C THR B 237 31.87 55.48 -3.57
N VAL B 238 32.47 56.07 -4.58
CA VAL B 238 33.66 55.51 -5.20
C VAL B 238 34.84 56.17 -4.59
N GLY B 239 35.78 55.39 -4.13
CA GLY B 239 37.01 55.94 -3.59
C GLY B 239 37.52 55.11 -2.47
N THR B 240 38.56 55.59 -1.81
CA THR B 240 39.13 54.89 -0.68
C THR B 240 38.73 55.52 0.65
N GLU B 241 38.85 56.83 0.76
CA GLU B 241 38.47 57.51 1.99
C GLU B 241 37.05 58.00 1.92
N LYS B 242 36.53 58.49 3.03
CA LYS B 242 35.14 58.91 3.08
C LYS B 242 34.85 60.19 2.36
N SER B 243 33.67 60.26 1.77
CA SER B 243 33.27 61.42 1.02
C SER B 243 33.18 62.58 1.91
N PRO B 244 33.43 63.75 1.37
CA PRO B 244 33.17 64.88 2.25
C PRO B 244 31.70 65.02 2.47
N HIS B 245 30.85 64.78 1.48
CA HIS B 245 29.42 65.09 1.60
C HIS B 245 28.41 63.99 1.83
N SER B 246 27.36 64.29 2.59
CA SER B 246 26.30 63.32 2.87
C SER B 246 25.32 63.31 1.72
N ILE B 247 24.85 62.14 1.33
CA ILE B 247 24.00 62.03 0.16
C ILE B 247 22.72 61.32 0.48
N THR B 248 21.61 61.67 -0.18
CA THR B 248 20.34 60.93 -0.01
C THR B 248 19.81 60.64 -1.41
N LEU B 249 18.97 59.62 -1.54
CA LEU B 249 18.42 59.30 -2.84
C LEU B 249 17.06 58.66 -2.75
N ARG B 250 16.30 58.72 -3.85
CA ARG B 250 14.99 58.10 -3.91
C ARG B 250 15.00 57.14 -5.06
N VAL B 251 14.24 56.05 -4.94
CA VAL B 251 14.16 55.07 -6.00
C VAL B 251 12.73 54.98 -6.50
N TYR B 252 12.49 55.35 -7.75
CA TYR B 252 11.17 55.24 -8.33
C TYR B 252 11.11 53.95 -9.15
N MET B 253 9.92 53.38 -9.32
CA MET B 253 9.78 52.12 -10.03
C MET B 253 8.50 52.01 -10.83
N ARG B 254 8.57 51.64 -12.10
CA ARG B 254 7.38 51.41 -12.89
C ARG B 254 7.22 49.94 -12.94
N ILE B 255 6.16 49.46 -13.54
CA ILE B 255 5.97 48.06 -13.73
C ILE B 255 5.49 48.05 -15.16
N LYS B 256 5.84 47.04 -15.96
CA LYS B 256 5.47 47.00 -17.38
C LYS B 256 5.02 45.64 -17.83
N HIS B 257 4.25 45.58 -18.91
CA HIS B 257 3.83 44.31 -19.48
C HIS B 257 3.17 43.39 -18.47
N VAL B 258 2.28 43.89 -17.67
CA VAL B 258 1.72 43.08 -16.61
C VAL B 258 0.76 42.08 -17.13
N ARG B 259 0.63 40.95 -16.46
CA ARG B 259 -0.40 40.00 -16.81
C ARG B 259 -0.76 39.57 -15.43
N ALA B 260 -1.94 39.02 -15.21
CA ALA B 260 -2.38 38.67 -13.87
C ALA B 260 -3.19 37.42 -13.96
N TRP B 261 -3.46 36.77 -12.84
CA TRP B 261 -4.31 35.60 -12.88
C TRP B 261 -5.18 35.36 -11.63
N ILE B 262 -6.34 34.72 -11.73
CA ILE B 262 -7.19 34.32 -10.58
C ILE B 262 -7.63 35.36 -9.52
N PRO B 263 -8.47 36.36 -9.88
CA PRO B 263 -8.76 37.41 -8.89
C PRO B 263 -9.35 37.07 -7.54
N ARG B 264 -9.05 37.82 -6.47
CA ARG B 264 -9.47 37.54 -5.08
C ARG B 264 -10.06 38.78 -4.39
N PRO B 265 -10.65 38.65 -3.18
CA PRO B 265 -11.13 39.86 -2.48
C PRO B 265 -10.14 40.88 -1.91
N LEU B 266 -10.57 42.11 -1.61
CA LEU B 266 -9.68 43.19 -1.15
C LEU B 266 -9.34 43.05 0.32
N ARG B 267 -8.64 44.02 0.91
CA ARG B 267 -8.34 44.00 2.35
C ARG B 267 -8.87 45.23 3.06
N ASN B 268 -9.55 45.04 4.19
CA ASN B 268 -10.08 46.16 4.97
C ASN B 268 -9.41 46.42 6.31
N GLN B 269 -8.94 45.38 6.96
CA GLN B 269 -8.27 45.54 8.24
C GLN B 269 -6.91 46.17 8.04
N PRO B 270 -6.42 46.95 9.02
CA PRO B 270 -5.09 47.51 8.87
C PRO B 270 -4.01 46.46 8.93
N TYR B 271 -2.91 46.69 8.25
CA TYR B 271 -1.81 45.73 8.26
C TYR B 271 -1.00 45.82 9.54
N LEU B 272 -0.26 44.77 9.85
CA LEU B 272 0.57 44.75 11.04
C LEU B 272 2.01 44.40 10.84
N PHE B 273 2.33 43.63 9.82
CA PHE B 273 3.70 43.22 9.54
C PHE B 273 3.92 43.36 8.06
N LYS B 274 5.08 42.98 7.58
CA LYS B 274 5.42 43.10 6.17
C LYS B 274 5.34 41.82 5.41
N THR B 275 5.15 40.70 6.10
CA THR B 275 5.15 39.40 5.44
C THR B 275 3.95 38.52 5.60
N ASN B 276 3.16 38.69 6.65
CA ASN B 276 2.05 37.78 6.92
C ASN B 276 0.77 38.53 7.09
N PRO B 277 -0.37 37.95 6.70
CA PRO B 277 -1.62 38.70 6.76
C PRO B 277 -2.27 38.62 8.12
N ASN B 278 -1.60 39.11 9.14
CA ASN B 278 -2.21 39.14 10.45
C ASN B 278 -3.15 40.31 10.57
N TYR B 279 -3.96 40.33 11.62
CA TYR B 279 -4.85 41.43 11.86
C TYR B 279 -5.04 41.58 13.34
N LYS B 280 -5.62 42.70 13.74
CA LYS B 280 -5.82 42.97 15.15
C LYS B 280 -7.02 42.18 15.61
N GLY B 281 -6.86 41.39 16.66
CA GLY B 281 -7.93 40.50 17.07
C GLY B 281 -9.09 41.02 17.84
N ASN B 282 -8.82 41.79 18.87
CA ASN B 282 -9.88 42.28 19.75
C ASN B 282 -10.89 43.21 19.11
N ASP B 283 -10.43 44.17 18.33
CA ASP B 283 -11.33 45.10 17.65
C ASP B 283 -11.24 44.91 16.16
N ILE B 284 -12.39 44.86 15.48
CA ILE B 284 -12.43 44.69 14.04
C ILE B 284 -13.19 45.89 13.50
N LYS B 285 -12.55 46.62 12.61
CA LYS B 285 -13.20 47.75 11.99
C LYS B 285 -14.10 47.25 10.89
N CYS B 286 -15.37 47.62 10.94
CA CYS B 286 -16.30 47.20 9.91
C CYS B 286 -16.06 47.97 8.65
N THR B 287 -16.58 47.45 7.56
CA THR B 287 -16.33 48.04 6.26
C THR B 287 -16.96 49.38 6.04
N SER B 288 -18.18 49.57 6.48
CA SER B 288 -18.91 50.79 6.18
C SER B 288 -19.07 51.74 7.32
N THR B 289 -19.68 52.89 7.07
CA THR B 289 -19.96 53.87 8.11
C THR B 289 -21.29 53.53 8.68
N SER B 290 -21.88 54.37 9.51
CA SER B 290 -23.12 54.00 10.16
C SER B 290 -24.23 55.00 10.11
N ARG B 291 -25.45 54.52 10.32
CA ARG B 291 -26.62 55.37 10.33
C ARG B 291 -27.39 54.98 11.56
N ASP B 292 -28.47 55.69 11.83
CA ASP B 292 -29.26 55.47 13.04
C ASP B 292 -30.43 54.54 12.89
N LYS B 293 -31.08 54.56 11.74
CA LYS B 293 -32.25 53.73 11.49
C LYS B 293 -32.13 53.21 10.08
N ILE B 294 -32.63 52.01 9.82
CA ILE B 294 -32.55 51.42 8.49
C ILE B 294 -33.40 52.16 7.48
N THR B 295 -34.41 52.87 7.96
CA THR B 295 -35.33 53.56 7.06
C THR B 295 -34.94 55.00 6.79
N THR B 296 -33.75 55.43 7.20
CA THR B 296 -33.28 56.77 6.84
C THR B 296 -32.94 56.87 5.37
N LEU B 297 -32.83 58.10 4.88
CA LEU B 297 -32.60 58.29 3.45
C LEU B 297 -31.15 58.02 3.08
N ALA C 29 40.50 -2.92 -32.54
CA ALA C 29 39.66 -1.93 -33.19
C ALA C 29 39.06 -0.94 -32.18
N ASN C 30 39.81 -0.64 -31.12
CA ASN C 30 39.34 0.29 -30.07
C ASN C 30 40.12 1.58 -30.20
N ILE C 31 40.33 2.05 -31.42
CA ILE C 31 41.10 3.26 -31.62
C ILE C 31 40.32 4.48 -31.21
N VAL C 32 41.00 5.56 -30.86
CA VAL C 32 40.34 6.82 -30.53
C VAL C 32 41.03 7.95 -31.27
N ILE C 33 40.25 8.76 -31.98
CA ILE C 33 40.80 9.82 -32.79
C ILE C 33 40.64 11.08 -31.99
N ALA C 34 41.74 11.80 -31.79
CA ALA C 34 41.72 13.00 -30.97
C ALA C 34 40.96 14.12 -31.68
N TYR C 35 39.89 14.61 -31.07
CA TYR C 35 39.11 15.71 -31.62
C TYR C 35 38.47 15.41 -32.94
N GLY C 36 38.26 14.14 -33.25
CA GLY C 36 37.55 13.75 -34.46
C GLY C 36 38.11 14.14 -35.79
N GLU C 37 39.41 14.36 -35.87
CA GLU C 37 40.03 14.76 -37.11
C GLU C 37 41.18 13.87 -37.46
N TRP C 38 41.10 13.18 -38.59
CA TRP C 38 42.21 12.37 -39.06
C TRP C 38 43.30 13.32 -39.57
N PRO C 39 44.57 12.93 -39.48
CA PRO C 39 45.61 13.81 -39.97
C PRO C 39 45.65 13.89 -41.49
N GLU C 40 45.23 15.02 -42.04
CA GLU C 40 45.24 15.22 -43.49
C GLU C 40 46.36 16.15 -43.87
N TYR C 41 46.78 16.07 -45.14
CA TYR C 41 47.97 16.78 -45.58
C TYR C 41 47.73 17.84 -46.63
N CYS C 42 48.39 18.99 -46.54
CA CYS C 42 48.20 20.12 -47.48
C CYS C 42 46.79 20.70 -47.45
N VAL C 60 61.07 6.94 -43.14
CA VAL C 60 60.47 7.57 -41.96
C VAL C 60 59.19 6.86 -41.51
N ASN C 61 58.48 6.22 -42.40
CA ASN C 61 57.19 5.61 -42.06
C ASN C 61 57.33 4.24 -41.42
N ARG C 62 57.95 4.18 -40.25
CA ARG C 62 58.16 2.92 -39.56
C ARG C 62 57.79 3.09 -38.10
N PHE C 63 57.52 1.97 -37.45
CA PHE C 63 57.14 1.99 -36.06
C PHE C 63 58.38 2.12 -35.19
N PHE C 64 58.63 3.30 -34.65
CA PHE C 64 59.75 3.48 -33.73
C PHE C 64 59.25 3.08 -32.34
N THR C 65 59.85 2.05 -31.76
CA THR C 65 59.41 1.54 -30.46
C THR C 65 60.37 1.98 -29.39
N LEU C 66 59.88 2.62 -28.34
CA LEU C 66 60.75 3.17 -27.32
C LEU C 66 61.20 2.13 -26.34
N ASP C 67 61.94 2.54 -25.33
CA ASP C 67 62.44 1.62 -24.33
C ASP C 67 61.31 1.19 -23.43
N THR C 68 61.44 0.03 -22.83
CA THR C 68 60.38 -0.50 -21.99
C THR C 68 60.48 -0.01 -20.57
N LYS C 69 59.40 0.51 -20.02
CA LYS C 69 59.39 1.06 -18.68
C LYS C 69 58.75 0.06 -17.75
N SER C 70 59.41 -0.23 -16.63
CA SER C 70 58.91 -1.25 -15.71
C SER C 70 57.98 -0.70 -14.65
N TRP C 71 56.77 -1.22 -14.57
CA TRP C 71 55.77 -0.76 -13.62
C TRP C 71 55.98 -1.52 -12.35
N ALA C 72 56.38 -0.79 -11.32
CA ALA C 72 56.66 -1.41 -10.04
C ALA C 72 55.44 -1.38 -9.15
N LYS C 73 55.60 -1.78 -7.89
CA LYS C 73 54.50 -1.78 -6.94
C LYS C 73 54.18 -0.40 -6.39
N ASP C 74 55.15 0.48 -6.35
CA ASP C 74 54.96 1.81 -5.79
C ASP C 74 55.40 2.92 -6.73
N SER C 75 55.31 2.69 -8.02
CA SER C 75 55.65 3.74 -8.97
C SER C 75 54.57 4.77 -9.03
N LYS C 76 54.91 5.94 -9.53
CA LYS C 76 53.97 7.03 -9.58
C LYS C 76 53.53 7.44 -10.97
N GLY C 77 54.29 7.14 -12.02
CA GLY C 77 53.86 7.43 -13.39
C GLY C 77 54.94 8.01 -14.26
N TRP C 78 54.70 8.06 -15.57
CA TRP C 78 55.71 8.55 -16.51
C TRP C 78 55.10 9.47 -17.54
N TYR C 79 55.91 10.28 -18.22
CA TYR C 79 55.43 11.16 -19.27
C TYR C 79 56.49 11.43 -20.28
N TRP C 80 56.12 11.53 -21.55
CA TRP C 80 57.07 11.84 -22.61
C TRP C 80 56.62 13.05 -23.42
N LYS C 81 57.48 14.06 -23.62
CA LYS C 81 57.12 15.19 -24.45
C LYS C 81 57.43 14.69 -25.82
N PHE C 82 56.49 14.77 -26.73
CA PHE C 82 56.66 14.13 -28.05
C PHE C 82 57.60 14.50 -29.18
N PRO C 83 57.67 15.79 -29.56
CA PRO C 83 58.61 15.97 -30.67
C PRO C 83 59.98 15.55 -30.20
N ASP C 84 60.29 15.84 -28.94
CA ASP C 84 61.61 15.54 -28.45
C ASP C 84 61.96 14.05 -28.48
N VAL C 85 61.04 13.17 -28.15
CA VAL C 85 61.43 11.77 -28.15
C VAL C 85 61.85 11.38 -29.53
N LEU C 86 61.08 11.81 -30.51
CA LEU C 86 61.39 11.43 -31.85
C LEU C 86 62.72 12.01 -32.18
N THR C 87 62.98 13.24 -31.76
CA THR C 87 64.19 13.89 -32.15
C THR C 87 65.44 13.08 -31.98
N GLU C 88 65.71 12.61 -30.77
CA GLU C 88 66.99 11.94 -30.55
C GLU C 88 67.11 10.65 -31.36
N VAL C 89 66.01 9.92 -31.47
CA VAL C 89 66.04 8.65 -32.17
C VAL C 89 65.99 8.92 -33.66
N TYR C 102 58.08 22.09 -40.56
CA TYR C 102 57.56 20.73 -40.51
C TYR C 102 56.17 20.73 -39.98
N ARG C 103 55.41 19.70 -40.29
CA ARG C 103 54.05 19.59 -39.83
C ARG C 103 53.78 18.12 -39.81
N SER C 104 53.43 17.57 -38.66
CA SER C 104 53.31 16.12 -38.55
C SER C 104 52.26 15.63 -37.60
N GLY C 105 51.76 14.41 -37.87
CA GLY C 105 50.81 13.76 -36.98
C GLY C 105 51.56 12.67 -36.23
N PHE C 106 50.87 11.96 -35.35
CA PHE C 106 51.49 10.87 -34.62
C PHE C 106 50.49 9.76 -34.40
N CYS C 107 50.98 8.59 -34.01
CA CYS C 107 50.13 7.44 -33.78
C CYS C 107 50.83 6.71 -32.71
N VAL C 108 50.19 6.51 -31.58
CA VAL C 108 50.86 5.95 -30.44
C VAL C 108 50.18 4.70 -29.96
N HIS C 109 50.93 3.66 -29.67
CA HIS C 109 50.37 2.44 -29.15
C HIS C 109 50.95 2.21 -27.78
N VAL C 110 50.14 1.86 -26.79
CA VAL C 110 50.62 1.55 -25.46
C VAL C 110 50.07 0.19 -25.13
N GLN C 111 50.91 -0.75 -24.70
CA GLN C 111 50.48 -2.10 -24.37
C GLN C 111 51.20 -2.63 -23.15
N CYS C 112 50.50 -3.44 -22.35
CA CYS C 112 51.05 -3.94 -21.10
C CYS C 112 50.85 -5.43 -21.03
N ASN C 113 51.89 -6.20 -21.24
CA ASN C 113 51.80 -7.66 -21.28
C ASN C 113 51.84 -8.24 -19.90
N ALA C 114 50.68 -8.52 -19.31
CA ALA C 114 50.60 -9.03 -17.95
C ALA C 114 49.82 -10.29 -17.92
N SER C 115 49.85 -10.97 -16.78
CA SER C 115 49.16 -12.23 -16.64
C SER C 115 47.75 -12.01 -16.20
N LYS C 116 47.04 -13.08 -15.91
CA LYS C 116 45.65 -12.99 -15.51
C LYS C 116 45.50 -13.03 -14.01
N PHE C 117 46.61 -13.07 -13.26
CA PHE C 117 46.55 -13.01 -11.80
C PHE C 117 47.05 -11.70 -11.25
N HIS C 118 47.44 -10.75 -12.10
CA HIS C 118 47.81 -9.42 -11.61
C HIS C 118 46.57 -8.53 -11.64
N GLN C 119 46.62 -7.35 -11.02
CA GLN C 119 45.51 -6.42 -11.11
C GLN C 119 46.01 -5.01 -11.11
N GLY C 120 45.33 -4.13 -11.83
CA GLY C 120 45.69 -2.73 -11.83
C GLY C 120 44.98 -2.00 -12.92
N ALA C 121 45.17 -0.68 -12.97
CA ALA C 121 44.57 0.10 -14.02
C ALA C 121 45.44 1.28 -14.37
N LEU C 122 45.49 1.61 -15.65
CA LEU C 122 46.32 2.71 -16.12
C LEU C 122 45.41 3.72 -16.79
N LEU C 123 45.91 4.94 -17.00
CA LEU C 123 45.16 5.96 -17.71
C LEU C 123 46.09 6.61 -18.69
N VAL C 124 45.90 6.35 -19.98
CA VAL C 124 46.75 6.92 -21.01
C VAL C 124 45.98 8.07 -21.61
N ALA C 125 46.56 9.26 -21.58
CA ALA C 125 45.91 10.43 -22.12
C ALA C 125 46.92 11.42 -22.66
N VAL C 126 46.62 12.03 -23.79
CA VAL C 126 47.49 13.03 -24.36
C VAL C 126 47.06 14.36 -23.80
N LEU C 127 47.92 15.36 -23.87
CA LEU C 127 47.62 16.65 -23.29
C LEU C 127 48.38 17.72 -24.06
N PRO C 128 47.69 18.54 -24.83
CA PRO C 128 48.41 19.50 -25.65
C PRO C 128 48.98 20.64 -24.85
N GLU C 129 50.21 21.04 -25.18
CA GLU C 129 50.90 22.14 -24.51
C GLU C 129 51.03 21.91 -23.02
N TYR C 130 51.60 20.77 -22.64
CA TYR C 130 51.79 20.43 -21.25
C TYR C 130 53.02 21.12 -20.72
N VAL C 131 52.86 22.01 -19.76
CA VAL C 131 53.97 22.77 -19.19
C VAL C 131 54.07 22.42 -17.74
N LEU C 132 55.28 22.17 -17.25
CA LEU C 132 55.42 21.63 -15.91
C LEU C 132 55.88 22.48 -14.80
N GLY C 133 55.61 22.01 -13.59
CA GLY C 133 56.03 22.73 -12.43
C GLY C 133 57.51 22.61 -12.34
N THR C 134 58.12 23.42 -11.51
CA THR C 134 59.56 23.42 -11.41
C THR C 134 60.05 22.03 -11.03
N ILE C 135 61.16 21.61 -11.61
CA ILE C 135 61.66 20.27 -11.39
C ILE C 135 63.09 20.34 -10.90
N GLN C 152 63.69 18.68 -21.01
CA GLN C 152 63.11 18.00 -22.14
C GLN C 152 63.53 16.54 -22.07
N PRO C 153 62.69 15.69 -21.46
CA PRO C 153 63.16 14.30 -21.45
C PRO C 153 63.04 13.71 -22.82
N GLY C 154 64.00 12.90 -23.25
CA GLY C 154 63.96 12.24 -24.54
C GLY C 154 63.47 10.80 -24.39
N GLN C 155 64.14 9.83 -25.00
CA GLN C 155 63.70 8.45 -24.95
C GLN C 155 63.28 7.95 -23.60
N VAL C 156 64.14 8.06 -22.62
CA VAL C 156 63.83 7.50 -21.32
C VAL C 156 62.57 8.03 -20.71
N GLY C 157 62.29 9.31 -20.89
CA GLY C 157 61.13 9.90 -20.24
C GLY C 157 61.52 10.46 -18.90
N ALA C 158 60.58 10.48 -17.95
CA ALA C 158 60.84 11.08 -16.67
C ALA C 158 59.73 10.70 -15.76
N VAL C 159 59.98 10.69 -14.47
CA VAL C 159 58.98 10.26 -13.52
C VAL C 159 58.17 11.43 -13.06
N LEU C 160 57.04 11.22 -12.39
CA LEU C 160 56.29 12.33 -11.87
C LEU C 160 56.73 12.60 -10.45
N THR C 161 56.45 13.80 -9.93
CA THR C 161 56.84 14.17 -8.57
C THR C 161 55.75 14.03 -7.57
N HIS C 162 54.58 14.54 -7.88
CA HIS C 162 53.46 14.37 -7.01
C HIS C 162 52.38 14.00 -7.99
N PRO C 163 51.98 12.75 -8.02
CA PRO C 163 51.02 12.43 -9.06
C PRO C 163 49.71 13.13 -8.99
N TYR C 164 49.19 13.38 -7.82
CA TYR C 164 47.84 13.86 -7.73
C TYR C 164 47.62 15.08 -8.51
N VAL C 165 48.59 15.96 -8.51
CA VAL C 165 48.43 17.21 -9.21
C VAL C 165 49.14 17.23 -10.53
N LEU C 166 49.57 16.05 -11.01
CA LEU C 166 50.35 15.98 -12.22
C LEU C 166 51.41 17.01 -11.82
N ASP C 167 51.72 18.05 -12.61
CA ASP C 167 52.64 19.06 -12.19
C ASP C 167 52.22 20.48 -12.38
N ALA C 168 50.99 20.71 -12.82
CA ALA C 168 50.48 22.08 -12.97
C ALA C 168 49.24 22.28 -12.17
N GLY C 169 48.98 21.39 -11.26
CA GLY C 169 47.86 21.57 -10.41
C GLY C 169 46.64 21.13 -11.12
N ILE C 170 46.79 20.55 -12.27
CA ILE C 170 45.60 20.09 -12.88
C ILE C 170 45.23 18.91 -12.04
N PRO C 171 43.97 18.82 -11.63
CA PRO C 171 43.63 17.63 -10.89
C PRO C 171 43.59 16.43 -11.78
N LEU C 172 44.06 15.29 -11.31
CA LEU C 172 44.08 14.10 -12.12
C LEU C 172 42.68 13.79 -12.44
N SER C 173 41.80 14.04 -11.50
CA SER C 173 40.45 13.64 -11.72
C SER C 173 39.83 14.16 -13.00
N GLN C 174 40.26 15.29 -13.49
CA GLN C 174 39.62 15.89 -14.66
C GLN C 174 40.49 15.72 -15.90
N LEU C 175 41.44 14.79 -15.88
CA LEU C 175 42.33 14.59 -17.03
C LEU C 175 41.58 13.99 -18.18
N THR C 176 40.45 13.36 -17.92
CA THR C 176 39.71 12.66 -18.95
C THR C 176 38.94 13.59 -19.89
N VAL C 177 39.05 14.89 -19.70
CA VAL C 177 38.45 15.84 -20.64
C VAL C 177 39.30 15.87 -21.90
N CYS C 178 40.53 15.39 -21.82
CA CYS C 178 41.39 15.30 -23.00
C CYS C 178 41.15 13.96 -23.68
N PRO C 179 41.74 13.72 -24.87
CA PRO C 179 41.60 12.39 -25.46
C PRO C 179 42.28 11.35 -24.62
N HIS C 180 41.58 10.27 -24.29
CA HIS C 180 42.12 9.29 -23.37
C HIS C 180 41.64 7.89 -23.63
N GLN C 181 42.24 6.91 -22.98
CA GLN C 181 41.87 5.52 -23.12
C GLN C 181 42.30 4.80 -21.85
N TRP C 182 41.47 3.87 -21.36
CA TRP C 182 41.78 3.17 -20.12
C TRP C 182 42.45 1.85 -20.42
N ILE C 183 43.47 1.48 -19.65
CA ILE C 183 44.12 0.18 -19.80
C ILE C 183 43.81 -0.54 -18.52
N ASN C 184 42.83 -1.43 -18.58
CA ASN C 184 42.46 -2.22 -17.42
C ASN C 184 43.03 -3.61 -17.63
N LEU C 185 43.84 -4.09 -16.69
CA LEU C 185 44.50 -5.38 -16.84
C LEU C 185 43.56 -6.54 -16.81
N ARG C 186 42.32 -6.33 -16.35
CA ARG C 186 41.34 -7.39 -16.36
C ARG C 186 40.89 -7.68 -17.78
N THR C 187 40.71 -6.65 -18.63
CA THR C 187 40.12 -6.87 -19.95
C THR C 187 41.03 -6.73 -21.14
N ASN C 188 41.66 -5.58 -21.32
CA ASN C 188 42.43 -5.31 -22.53
C ASN C 188 43.79 -4.76 -22.25
N ASN C 189 44.73 -5.05 -23.15
CA ASN C 189 46.10 -4.58 -23.00
C ASN C 189 46.55 -3.85 -24.24
N CYS C 190 45.71 -3.01 -24.81
CA CYS C 190 46.12 -2.20 -25.95
C CYS C 190 45.34 -0.91 -25.96
N ALA C 191 46.00 0.20 -26.30
CA ALA C 191 45.35 1.49 -26.34
C ALA C 191 46.07 2.35 -27.35
N THR C 192 45.36 2.77 -28.40
CA THR C 192 45.97 3.56 -29.45
C THR C 192 45.27 4.90 -29.54
N ILE C 193 46.04 5.97 -29.72
CA ILE C 193 45.47 7.29 -29.89
C ILE C 193 46.03 7.91 -31.16
N ILE C 194 45.17 8.42 -32.04
CA ILE C 194 45.61 9.10 -33.23
C ILE C 194 45.47 10.57 -32.90
N VAL C 195 46.55 11.33 -33.06
CA VAL C 195 46.56 12.75 -32.69
C VAL C 195 46.99 13.56 -33.90
N PRO C 196 46.20 14.57 -34.27
CA PRO C 196 46.57 15.39 -35.41
C PRO C 196 47.48 16.54 -35.03
N TYR C 197 47.81 17.41 -35.96
CA TYR C 197 48.69 18.53 -35.68
C TYR C 197 47.88 19.67 -35.09
N MET C 198 48.36 20.26 -34.00
CA MET C 198 47.62 21.32 -33.32
C MET C 198 48.50 22.48 -32.92
N ASN C 199 48.49 23.55 -33.71
CA ASN C 199 49.31 24.72 -33.41
C ASN C 199 48.73 25.95 -34.07
N THR C 200 49.08 27.12 -33.57
CA THR C 200 48.55 28.37 -34.13
C THR C 200 49.09 28.66 -35.51
N VAL C 201 50.34 28.30 -35.75
CA VAL C 201 50.97 28.55 -37.05
C VAL C 201 51.01 27.23 -37.80
N PRO C 202 50.96 27.26 -39.14
CA PRO C 202 51.01 26.01 -39.88
C PRO C 202 52.37 25.31 -39.88
N PHE C 203 53.45 26.04 -39.66
CA PHE C 203 54.79 25.44 -39.59
C PHE C 203 55.60 26.12 -38.51
N ASP C 204 56.57 25.42 -37.94
CA ASP C 204 57.38 25.97 -36.85
C ASP C 204 58.69 25.23 -36.74
N SER C 205 59.50 25.57 -35.74
CA SER C 205 60.75 24.87 -35.47
C SER C 205 60.51 23.74 -34.49
N ALA C 206 61.39 22.74 -34.50
CA ALA C 206 61.18 21.54 -33.68
C ALA C 206 61.99 21.45 -32.42
N LEU C 207 63.23 21.94 -32.43
CA LEU C 207 64.10 21.77 -31.27
C LEU C 207 63.74 22.63 -30.07
N ASN C 208 63.01 23.69 -30.31
CA ASN C 208 62.61 24.60 -29.24
C ASN C 208 61.25 24.26 -28.69
N HIS C 209 60.29 23.96 -29.56
CA HIS C 209 58.90 23.74 -29.14
C HIS C 209 58.51 22.31 -28.96
N CYS C 210 57.54 22.05 -28.08
CA CYS C 210 56.98 20.71 -27.91
C CYS C 210 55.47 20.82 -28.00
N ASN C 211 54.85 20.04 -28.88
CA ASN C 211 53.43 20.17 -29.11
C ASN C 211 52.56 19.61 -28.02
N PHE C 212 52.76 18.35 -27.65
CA PHE C 212 51.89 17.72 -26.65
C PHE C 212 52.67 16.79 -25.81
N GLY C 213 52.01 16.23 -24.80
CA GLY C 213 52.64 15.29 -23.91
C GLY C 213 51.75 14.10 -23.63
N LEU C 214 52.33 12.90 -23.67
CA LEU C 214 51.57 11.70 -23.36
C LEU C 214 51.82 11.34 -21.93
N LEU C 215 50.77 11.01 -21.21
CA LEU C 215 50.89 10.71 -19.79
C LEU C 215 50.36 9.31 -19.49
N VAL C 216 51.04 8.56 -18.64
CA VAL C 216 50.59 7.24 -18.21
C VAL C 216 50.66 7.30 -16.69
N ILE C 217 49.52 7.16 -16.01
CA ILE C 217 49.46 7.31 -14.57
C ILE C 217 48.72 6.12 -13.97
N PRO C 218 49.33 5.45 -12.98
CA PRO C 218 48.64 4.33 -12.36
C PRO C 218 47.62 4.77 -11.33
N VAL C 219 46.41 5.02 -11.76
CA VAL C 219 45.34 5.43 -10.87
C VAL C 219 44.96 4.37 -9.85
N VAL C 220 44.96 3.10 -10.24
CA VAL C 220 44.69 2.01 -9.29
C VAL C 220 46.00 1.26 -9.19
N PRO C 221 46.52 1.08 -7.97
CA PRO C 221 47.86 0.50 -7.87
C PRO C 221 47.98 -0.95 -8.20
N LEU C 222 49.19 -1.38 -8.57
CA LEU C 222 49.42 -2.78 -8.92
C LEU C 222 49.49 -3.63 -7.70
N ASP C 223 48.99 -4.85 -7.79
CA ASP C 223 49.08 -5.77 -6.68
C ASP C 223 49.18 -7.18 -7.16
N PHE C 224 49.93 -7.99 -6.43
CA PHE C 224 50.06 -9.39 -6.77
C PHE C 224 50.39 -10.14 -5.52
N ASN C 225 50.20 -11.45 -5.55
CA ASN C 225 50.60 -12.24 -4.42
C ASN C 225 52.09 -12.49 -4.58
N ALA C 226 52.75 -12.81 -3.49
CA ALA C 226 54.19 -13.02 -3.53
C ALA C 226 54.61 -14.24 -4.29
N GLY C 227 55.70 -14.11 -5.06
CA GLY C 227 56.24 -15.21 -5.82
C GLY C 227 56.07 -15.02 -7.30
N ALA C 228 55.19 -14.11 -7.71
CA ALA C 228 55.02 -13.82 -9.13
C ALA C 228 56.05 -12.80 -9.57
N THR C 229 55.96 -12.35 -10.81
CA THR C 229 56.89 -11.35 -11.29
C THR C 229 56.56 -10.02 -10.66
N SER C 230 57.60 -9.29 -10.26
CA SER C 230 57.39 -8.06 -9.52
C SER C 230 57.22 -6.83 -10.36
N GLU C 231 57.68 -6.87 -11.60
CA GLU C 231 57.61 -5.70 -12.46
C GLU C 231 56.89 -6.02 -13.76
N ILE C 232 55.84 -5.29 -14.07
CA ILE C 232 55.10 -5.53 -15.29
C ILE C 232 55.61 -4.55 -16.31
N PRO C 233 55.87 -5.02 -17.53
CA PRO C 233 56.44 -4.12 -18.53
C PRO C 233 55.41 -3.25 -19.27
N ILE C 234 55.81 -2.06 -19.72
CA ILE C 234 54.93 -1.17 -20.48
C ILE C 234 55.71 -0.76 -21.72
N THR C 235 55.13 -0.92 -22.90
CA THR C 235 55.81 -0.66 -24.17
C THR C 235 55.10 0.38 -24.98
N VAL C 236 55.82 1.38 -25.49
CA VAL C 236 55.23 2.45 -26.28
C VAL C 236 55.78 2.37 -27.69
N THR C 237 54.92 2.56 -28.68
CA THR C 237 55.35 2.55 -30.09
C THR C 237 54.77 3.75 -30.81
N ILE C 238 55.61 4.54 -31.49
CA ILE C 238 55.17 5.77 -32.16
C ILE C 238 55.35 5.60 -33.65
N ALA C 239 54.47 6.21 -34.44
CA ALA C 239 54.54 6.08 -35.88
C ALA C 239 54.10 7.40 -36.53
N PRO C 240 54.98 8.04 -37.29
CA PRO C 240 54.62 9.35 -37.86
C PRO C 240 53.59 9.27 -38.96
N MET C 241 52.86 10.35 -39.20
CA MET C 241 51.80 10.38 -40.20
C MET C 241 52.10 11.46 -41.23
N CYS C 242 52.94 11.12 -42.22
CA CYS C 242 53.30 12.06 -43.29
C CYS C 242 53.79 13.42 -42.82
N ALA C 243 54.97 13.41 -42.21
CA ALA C 243 55.58 14.65 -41.78
C ALA C 243 56.02 15.41 -43.03
N VAL D 13 -34.17 11.46 -9.32
CA VAL D 13 -33.12 10.81 -8.55
C VAL D 13 -32.11 10.20 -9.51
N ALA D 14 -30.82 10.29 -9.18
CA ALA D 14 -29.77 9.74 -10.03
C ALA D 14 -28.72 9.09 -9.17
N GLN D 15 -28.44 7.79 -9.42
CA GLN D 15 -27.41 7.09 -8.66
C GLN D 15 -26.09 7.18 -9.41
N LEU D 16 -25.35 8.26 -9.15
CA LEU D 16 -24.05 8.43 -9.78
C LEU D 16 -23.06 7.51 -9.10
N THR D 17 -22.44 6.62 -9.86
CA THR D 17 -21.44 5.71 -9.31
C THR D 17 -20.28 5.66 -10.27
N ILE D 18 -19.05 5.71 -9.74
CA ILE D 18 -17.86 5.61 -10.56
C ILE D 18 -16.86 4.84 -9.74
N GLY D 19 -16.58 3.61 -10.16
CA GLY D 19 -15.64 2.76 -9.44
C GLY D 19 -16.29 1.93 -8.37
N ASN D 20 -16.10 2.31 -7.11
CA ASN D 20 -16.61 1.51 -5.99
C ASN D 20 -17.77 2.16 -5.24
N SER D 21 -17.73 3.47 -5.06
CA SER D 21 -18.77 4.17 -4.33
C SER D 21 -20.03 4.40 -5.12
N THR D 22 -21.13 4.72 -4.43
CA THR D 22 -22.39 5.00 -5.08
C THR D 22 -23.10 6.07 -4.27
N ILE D 23 -23.48 7.18 -4.90
CA ILE D 23 -24.12 8.30 -4.21
C ILE D 23 -25.37 8.69 -4.96
N THR D 24 -26.28 9.40 -4.30
CA THR D 24 -27.52 9.85 -4.93
C THR D 24 -27.55 11.36 -5.06
N THR D 25 -27.83 11.86 -6.27
CA THR D 25 -27.81 13.29 -6.51
C THR D 25 -29.05 13.66 -7.33
N GLN D 26 -29.44 14.94 -7.29
CA GLN D 26 -30.60 15.42 -8.03
C GLN D 26 -30.29 15.54 -9.50
N GLU D 27 -31.31 15.76 -10.31
CA GLU D 27 -31.13 15.88 -11.77
C GLU D 27 -31.03 17.36 -12.14
N ALA D 28 -30.13 18.08 -11.48
CA ALA D 28 -29.99 19.53 -11.72
C ALA D 28 -28.66 19.86 -12.35
N ALA D 29 -28.66 20.69 -13.39
CA ALA D 29 -27.42 21.13 -14.03
C ALA D 29 -27.02 22.47 -13.42
N ASN D 30 -26.85 22.49 -12.10
CA ASN D 30 -26.45 23.70 -11.39
C ASN D 30 -24.98 23.61 -11.01
N ILE D 31 -24.17 22.99 -11.86
CA ILE D 31 -22.75 22.88 -11.60
C ILE D 31 -22.10 24.19 -11.94
N VAL D 32 -20.95 24.47 -11.35
CA VAL D 32 -20.21 25.69 -11.67
C VAL D 32 -18.75 25.30 -11.89
N ILE D 33 -18.20 25.69 -13.03
CA ILE D 33 -16.83 25.31 -13.38
C ILE D 33 -15.98 26.50 -13.02
N ALA D 34 -14.94 26.27 -12.22
CA ALA D 34 -14.10 27.36 -11.76
C ALA D 34 -13.29 27.91 -12.89
N TYR D 35 -13.50 29.18 -13.22
CA TYR D 35 -12.76 29.88 -14.28
C TYR D 35 -12.94 29.31 -15.65
N GLY D 36 -14.05 28.63 -15.88
CA GLY D 36 -14.38 28.13 -17.21
C GLY D 36 -13.47 27.13 -17.86
N GLU D 37 -12.70 26.39 -17.08
CA GLU D 37 -11.75 25.44 -17.63
C GLU D 37 -11.94 24.07 -17.03
N TRP D 38 -12.25 23.07 -17.86
CA TRP D 38 -12.37 21.72 -17.38
C TRP D 38 -10.98 21.19 -17.03
N PRO D 39 -10.89 20.30 -16.05
CA PRO D 39 -9.58 19.73 -15.77
C PRO D 39 -9.13 18.77 -16.84
N GLU D 40 -8.19 19.20 -17.68
CA GLU D 40 -7.65 18.37 -18.75
C GLU D 40 -6.27 17.88 -18.41
N TYR D 41 -5.83 16.81 -19.05
CA TYR D 41 -4.61 16.12 -18.67
C TYR D 41 -3.58 16.14 -19.76
N CYS D 42 -2.37 16.57 -19.44
CA CYS D 42 -1.26 16.68 -20.41
C CYS D 42 -1.56 17.55 -21.64
N VAL D 58 -6.57 4.18 -11.09
CA VAL D 58 -7.63 3.23 -11.38
C VAL D 58 -8.49 3.03 -10.16
N SER D 59 -7.84 2.86 -9.00
CA SER D 59 -8.56 2.68 -7.73
C SER D 59 -8.63 4.00 -6.97
N VAL D 60 -8.62 5.11 -7.68
CA VAL D 60 -8.63 6.42 -7.05
C VAL D 60 -9.86 7.27 -7.37
N ASN D 61 -10.48 7.06 -8.52
CA ASN D 61 -11.62 7.87 -8.92
C ASN D 61 -12.85 7.33 -8.23
N ARG D 62 -13.04 7.69 -6.98
CA ARG D 62 -14.25 7.29 -6.26
C ARG D 62 -14.61 8.40 -5.31
N PHE D 63 -15.87 8.43 -4.89
CA PHE D 63 -16.35 9.50 -4.06
C PHE D 63 -15.94 9.33 -2.61
N PHE D 64 -14.92 10.06 -2.17
CA PHE D 64 -14.55 10.04 -0.77
C PHE D 64 -15.45 11.03 -0.06
N THR D 65 -16.30 10.53 0.84
CA THR D 65 -17.23 11.39 1.58
C THR D 65 -16.70 11.64 2.97
N LEU D 66 -16.57 12.89 3.37
CA LEU D 66 -15.94 13.23 4.63
C LEU D 66 -16.89 13.11 5.79
N ASP D 67 -16.46 13.57 6.95
CA ASP D 67 -17.28 13.51 8.15
C ASP D 67 -18.39 14.52 8.05
N THR D 68 -19.50 14.26 8.73
CA THR D 68 -20.62 15.17 8.69
C THR D 68 -20.50 16.23 9.76
N LYS D 69 -20.58 17.50 9.37
CA LYS D 69 -20.46 18.62 10.29
C LYS D 69 -21.85 19.06 10.67
N SER D 70 -22.11 19.26 11.96
CA SER D 70 -23.44 19.62 12.41
C SER D 70 -23.60 21.11 12.52
N TRP D 71 -24.57 21.69 11.82
CA TRP D 71 -24.82 23.12 11.81
C TRP D 71 -25.71 23.42 12.97
N ALA D 72 -25.19 24.15 13.96
CA ALA D 72 -25.97 24.47 15.15
C ALA D 72 -26.63 25.81 14.95
N LYS D 73 -27.18 26.37 16.02
CA LYS D 73 -27.87 27.64 15.93
C LYS D 73 -26.95 28.85 15.97
N ASP D 74 -25.77 28.70 16.55
CA ASP D 74 -24.84 29.82 16.67
C ASP D 74 -23.45 29.47 16.17
N SER D 75 -23.36 28.58 15.20
CA SER D 75 -22.06 28.21 14.65
C SER D 75 -21.56 29.30 13.75
N LYS D 76 -20.26 29.29 13.46
CA LYS D 76 -19.66 30.38 12.70
C LYS D 76 -19.13 30.02 11.33
N GLY D 77 -18.76 28.77 11.09
CA GLY D 77 -18.31 28.35 9.78
C GLY D 77 -17.18 27.36 9.85
N TRP D 78 -16.92 26.63 8.77
CA TRP D 78 -15.91 25.62 8.78
C TRP D 78 -15.03 25.80 7.57
N TYR D 79 -13.82 25.25 7.55
CA TYR D 79 -12.96 25.30 6.38
C TYR D 79 -12.14 24.07 6.29
N TRP D 80 -11.82 23.61 5.10
CA TRP D 80 -10.96 22.46 4.89
C TRP D 80 -9.97 22.91 3.87
N LYS D 81 -8.74 22.40 3.88
CA LYS D 81 -7.70 22.79 2.95
C LYS D 81 -7.44 21.65 1.99
N PHE D 82 -6.95 21.90 0.78
CA PHE D 82 -6.79 20.86 -0.24
C PHE D 82 -5.36 20.89 -0.80
N PRO D 83 -4.76 19.74 -1.11
CA PRO D 83 -5.25 18.38 -1.06
C PRO D 83 -4.83 17.64 0.17
N ASP D 84 -4.69 18.33 1.29
CA ASP D 84 -4.37 17.67 2.56
C ASP D 84 -5.58 16.92 3.10
N VAL D 85 -6.78 17.27 2.67
CA VAL D 85 -8.01 16.63 3.11
C VAL D 85 -8.09 15.16 2.75
N LEU D 86 -7.36 14.72 1.73
CA LEU D 86 -7.33 13.31 1.34
C LEU D 86 -5.96 12.69 1.51
N THR D 87 -5.15 13.21 2.43
CA THR D 87 -3.81 12.68 2.63
C THR D 87 -3.84 11.48 3.55
N GLU D 88 -4.45 11.61 4.72
CA GLU D 88 -4.45 10.52 5.69
C GLU D 88 -5.43 9.46 5.27
N VAL D 89 -6.69 9.86 5.13
CA VAL D 89 -7.71 8.96 4.69
C VAL D 89 -7.30 8.81 3.28
N GLY D 90 -7.53 7.65 2.72
CA GLY D 90 -7.25 7.48 1.33
C GLY D 90 -5.79 7.31 1.10
N VAL D 91 -5.43 7.18 -0.16
CA VAL D 91 -4.04 6.94 -0.52
C VAL D 91 -3.66 7.98 -1.53
N PHE D 92 -4.39 9.08 -1.60
CA PHE D 92 -4.12 10.04 -2.65
C PHE D 92 -2.69 10.55 -2.65
N GLY D 93 -2.12 10.80 -1.48
CA GLY D 93 -0.77 11.32 -1.38
C GLY D 93 0.24 10.26 -1.05
N GLN D 94 -0.10 9.01 -1.34
CA GLN D 94 0.82 7.92 -1.05
C GLN D 94 2.11 8.23 -1.76
N ASN D 95 3.22 8.00 -1.09
CA ASN D 95 4.48 8.29 -1.71
C ASN D 95 4.54 7.40 -2.92
N ALA D 96 4.91 7.98 -4.05
CA ALA D 96 5.08 7.19 -5.24
C ALA D 96 6.56 7.01 -5.16
N GLN D 97 7.04 5.78 -5.01
CA GLN D 97 8.47 5.56 -4.80
C GLN D 97 9.33 5.94 -6.01
N PHE D 98 8.73 6.25 -7.15
CA PHE D 98 9.52 6.71 -8.29
C PHE D 98 9.89 8.17 -8.11
N HIS D 99 8.89 9.04 -8.02
CA HIS D 99 9.11 10.48 -7.88
C HIS D 99 7.77 10.99 -7.38
N TYR D 100 7.71 12.20 -6.80
CA TYR D 100 6.48 12.72 -6.22
C TYR D 100 5.91 13.88 -6.96
N LEU D 101 5.85 13.77 -8.28
CA LEU D 101 5.23 14.81 -9.09
C LEU D 101 3.79 14.45 -9.34
N TYR D 102 2.86 15.31 -8.88
CA TYR D 102 1.43 15.05 -9.01
C TYR D 102 0.72 16.27 -9.51
N ARG D 103 -0.44 16.07 -10.12
CA ARG D 103 -1.21 17.18 -10.67
C ARG D 103 -2.63 16.68 -10.73
N SER D 104 -3.55 17.35 -10.02
CA SER D 104 -4.92 16.89 -9.94
C SER D 104 -5.95 17.94 -9.79
N GLY D 105 -7.16 17.65 -10.24
CA GLY D 105 -8.28 18.56 -10.07
C GLY D 105 -9.23 17.89 -9.09
N PHE D 106 -10.39 18.49 -8.85
CA PHE D 106 -11.33 17.95 -7.91
C PHE D 106 -12.76 18.19 -8.34
N CYS D 107 -13.70 17.61 -7.61
CA CYS D 107 -15.12 17.80 -7.88
C CYS D 107 -15.80 17.66 -6.53
N VAL D 108 -16.23 18.77 -5.95
CA VAL D 108 -16.79 18.76 -4.61
C VAL D 108 -18.30 18.70 -4.63
N HIS D 109 -18.90 18.34 -3.50
CA HIS D 109 -20.35 18.21 -3.42
C HIS D 109 -20.76 18.55 -1.99
N VAL D 110 -21.48 19.66 -1.80
CA VAL D 110 -21.94 20.03 -0.49
C VAL D 110 -23.44 19.92 -0.50
N GLN D 111 -24.01 19.27 0.51
CA GLN D 111 -25.46 19.08 0.59
C GLN D 111 -25.92 19.14 2.01
N CYS D 112 -27.10 19.71 2.25
CA CYS D 112 -27.60 19.96 3.59
C CYS D 112 -29.00 19.45 3.73
N ASN D 113 -29.18 18.34 4.44
CA ASN D 113 -30.47 17.68 4.56
C ASN D 113 -31.30 18.31 5.65
N ALA D 114 -32.15 19.25 5.27
CA ALA D 114 -33.02 19.92 6.23
C ALA D 114 -34.46 19.69 5.87
N SER D 115 -35.36 19.99 6.78
CA SER D 115 -36.79 19.85 6.54
C SER D 115 -37.33 21.09 5.87
N LYS D 116 -38.66 21.22 5.80
CA LYS D 116 -39.28 22.36 5.16
C LYS D 116 -39.75 23.37 6.18
N PHE D 117 -39.39 23.21 7.45
CA PHE D 117 -39.72 24.21 8.47
C PHE D 117 -38.48 24.91 8.99
N HIS D 118 -37.30 24.55 8.49
CA HIS D 118 -36.08 25.25 8.86
C HIS D 118 -35.81 26.38 7.88
N GLN D 119 -34.90 27.28 8.20
CA GLN D 119 -34.55 28.36 7.29
C GLN D 119 -33.12 28.78 7.50
N GLY D 120 -32.49 29.27 6.45
CA GLY D 120 -31.11 29.68 6.55
C GLY D 120 -30.50 29.76 5.19
N ALA D 121 -29.24 30.15 5.13
CA ALA D 121 -28.53 30.22 3.88
C ALA D 121 -27.06 30.00 4.11
N LEU D 122 -26.41 29.29 3.19
CA LEU D 122 -25.00 29.01 3.30
C LEU D 122 -24.30 29.63 2.12
N LEU D 123 -22.98 29.74 2.18
CA LEU D 123 -22.21 30.26 1.06
C LEU D 123 -20.99 29.38 0.91
N VAL D 124 -20.99 28.52 -0.12
CA VAL D 124 -19.89 27.62 -0.37
C VAL D 124 -19.03 28.24 -1.44
N ALA D 125 -17.75 28.44 -1.16
CA ALA D 125 -16.84 29.06 -2.13
C ALA D 125 -15.44 28.56 -1.95
N VAL D 126 -14.73 28.41 -3.07
CA VAL D 126 -13.34 27.97 -3.03
C VAL D 126 -12.52 29.18 -3.34
N LEU D 127 -11.53 29.50 -2.53
CA LEU D 127 -10.73 30.70 -2.72
C LEU D 127 -9.38 30.16 -2.89
N PRO D 128 -8.74 30.47 -3.99
CA PRO D 128 -7.41 29.87 -4.06
C PRO D 128 -6.37 30.47 -3.19
N GLU D 129 -5.36 29.69 -2.83
CA GLU D 129 -4.24 30.21 -2.06
C GLU D 129 -4.50 30.91 -0.74
N TYR D 130 -5.44 30.39 0.06
CA TYR D 130 -5.81 30.99 1.35
C TYR D 130 -4.65 30.96 2.38
N VAL D 131 -4.50 32.00 3.22
CA VAL D 131 -3.46 32.05 4.23
C VAL D 131 -4.12 32.52 5.49
N LEU D 132 -4.15 31.70 6.55
CA LEU D 132 -4.86 32.08 7.78
C LEU D 132 -3.89 32.78 8.72
N GLY D 133 -3.96 34.11 8.77
CA GLY D 133 -3.08 34.86 9.63
C GLY D 133 -3.33 34.57 11.07
N THR D 134 -4.59 34.36 11.40
CA THR D 134 -4.91 34.19 12.79
C THR D 134 -4.23 33.02 13.30
N ILE D 135 -3.95 33.07 14.58
CA ILE D 135 -3.22 32.01 15.18
C ILE D 135 -4.05 31.44 16.27
N ALA D 136 -3.87 30.16 16.54
CA ALA D 136 -4.51 29.52 17.65
C ALA D 136 -3.39 28.97 18.51
N GLY D 137 -3.68 28.74 19.77
CA GLY D 137 -2.67 28.22 20.69
C GLY D 137 -2.18 26.86 20.27
N GLY D 138 -3.07 26.04 19.71
CA GLY D 138 -2.70 24.68 19.35
C GLY D 138 -2.86 23.83 20.57
N THR D 139 -2.31 22.64 20.54
CA THR D 139 -2.55 21.73 21.62
C THR D 139 -1.77 21.97 22.90
N GLY D 140 -0.52 22.40 22.84
CA GLY D 140 0.21 22.55 24.09
C GLY D 140 1.53 23.23 24.17
N ASN D 141 1.74 24.06 25.20
CA ASN D 141 2.98 24.76 25.38
C ASN D 141 2.89 25.16 26.80
N GLU D 142 3.98 25.62 27.38
CA GLU D 142 3.93 26.14 28.73
C GLU D 142 4.61 27.46 28.67
N ASN D 143 4.34 28.21 27.61
CA ASN D 143 5.00 29.48 27.42
C ASN D 143 6.45 29.15 27.43
N SER D 144 6.78 28.00 26.87
CA SER D 144 8.14 27.55 26.81
C SER D 144 8.56 27.34 25.39
N HIS D 145 7.86 27.89 24.42
CA HIS D 145 8.29 27.89 23.03
C HIS D 145 7.23 28.83 22.55
N PRO D 146 7.41 29.48 21.42
CA PRO D 146 6.29 30.33 21.05
C PRO D 146 5.19 29.41 20.60
N PRO D 147 3.96 29.69 20.96
CA PRO D 147 2.95 28.72 20.51
C PRO D 147 2.85 28.72 18.99
N TYR D 148 3.05 27.56 18.34
CA TYR D 148 3.03 27.54 16.88
C TYR D 148 1.59 27.38 16.45
N ALA D 149 1.32 27.41 15.14
CA ALA D 149 -0.05 27.35 14.64
C ALA D 149 -0.26 26.22 13.66
N THR D 150 -1.49 25.70 13.56
CA THR D 150 -1.80 24.58 12.68
C THR D 150 -2.52 25.11 11.49
N THR D 151 -2.09 24.74 10.29
CA THR D 151 -2.75 25.17 9.07
C THR D 151 -3.08 23.98 8.20
N GLN D 152 -3.18 22.78 8.77
CA GLN D 152 -3.58 21.59 8.06
C GLN D 152 -4.72 20.94 8.83
N PRO D 153 -5.93 21.49 8.73
CA PRO D 153 -6.93 20.87 9.57
C PRO D 153 -7.08 19.43 9.18
N GLY D 154 -7.06 19.08 7.90
CA GLY D 154 -7.09 17.70 7.51
C GLY D 154 -8.45 17.08 7.31
N GLN D 155 -8.90 16.18 8.18
CA GLN D 155 -10.14 15.45 7.98
C GLN D 155 -11.35 16.12 8.59
N VAL D 156 -11.23 16.57 9.81
CA VAL D 156 -12.37 17.16 10.51
C VAL D 156 -12.55 18.63 10.22
N GLY D 157 -11.59 19.27 9.59
CA GLY D 157 -11.72 20.70 9.38
C GLY D 157 -11.49 21.47 10.65
N ALA D 158 -12.06 22.66 10.76
CA ALA D 158 -11.80 23.50 11.90
C ALA D 158 -12.73 24.65 11.85
N VAL D 159 -13.07 25.20 13.00
CA VAL D 159 -14.01 26.31 13.04
C VAL D 159 -13.31 27.62 12.79
N LEU D 160 -14.04 28.59 12.27
CA LEU D 160 -13.48 29.89 12.01
C LEU D 160 -13.64 30.69 13.29
N THR D 161 -12.84 31.73 13.47
CA THR D 161 -12.90 32.54 14.67
C THR D 161 -13.74 33.78 14.50
N HIS D 162 -13.38 34.67 13.60
CA HIS D 162 -14.15 35.86 13.35
C HIS D 162 -14.64 35.80 11.91
N PRO D 163 -15.90 35.49 11.72
CA PRO D 163 -16.29 35.34 10.34
C PRO D 163 -16.20 36.55 9.50
N TYR D 164 -16.62 37.69 10.00
CA TYR D 164 -16.69 38.89 9.18
C TYR D 164 -15.46 39.15 8.42
N VAL D 165 -14.32 38.73 8.96
CA VAL D 165 -13.08 38.88 8.23
C VAL D 165 -12.47 37.61 7.70
N LEU D 166 -13.05 36.46 7.95
CA LEU D 166 -12.53 35.24 7.36
C LEU D 166 -11.10 34.98 7.74
N ASP D 167 -10.72 35.28 8.95
CA ASP D 167 -9.40 34.90 9.43
C ASP D 167 -8.32 35.35 8.52
N ALA D 168 -8.52 36.51 7.97
CA ALA D 168 -7.55 37.09 7.09
C ALA D 168 -8.28 38.37 7.01
N GLY D 169 -7.84 39.31 6.22
CA GLY D 169 -8.55 40.56 6.23
C GLY D 169 -9.65 40.61 5.21
N ILE D 170 -9.78 39.61 4.40
CA ILE D 170 -10.73 39.71 3.34
C ILE D 170 -12.11 39.89 3.90
N PRO D 171 -12.94 40.74 3.27
CA PRO D 171 -14.32 40.84 3.72
C PRO D 171 -15.25 39.80 3.11
N LEU D 172 -16.18 39.25 3.87
CA LEU D 172 -17.05 38.20 3.38
C LEU D 172 -17.82 38.76 2.30
N SER D 173 -18.07 40.03 2.40
CA SER D 173 -18.90 40.61 1.42
C SER D 173 -18.41 40.30 0.07
N GLN D 174 -17.12 40.41 -0.15
CA GLN D 174 -16.62 40.26 -1.49
C GLN D 174 -16.20 38.83 -1.83
N LEU D 175 -16.57 37.86 -1.02
CA LEU D 175 -16.12 36.48 -1.26
C LEU D 175 -16.68 35.93 -2.54
N THR D 176 -17.73 36.53 -3.06
CA THR D 176 -18.41 35.99 -4.25
C THR D 176 -17.65 36.30 -5.53
N VAL D 177 -16.50 36.95 -5.46
CA VAL D 177 -15.66 37.17 -6.65
C VAL D 177 -14.95 35.87 -6.98
N CYS D 178 -14.86 34.93 -6.04
CA CYS D 178 -14.29 33.63 -6.38
C CYS D 178 -15.39 32.70 -6.86
N PRO D 179 -15.06 31.47 -7.29
CA PRO D 179 -16.12 30.54 -7.67
C PRO D 179 -16.95 30.17 -6.47
N HIS D 180 -18.26 30.33 -6.57
CA HIS D 180 -19.12 30.11 -5.42
C HIS D 180 -20.47 29.57 -5.79
N GLN D 181 -21.26 29.17 -4.81
CA GLN D 181 -22.59 28.67 -5.02
C GLN D 181 -23.38 28.85 -3.74
N TRP D 182 -24.63 29.24 -3.83
CA TRP D 182 -25.46 29.49 -2.66
C TRP D 182 -26.25 28.26 -2.31
N ILE D 183 -26.36 27.93 -1.01
CA ILE D 183 -27.20 26.84 -0.56
C ILE D 183 -28.30 27.51 0.23
N ASN D 184 -29.45 27.69 -0.39
CA ASN D 184 -30.60 28.30 0.26
C ASN D 184 -31.53 27.19 0.65
N LEU D 185 -31.82 27.05 1.93
CA LEU D 185 -32.64 25.95 2.42
C LEU D 185 -34.06 26.01 1.99
N ARG D 186 -34.49 27.13 1.42
CA ARG D 186 -35.84 27.23 0.89
C ARG D 186 -35.96 26.45 -0.39
N THR D 187 -34.97 26.53 -1.26
CA THR D 187 -35.08 25.94 -2.59
C THR D 187 -34.27 24.70 -2.87
N ASN D 188 -32.95 24.74 -2.71
CA ASN D 188 -32.10 23.64 -3.11
C ASN D 188 -31.12 23.25 -2.05
N ASN D 189 -30.74 21.97 -2.04
CA ASN D 189 -29.80 21.47 -1.07
C ASN D 189 -28.62 20.77 -1.75
N CYS D 190 -28.04 21.41 -2.76
CA CYS D 190 -26.88 20.84 -3.43
C CYS D 190 -26.04 21.94 -4.04
N ALA D 191 -24.72 21.77 -4.06
CA ALA D 191 -23.83 22.75 -4.62
C ALA D 191 -22.55 22.04 -5.01
N THR D 192 -22.25 22.01 -6.30
CA THR D 192 -21.06 21.32 -6.80
C THR D 192 -20.15 22.30 -7.48
N ILE D 193 -18.84 22.19 -7.24
CA ILE D 193 -17.88 23.06 -7.88
C ILE D 193 -16.81 22.19 -8.52
N ILE D 194 -16.52 22.41 -9.81
CA ILE D 194 -15.45 21.70 -10.49
C ILE D 194 -14.28 22.67 -10.46
N VAL D 195 -13.14 22.24 -9.92
CA VAL D 195 -11.98 23.12 -9.76
C VAL D 195 -10.80 22.47 -10.45
N PRO D 196 -10.13 23.17 -11.36
CA PRO D 196 -8.99 22.59 -12.07
C PRO D 196 -7.72 22.79 -11.29
N TYR D 197 -6.58 22.39 -11.84
CA TYR D 197 -5.30 22.60 -11.16
C TYR D 197 -4.80 23.99 -11.43
N MET D 198 -4.36 24.70 -10.39
CA MET D 198 -3.92 26.09 -10.52
C MET D 198 -2.65 26.33 -9.72
N ASN D 199 -1.50 26.34 -10.39
CA ASN D 199 -0.23 26.57 -9.72
C ASN D 199 0.77 27.07 -10.74
N THR D 200 1.81 27.74 -10.28
CA THR D 200 2.81 28.32 -11.17
C THR D 200 3.67 27.27 -11.82
N VAL D 201 3.95 26.19 -11.12
CA VAL D 201 4.77 25.10 -11.66
C VAL D 201 3.81 23.95 -12.05
N PRO D 202 4.15 23.14 -13.06
CA PRO D 202 3.23 22.08 -13.45
C PRO D 202 3.16 20.90 -12.48
N PHE D 203 4.17 20.71 -11.65
CA PHE D 203 4.12 19.64 -10.68
C PHE D 203 4.75 20.13 -9.44
N ASP D 204 4.54 19.47 -8.31
CA ASP D 204 5.07 19.97 -7.04
C ASP D 204 5.20 18.88 -5.99
N SER D 205 5.90 19.16 -4.89
CA SER D 205 5.98 18.19 -3.78
C SER D 205 4.75 18.42 -2.91
N ALA D 206 3.90 17.41 -2.76
CA ALA D 206 2.62 17.61 -2.07
C ALA D 206 2.55 18.00 -0.66
N LEU D 207 3.36 17.41 0.17
CA LEU D 207 3.15 17.70 1.55
C LEU D 207 3.34 19.18 1.91
N ASN D 208 4.33 19.83 1.33
CA ASN D 208 4.52 21.20 1.69
C ASN D 208 3.38 22.08 1.29
N HIS D 209 2.90 21.94 0.06
CA HIS D 209 1.89 22.87 -0.45
C HIS D 209 0.48 22.56 -0.13
N CYS D 210 -0.39 23.54 -0.36
CA CYS D 210 -1.81 23.35 -0.16
C CYS D 210 -2.36 24.27 -1.22
N ASN D 211 -3.14 23.77 -2.17
CA ASN D 211 -3.53 24.59 -3.29
C ASN D 211 -4.62 25.58 -3.02
N PHE D 212 -5.74 25.12 -2.47
CA PHE D 212 -6.89 25.99 -2.23
C PHE D 212 -7.60 25.61 -0.98
N GLY D 213 -8.61 26.40 -0.62
CA GLY D 213 -9.38 26.12 0.57
C GLY D 213 -10.85 26.26 0.28
N LEU D 214 -11.68 25.32 0.77
CA LEU D 214 -13.11 25.38 0.61
C LEU D 214 -13.55 26.01 1.88
N LEU D 215 -14.56 26.87 1.85
CA LEU D 215 -15.08 27.54 3.03
C LEU D 215 -16.56 27.32 2.99
N VAL D 216 -17.25 27.22 4.12
CA VAL D 216 -18.69 27.10 4.15
C VAL D 216 -19.04 28.05 5.29
N ILE D 217 -19.78 29.15 5.04
CA ILE D 217 -20.05 30.18 6.03
C ILE D 217 -21.55 30.44 6.11
N PRO D 218 -22.15 30.35 7.30
CA PRO D 218 -23.57 30.66 7.43
C PRO D 218 -23.84 32.14 7.45
N VAL D 219 -23.99 32.73 6.29
CA VAL D 219 -24.24 34.17 6.19
C VAL D 219 -25.59 34.56 6.77
N VAL D 220 -26.62 33.72 6.62
CA VAL D 220 -27.91 33.98 7.25
C VAL D 220 -28.06 32.88 8.27
N PRO D 221 -28.27 33.23 9.54
CA PRO D 221 -28.27 32.18 10.56
C PRO D 221 -29.45 31.25 10.56
N LEU D 222 -29.29 30.09 11.18
CA LEU D 222 -30.36 29.08 11.22
C LEU D 222 -31.41 29.46 12.22
N ASP D 223 -32.66 29.12 11.94
CA ASP D 223 -33.73 29.34 12.90
C ASP D 223 -34.79 28.28 12.75
N PHE D 224 -35.37 27.89 13.88
CA PHE D 224 -36.44 26.90 13.86
C PHE D 224 -37.16 27.05 15.13
N ASN D 225 -38.45 26.76 15.09
CA ASN D 225 -39.24 26.97 16.24
C ASN D 225 -38.93 25.83 17.15
N ALA D 226 -39.08 26.04 18.44
CA ALA D 226 -38.73 25.01 19.42
C ALA D 226 -39.46 23.71 19.27
N GLY D 227 -38.76 22.59 19.41
CA GLY D 227 -39.37 21.27 19.33
C GLY D 227 -38.78 20.44 18.24
N ALA D 228 -38.30 21.06 17.19
CA ALA D 228 -37.79 20.33 16.04
C ALA D 228 -36.35 19.89 16.29
N THR D 229 -35.66 19.38 15.28
CA THR D 229 -34.29 18.98 15.43
C THR D 229 -33.41 20.19 15.55
N SER D 230 -32.43 20.12 16.44
CA SER D 230 -31.60 21.29 16.73
C SER D 230 -30.37 21.46 15.88
N GLU D 231 -29.88 20.39 15.26
CA GLU D 231 -28.66 20.46 14.46
C GLU D 231 -28.93 19.93 13.08
N ILE D 232 -28.66 20.71 12.04
CA ILE D 232 -28.86 20.30 10.68
C ILE D 232 -27.52 19.77 10.18
N PRO D 233 -27.51 18.63 9.49
CA PRO D 233 -26.23 18.09 9.05
C PRO D 233 -25.73 18.64 7.74
N ILE D 234 -24.41 18.57 7.52
CA ILE D 234 -23.79 19.03 6.28
C ILE D 234 -22.84 17.92 5.82
N THR D 235 -22.94 17.49 4.57
CA THR D 235 -22.13 16.40 4.05
C THR D 235 -21.28 16.86 2.88
N VAL D 236 -19.98 16.57 2.93
CA VAL D 236 -19.06 16.95 1.86
C VAL D 236 -18.58 15.70 1.15
N THR D 237 -18.51 15.74 -0.18
CA THR D 237 -18.07 14.60 -0.98
C THR D 237 -17.05 15.04 -1.99
N ILE D 238 -15.88 14.40 -2.02
CA ILE D 238 -14.78 14.80 -2.88
C ILE D 238 -14.53 13.72 -3.90
N ALA D 239 -14.10 14.10 -5.09
CA ALA D 239 -13.76 13.14 -6.13
C ALA D 239 -12.65 13.72 -7.00
N PRO D 240 -11.44 13.13 -6.97
CA PRO D 240 -10.37 13.66 -7.80
C PRO D 240 -10.57 13.38 -9.26
N MET D 241 -9.95 14.17 -10.12
CA MET D 241 -10.11 14.03 -11.57
C MET D 241 -8.77 13.75 -12.22
N CYS D 242 -8.40 12.47 -12.27
CA CYS D 242 -7.17 12.02 -12.92
C CYS D 242 -5.90 12.63 -12.40
N ALA D 243 -5.58 12.28 -11.17
CA ALA D 243 -4.33 12.72 -10.57
C ALA D 243 -3.20 12.00 -11.26
N GLU D 244 -2.39 12.73 -12.02
CA GLU D 244 -1.30 12.10 -12.73
C GLU D 244 -0.09 11.83 -11.88
N PHE D 245 0.72 10.85 -12.25
CA PHE D 245 1.99 10.57 -11.61
C PHE D 245 2.87 10.10 -12.76
N ALA D 246 3.48 11.02 -13.50
CA ALA D 246 4.31 10.66 -14.66
C ALA D 246 5.33 11.76 -14.92
N LEU E 6 16.55 64.07 -25.42
CA LEU E 6 17.60 63.41 -24.66
C LEU E 6 16.99 62.80 -23.42
N LYS E 7 16.58 61.53 -23.51
CA LYS E 7 15.89 60.84 -22.41
C LYS E 7 16.74 60.60 -21.17
N PRO E 8 16.10 60.36 -20.02
CA PRO E 8 16.88 60.02 -18.83
C PRO E 8 17.43 58.64 -18.92
N GLY E 9 18.56 58.39 -18.28
CA GLY E 9 19.23 57.11 -18.38
C GLY E 9 20.49 57.21 -19.21
N THR E 10 20.76 58.38 -19.77
CA THR E 10 21.97 58.59 -20.54
C THR E 10 23.12 58.93 -19.63
N ASN E 11 24.32 59.09 -20.18
CA ASN E 11 25.49 59.55 -19.44
C ASN E 11 25.89 58.65 -18.30
N GLN E 12 25.59 57.36 -18.43
CA GLN E 12 25.94 56.40 -17.40
C GLN E 12 26.78 55.29 -17.98
N PHE E 13 27.51 54.56 -17.13
CA PHE E 13 28.35 53.47 -17.59
C PHE E 13 27.79 52.21 -17.03
N LEU E 14 27.03 51.48 -17.83
CA LEU E 14 26.55 50.19 -17.39
C LEU E 14 27.66 49.18 -17.59
N THR E 15 27.86 48.30 -16.63
CA THR E 15 28.94 47.34 -16.70
C THR E 15 28.68 46.26 -17.71
N THR E 16 27.45 45.77 -17.80
CA THR E 16 27.13 44.63 -18.67
C THR E 16 26.35 45.02 -19.89
N ASP E 17 26.69 46.14 -20.49
CA ASP E 17 26.04 46.56 -21.73
C ASP E 17 26.94 46.38 -22.92
N ASP E 18 26.38 45.93 -24.04
CA ASP E 18 27.15 45.76 -25.27
C ASP E 18 26.96 46.98 -26.14
N GLY E 19 27.74 47.07 -27.22
CA GLY E 19 27.62 48.18 -28.13
C GLY E 19 28.86 48.40 -28.92
N VAL E 20 28.75 49.21 -29.97
CA VAL E 20 29.89 49.45 -30.84
C VAL E 20 30.74 50.55 -30.23
N SER E 21 32.02 50.27 -30.04
CA SER E 21 32.96 51.25 -29.49
C SER E 21 34.00 51.55 -30.54
N ALA E 22 34.56 52.74 -30.52
CA ALA E 22 35.49 53.16 -31.57
C ALA E 22 36.81 52.39 -31.50
N PRO E 23 37.25 51.81 -32.63
CA PRO E 23 38.49 51.04 -32.59
C PRO E 23 39.73 51.91 -32.49
N ILE E 24 40.75 51.43 -31.79
CA ILE E 24 41.96 52.20 -31.57
C ILE E 24 42.92 52.20 -32.75
N LEU E 25 42.80 51.23 -33.65
CA LEU E 25 43.68 51.14 -34.81
C LEU E 25 42.85 50.77 -36.03
N PRO E 26 42.26 51.77 -36.69
CA PRO E 26 41.36 51.45 -37.80
C PRO E 26 42.05 50.89 -39.02
N GLY E 27 43.32 51.23 -39.22
CA GLY E 27 44.08 50.72 -40.36
C GLY E 27 44.59 49.30 -40.17
N PHE E 28 44.49 48.77 -38.96
CA PHE E 28 45.03 47.44 -38.67
C PHE E 28 44.15 46.33 -39.23
N HIS E 29 44.77 45.37 -39.90
CA HIS E 29 44.04 44.21 -40.41
C HIS E 29 44.63 43.00 -39.69
N PRO E 30 43.86 42.39 -38.77
CA PRO E 30 44.44 41.31 -37.96
C PRO E 30 44.64 40.01 -38.70
N THR E 31 45.31 39.07 -38.04
CA THR E 31 45.62 37.81 -38.66
C THR E 31 44.36 36.98 -38.96
N PRO E 32 44.24 36.47 -40.19
CA PRO E 32 43.08 35.63 -40.49
C PRO E 32 43.18 34.28 -39.81
N PRO E 33 42.05 33.66 -39.46
CA PRO E 33 42.13 32.40 -38.72
C PRO E 33 42.59 31.20 -39.51
N ILE E 34 43.02 30.16 -38.82
CA ILE E 34 43.45 28.93 -39.47
C ILE E 34 42.71 27.81 -38.77
N HIS E 35 42.30 26.78 -39.51
CA HIS E 35 41.54 25.68 -38.93
C HIS E 35 42.43 24.86 -38.03
N ILE E 36 42.16 24.88 -36.73
CA ILE E 36 42.89 24.05 -35.78
C ILE E 36 41.82 23.16 -35.17
N PRO E 37 42.14 21.89 -34.89
CA PRO E 37 41.08 20.99 -34.46
C PRO E 37 40.62 21.17 -33.04
N GLY E 38 39.38 20.83 -32.76
CA GLY E 38 38.86 20.88 -31.41
C GLY E 38 38.21 22.15 -30.94
N GLU E 39 37.52 22.86 -31.82
CA GLU E 39 36.82 24.06 -31.42
C GLU E 39 35.60 23.74 -30.60
N VAL E 40 35.38 24.46 -29.52
CA VAL E 40 34.25 24.22 -28.63
C VAL E 40 33.33 25.42 -28.69
N HIS E 41 32.04 25.19 -28.89
CA HIS E 41 31.07 26.27 -28.99
C HIS E 41 30.28 26.45 -27.72
N ASN E 42 29.80 25.36 -27.13
CA ASN E 42 28.99 25.43 -25.92
C ASN E 42 29.73 24.77 -24.78
N LEU E 43 29.43 25.16 -23.56
CA LEU E 43 30.09 24.55 -22.43
C LEU E 43 29.53 23.22 -22.05
N LEU E 44 28.46 22.79 -22.71
CA LEU E 44 27.88 21.48 -22.45
C LEU E 44 28.57 20.35 -23.18
N GLU E 45 29.53 20.65 -24.04
CA GLU E 45 30.34 19.58 -24.61
C GLU E 45 31.34 19.15 -23.51
N ILE E 46 31.68 20.06 -22.60
CA ILE E 46 32.64 19.75 -21.56
C ILE E 46 31.99 18.93 -20.46
N CYS E 47 30.71 19.14 -20.20
CA CYS E 47 30.01 18.45 -19.12
C CYS E 47 29.39 17.15 -19.58
N ARG E 48 29.88 16.55 -20.66
CA ARG E 48 29.39 15.25 -21.12
C ARG E 48 30.48 14.22 -21.22
N VAL E 49 31.59 14.43 -20.53
CA VAL E 49 32.68 13.46 -20.51
C VAL E 49 32.82 12.91 -19.13
N GLU E 50 33.21 11.66 -19.02
CA GLU E 50 33.26 10.98 -17.73
C GLU E 50 34.51 11.37 -16.98
N THR E 51 34.38 11.80 -15.74
CA THR E 51 35.53 12.18 -14.92
C THR E 51 35.50 11.42 -13.61
N ILE E 52 36.63 11.34 -12.93
CA ILE E 52 36.74 10.49 -11.76
C ILE E 52 36.08 11.13 -10.58
N LEU E 53 35.28 10.38 -9.83
CA LEU E 53 34.67 10.89 -8.61
C LEU E 53 35.60 10.55 -7.47
N GLU E 54 35.44 11.21 -6.33
CA GLU E 54 36.29 10.96 -5.16
C GLU E 54 35.38 10.45 -4.06
N VAL E 55 35.06 9.17 -4.11
CA VAL E 55 34.15 8.59 -3.14
C VAL E 55 34.87 8.32 -1.84
N ASN E 56 36.13 7.94 -1.90
CA ASN E 56 36.89 7.59 -0.70
C ASN E 56 37.62 8.82 -0.17
N ASN E 57 36.86 9.84 0.17
CA ASN E 57 37.44 11.10 0.66
C ASN E 57 37.46 11.08 2.17
N LEU E 58 38.20 10.15 2.73
CA LEU E 58 38.27 10.03 4.17
C LEU E 58 39.15 11.10 4.78
N LYS E 59 39.12 11.22 6.10
CA LYS E 59 39.95 12.20 6.79
C LYS E 59 41.41 11.79 6.88
N THR E 60 41.72 10.54 6.59
CA THR E 60 43.09 10.05 6.67
C THR E 60 43.73 9.92 5.30
N ASN E 61 43.39 10.81 4.38
CA ASN E 61 43.96 10.78 3.03
C ASN E 61 44.58 12.09 2.57
N GLU E 62 44.64 13.11 3.41
CA GLU E 62 45.31 14.33 3.01
C GLU E 62 46.81 14.16 2.90
N THR E 63 47.34 13.12 3.52
CA THR E 63 48.78 12.91 3.49
C THR E 63 49.16 12.31 2.14
N THR E 64 48.50 11.22 1.75
CA THR E 64 48.78 10.58 0.46
C THR E 64 47.48 10.59 -0.34
N PRO E 65 47.27 11.61 -1.17
CA PRO E 65 45.98 11.76 -1.85
C PRO E 65 45.73 10.90 -3.06
N MET E 66 46.66 10.03 -3.43
CA MET E 66 46.47 9.16 -4.60
C MET E 66 45.46 8.05 -4.30
N GLN E 67 45.25 7.73 -3.01
CA GLN E 67 44.32 6.66 -2.64
C GLN E 67 42.90 7.17 -2.63
N ARG E 68 42.70 8.47 -2.83
CA ARG E 68 41.37 9.06 -2.72
C ARG E 68 40.48 8.78 -3.92
N LEU E 69 41.02 8.18 -4.98
CA LEU E 69 40.26 7.99 -6.21
C LEU E 69 39.51 6.68 -6.34
N CYS E 70 39.74 5.71 -5.47
CA CYS E 70 39.08 4.42 -5.59
C CYS E 70 38.76 3.84 -4.25
N PHE E 71 37.64 3.13 -4.14
CA PHE E 71 37.20 2.57 -2.86
C PHE E 71 37.31 1.06 -2.91
N PRO E 72 37.76 0.43 -1.83
CA PRO E 72 38.03 -1.01 -1.93
C PRO E 72 36.95 -2.00 -1.64
N VAL E 73 37.12 -3.24 -2.10
CA VAL E 73 36.22 -4.33 -1.77
C VAL E 73 37.18 -5.42 -1.31
N SER E 74 36.72 -6.31 -0.43
CA SER E 74 37.60 -7.32 0.15
C SER E 74 36.88 -8.59 0.50
N VAL E 75 37.63 -9.59 0.94
CA VAL E 75 37.04 -10.86 1.37
C VAL E 75 36.70 -10.91 2.84
N GLN E 76 37.08 -9.88 3.59
CA GLN E 76 36.85 -9.85 5.04
C GLN E 76 35.50 -9.25 5.35
N SER E 77 34.68 -9.03 4.33
CA SER E 77 33.36 -8.42 4.52
C SER E 77 32.30 -9.47 4.39
N LYS E 78 31.32 -9.47 5.28
CA LYS E 78 30.23 -10.42 5.22
C LYS E 78 29.25 -10.02 4.14
N THR E 79 28.39 -10.94 3.75
CA THR E 79 27.43 -10.65 2.71
C THR E 79 26.29 -9.82 3.24
N GLY E 80 25.69 -9.01 2.38
CA GLY E 80 24.52 -8.23 2.77
C GLY E 80 24.75 -6.89 3.40
N GLU E 81 26.00 -6.49 3.59
CA GLU E 81 26.31 -5.21 4.23
C GLU E 81 26.71 -4.20 3.18
N LEU E 82 26.54 -2.92 3.50
CA LEU E 82 26.84 -1.88 2.53
C LEU E 82 28.32 -1.63 2.39
N CYS E 83 28.73 -1.01 1.29
CA CYS E 83 30.14 -0.73 1.03
C CYS E 83 30.43 0.75 0.99
N ALA E 84 29.62 1.52 0.28
CA ALA E 84 29.81 2.96 0.18
C ALA E 84 28.51 3.66 -0.04
N ALA E 85 28.48 4.96 0.22
CA ALA E 85 27.29 5.75 0.03
C ALA E 85 27.67 7.18 -0.18
N PHE E 86 26.98 7.86 -1.09
CA PHE E 86 27.23 9.27 -1.33
C PHE E 86 26.01 9.89 -1.94
N ARG E 87 25.84 11.20 -1.71
CA ARG E 87 24.67 11.88 -2.21
C ARG E 87 24.90 12.23 -3.66
N ALA E 88 23.84 12.67 -4.34
CA ALA E 88 23.94 13.03 -5.74
C ALA E 88 23.48 14.45 -5.97
N ASP E 89 24.38 15.41 -5.77
CA ASP E 89 24.09 16.81 -6.08
C ASP E 89 25.43 17.46 -6.42
N PRO E 90 25.62 17.88 -7.66
CA PRO E 90 26.93 18.41 -8.05
C PRO E 90 27.30 19.78 -7.51
N GLY E 91 26.41 20.43 -6.79
CA GLY E 91 26.69 21.77 -6.32
C GLY E 91 27.35 21.81 -4.97
N ARG E 92 27.03 20.86 -4.12
CA ARG E 92 27.52 20.90 -2.75
C ARG E 92 28.93 20.38 -2.67
N ASP E 93 29.44 20.24 -1.46
CA ASP E 93 30.78 19.74 -1.25
C ASP E 93 30.78 18.20 -1.29
N GLY E 94 31.89 17.59 -0.93
CA GLY E 94 31.95 16.15 -0.91
C GLY E 94 32.53 15.61 -2.19
N PRO E 95 32.04 14.46 -2.65
CA PRO E 95 32.69 13.83 -3.79
C PRO E 95 32.55 14.56 -5.11
N TRP E 96 31.49 15.34 -5.27
CA TRP E 96 31.26 15.95 -6.58
C TRP E 96 32.13 17.17 -6.83
N GLN E 97 32.97 17.57 -5.90
CA GLN E 97 33.88 18.67 -6.15
C GLN E 97 35.00 18.29 -7.09
N SER E 98 35.29 17.01 -7.23
CA SER E 98 36.44 16.57 -8.01
C SER E 98 36.20 16.35 -9.46
N THR E 99 34.97 16.47 -9.91
CA THR E 99 34.65 16.21 -11.31
C THR E 99 34.53 17.50 -12.09
N ILE E 100 34.52 17.40 -13.41
CA ILE E 100 34.40 18.58 -14.24
C ILE E 100 33.01 19.16 -14.20
N LEU E 101 32.02 18.35 -13.85
CA LEU E 101 30.66 18.86 -13.73
C LEU E 101 30.49 19.70 -12.49
N GLY E 102 31.10 19.29 -11.41
CA GLY E 102 30.94 20.00 -10.16
C GLY E 102 31.75 21.27 -10.06
N GLN E 103 32.67 21.49 -10.99
CA GLN E 103 33.42 22.72 -11.00
C GLN E 103 32.77 23.74 -11.91
N LEU E 104 32.12 23.30 -12.98
CA LEU E 104 31.40 24.23 -13.85
C LEU E 104 30.04 24.54 -13.33
N CYS E 105 29.58 23.85 -12.29
CA CYS E 105 28.31 24.19 -11.64
C CYS E 105 28.52 25.17 -10.51
N ARG E 106 29.76 25.56 -10.24
CA ARG E 106 29.93 26.60 -9.25
C ARG E 106 29.63 27.84 -10.01
N TYR E 107 29.97 27.89 -11.28
CA TYR E 107 29.80 29.12 -12.05
C TYR E 107 28.40 29.44 -12.52
N TYR E 108 27.38 28.72 -12.09
CA TYR E 108 26.00 29.08 -12.44
C TYR E 108 25.14 28.83 -11.24
N THR E 109 23.98 29.47 -11.15
CA THR E 109 23.15 29.36 -9.97
C THR E 109 22.22 28.22 -10.01
N GLN E 110 21.42 28.10 -11.06
CA GLN E 110 20.39 27.06 -11.14
C GLN E 110 20.76 26.03 -12.19
N TRP E 111 20.55 24.74 -11.95
CA TRP E 111 20.79 23.71 -12.94
C TRP E 111 19.71 22.67 -12.81
N SER E 112 19.51 21.89 -13.87
CA SER E 112 18.52 20.82 -13.85
C SER E 112 18.91 19.81 -14.91
N GLY E 113 18.23 18.67 -14.91
CA GLY E 113 18.50 17.63 -15.89
C GLY E 113 18.85 16.30 -15.27
N SER E 114 19.32 15.36 -16.08
CA SER E 114 19.63 14.03 -15.62
C SER E 114 21.10 13.73 -15.69
N LEU E 115 21.55 12.81 -14.86
CA LEU E 115 22.96 12.48 -14.75
C LEU E 115 23.17 11.02 -15.03
N GLU E 116 24.44 10.60 -15.07
CA GLU E 116 24.75 9.19 -15.18
C GLU E 116 26.03 8.91 -14.44
N VAL E 117 26.10 7.78 -13.75
CA VAL E 117 27.25 7.40 -12.97
C VAL E 117 27.64 6.02 -13.41
N THR E 118 28.89 5.84 -13.83
CA THR E 118 29.39 4.53 -14.22
C THR E 118 30.50 4.10 -13.31
N PHE E 119 30.60 2.79 -13.06
CA PHE E 119 31.63 2.24 -12.23
C PHE E 119 32.52 1.37 -13.09
N MET E 120 33.69 0.99 -12.58
CA MET E 120 34.60 0.16 -13.33
C MET E 120 35.38 -0.72 -12.38
N PHE E 121 35.26 -2.03 -12.51
CA PHE E 121 36.00 -2.94 -11.65
C PHE E 121 37.43 -3.01 -12.08
N ALA E 122 38.34 -3.25 -11.14
CA ALA E 122 39.76 -3.27 -11.44
C ALA E 122 40.50 -4.44 -10.81
N GLY E 123 39.79 -5.51 -10.48
CA GLY E 123 40.42 -6.67 -9.88
C GLY E 123 41.00 -7.61 -10.91
N SER E 124 41.38 -8.80 -10.49
CA SER E 124 41.97 -9.77 -11.41
C SER E 124 40.91 -10.42 -12.26
N PHE E 125 41.32 -11.24 -13.22
CA PHE E 125 40.38 -11.90 -14.12
C PHE E 125 39.63 -13.01 -13.46
N MET E 126 40.17 -13.58 -12.39
CA MET E 126 39.56 -14.73 -11.75
C MET E 126 38.57 -14.42 -10.65
N ALA E 127 38.35 -13.14 -10.34
CA ALA E 127 37.42 -12.78 -9.29
C ALA E 127 36.00 -12.85 -9.77
N THR E 128 35.08 -13.19 -8.88
CA THR E 128 33.68 -13.29 -9.22
C THR E 128 32.86 -12.83 -8.05
N GLY E 129 31.67 -12.31 -8.31
CA GLY E 129 30.79 -11.86 -7.26
C GLY E 129 29.76 -10.89 -7.79
N LYS E 130 28.83 -10.47 -6.94
CA LYS E 130 27.80 -9.55 -7.35
C LYS E 130 27.69 -8.42 -6.36
N MET E 131 27.34 -7.23 -6.83
CA MET E 131 27.10 -6.08 -5.97
C MET E 131 25.83 -5.42 -6.46
N LEU E 132 25.13 -4.73 -5.55
CA LEU E 132 23.84 -4.13 -5.86
C LEU E 132 23.95 -2.63 -5.76
N ILE E 133 23.71 -1.93 -6.87
CA ILE E 133 23.80 -0.48 -6.90
C ILE E 133 22.39 0.03 -6.74
N ALA E 134 22.10 0.67 -5.61
CA ALA E 134 20.75 1.13 -5.30
C ALA E 134 20.68 2.61 -5.16
N TYR E 135 19.62 3.21 -5.69
CA TYR E 135 19.45 4.65 -5.66
C TYR E 135 18.11 4.98 -5.05
N THR E 136 18.09 5.86 -4.07
CA THR E 136 16.84 6.27 -3.45
C THR E 136 16.46 7.66 -3.95
N PRO E 137 15.17 7.91 -4.17
CA PRO E 137 14.76 9.20 -4.68
C PRO E 137 14.87 10.27 -3.60
N PRO E 138 14.87 11.55 -3.99
CA PRO E 138 14.96 12.60 -2.99
C PRO E 138 13.74 12.68 -2.12
N GLY E 139 13.94 13.06 -0.87
CA GLY E 139 12.83 13.12 0.06
C GLY E 139 12.44 11.78 0.59
N GLY E 140 13.34 10.82 0.55
CA GLY E 140 13.06 9.48 1.04
C GLY E 140 13.90 9.22 2.27
N ASN E 141 14.53 8.06 2.34
CA ASN E 141 15.43 7.75 3.43
C ASN E 141 16.45 6.72 2.98
N VAL E 142 17.61 6.71 3.61
CA VAL E 142 18.63 5.72 3.30
C VAL E 142 18.12 4.36 3.78
N PRO E 143 18.32 3.29 3.00
CA PRO E 143 17.81 1.99 3.44
C PRO E 143 18.56 1.47 4.65
N ALA E 144 17.91 0.61 5.42
CA ALA E 144 18.51 0.06 6.63
C ALA E 144 19.28 -1.22 6.34
N ASP E 145 18.77 -2.05 5.44
CA ASP E 145 19.45 -3.27 5.04
C ASP E 145 19.22 -3.49 3.57
N ARG E 146 19.64 -4.64 3.06
CA ARG E 146 19.56 -4.90 1.64
C ARG E 146 18.17 -5.14 1.12
N ILE E 147 17.33 -5.78 1.91
CA ILE E 147 16.02 -6.20 1.40
C ILE E 147 15.08 -5.04 1.19
N THR E 148 15.32 -3.92 1.86
CA THR E 148 14.51 -2.74 1.60
C THR E 148 15.13 -1.90 0.51
N ALA E 149 16.36 -2.19 0.12
CA ALA E 149 17.03 -1.42 -0.93
C ALA E 149 16.71 -1.93 -2.31
N MET E 150 16.55 -3.23 -2.44
CA MET E 150 16.21 -3.82 -3.74
C MET E 150 14.86 -3.35 -4.23
N LEU E 151 13.93 -3.05 -3.33
CA LEU E 151 12.57 -2.69 -3.71
C LEU E 151 12.50 -1.39 -4.49
N GLY E 152 13.54 -0.57 -4.40
CA GLY E 152 13.60 0.65 -5.19
C GLY E 152 14.30 0.41 -6.50
N THR E 153 14.69 1.47 -7.17
CA THR E 153 15.38 1.34 -8.43
C THR E 153 16.81 0.86 -8.20
N HIS E 154 17.20 -0.20 -8.90
CA HIS E 154 18.51 -0.78 -8.70
C HIS E 154 18.96 -1.62 -9.84
N VAL E 155 20.26 -1.84 -9.97
CA VAL E 155 20.82 -2.75 -10.97
C VAL E 155 21.65 -3.74 -10.19
N ILE E 156 21.91 -4.92 -10.77
CA ILE E 156 22.71 -5.94 -10.09
C ILE E 156 23.96 -6.12 -10.91
N TRP E 157 25.07 -5.58 -10.45
CA TRP E 157 26.30 -5.62 -11.19
C TRP E 157 27.00 -6.91 -10.89
N ASP E 158 27.40 -7.62 -11.94
CA ASP E 158 28.15 -8.88 -11.80
C ASP E 158 29.48 -8.65 -12.49
N PHE E 159 30.57 -8.69 -11.72
CA PHE E 159 31.89 -8.38 -12.26
C PHE E 159 32.63 -9.62 -12.70
N GLY E 160 31.89 -10.67 -13.04
CA GLY E 160 32.51 -11.85 -13.62
C GLY E 160 32.16 -11.89 -15.08
N LEU E 161 31.23 -11.04 -15.50
CA LEU E 161 30.77 -11.01 -16.89
C LEU E 161 31.15 -9.72 -17.57
N GLN E 162 30.82 -8.57 -16.98
CA GLN E 162 31.24 -7.29 -17.53
C GLN E 162 31.98 -6.53 -16.47
N SER E 163 32.81 -5.58 -16.89
CA SER E 163 33.63 -4.86 -15.95
C SER E 163 33.19 -3.42 -15.72
N SER E 164 32.11 -3.01 -16.37
CA SER E 164 31.63 -1.65 -16.22
C SER E 164 30.13 -1.59 -16.38
N VAL E 165 29.44 -0.95 -15.45
CA VAL E 165 27.99 -0.86 -15.49
C VAL E 165 27.61 0.59 -15.32
N THR E 166 26.45 0.97 -15.84
CA THR E 166 26.00 2.34 -15.82
C THR E 166 24.71 2.50 -15.07
N LEU E 167 24.61 3.54 -14.25
CA LEU E 167 23.40 3.82 -13.52
C LEU E 167 23.00 5.24 -13.83
N VAL E 168 21.75 5.44 -14.24
CA VAL E 168 21.27 6.75 -14.65
C VAL E 168 20.39 7.34 -13.58
N VAL E 169 20.62 8.61 -13.25
CA VAL E 169 19.83 9.31 -12.23
C VAL E 169 18.76 10.04 -12.99
N PRO E 170 17.48 9.88 -12.61
CA PRO E 170 16.41 10.46 -13.41
C PRO E 170 16.30 11.98 -13.49
N TRP E 171 16.34 12.68 -12.38
CA TRP E 171 16.17 14.12 -12.39
C TRP E 171 16.68 14.78 -11.13
N ILE E 172 17.44 15.87 -11.29
CA ILE E 172 17.87 16.67 -10.16
C ILE E 172 17.53 18.11 -10.52
N SER E 173 17.41 18.97 -9.51
CA SER E 173 17.05 20.37 -9.73
C SER E 173 17.46 21.19 -8.53
N ASN E 174 17.00 22.43 -8.44
CA ASN E 174 17.26 23.28 -7.28
C ASN E 174 15.95 23.93 -6.81
N THR E 190 17.87 17.91 0.66
CA THR E 190 17.31 16.64 0.35
C THR E 190 17.60 16.35 -1.08
N THR E 191 18.40 15.33 -1.36
CA THR E 191 18.61 14.89 -2.72
C THR E 191 18.75 13.38 -2.66
N GLY E 192 19.07 12.76 -3.78
CA GLY E 192 19.18 11.33 -3.80
C GLY E 192 20.38 10.78 -3.05
N ILE E 193 20.36 9.50 -2.74
CA ILE E 193 21.47 8.83 -2.09
C ILE E 193 21.73 7.56 -2.88
N ILE E 194 22.96 7.36 -3.32
CA ILE E 194 23.33 6.17 -4.07
C ILE E 194 24.08 5.27 -3.12
N THR E 195 23.71 4.00 -3.06
CA THR E 195 24.32 3.05 -2.15
C THR E 195 24.89 1.87 -2.91
N ILE E 196 25.98 1.29 -2.41
CA ILE E 196 26.63 0.15 -3.05
C ILE E 196 26.54 -1.00 -2.05
N TRP E 197 25.62 -1.91 -2.28
CA TRP E 197 25.45 -3.03 -1.37
C TRP E 197 26.16 -4.27 -1.84
N TYR E 198 26.59 -5.10 -0.89
CA TYR E 198 27.19 -6.37 -1.22
C TYR E 198 26.08 -7.36 -1.44
N GLN E 199 26.09 -8.08 -2.56
CA GLN E 199 25.10 -9.11 -2.83
C GLN E 199 25.68 -10.45 -2.47
N THR E 200 26.89 -10.75 -2.94
CA THR E 200 27.58 -11.97 -2.57
C THR E 200 28.96 -11.59 -2.10
N ASN E 201 29.63 -12.50 -1.42
CA ASN E 201 30.98 -12.23 -0.96
C ASN E 201 31.98 -12.33 -2.10
N TYR E 202 33.18 -11.83 -1.89
CA TYR E 202 34.20 -11.81 -2.91
C TYR E 202 34.82 -13.18 -3.05
N VAL E 203 34.87 -13.72 -4.26
CA VAL E 203 35.37 -15.08 -4.48
C VAL E 203 36.65 -15.05 -5.31
N VAL E 204 37.73 -15.63 -4.79
CA VAL E 204 39.01 -15.65 -5.47
C VAL E 204 39.61 -17.03 -5.32
N PRO E 205 40.39 -17.49 -6.33
CA PRO E 205 41.07 -18.78 -6.18
C PRO E 205 42.42 -18.63 -5.52
N ILE E 206 43.17 -19.71 -5.42
CA ILE E 206 44.50 -19.65 -4.84
C ILE E 206 45.41 -18.89 -5.79
N GLY E 207 46.15 -17.90 -5.27
CA GLY E 207 47.10 -17.14 -6.08
C GLY E 207 46.62 -15.80 -6.55
N ALA E 208 45.32 -15.59 -6.60
CA ALA E 208 44.78 -14.29 -6.98
C ALA E 208 44.95 -13.36 -5.80
N PRO E 209 44.96 -12.04 -6.04
CA PRO E 209 45.03 -11.14 -4.89
C PRO E 209 43.79 -11.11 -4.03
N THR E 210 43.87 -10.47 -2.87
CA THR E 210 42.77 -10.46 -1.92
C THR E 210 41.80 -9.33 -2.08
N THR E 211 42.29 -8.10 -2.17
CA THR E 211 41.42 -6.93 -2.26
C THR E 211 41.41 -6.38 -3.66
N ALA E 212 40.37 -5.65 -4.02
CA ALA E 212 40.28 -5.02 -5.32
C ALA E 212 39.63 -3.68 -5.14
N TYR E 213 39.79 -2.81 -6.14
CA TYR E 213 39.25 -1.48 -6.06
C TYR E 213 38.26 -1.20 -7.16
N ILE E 214 37.35 -0.25 -6.93
CA ILE E 214 36.35 0.11 -7.90
C ILE E 214 36.49 1.62 -8.11
N VAL E 215 36.68 2.04 -9.35
CA VAL E 215 36.83 3.45 -9.66
C VAL E 215 35.50 3.91 -10.21
N ALA E 216 35.05 5.10 -9.81
CA ALA E 216 33.76 5.62 -10.23
C ALA E 216 33.90 6.73 -11.23
N LEU E 217 32.88 6.94 -12.05
CA LEU E 217 32.90 7.97 -13.06
C LEU E 217 31.53 8.63 -13.11
N ALA E 218 31.48 9.87 -13.58
CA ALA E 218 30.24 10.60 -13.61
C ALA E 218 30.24 11.65 -14.67
N ALA E 219 29.10 11.82 -15.35
CA ALA E 219 28.94 12.85 -16.35
C ALA E 219 27.45 13.14 -16.45
N ALA E 220 27.07 14.07 -17.33
CA ALA E 220 25.69 14.45 -17.47
C ALA E 220 25.09 13.92 -18.74
N GLN E 221 23.77 13.96 -18.84
CA GLN E 221 23.06 13.50 -20.02
C GLN E 221 22.92 14.68 -20.98
N ASP E 222 22.11 14.53 -22.03
CA ASP E 222 21.93 15.61 -22.98
C ASP E 222 21.07 16.76 -22.48
N ASN E 223 20.14 16.49 -21.56
CA ASN E 223 19.20 17.52 -21.12
C ASN E 223 19.64 18.30 -19.90
N PHE E 224 20.94 18.42 -19.68
CA PHE E 224 21.45 19.19 -18.54
C PHE E 224 21.71 20.62 -18.96
N THR E 225 21.17 21.60 -18.25
CA THR E 225 21.34 22.99 -18.64
C THR E 225 21.41 23.83 -17.42
N MET E 226 21.93 25.05 -17.54
CA MET E 226 22.14 25.91 -16.40
C MET E 226 21.64 27.30 -16.74
N LYS E 227 21.60 28.22 -15.78
CA LYS E 227 21.24 29.62 -16.06
C LYS E 227 21.72 30.58 -14.96
N LEU E 228 21.56 31.90 -15.13
CA LEU E 228 21.90 32.92 -14.11
C LEU E 228 23.30 32.94 -13.62
N CYS E 229 24.25 33.20 -14.52
CA CYS E 229 25.66 33.19 -14.18
C CYS E 229 26.08 33.90 -12.89
N LYS E 230 26.96 33.27 -12.11
CA LYS E 230 27.39 33.81 -10.84
C LYS E 230 28.91 33.63 -10.85
N ASP E 231 29.62 34.05 -9.80
CA ASP E 231 31.07 33.94 -9.76
C ASP E 231 31.35 33.03 -8.61
N THR E 232 32.49 32.31 -8.61
CA THR E 232 32.70 31.32 -7.56
C THR E 232 33.05 31.94 -6.23
N ASN F 11 15.58 67.04 -20.93
CA ASN F 11 16.41 66.30 -19.98
C ASN F 11 15.71 66.15 -18.63
N GLN F 12 14.64 65.36 -18.55
CA GLN F 12 13.85 65.24 -17.31
C GLN F 12 13.26 63.88 -17.06
N PHE F 13 13.07 63.52 -15.81
CA PHE F 13 12.45 62.24 -15.48
C PHE F 13 10.97 62.35 -15.35
N LEU F 14 10.28 62.61 -16.44
CA LEU F 14 8.83 62.58 -16.35
C LEU F 14 8.43 61.30 -15.65
N THR F 15 7.47 61.37 -14.75
CA THR F 15 7.08 60.22 -13.96
C THR F 15 6.31 59.20 -14.78
N THR F 16 5.44 59.65 -15.66
CA THR F 16 4.56 58.76 -16.40
C THR F 16 4.93 58.63 -17.86
N ASP F 17 6.23 58.57 -18.15
CA ASP F 17 6.68 58.39 -19.53
C ASP F 17 7.20 57.00 -19.75
N ASP F 18 6.90 56.43 -20.91
CA ASP F 18 7.38 55.11 -21.28
C ASP F 18 8.62 55.23 -22.12
N GLY F 19 9.27 54.10 -22.39
CA GLY F 19 10.43 54.10 -23.24
C GLY F 19 11.27 52.87 -23.03
N VAL F 20 12.19 52.61 -23.95
CA VAL F 20 13.06 51.47 -23.84
C VAL F 20 14.22 51.83 -22.93
N SER F 21 14.43 51.05 -21.88
CA SER F 21 15.53 51.28 -20.96
C SER F 21 16.50 50.12 -21.05
N ALA F 22 17.76 50.37 -20.75
CA ALA F 22 18.79 49.36 -20.92
C ALA F 22 18.66 48.23 -19.91
N PRO F 23 18.66 46.97 -20.37
CA PRO F 23 18.47 45.88 -19.43
C PRO F 23 19.69 45.61 -18.57
N ILE F 24 19.49 45.22 -17.33
CA ILE F 24 20.58 44.99 -16.39
C ILE F 24 21.24 43.64 -16.56
N LEU F 25 20.58 42.68 -17.20
CA LEU F 25 21.14 41.34 -17.41
C LEU F 25 20.81 40.87 -18.81
N PRO F 26 21.63 41.25 -19.79
CA PRO F 26 21.28 40.92 -21.18
C PRO F 26 21.38 39.46 -21.52
N GLY F 27 22.22 38.73 -20.80
CA GLY F 27 22.39 37.31 -21.03
C GLY F 27 21.31 36.46 -20.39
N PHE F 28 20.44 37.07 -19.58
CA PHE F 28 19.43 36.32 -18.87
C PHE F 28 18.27 35.95 -19.77
N HIS F 29 17.86 34.68 -19.74
CA HIS F 29 16.70 34.23 -20.50
C HIS F 29 15.68 33.78 -19.47
N PRO F 30 14.59 34.52 -19.29
CA PRO F 30 13.65 34.19 -18.22
C PRO F 30 12.81 32.97 -18.47
N THR F 31 12.06 32.55 -17.45
CA THR F 31 11.26 31.36 -17.54
C THR F 31 10.08 31.56 -18.49
N PRO F 32 9.85 30.63 -19.42
CA PRO F 32 8.75 30.79 -20.35
C PRO F 32 7.43 30.56 -19.65
N PRO F 33 6.36 31.21 -20.09
CA PRO F 33 5.10 31.09 -19.36
C PRO F 33 4.39 29.77 -19.48
N ILE F 34 3.48 29.50 -18.55
CA ILE F 34 2.69 28.27 -18.55
C ILE F 34 1.25 28.72 -18.40
N HIS F 35 0.34 28.05 -19.09
CA HIS F 35 -1.07 28.42 -19.04
C HIS F 35 -1.63 28.06 -17.68
N ILE F 36 -2.01 29.05 -16.90
CA ILE F 36 -2.65 28.82 -15.60
C ILE F 36 -4.02 29.40 -15.74
N PRO F 37 -5.04 28.77 -15.16
CA PRO F 37 -6.39 29.26 -15.44
C PRO F 37 -6.79 30.52 -14.75
N GLY F 38 -7.66 31.29 -15.39
CA GLY F 38 -8.21 32.47 -14.77
C GLY F 38 -7.57 33.80 -15.07
N GLU F 39 -7.01 33.96 -16.24
CA GLU F 39 -6.34 35.20 -16.58
C GLU F 39 -7.32 36.33 -16.80
N VAL F 40 -7.04 37.50 -16.23
CA VAL F 40 -7.95 38.63 -16.32
C VAL F 40 -7.27 39.71 -17.12
N HIS F 41 -7.96 40.26 -18.10
CA HIS F 41 -7.39 41.29 -18.96
C HIS F 41 -7.88 42.67 -18.59
N ASN F 42 -9.18 42.83 -18.37
CA ASN F 42 -9.75 44.13 -18.02
C ASN F 42 -10.31 44.10 -16.62
N LEU F 43 -10.37 45.24 -15.95
CA LEU F 43 -10.89 45.27 -14.61
C LEU F 43 -12.39 45.24 -14.56
N LEU F 44 -13.06 45.26 -15.71
CA LEU F 44 -14.51 45.20 -15.75
C LEU F 44 -15.06 43.79 -15.68
N GLU F 45 -14.20 42.79 -15.65
CA GLU F 45 -14.66 41.43 -15.43
C GLU F 45 -14.90 41.34 -13.93
N ILE F 46 -14.17 42.10 -13.14
CA ILE F 46 -14.32 42.06 -11.70
C ILE F 46 -15.59 42.79 -11.25
N CYS F 47 -15.98 43.83 -11.96
CA CYS F 47 -17.15 44.63 -11.58
C CYS F 47 -18.45 44.10 -12.18
N ARG F 48 -18.51 42.83 -12.55
CA ARG F 48 -19.74 42.25 -13.08
C ARG F 48 -20.17 41.02 -12.32
N VAL F 49 -19.70 40.87 -11.09
CA VAL F 49 -20.11 39.75 -10.25
C VAL F 49 -20.90 40.28 -9.08
N GLU F 50 -21.86 39.52 -8.61
CA GLU F 50 -22.75 39.99 -7.56
C GLU F 50 -22.09 39.88 -6.22
N THR F 51 -22.08 40.94 -5.44
CA THR F 51 -21.48 40.94 -4.11
C THR F 51 -22.48 41.42 -3.09
N ILE F 52 -22.26 41.09 -1.82
CA ILE F 52 -23.23 41.39 -0.78
C ILE F 52 -23.25 42.85 -0.43
N LEU F 53 -24.44 43.42 -0.33
CA LEU F 53 -24.56 44.80 0.13
C LEU F 53 -24.69 44.80 1.63
N GLU F 54 -24.53 45.95 2.26
CA GLU F 54 -24.68 46.08 3.71
C GLU F 54 -25.77 47.09 3.95
N VAL F 55 -27.00 46.66 3.87
CA VAL F 55 -28.13 47.57 4.01
C VAL F 55 -28.41 47.82 5.47
N ASN F 56 -28.18 46.82 6.32
CA ASN F 56 -28.46 46.96 7.76
C ASN F 56 -27.22 47.43 8.49
N ASN F 57 -26.73 48.60 8.11
CA ASN F 57 -25.52 49.16 8.73
C ASN F 57 -25.91 50.10 9.84
N LEU F 58 -26.54 49.54 10.86
CA LEU F 58 -26.98 50.35 11.99
C LEU F 58 -25.82 50.71 12.90
N LYS F 59 -26.07 51.60 13.85
CA LYS F 59 -25.05 52.01 14.80
C LYS F 59 -24.80 50.96 15.88
N THR F 60 -25.69 49.98 16.02
CA THR F 60 -25.54 48.95 17.04
C THR F 60 -25.01 47.64 16.48
N ASN F 61 -24.15 47.71 15.47
CA ASN F 61 -23.59 46.52 14.86
C ASN F 61 -22.09 46.47 14.76
N GLU F 62 -21.38 47.46 15.30
CA GLU F 62 -19.92 47.39 15.32
C GLU F 62 -19.39 46.33 16.26
N THR F 63 -20.20 45.92 17.23
CA THR F 63 -19.77 44.88 18.16
C THR F 63 -19.80 43.52 17.48
N THR F 64 -20.94 43.14 16.90
CA THR F 64 -21.05 41.86 16.20
C THR F 64 -21.41 42.16 14.75
N PRO F 65 -20.40 42.28 13.87
CA PRO F 65 -20.68 42.70 12.49
C PRO F 65 -21.24 41.66 11.54
N MET F 66 -21.48 40.44 11.99
CA MET F 66 -22.07 39.44 11.10
C MET F 66 -23.53 39.68 10.82
N GLN F 67 -24.21 40.45 11.64
CA GLN F 67 -25.63 40.75 11.44
C GLN F 67 -25.81 41.87 10.43
N ARG F 68 -24.72 42.47 9.97
CA ARG F 68 -24.79 43.63 9.10
C ARG F 68 -25.12 43.28 7.66
N LEU F 69 -25.15 41.99 7.32
CA LEU F 69 -25.34 41.58 5.93
C LEU F 69 -26.75 41.32 5.47
N CYS F 70 -27.72 41.29 6.37
CA CYS F 70 -29.09 41.02 5.99
C CYS F 70 -30.07 41.79 6.83
N PHE F 71 -31.17 42.22 6.23
CA PHE F 71 -32.16 43.02 6.94
C PHE F 71 -33.43 42.22 7.12
N PRO F 72 -34.06 42.32 8.30
CA PRO F 72 -35.18 41.42 8.57
C PRO F 72 -36.57 41.81 8.17
N VAL F 73 -37.47 40.83 8.11
CA VAL F 73 -38.89 41.08 7.89
C VAL F 73 -39.54 40.27 8.99
N SER F 74 -40.74 40.69 9.42
CA SER F 74 -41.38 40.03 10.55
C SER F 74 -42.88 40.10 10.46
N VAL F 75 -43.55 39.46 11.41
CA VAL F 75 -45.01 39.48 11.46
C VAL F 75 -45.55 40.61 12.31
N GLN F 76 -44.69 41.34 13.00
CA GLN F 76 -45.11 42.42 13.88
C GLN F 76 -45.25 43.73 13.12
N SER F 77 -45.12 43.69 11.79
CA SER F 77 -45.21 44.90 10.98
C SER F 77 -46.54 44.95 10.27
N LYS F 78 -47.17 46.12 10.27
CA LYS F 78 -48.44 46.28 9.61
C LYS F 78 -48.24 46.39 8.11
N THR F 79 -49.31 46.25 7.36
CA THR F 79 -49.20 46.28 5.91
C THR F 79 -49.05 47.71 5.46
N GLY F 80 -48.26 47.94 4.42
CA GLY F 80 -48.03 49.28 3.95
C GLY F 80 -47.18 50.16 4.85
N GLU F 81 -46.01 49.69 5.29
CA GLU F 81 -45.09 50.55 6.05
C GLU F 81 -43.72 50.35 5.47
N LEU F 82 -42.91 51.39 5.42
CA LEU F 82 -41.63 51.26 4.79
C LEU F 82 -40.74 50.41 5.65
N CYS F 83 -40.03 49.48 5.04
CA CYS F 83 -39.18 48.58 5.78
C CYS F 83 -37.75 49.01 5.81
N ALA F 84 -37.19 49.39 4.67
CA ALA F 84 -35.80 49.86 4.60
C ALA F 84 -35.52 50.61 3.31
N ALA F 85 -34.45 51.38 3.24
CA ALA F 85 -34.18 52.17 2.05
C ALA F 85 -32.75 52.60 1.93
N PHE F 86 -32.29 52.92 0.73
CA PHE F 86 -30.91 53.29 0.54
C PHE F 86 -30.73 53.94 -0.81
N ARG F 87 -29.68 54.75 -0.93
CA ARG F 87 -29.48 55.51 -2.14
C ARG F 87 -28.70 54.62 -3.06
N ALA F 88 -28.54 55.04 -4.31
CA ALA F 88 -27.82 54.25 -5.29
C ALA F 88 -26.69 55.06 -5.90
N ASP F 89 -25.55 55.10 -5.22
CA ASP F 89 -24.35 55.73 -5.78
C ASP F 89 -23.14 55.00 -5.20
N PRO F 90 -22.38 54.30 -6.03
CA PRO F 90 -21.28 53.49 -5.49
C PRO F 90 -20.06 54.26 -5.00
N GLY F 91 -20.04 55.57 -5.14
CA GLY F 91 -18.86 56.32 -4.75
C GLY F 91 -18.89 56.81 -3.34
N ARG F 92 -20.07 57.12 -2.84
CA ARG F 92 -20.18 57.74 -1.53
C ARG F 92 -20.10 56.68 -0.46
N ASP F 93 -20.34 57.06 0.78
CA ASP F 93 -20.29 56.12 1.89
C ASP F 93 -21.63 55.39 2.02
N GLY F 94 -21.81 54.63 3.07
CA GLY F 94 -23.05 53.93 3.27
C GLY F 94 -22.95 52.49 2.81
N PRO F 95 -24.02 51.94 2.28
CA PRO F 95 -23.99 50.51 1.97
C PRO F 95 -23.09 50.11 0.83
N TRP F 96 -22.80 51.02 -0.08
CA TRP F 96 -22.03 50.63 -1.26
C TRP F 96 -20.55 50.51 -1.00
N GLN F 97 -20.09 50.77 0.20
CA GLN F 97 -18.67 50.58 0.51
C GLN F 97 -18.30 49.12 0.61
N SER F 98 -19.27 48.25 0.83
CA SER F 98 -18.98 46.85 1.10
C SER F 98 -18.90 45.96 -0.10
N THR F 99 -19.20 46.47 -1.27
CA THR F 99 -19.21 45.65 -2.48
C THR F 99 -17.92 45.84 -3.27
N ILE F 100 -17.69 44.97 -4.24
CA ILE F 100 -16.50 45.06 -5.06
C ILE F 100 -16.58 46.21 -6.03
N LEU F 101 -17.78 46.66 -6.35
CA LEU F 101 -17.92 47.80 -7.23
C LEU F 101 -17.56 49.09 -6.53
N GLY F 102 -17.93 49.21 -5.27
CA GLY F 102 -17.67 50.44 -4.55
C GLY F 102 -16.25 50.59 -4.08
N GLN F 103 -15.45 49.54 -4.16
CA GLN F 103 -14.06 49.63 -3.78
C GLN F 103 -13.21 49.94 -4.98
N LEU F 104 -13.59 49.45 -6.15
CA LEU F 104 -12.86 49.78 -7.38
C LEU F 104 -13.28 51.11 -7.96
N CYS F 105 -14.33 51.72 -7.41
CA CYS F 105 -14.71 53.06 -7.83
C CYS F 105 -14.04 54.10 -6.97
N ARG F 106 -13.23 53.69 -6.00
CA ARG F 106 -12.44 54.65 -5.24
C ARG F 106 -11.12 54.87 -5.97
N TYR F 107 -10.77 53.99 -6.90
CA TYR F 107 -9.55 54.13 -7.67
C TYR F 107 -9.73 54.91 -8.95
N TYR F 108 -10.91 55.49 -9.17
CA TYR F 108 -11.16 56.29 -10.36
C TYR F 108 -11.93 57.54 -10.02
N THR F 109 -12.06 58.45 -10.98
CA THR F 109 -12.70 59.73 -10.72
C THR F 109 -14.11 59.83 -11.25
N GLN F 110 -14.32 59.47 -12.51
CA GLN F 110 -15.65 59.58 -13.12
C GLN F 110 -16.11 58.22 -13.56
N TRP F 111 -17.38 57.89 -13.30
CA TRP F 111 -17.95 56.64 -13.76
C TRP F 111 -19.34 56.90 -14.29
N SER F 112 -19.85 55.99 -15.11
CA SER F 112 -21.18 56.09 -15.65
C SER F 112 -21.65 54.71 -16.06
N GLY F 113 -22.93 54.58 -16.39
CA GLY F 113 -23.48 53.31 -16.83
C GLY F 113 -24.66 52.87 -16.00
N SER F 114 -25.08 51.62 -16.18
CA SER F 114 -26.25 51.11 -15.51
C SER F 114 -25.87 50.02 -14.54
N LEU F 115 -26.72 49.83 -13.53
CA LEU F 115 -26.44 48.87 -12.47
C LEU F 115 -27.56 47.87 -12.37
N GLU F 116 -27.41 46.88 -11.49
CA GLU F 116 -28.50 45.95 -11.22
C GLU F 116 -28.39 45.49 -9.79
N VAL F 117 -29.53 45.35 -9.12
CA VAL F 117 -29.57 44.96 -7.73
C VAL F 117 -30.52 43.79 -7.63
N THR F 118 -30.05 42.68 -7.07
CA THR F 118 -30.89 41.52 -6.87
C THR F 118 -31.03 41.22 -5.41
N PHE F 119 -32.19 40.69 -5.02
CA PHE F 119 -32.46 40.33 -3.65
C PHE F 119 -32.65 38.81 -3.58
N MET F 120 -32.62 38.25 -2.39
CA MET F 120 -32.77 36.82 -2.23
C MET F 120 -33.44 36.55 -0.90
N PHE F 121 -34.61 35.92 -0.95
CA PHE F 121 -35.32 35.59 0.28
C PHE F 121 -34.66 34.40 0.93
N ALA F 122 -34.72 34.33 2.25
CA ALA F 122 -34.06 33.25 2.98
C ALA F 122 -34.92 32.67 4.07
N GLY F 123 -36.23 32.77 3.95
CA GLY F 123 -37.11 32.27 4.99
C GLY F 123 -37.45 30.82 4.75
N SER F 124 -38.43 30.31 5.47
CA SER F 124 -38.81 28.92 5.32
C SER F 124 -39.61 28.68 4.07
N PHE F 125 -39.92 27.44 3.77
CA PHE F 125 -40.64 27.10 2.56
C PHE F 125 -42.11 27.45 2.65
N MET F 126 -42.64 27.55 3.87
CA MET F 126 -44.07 27.77 4.03
C MET F 126 -44.50 29.22 4.12
N ALA F 127 -43.55 30.15 4.03
CA ALA F 127 -43.89 31.57 4.12
C ALA F 127 -44.45 32.08 2.80
N THR F 128 -45.35 33.04 2.88
CA THR F 128 -45.94 33.63 1.70
C THR F 128 -46.20 35.10 1.96
N GLY F 129 -46.17 35.91 0.92
CA GLY F 129 -46.42 37.33 1.04
C GLY F 129 -45.86 38.07 -0.14
N LYS F 130 -46.09 39.38 -0.17
CA LYS F 130 -45.61 40.19 -1.25
C LYS F 130 -44.91 41.41 -0.75
N MET F 131 -43.91 41.89 -1.47
CA MET F 131 -43.21 43.13 -1.15
C MET F 131 -43.05 43.90 -2.44
N LEU F 132 -42.96 45.23 -2.33
CA LEU F 132 -42.89 46.10 -3.49
C LEU F 132 -41.55 46.81 -3.53
N ILE F 133 -40.78 46.60 -4.59
CA ILE F 133 -39.46 47.20 -4.72
C ILE F 133 -39.64 48.40 -5.61
N ALA F 134 -39.49 49.60 -5.05
CA ALA F 134 -39.74 50.84 -5.78
C ALA F 134 -38.49 51.67 -5.91
N TYR F 135 -38.27 52.25 -7.10
CA TYR F 135 -37.08 53.04 -7.37
C TYR F 135 -37.49 54.41 -7.87
N THR F 136 -36.95 55.46 -7.27
CA THR F 136 -37.27 56.79 -7.74
C THR F 136 -36.09 57.36 -8.52
N PRO F 137 -36.35 58.10 -9.59
CA PRO F 137 -35.25 58.63 -10.40
C PRO F 137 -34.55 59.77 -9.65
N PRO F 138 -33.33 60.12 -10.06
CA PRO F 138 -32.64 61.21 -9.40
C PRO F 138 -33.29 62.55 -9.62
N GLY F 139 -33.23 63.40 -8.61
CA GLY F 139 -33.86 64.70 -8.72
C GLY F 139 -35.36 64.63 -8.55
N GLY F 140 -35.85 63.60 -7.88
CA GLY F 140 -37.28 63.47 -7.61
C GLY F 140 -37.53 63.67 -6.13
N ASN F 141 -38.28 62.76 -5.51
CA ASN F 141 -38.49 62.81 -4.07
C ASN F 141 -38.80 61.42 -3.55
N VAL F 142 -38.44 61.17 -2.29
CA VAL F 142 -38.76 59.89 -1.67
C VAL F 142 -40.30 59.83 -1.50
N PRO F 143 -40.92 58.67 -1.76
CA PRO F 143 -42.37 58.59 -1.56
C PRO F 143 -42.78 58.69 -0.12
N ALA F 144 -44.00 59.19 0.11
CA ALA F 144 -44.52 59.33 1.47
C ALA F 144 -45.24 58.08 1.94
N ASP F 145 -45.97 57.42 1.05
CA ASP F 145 -46.65 56.16 1.38
C ASP F 145 -46.57 55.24 0.18
N ARG F 146 -47.31 54.14 0.23
CA ARG F 146 -47.20 53.14 -0.83
C ARG F 146 -47.87 53.54 -2.13
N ILE F 147 -48.97 54.25 -2.05
CA ILE F 147 -49.75 54.53 -3.25
C ILE F 147 -49.09 55.53 -4.17
N THR F 148 -48.19 56.33 -3.65
CA THR F 148 -47.42 57.20 -4.53
C THR F 148 -46.15 56.53 -5.01
N ALA F 149 -45.79 55.40 -4.42
CA ALA F 149 -44.58 54.67 -4.82
C ALA F 149 -44.84 53.74 -5.98
N MET F 150 -46.04 53.19 -6.07
CA MET F 150 -46.39 52.25 -7.14
C MET F 150 -46.51 52.94 -8.48
N LEU F 151 -46.70 54.26 -8.48
CA LEU F 151 -46.88 55.01 -9.72
C LEU F 151 -45.60 55.12 -10.51
N GLY F 152 -44.46 54.98 -9.83
CA GLY F 152 -43.17 54.99 -10.51
C GLY F 152 -42.76 53.61 -10.95
N THR F 153 -41.48 53.46 -11.29
CA THR F 153 -40.97 52.17 -11.69
C THR F 153 -40.87 51.23 -10.52
N HIS F 154 -41.45 50.05 -10.64
CA HIS F 154 -41.47 49.11 -9.53
C HIS F 154 -41.73 47.70 -9.99
N VAL F 155 -41.36 46.73 -9.16
CA VAL F 155 -41.68 45.33 -9.42
C VAL F 155 -42.40 44.86 -8.17
N ILE F 156 -43.17 43.78 -8.28
CA ILE F 156 -43.91 43.24 -7.14
C ILE F 156 -43.34 41.87 -6.87
N TRP F 157 -42.50 41.77 -5.85
CA TRP F 157 -41.84 40.53 -5.52
C TRP F 157 -42.74 39.69 -4.69
N ASP F 158 -42.94 38.44 -5.12
CA ASP F 158 -43.75 37.48 -4.37
C ASP F 158 -42.83 36.33 -4.02
N PHE F 159 -42.59 36.15 -2.73
CA PHE F 159 -41.64 35.14 -2.27
C PHE F 159 -42.31 33.84 -1.95
N GLY F 160 -43.46 33.57 -2.57
CA GLY F 160 -44.09 32.27 -2.45
C GLY F 160 -43.91 31.54 -3.77
N LEU F 161 -43.45 32.25 -4.79
CA LEU F 161 -43.27 31.67 -6.12
C LEU F 161 -41.81 31.62 -6.52
N GLN F 162 -41.10 32.73 -6.44
CA GLN F 162 -39.66 32.72 -6.70
C GLN F 162 -38.96 33.30 -5.52
N SER F 163 -37.67 32.96 -5.37
CA SER F 163 -36.92 33.39 -4.21
C SER F 163 -35.91 34.48 -4.51
N SER F 164 -35.84 34.93 -5.76
CA SER F 164 -34.88 35.96 -6.12
C SER F 164 -35.43 36.80 -7.25
N VAL F 165 -35.39 38.11 -7.11
CA VAL F 165 -35.88 39.01 -8.13
C VAL F 165 -34.80 40.03 -8.43
N THR F 166 -34.82 40.57 -9.64
CA THR F 166 -33.80 41.50 -10.07
C THR F 166 -34.39 42.85 -10.42
N LEU F 167 -33.72 43.92 -10.01
CA LEU F 167 -34.16 45.28 -10.34
C LEU F 167 -33.00 45.99 -10.99
N VAL F 168 -33.24 46.60 -12.14
CA VAL F 168 -32.18 47.24 -12.92
C VAL F 168 -32.30 48.74 -12.79
N VAL F 169 -31.18 49.40 -12.52
CA VAL F 169 -31.15 50.86 -12.39
C VAL F 169 -30.76 51.39 -13.76
N PRO F 170 -31.52 52.32 -14.33
CA PRO F 170 -31.25 52.76 -15.70
C PRO F 170 -29.94 53.49 -15.98
N TRP F 171 -29.59 54.51 -15.19
CA TRP F 171 -28.40 55.29 -15.45
C TRP F 171 -27.92 56.07 -14.25
N ILE F 172 -26.62 56.01 -13.96
CA ILE F 172 -26.02 56.84 -12.93
C ILE F 172 -24.82 57.52 -13.60
N SER F 173 -24.38 58.64 -13.03
CA SER F 173 -23.24 59.38 -13.57
C SER F 173 -22.64 60.26 -12.48
N ASN F 174 -21.78 61.19 -12.85
CA ASN F 174 -21.21 62.13 -11.90
C ASN F 174 -21.31 63.55 -12.45
N THR F 190 -27.37 64.13 -5.23
CA THR F 190 -28.66 63.83 -5.80
C THR F 190 -28.58 62.60 -6.69
N THR F 191 -29.18 61.50 -6.24
CA THR F 191 -29.18 60.26 -6.99
C THR F 191 -30.46 59.52 -6.69
N GLY F 192 -30.59 58.31 -7.20
CA GLY F 192 -31.79 57.54 -6.98
C GLY F 192 -31.96 57.05 -5.56
N ILE F 193 -33.19 56.66 -5.21
CA ILE F 193 -33.47 56.10 -3.90
C ILE F 193 -34.29 54.83 -4.14
N ILE F 194 -33.84 53.71 -3.59
CA ILE F 194 -34.54 52.44 -3.74
C ILE F 194 -35.25 52.17 -2.42
N THR F 195 -36.54 51.82 -2.50
CA THR F 195 -37.33 51.58 -1.31
C THR F 195 -37.94 50.19 -1.36
N ILE F 196 -38.09 49.56 -0.19
CA ILE F 196 -38.66 48.21 -0.10
C ILE F 196 -39.94 48.36 0.71
N TRP F 197 -41.09 48.35 0.05
CA TRP F 197 -42.37 48.52 0.72
C TRP F 197 -43.04 47.18 1.01
N TYR F 198 -43.82 47.13 2.10
CA TYR F 198 -44.60 45.96 2.42
C TYR F 198 -45.88 46.02 1.61
N GLN F 199 -46.23 44.96 0.91
CA GLN F 199 -47.48 44.91 0.16
C GLN F 199 -48.49 44.14 0.97
N THR F 200 -48.14 42.97 1.47
CA THR F 200 -49.01 42.19 2.35
C THR F 200 -48.21 41.84 3.59
N ASN F 201 -48.88 41.44 4.64
CA ASN F 201 -48.18 41.04 5.85
C ASN F 201 -47.57 39.67 5.70
N TYR F 202 -46.67 39.31 6.60
CA TYR F 202 -45.97 38.03 6.53
C TYR F 202 -46.87 36.92 7.01
N VAL F 203 -47.01 35.86 6.21
CA VAL F 203 -47.94 34.77 6.53
C VAL F 203 -47.19 33.49 6.78
N VAL F 204 -47.40 32.86 7.94
CA VAL F 204 -46.70 31.63 8.28
C VAL F 204 -47.63 30.65 8.91
N PRO F 205 -47.36 29.35 8.75
CA PRO F 205 -48.17 28.37 9.45
C PRO F 205 -47.66 28.10 10.83
N ILE F 206 -48.37 27.27 11.60
CA ILE F 206 -47.94 26.95 12.96
C ILE F 206 -46.71 26.07 12.86
N GLY F 207 -45.66 26.39 13.62
CA GLY F 207 -44.43 25.62 13.59
C GLY F 207 -43.34 26.27 12.78
N ALA F 208 -43.71 27.14 11.85
CA ALA F 208 -42.71 27.87 11.08
C ALA F 208 -42.09 28.93 11.92
N PRO F 209 -40.92 29.39 11.53
CA PRO F 209 -40.38 30.48 12.31
C PRO F 209 -41.11 31.79 12.10
N THR F 210 -40.80 32.78 12.92
CA THR F 210 -41.49 34.07 12.87
C THR F 210 -40.85 35.09 11.95
N THR F 211 -39.55 35.31 12.08
CA THR F 211 -38.87 36.33 11.29
C THR F 211 -38.04 35.72 10.19
N ALA F 212 -37.77 36.48 9.16
CA ALA F 212 -36.93 36.02 8.06
C ALA F 212 -36.06 37.17 7.62
N TYR F 213 -34.99 36.86 6.88
CA TYR F 213 -34.05 37.86 6.44
C TYR F 213 -33.97 37.90 4.92
N ILE F 214 -33.57 39.04 4.38
CA ILE F 214 -33.43 39.21 2.94
C ILE F 214 -32.00 39.71 2.71
N VAL F 215 -31.25 38.97 1.90
CA VAL F 215 -29.89 39.35 1.59
C VAL F 215 -29.90 40.02 0.23
N ALA F 216 -29.15 41.10 0.09
CA ALA F 216 -29.13 41.88 -1.15
C ALA F 216 -27.83 41.67 -1.90
N LEU F 217 -27.88 41.87 -3.21
CA LEU F 217 -26.71 41.72 -4.05
C LEU F 217 -26.69 42.85 -5.07
N ALA F 218 -25.51 43.16 -5.57
CA ALA F 218 -25.37 44.26 -6.51
C ALA F 218 -24.18 44.09 -7.41
N ALA F 219 -24.34 44.42 -8.68
CA ALA F 219 -23.25 44.39 -9.65
C ALA F 219 -23.59 45.38 -10.74
N ALA F 220 -22.72 45.49 -11.73
CA ALA F 220 -22.91 46.42 -12.82
C ALA F 220 -23.30 45.72 -14.11
N GLN F 221 -23.77 46.50 -15.07
CA GLN F 221 -24.15 45.98 -16.37
C GLN F 221 -22.93 46.01 -17.29
N ASP F 222 -23.13 45.77 -18.57
CA ASP F 222 -22.03 45.80 -19.53
C ASP F 222 -21.49 47.17 -19.86
N ASN F 223 -22.33 48.19 -19.76
CA ASN F 223 -21.96 49.54 -20.19
C ASN F 223 -21.42 50.41 -19.07
N PHE F 224 -20.84 49.80 -18.04
CA PHE F 224 -20.25 50.56 -16.95
C PHE F 224 -18.78 50.80 -17.24
N THR F 225 -18.34 52.05 -17.28
CA THR F 225 -16.92 52.38 -17.51
C THR F 225 -16.42 53.42 -16.54
N MET F 226 -15.12 53.51 -16.37
CA MET F 226 -14.55 54.44 -15.43
C MET F 226 -13.52 55.10 -16.27
N LYS F 227 -13.20 56.37 -16.06
CA LYS F 227 -12.28 57.08 -16.95
C LYS F 227 -11.08 57.92 -16.48
N LEU F 228 -10.65 57.88 -15.23
CA LEU F 228 -9.40 58.60 -14.85
C LEU F 228 -8.81 58.01 -13.61
N CYS F 229 -7.49 57.80 -13.58
CA CYS F 229 -6.86 57.15 -12.45
C CYS F 229 -6.52 58.08 -11.29
N LYS F 230 -6.73 57.63 -10.06
CA LYS F 230 -6.37 58.42 -8.89
C LYS F 230 -6.24 57.45 -7.78
N ASP F 231 -5.52 57.82 -6.74
CA ASP F 231 -5.37 56.95 -5.60
C ASP F 231 -6.43 57.20 -4.58
N THR F 232 -6.61 56.24 -3.68
CA THR F 232 -7.65 56.32 -2.67
C THR F 232 -7.30 57.27 -1.54
N VAL G 2 1.77 13.02 39.41
CA VAL G 2 2.11 13.03 37.99
C VAL G 2 3.60 12.91 37.86
N GLN G 3 4.07 11.80 37.30
CA GLN G 3 5.50 11.64 37.07
C GLN G 3 5.78 10.87 35.78
N LEU G 4 6.92 11.13 35.17
CA LEU G 4 7.30 10.40 33.96
C LEU G 4 8.37 9.40 34.31
N VAL G 5 7.97 8.12 34.33
CA VAL G 5 8.94 7.06 34.61
C VAL G 5 9.43 6.55 33.30
N GLN G 6 10.63 6.04 33.27
CA GLN G 6 11.27 5.63 32.03
C GLN G 6 11.88 4.24 32.11
N SER G 7 12.54 3.80 31.05
CA SER G 7 13.15 2.49 31.02
C SER G 7 14.48 2.45 31.72
N GLY G 8 15.12 1.28 31.73
CA GLY G 8 16.43 1.13 32.34
C GLY G 8 17.56 1.41 31.40
N ALA G 9 18.79 1.27 31.90
CA ALA G 9 19.96 1.54 31.08
C ALA G 9 20.21 0.44 30.07
N GLU G 10 21.01 0.73 29.05
CA GLU G 10 21.33 -0.25 28.03
C GLU G 10 22.80 -0.18 27.64
N VAL G 11 23.37 -1.34 27.31
CA VAL G 11 24.76 -1.42 26.85
C VAL G 11 24.71 -1.96 25.44
N LYS G 12 25.27 -1.23 24.47
CA LYS G 12 25.16 -1.61 23.07
C LYS G 12 26.47 -1.52 22.34
N LYS G 13 26.48 -1.83 21.03
CA LYS G 13 27.66 -1.73 20.18
C LYS G 13 27.45 -0.67 19.11
N PRO G 14 28.55 -0.15 18.53
CA PRO G 14 28.39 0.92 17.54
C PRO G 14 27.69 0.46 16.28
N GLY G 15 26.84 1.33 15.72
CA GLY G 15 26.05 0.98 14.53
C GLY G 15 24.68 0.43 14.84
N ALA G 16 24.36 0.25 16.13
CA ALA G 16 23.07 -0.33 16.51
C ALA G 16 21.99 0.72 16.57
N SER G 17 20.78 0.36 16.99
CA SER G 17 19.69 1.31 17.13
C SER G 17 18.90 0.97 18.37
N VAL G 18 18.71 1.92 19.27
CA VAL G 18 17.97 1.71 20.51
C VAL G 18 16.74 2.57 20.53
N LYS G 19 15.83 2.30 21.47
CA LYS G 19 14.69 3.17 21.66
C LYS G 19 14.33 3.24 23.13
N VAL G 20 14.41 4.43 23.72
CA VAL G 20 14.03 4.61 25.12
C VAL G 20 12.54 4.85 25.18
N SER G 21 11.95 4.71 26.36
CA SER G 21 10.51 4.87 26.53
C SER G 21 10.20 5.88 27.62
N CYS G 22 9.03 6.50 27.54
CA CYS G 22 8.61 7.51 28.51
C CYS G 22 7.16 7.29 28.85
N LYS G 23 6.89 6.87 30.08
CA LYS G 23 5.53 6.62 30.53
C LYS G 23 4.84 7.89 30.93
N ALA G 24 3.56 7.98 30.63
CA ALA G 24 2.79 9.13 31.07
C ALA G 24 2.05 8.61 32.27
N SER G 25 1.52 9.51 33.09
CA SER G 25 0.79 9.11 34.28
C SER G 25 -0.14 10.24 34.68
N GLY G 26 -1.42 9.94 34.84
CA GLY G 26 -2.41 10.93 35.20
C GLY G 26 -2.85 11.88 34.13
N PHE G 27 -1.95 12.73 33.65
CA PHE G 27 -2.30 13.66 32.58
C PHE G 27 -2.44 12.97 31.24
N ASN G 28 -3.28 13.51 30.38
CA ASN G 28 -3.52 12.89 29.08
C ASN G 28 -2.37 13.12 28.17
N ILE G 29 -2.05 12.14 27.35
CA ILE G 29 -0.87 12.21 26.48
C ILE G 29 -1.02 13.08 25.25
N LYS G 30 -2.26 13.31 24.79
CA LYS G 30 -2.49 14.06 23.55
C LYS G 30 -2.55 15.58 23.72
N ASP G 31 -2.22 16.10 24.89
CA ASP G 31 -2.33 17.54 25.11
C ASP G 31 -1.04 18.29 25.07
N PHE G 32 -0.02 17.85 25.78
CA PHE G 32 1.21 18.61 25.84
C PHE G 32 2.25 18.12 24.86
N TYR G 33 3.18 19.00 24.53
CA TYR G 33 4.29 18.60 23.70
C TYR G 33 5.19 17.78 24.60
N ILE G 34 5.95 16.84 24.03
CA ILE G 34 6.89 16.05 24.80
C ILE G 34 8.27 16.29 24.22
N HIS G 35 9.08 17.06 24.92
CA HIS G 35 10.42 17.38 24.45
C HIS G 35 11.39 16.26 24.81
N TRP G 36 12.57 16.24 24.22
CA TRP G 36 13.59 15.27 24.61
C TRP G 36 14.95 15.96 24.69
N VAL G 37 15.71 15.83 25.78
CA VAL G 37 16.97 16.54 25.98
C VAL G 37 18.09 15.56 26.21
N ARG G 38 19.35 15.96 26.18
CA ARG G 38 20.46 15.00 26.33
C ARG G 38 21.52 15.59 27.17
N GLN G 39 22.35 14.78 27.81
CA GLN G 39 23.48 15.34 28.54
C GLN G 39 24.65 14.43 28.33
N ARG G 40 25.64 14.87 27.59
CA ARG G 40 26.83 14.06 27.44
C ARG G 40 27.49 14.15 28.79
N PRO G 41 28.19 13.09 29.21
CA PRO G 41 28.83 13.27 30.50
C PRO G 41 29.81 14.42 30.42
N GLY G 42 29.86 15.22 31.46
CA GLY G 42 30.76 16.35 31.50
C GLY G 42 30.51 17.36 30.42
N GLN G 43 29.26 17.55 30.06
CA GLN G 43 28.90 18.58 29.09
C GLN G 43 27.53 19.12 29.43
N GLY G 44 27.23 20.33 28.97
CA GLY G 44 25.96 20.96 29.27
C GLY G 44 24.78 20.39 28.53
N LEU G 45 23.60 20.55 29.10
CA LEU G 45 22.39 20.06 28.47
C LEU G 45 22.22 20.38 26.99
N GLU G 46 21.71 19.44 26.19
CA GLU G 46 21.47 19.61 24.77
C GLU G 46 20.00 19.40 24.50
N TRP G 47 19.60 19.58 23.24
CA TRP G 47 18.20 19.42 22.86
C TRP G 47 18.10 18.66 21.55
N ILE G 48 17.12 17.75 21.46
CA ILE G 48 16.93 16.96 20.25
C ILE G 48 15.68 17.43 19.50
N GLY G 49 14.52 17.32 20.10
CA GLY G 49 13.29 17.69 19.43
C GLY G 49 12.03 17.32 20.19
N TRP G 50 10.93 18.02 19.89
CA TRP G 50 9.67 17.71 20.55
C TRP G 50 8.75 17.04 19.57
N ILE G 51 7.52 16.73 19.99
CA ILE G 51 6.54 16.10 19.14
C ILE G 51 5.17 16.68 19.41
N ASP G 52 4.39 16.91 18.37
CA ASP G 52 3.02 17.38 18.53
C ASP G 52 2.18 16.11 18.49
N PRO G 53 1.61 15.69 19.62
CA PRO G 53 0.89 14.41 19.63
C PRO G 53 -0.49 14.41 18.97
N LYS G 54 -1.03 15.56 18.60
CA LYS G 54 -2.37 15.62 18.03
C LYS G 54 -2.35 15.12 16.62
N VAL G 55 -1.49 15.70 15.80
CA VAL G 55 -1.46 15.36 14.37
C VAL G 55 -0.20 14.59 13.98
N GLY G 56 0.91 14.82 14.66
CA GLY G 56 2.16 14.16 14.36
C GLY G 56 3.31 15.01 13.89
N ASN G 57 3.29 16.31 14.17
CA ASN G 57 4.40 17.16 13.81
C ASN G 57 5.60 16.90 14.68
N THR G 58 6.68 16.42 14.07
CA THR G 58 7.92 16.14 14.79
C THR G 58 9.03 16.89 14.10
N MET G 59 9.84 17.62 14.87
CA MET G 59 10.90 18.44 14.30
C MET G 59 12.12 18.35 15.18
N PHE G 60 13.31 18.26 14.57
CA PHE G 60 14.53 18.00 15.33
C PHE G 60 15.55 19.07 15.23
N ASP G 61 16.62 19.03 16.02
CA ASP G 61 17.68 20.01 15.88
C ASP G 61 18.39 19.65 14.60
N PRO G 62 18.94 20.62 13.91
CA PRO G 62 19.69 20.23 12.73
C PRO G 62 20.69 19.10 12.92
N LYS G 63 21.40 19.07 14.03
CA LYS G 63 22.45 18.07 14.21
C LYS G 63 22.00 16.65 14.04
N PHE G 64 20.89 16.27 14.66
CA PHE G 64 20.45 14.87 14.65
C PHE G 64 19.38 14.65 13.64
N GLN G 65 19.30 15.51 12.63
CA GLN G 65 18.20 15.42 11.68
C GLN G 65 17.89 14.05 11.18
N GLY G 66 18.90 13.29 10.83
CA GLY G 66 18.67 11.97 10.29
C GLY G 66 18.49 10.97 11.39
N LYS G 67 19.48 10.89 12.25
CA LYS G 67 19.46 9.91 13.32
C LYS G 67 18.15 9.69 14.08
N ALA G 68 17.60 10.70 14.72
CA ALA G 68 16.44 10.51 15.61
C ALA G 68 15.07 10.28 15.02
N ARG G 69 14.14 9.76 15.82
CA ARG G 69 12.79 9.49 15.37
C ARG G 69 11.80 9.39 16.56
N ILE G 70 10.90 10.37 16.77
CA ILE G 70 10.02 10.37 17.90
C ILE G 70 8.68 9.85 17.45
N THR G 71 8.04 8.99 18.24
CA THR G 71 6.69 8.52 17.93
C THR G 71 5.93 8.53 19.23
N VAL G 72 4.60 8.57 19.14
CA VAL G 72 3.76 8.58 20.32
C VAL G 72 2.72 7.50 20.16
N ASP G 73 2.26 6.91 21.27
CA ASP G 73 1.16 5.94 21.22
C ASP G 73 0.11 6.48 22.16
N ALA G 74 -1.14 6.51 21.71
CA ALA G 74 -2.23 7.06 22.52
C ALA G 74 -2.81 6.03 23.46
N SER G 75 -2.74 4.75 23.13
CA SER G 75 -3.39 3.73 23.94
C SER G 75 -2.66 3.45 25.23
N ILE G 76 -1.37 3.18 25.15
CA ILE G 76 -0.59 2.81 26.33
C ILE G 76 0.12 4.06 26.86
N SER G 77 -0.04 5.20 26.18
CA SER G 77 0.53 6.49 26.62
C SER G 77 2.02 6.49 26.79
N THR G 78 2.72 6.24 25.69
CA THR G 78 4.18 6.25 25.72
C THR G 78 4.72 7.39 24.90
N ALA G 79 6.04 7.52 24.84
CA ALA G 79 6.68 8.47 23.93
C ALA G 79 8.06 7.88 23.69
N TYR G 80 8.29 7.38 22.48
CA TYR G 80 9.56 6.74 22.17
C TYR G 80 10.53 7.62 21.43
N LEU G 81 11.83 7.49 21.73
CA LEU G 81 12.88 8.20 21.02
C LEU G 81 13.78 7.12 20.45
N GLU G 82 13.73 6.93 19.13
CA GLU G 82 14.51 5.90 18.47
C GLU G 82 15.76 6.46 17.86
N LEU G 83 16.90 6.19 18.49
CA LEU G 83 18.18 6.58 17.89
C LEU G 83 18.59 5.52 16.89
N SER G 84 19.50 5.86 16.00
CA SER G 84 20.02 4.90 15.02
C SER G 84 21.41 5.30 14.60
N ARG G 85 22.22 4.34 14.16
CA ARG G 85 23.61 4.58 13.72
C ARG G 85 24.43 5.27 14.80
N LEU G 86 24.61 4.58 15.92
CA LEU G 86 25.29 5.18 17.05
C LEU G 86 26.79 5.25 16.80
N ARG G 87 27.44 6.27 17.35
CA ARG G 87 28.89 6.43 17.23
C ARG G 87 29.42 6.39 18.65
N SER G 88 30.71 6.65 18.83
CA SER G 88 31.28 6.67 20.17
C SER G 88 30.90 7.91 20.95
N ASP G 89 30.26 8.88 20.31
CA ASP G 89 29.87 10.13 20.97
C ASP G 89 28.54 10.05 21.66
N ASP G 90 27.74 9.02 21.39
CA ASP G 90 26.36 8.95 21.89
C ASP G 90 26.19 8.28 23.23
N THR G 91 27.09 8.51 24.17
CA THR G 91 26.91 7.97 25.51
C THR G 91 26.40 9.10 26.36
N ALA G 92 25.18 9.01 26.85
CA ALA G 92 24.61 10.11 27.58
C ALA G 92 23.38 9.72 28.33
N VAL G 93 22.86 10.60 29.16
CA VAL G 93 21.61 10.33 29.85
C VAL G 93 20.51 11.04 29.10
N TYR G 94 19.35 10.40 28.92
CA TYR G 94 18.24 10.96 28.15
C TYR G 94 17.00 11.19 29.03
N TYR G 95 16.30 12.31 28.87
CA TYR G 95 15.15 12.65 29.69
C TYR G 95 13.96 13.04 28.81
N CYS G 96 12.71 12.81 29.25
CA CYS G 96 11.53 13.17 28.52
C CYS G 96 10.80 14.06 29.45
N SER G 97 10.31 15.19 28.97
CA SER G 97 9.61 16.12 29.84
C SER G 97 8.57 16.89 29.09
N ARG G 98 7.36 16.98 29.71
CA ARG G 98 6.20 17.62 29.10
C ARG G 98 6.36 19.12 29.25
N GLY G 99 6.57 19.82 28.14
CA GLY G 99 6.82 21.23 28.22
C GLY G 99 8.10 21.19 28.98
N ALA G 100 8.48 22.27 29.61
CA ALA G 100 9.67 22.25 30.43
C ALA G 100 9.42 22.07 31.91
N ALA G 101 8.54 22.88 32.49
CA ALA G 101 8.37 22.86 33.94
C ALA G 101 7.78 21.80 34.76
N ALA G 102 6.68 21.25 34.32
CA ALA G 102 5.94 20.42 35.22
C ALA G 102 6.66 19.24 35.78
N TYR G 103 7.30 18.46 34.95
CA TYR G 103 7.93 17.27 35.43
C TYR G 103 8.93 16.92 34.41
N TRP G 104 9.87 16.08 34.78
CA TRP G 104 10.81 15.60 33.83
C TRP G 104 10.87 14.20 34.33
N GLY G 105 11.65 13.32 33.72
CA GLY G 105 11.82 11.94 34.14
C GLY G 105 13.26 11.69 34.55
N GLN G 106 13.54 10.51 35.05
CA GLN G 106 14.89 10.20 35.46
C GLN G 106 15.79 9.97 34.29
N GLY G 107 17.10 10.04 34.52
CA GLY G 107 18.06 9.85 33.44
C GLY G 107 18.20 8.41 32.99
N THR G 108 18.32 8.18 31.69
CA THR G 108 18.52 6.86 31.14
C THR G 108 19.86 6.85 30.41
N LEU G 109 20.88 6.30 31.04
CA LEU G 109 22.20 6.26 30.45
C LEU G 109 22.31 5.16 29.42
N VAL G 110 22.93 5.45 28.29
CA VAL G 110 23.14 4.47 27.23
C VAL G 110 24.64 4.33 27.01
N THR G 111 25.10 3.13 26.65
CA THR G 111 26.51 2.86 26.45
C THR G 111 26.74 2.21 25.10
N VAL G 112 27.69 2.75 24.34
CA VAL G 112 27.97 2.25 23.00
C VAL G 112 29.29 1.51 22.93
N SER G 113 30.11 1.58 23.96
CA SER G 113 31.43 0.96 23.94
C SER G 113 31.38 -0.56 23.99
N ALA H 1 21.60 29.86 13.98
CA ALA H 1 22.68 29.26 14.78
C ALA H 1 23.00 30.18 15.94
N VAL H 2 22.02 30.38 16.83
CA VAL H 2 22.19 31.29 17.96
C VAL H 2 23.09 30.71 19.04
N VAL H 3 23.78 31.58 19.79
CA VAL H 3 24.67 31.13 20.84
C VAL H 3 24.28 31.87 22.10
N MET H 4 24.57 31.28 23.25
CA MET H 4 24.31 31.93 24.52
C MET H 4 25.57 31.83 25.31
N THR H 5 25.79 32.75 26.25
CA THR H 5 26.95 32.72 27.10
C THR H 5 26.41 33.02 28.45
N GLN H 6 27.11 32.57 29.50
CA GLN H 6 26.66 32.83 30.84
C GLN H 6 27.84 33.45 31.54
N THR H 7 27.59 34.07 32.70
CA THR H 7 28.71 34.59 33.46
C THR H 7 29.49 33.33 33.68
N PRO H 8 30.80 33.40 33.50
CA PRO H 8 31.53 32.13 33.57
C PRO H 8 31.78 31.42 34.89
N LEU H 9 31.97 30.11 34.83
CA LEU H 9 32.37 29.37 36.02
C LEU H 9 31.49 29.57 37.23
N SER H 10 32.04 29.80 38.42
CA SER H 10 31.23 29.86 39.62
C SER H 10 31.42 31.12 40.40
N LEU H 11 30.36 31.56 41.07
CA LEU H 11 30.43 32.76 41.81
C LEU H 11 30.41 32.07 43.13
N PRO H 12 31.50 32.15 43.89
CA PRO H 12 31.38 31.47 45.17
C PRO H 12 30.43 32.28 45.99
N VAL H 13 29.56 31.65 46.75
CA VAL H 13 28.55 32.36 47.52
C VAL H 13 28.58 31.97 48.98
N THR H 14 27.90 32.72 49.85
CA THR H 14 27.80 32.38 51.26
C THR H 14 26.32 32.37 51.66
N LEU H 15 26.02 32.25 52.94
CA LEU H 15 24.64 32.12 53.38
C LEU H 15 23.90 33.44 53.49
N GLY H 16 23.34 33.91 52.37
CA GLY H 16 22.51 35.11 52.42
C GLY H 16 22.82 36.25 51.50
N GLN H 17 23.82 36.12 50.65
CA GLN H 17 24.22 37.23 49.79
C GLN H 17 23.79 36.95 48.35
N PRO H 18 23.54 38.01 47.56
CA PRO H 18 23.09 37.78 46.19
C PRO H 18 24.12 37.17 45.27
N ALA H 19 23.67 36.61 44.15
CA ALA H 19 24.56 35.93 43.20
C ALA H 19 24.70 36.64 41.86
N SER H 20 23.57 37.05 41.25
CA SER H 20 23.59 37.78 39.96
C SER H 20 24.23 37.08 38.81
N ILE H 21 23.67 35.93 38.45
CA ILE H 21 24.14 35.19 37.27
C ILE H 21 23.60 35.84 36.00
N SER H 22 24.45 36.06 35.01
CA SER H 22 24.04 36.76 33.78
C SER H 22 24.03 35.87 32.57
N CYS H 23 23.24 36.22 31.56
CA CYS H 23 23.16 35.43 30.34
C CYS H 23 23.00 36.41 29.18
N LYS H 24 23.85 36.32 28.16
CA LYS H 24 23.82 37.27 27.05
C LYS H 24 23.74 36.52 25.76
N SER H 25 23.08 37.10 24.75
CA SER H 25 22.82 36.41 23.48
C SER H 25 23.51 36.99 22.29
N SER H 26 23.16 36.53 21.08
CA SER H 26 23.70 37.13 19.86
C SER H 26 22.72 38.02 19.14
N GLN H 27 21.44 37.69 19.27
CA GLN H 27 20.42 38.52 18.67
C GLN H 27 19.14 38.53 19.48
N SER H 28 18.27 39.51 19.28
CA SER H 28 17.14 39.69 20.16
C SER H 28 16.25 38.48 20.24
N LEU H 29 15.76 38.18 21.43
CA LEU H 29 15.00 36.99 21.63
C LEU H 29 13.52 37.31 21.73
N LEU H 30 13.08 38.34 21.02
CA LEU H 30 11.69 38.78 21.08
C LEU H 30 11.00 38.28 19.82
N TYR H 31 9.86 37.62 19.95
CA TYR H 31 9.15 37.05 18.80
C TYR H 31 8.44 38.19 18.15
N SER H 32 7.79 37.93 17.02
CA SER H 32 7.00 38.97 16.41
C SER H 32 5.93 39.40 17.37
N ASP H 33 5.30 38.41 17.99
CA ASP H 33 4.25 38.71 18.94
C ASP H 33 4.89 39.36 20.12
N GLY H 34 4.09 40.03 20.95
CA GLY H 34 4.67 40.78 22.04
C GLY H 34 5.58 40.10 23.02
N LYS H 35 5.39 38.81 23.26
CA LYS H 35 6.17 38.14 24.29
C LYS H 35 7.62 37.87 23.96
N THR H 36 8.49 37.92 24.97
CA THR H 36 9.90 37.61 24.81
C THR H 36 9.97 36.36 25.63
N TYR H 37 10.84 35.41 25.26
CA TYR H 37 10.85 34.06 25.87
C TYR H 37 12.19 33.54 26.36
N VAL H 38 12.42 33.43 27.67
CA VAL H 38 13.65 32.84 28.20
C VAL H 38 13.22 31.92 29.31
N ASN H 39 14.02 30.95 29.73
CA ASN H 39 13.69 30.15 30.91
C ASN H 39 14.99 29.88 31.68
N TRP H 40 14.92 29.46 32.96
CA TRP H 40 16.11 29.14 33.73
C TRP H 40 15.80 27.83 34.39
N PHE H 41 16.74 26.89 34.35
CA PHE H 41 16.49 25.60 34.94
C PHE H 41 17.52 25.34 36.01
N GLN H 42 17.19 24.58 37.06
CA GLN H 42 18.17 24.20 38.09
C GLN H 42 18.19 22.71 38.32
N GLN H 43 19.37 22.10 38.34
CA GLN H 43 19.49 20.65 38.54
C GLN H 43 20.35 20.38 39.74
N ARG H 44 19.88 19.56 40.68
CA ARG H 44 20.66 19.21 41.85
C ARG H 44 21.50 18.01 41.50
N PRO H 45 22.73 17.91 42.07
CA PRO H 45 23.56 16.78 41.64
C PRO H 45 22.78 15.54 42.01
N GLY H 46 22.45 14.70 41.03
CA GLY H 46 21.72 13.48 41.28
C GLY H 46 20.23 13.53 41.21
N GLN H 47 19.68 14.42 40.39
CA GLN H 47 18.22 14.44 40.19
C GLN H 47 17.92 15.08 38.86
N SER H 48 16.71 14.89 38.32
CA SER H 48 16.33 15.53 37.08
C SER H 48 16.21 17.05 37.28
N PRO H 49 16.44 17.85 36.21
CA PRO H 49 16.30 19.29 36.33
C PRO H 49 14.89 19.78 36.54
N LYS H 50 14.74 21.03 36.96
CA LYS H 50 13.42 21.60 37.24
C LYS H 50 13.31 23.04 36.75
N ARG H 51 12.13 23.52 36.34
CA ARG H 51 11.99 24.95 35.94
C ARG H 51 11.91 25.97 37.04
N LEU H 52 12.64 27.07 36.87
CA LEU H 52 12.65 28.16 37.85
C LEU H 52 11.91 29.42 37.48
N ILE H 53 12.12 29.97 36.28
CA ILE H 53 11.53 31.27 35.91
C ILE H 53 10.64 31.17 34.68
N TYR H 54 9.54 31.90 34.66
CA TYR H 54 8.55 31.81 33.59
C TYR H 54 8.61 33.04 32.71
N LEU H 55 8.51 32.88 31.39
CA LEU H 55 8.61 34.01 30.49
C LEU H 55 9.94 34.63 30.85
N VAL H 56 10.00 35.91 31.25
CA VAL H 56 11.24 36.55 31.68
C VAL H 56 11.27 36.86 33.18
N SER H 57 10.11 37.09 33.79
CA SER H 57 10.06 37.40 35.22
C SER H 57 8.76 37.00 35.88
N ARG H 58 8.57 35.72 36.09
CA ARG H 58 7.39 35.26 36.81
C ARG H 58 7.83 33.93 37.40
N LEU H 59 7.19 33.46 38.47
CA LEU H 59 7.58 32.21 39.13
C LEU H 59 6.41 31.27 39.13
N ASP H 60 6.67 29.97 39.22
CA ASP H 60 5.59 28.96 39.19
C ASP H 60 5.81 27.88 40.27
N SER H 61 5.10 27.97 41.39
CA SER H 61 5.23 26.99 42.50
C SER H 61 6.65 26.84 43.01
N GLY H 62 7.48 27.89 42.93
CA GLY H 62 8.83 27.85 43.46
C GLY H 62 8.62 28.61 44.73
N VAL H 63 8.65 27.93 45.85
CA VAL H 63 8.27 28.61 47.09
C VAL H 63 9.17 29.76 47.43
N PRO H 64 10.49 29.58 47.31
CA PRO H 64 11.25 30.77 47.65
C PRO H 64 10.94 31.77 46.60
N ASP H 65 10.67 33.00 47.02
CA ASP H 65 10.44 34.07 46.07
C ASP H 65 11.74 34.80 45.96
N ARG H 66 12.79 34.22 46.51
CA ARG H 66 14.06 34.86 46.50
C ARG H 66 14.46 35.01 45.07
N PHE H 67 14.23 33.94 44.32
CA PHE H 67 14.61 33.93 42.95
C PHE H 67 13.77 34.98 42.33
N SER H 68 14.43 35.97 41.77
CA SER H 68 13.72 37.00 41.08
C SER H 68 14.60 37.01 39.90
N GLY H 69 14.05 37.45 38.79
CA GLY H 69 14.83 37.49 37.59
C GLY H 69 14.40 38.78 37.01
N SER H 70 15.20 39.30 36.08
CA SER H 70 14.87 40.55 35.42
C SER H 70 15.62 40.68 34.12
N GLY H 71 15.29 41.68 33.30
CA GLY H 71 16.01 41.95 32.07
C GLY H 71 15.15 41.99 30.82
N SER H 72 15.73 42.38 29.70
CA SER H 72 15.00 42.48 28.43
C SER H 72 15.93 42.62 27.27
N GLY H 73 15.46 42.43 26.04
CA GLY H 73 16.34 42.66 24.92
C GLY H 73 17.52 41.73 24.99
N THR H 74 18.71 42.23 24.76
CA THR H 74 19.87 41.37 24.74
C THR H 74 20.25 40.68 26.04
N ASP H 75 20.11 41.35 27.19
CA ASP H 75 20.60 40.79 28.48
C ASP H 75 19.55 40.30 29.45
N PHE H 76 19.89 39.27 30.23
CA PHE H 76 18.96 38.74 31.22
C PHE H 76 19.73 38.33 32.47
N THR H 77 19.08 38.31 33.63
CA THR H 77 19.79 38.04 34.87
C THR H 77 18.91 37.49 35.98
N LEU H 78 19.47 36.78 36.97
CA LEU H 78 18.71 36.28 38.14
C LEU H 78 19.27 36.79 39.47
N LYS H 79 18.50 37.57 40.22
CA LYS H 79 18.99 38.14 41.48
C LYS H 79 18.30 37.40 42.60
N ILE H 80 19.08 36.80 43.50
CA ILE H 80 18.54 36.04 44.60
C ILE H 80 18.80 36.79 45.89
N SER H 81 17.81 36.82 46.77
CA SER H 81 17.96 37.58 48.01
C SER H 81 18.92 36.91 48.97
N ARG H 82 18.71 35.63 49.25
CA ARG H 82 19.55 34.91 50.20
C ARG H 82 19.73 33.46 49.81
N VAL H 83 20.96 33.02 49.54
CA VAL H 83 21.13 31.65 49.05
C VAL H 83 21.16 30.65 50.19
N GLU H 84 20.09 29.88 50.31
CA GLU H 84 20.02 28.85 51.33
C GLU H 84 20.76 27.65 50.81
N ALA H 85 20.96 26.65 51.65
CA ALA H 85 21.67 25.46 51.24
C ALA H 85 20.98 24.75 50.10
N GLU H 86 19.66 24.75 50.10
CA GLU H 86 18.92 24.00 49.08
C GLU H 86 19.28 24.52 47.72
N ASP H 87 19.62 25.80 47.63
CA ASP H 87 19.90 26.42 46.35
C ASP H 87 21.18 25.97 45.61
N LEU H 88 22.07 25.24 46.27
CA LEU H 88 23.25 24.77 45.56
C LEU H 88 22.92 23.83 44.40
N GLY H 89 23.67 23.90 43.28
CA GLY H 89 23.39 23.10 42.08
C GLY H 89 24.06 23.67 40.83
N VAL H 90 23.51 23.44 39.63
CA VAL H 90 24.03 24.07 38.38
C VAL H 90 22.90 24.91 37.76
N TYR H 91 23.18 25.84 36.83
CA TYR H 91 22.12 26.73 36.32
C TYR H 91 22.26 26.87 34.81
N TYR H 92 21.14 26.94 34.08
CA TYR H 92 21.19 27.02 32.61
C TYR H 92 20.23 28.04 32.00
N CYS H 93 20.48 28.47 30.75
CA CYS H 93 19.58 29.39 30.04
C CYS H 93 18.90 28.56 29.00
N TRP H 94 17.63 28.78 28.74
CA TRP H 94 16.94 28.07 27.65
C TRP H 94 16.33 29.19 26.93
N GLN H 95 16.31 29.21 25.58
CA GLN H 95 15.79 30.32 24.73
C GLN H 95 14.85 29.84 23.64
N GLY H 96 13.74 30.54 23.36
CA GLY H 96 12.73 30.06 22.42
C GLY H 96 12.48 30.80 21.16
N THR H 97 13.22 31.84 20.89
CA THR H 97 12.91 32.63 19.73
C THR H 97 13.16 31.99 18.42
N HIS H 98 14.33 31.40 18.26
CA HIS H 98 14.71 30.85 16.97
C HIS H 98 14.62 29.35 16.99
N LEU H 99 14.68 28.70 15.84
CA LEU H 99 14.44 27.25 15.80
C LEU H 99 15.39 26.38 16.54
N PRO H 100 16.68 26.64 16.45
CA PRO H 100 17.50 25.71 17.22
C PRO H 100 17.46 26.17 18.65
N TYR H 101 16.70 25.47 19.48
CA TYR H 101 16.55 25.87 20.85
C TYR H 101 17.91 25.72 21.42
N THR H 102 18.31 26.63 22.28
CA THR H 102 19.65 26.61 22.81
C THR H 102 19.63 26.44 24.30
N PHE H 103 20.49 25.61 24.84
CA PHE H 103 20.60 25.45 26.28
C PHE H 103 21.92 26.12 26.60
N GLY H 104 22.04 26.73 27.76
CA GLY H 104 23.25 27.46 28.13
C GLY H 104 24.48 26.64 28.50
N GLN H 105 25.63 27.30 28.65
CA GLN H 105 26.86 26.59 28.96
C GLN H 105 26.82 25.89 30.29
N GLY H 106 26.27 26.54 31.30
CA GLY H 106 26.16 25.94 32.63
C GLY H 106 27.15 26.51 33.63
N THR H 107 26.70 26.91 34.84
CA THR H 107 27.60 27.44 35.86
C THR H 107 27.50 26.59 37.10
N LYS H 108 28.32 26.90 38.12
CA LYS H 108 28.32 26.14 39.36
C LYS H 108 28.16 27.03 40.55
N LEU H 109 27.53 26.52 41.60
CA LEU H 109 27.44 27.25 42.86
C LEU H 109 28.34 26.49 43.83
N GLU H 110 29.18 27.21 44.58
CA GLU H 110 30.12 26.57 45.49
C GLU H 110 30.17 27.29 46.81
N ILE H 111 30.57 26.58 47.87
CA ILE H 111 30.75 27.21 49.17
C ILE H 111 32.20 27.61 49.29
N LYS H 112 32.51 28.60 50.12
CA LYS H 112 33.89 29.06 50.30
C LYS H 112 34.26 28.82 51.75
N SER I 74 -24.55 -27.05 -12.09
CA SER I 74 -25.57 -26.83 -13.09
C SER I 74 -26.92 -26.62 -12.46
N THR I 75 -27.97 -26.50 -13.28
CA THR I 75 -29.29 -26.21 -12.79
C THR I 75 -30.21 -27.41 -12.74
N GLN I 76 -29.73 -28.59 -13.13
CA GLN I 76 -30.62 -29.75 -13.17
C GLN I 76 -30.78 -30.44 -11.84
N GLU I 77 -29.86 -30.23 -10.93
CA GLU I 77 -29.90 -30.93 -9.64
C GLU I 77 -30.98 -30.38 -8.74
N THR I 78 -31.37 -29.13 -8.95
CA THR I 78 -32.37 -28.51 -8.11
C THR I 78 -33.73 -28.46 -8.76
N ALA I 79 -33.96 -29.27 -9.77
CA ALA I 79 -35.26 -29.31 -10.45
C ALA I 79 -36.30 -30.04 -9.64
N ILE I 80 -37.54 -29.99 -10.07
CA ILE I 80 -38.61 -30.63 -9.34
C ILE I 80 -38.60 -32.13 -9.42
N GLY I 81 -37.94 -32.67 -10.43
CA GLY I 81 -37.81 -34.12 -10.55
C GLY I 81 -36.82 -34.70 -9.57
N ASN I 82 -35.79 -33.94 -9.18
CA ASN I 82 -34.78 -34.46 -8.27
C ASN I 82 -35.18 -34.24 -6.82
N PHE I 83 -36.09 -33.31 -6.56
CA PHE I 83 -36.43 -32.95 -5.20
C PHE I 83 -37.39 -33.89 -4.58
N PHE I 84 -37.90 -34.86 -5.32
CA PHE I 84 -38.77 -35.87 -4.74
C PHE I 84 -38.44 -37.27 -5.22
N SER I 85 -37.30 -37.48 -5.85
CA SER I 85 -37.04 -38.80 -6.44
C SER I 85 -36.65 -39.90 -5.50
N ARG I 86 -35.72 -39.60 -4.62
CA ARG I 86 -35.20 -40.63 -3.78
C ARG I 86 -36.30 -41.21 -2.93
N ALA I 87 -36.28 -42.51 -2.73
CA ALA I 87 -37.30 -43.21 -1.95
C ALA I 87 -37.11 -43.16 -0.47
N GLY I 88 -38.14 -43.52 0.30
CA GLY I 88 -38.03 -43.55 1.74
C GLY I 88 -39.10 -44.46 2.30
N LEU I 89 -39.00 -44.86 3.56
CA LEU I 89 -40.04 -45.68 4.16
C LEU I 89 -41.20 -44.81 4.59
N VAL I 90 -42.44 -45.32 4.46
CA VAL I 90 -43.60 -44.56 4.91
C VAL I 90 -44.28 -45.19 6.11
N SER I 91 -44.14 -46.49 6.31
CA SER I 91 -44.75 -47.14 7.45
C SER I 91 -44.07 -48.43 7.83
N ILE I 92 -44.26 -48.88 9.08
CA ILE I 92 -43.73 -50.15 9.52
C ILE I 92 -44.95 -50.94 9.94
N ILE I 93 -45.08 -52.16 9.45
CA ILE I 93 -46.25 -52.98 9.73
C ILE I 93 -45.82 -54.22 10.49
N THR I 94 -46.42 -54.45 11.66
CA THR I 94 -46.08 -55.58 12.49
C THR I 94 -47.26 -56.49 12.67
N MET I 95 -47.09 -57.79 12.40
CA MET I 95 -48.15 -58.77 12.57
C MET I 95 -47.64 -59.86 13.49
N PRO I 96 -47.96 -59.77 14.78
CA PRO I 96 -47.46 -60.77 15.73
C PRO I 96 -48.34 -62.00 15.77
N THR I 97 -48.03 -62.93 16.65
CA THR I 97 -48.84 -64.14 16.83
C THR I 97 -49.88 -63.90 17.92
N ASP I 104 -55.41 -60.46 14.83
CA ASP I 104 -56.51 -60.95 14.01
C ASP I 104 -55.95 -61.63 12.79
N GLY I 105 -54.69 -61.36 12.48
CA GLY I 105 -54.03 -61.99 11.35
C GLY I 105 -54.02 -61.18 10.07
N TYR I 106 -54.47 -59.93 10.12
CA TYR I 106 -54.47 -59.07 8.95
C TYR I 106 -54.38 -57.64 9.39
N VAL I 107 -53.99 -56.76 8.47
CA VAL I 107 -53.88 -55.34 8.76
C VAL I 107 -54.34 -54.56 7.54
N ASN I 108 -54.96 -53.40 7.75
CA ASN I 108 -55.43 -52.57 6.66
C ASN I 108 -54.71 -51.26 6.73
N TRP I 109 -53.52 -51.20 6.11
CA TRP I 109 -52.75 -49.98 6.10
C TRP I 109 -53.31 -49.05 5.06
N ASP I 110 -53.85 -47.91 5.50
CA ASP I 110 -54.34 -46.91 4.55
C ASP I 110 -53.17 -46.27 3.83
N ILE I 111 -53.43 -45.68 2.67
CA ILE I 111 -52.39 -44.94 1.99
C ILE I 111 -52.14 -43.73 2.85
N ASP I 112 -50.93 -43.20 2.86
CA ASP I 112 -50.62 -42.10 3.73
C ASP I 112 -49.39 -41.37 3.26
N LEU I 113 -49.46 -40.05 3.11
CA LEU I 113 -48.28 -39.26 2.81
C LEU I 113 -48.04 -38.25 3.87
N MET I 114 -49.01 -38.00 4.74
CA MET I 114 -48.78 -37.13 5.86
C MET I 114 -48.42 -38.02 7.04
N GLY I 115 -47.79 -39.16 6.81
CA GLY I 115 -47.55 -40.10 7.90
C GLY I 115 -46.35 -39.93 8.74
N TYR I 116 -45.22 -39.63 8.13
CA TYR I 116 -44.02 -39.40 8.86
C TYR I 116 -43.95 -37.97 8.63
N ALA I 117 -43.16 -37.29 9.43
CA ALA I 117 -43.13 -35.87 9.33
C ALA I 117 -42.32 -35.37 8.18
N GLN I 118 -41.12 -35.86 8.02
CA GLN I 118 -40.26 -35.27 7.03
C GLN I 118 -40.92 -34.97 5.70
N LEU I 119 -41.64 -35.92 5.14
CA LEU I 119 -42.20 -35.70 3.81
C LEU I 119 -43.17 -34.57 3.84
N ARG I 120 -44.01 -34.51 4.90
CA ARG I 120 -45.06 -33.49 5.01
C ARG I 120 -44.54 -32.12 4.75
N ARG I 121 -43.40 -31.75 5.35
CA ARG I 121 -42.92 -30.41 5.21
C ARG I 121 -42.60 -30.25 3.79
N LYS I 122 -41.90 -31.22 3.25
CA LYS I 122 -41.46 -31.06 1.88
C LYS I 122 -42.63 -30.95 0.98
N CYS I 123 -43.63 -31.77 1.19
CA CYS I 123 -44.77 -31.76 0.29
C CYS I 123 -45.49 -30.44 0.27
N GLU I 124 -45.70 -29.85 1.42
CA GLU I 124 -46.52 -28.65 1.45
C GLU I 124 -45.92 -27.43 0.80
N LEU I 125 -44.68 -27.48 0.37
CA LEU I 125 -44.13 -26.35 -0.33
C LEU I 125 -45.03 -25.93 -1.48
N PHE I 126 -45.92 -26.77 -1.96
CA PHE I 126 -46.87 -26.46 -3.04
C PHE I 126 -48.26 -26.83 -2.58
N THR I 127 -49.27 -26.41 -3.34
CA THR I 127 -50.65 -26.72 -2.98
C THR I 127 -51.38 -27.57 -3.98
N TYR I 128 -50.80 -27.80 -5.14
CA TYR I 128 -51.41 -28.71 -6.09
C TYR I 128 -50.31 -29.60 -6.66
N MET I 129 -50.37 -30.90 -6.40
CA MET I 129 -49.37 -31.83 -6.88
C MET I 129 -50.03 -32.91 -7.69
N ARG I 130 -49.23 -33.61 -8.49
CA ARG I 130 -49.74 -34.67 -9.35
C ARG I 130 -48.62 -35.63 -9.58
N PHE I 131 -48.82 -36.89 -9.21
CA PHE I 131 -47.76 -37.87 -9.26
C PHE I 131 -48.30 -39.24 -9.06
N ASP I 132 -47.59 -40.25 -9.55
CA ASP I 132 -47.94 -41.64 -9.28
C ASP I 132 -46.85 -42.16 -8.35
N ALA I 133 -47.05 -43.33 -7.76
CA ALA I 133 -46.11 -43.87 -6.79
C ALA I 133 -45.58 -45.20 -7.24
N GLU I 134 -44.65 -45.77 -6.48
CA GLU I 134 -44.07 -47.07 -6.79
C GLU I 134 -43.65 -47.67 -5.48
N PHE I 135 -44.36 -48.69 -5.02
CA PHE I 135 -44.12 -49.24 -3.69
C PHE I 135 -43.21 -50.44 -3.69
N THR I 136 -42.69 -50.79 -2.52
CA THR I 136 -41.84 -51.96 -2.39
C THR I 136 -41.94 -52.46 -0.96
N PHE I 137 -42.21 -53.77 -0.80
CA PHE I 137 -42.38 -54.36 0.52
C PHE I 137 -41.27 -55.33 0.85
N VAL I 138 -40.45 -55.01 1.84
CA VAL I 138 -39.40 -55.92 2.31
C VAL I 138 -39.95 -56.61 3.54
N VAL I 139 -39.84 -57.94 3.61
CA VAL I 139 -40.46 -58.70 4.70
C VAL I 139 -39.48 -59.62 5.37
N ALA I 140 -39.48 -59.64 6.71
CA ALA I 140 -38.65 -60.55 7.45
C ALA I 140 -39.26 -60.82 8.80
N LYS I 141 -38.68 -61.75 9.54
CA LYS I 141 -39.11 -62.00 10.91
C LYS I 141 -38.56 -60.83 11.76
N PRO I 142 -39.04 -60.65 13.00
CA PRO I 142 -38.53 -59.57 13.83
C PRO I 142 -37.05 -59.65 14.18
N ASN I 143 -36.45 -60.83 14.07
CA ASN I 143 -35.02 -60.98 14.31
C ASN I 143 -34.38 -61.16 12.97
N GLY I 144 -35.09 -60.74 11.95
CA GLY I 144 -34.53 -60.80 10.64
C GLY I 144 -34.06 -62.12 10.11
N VAL I 145 -34.80 -63.20 10.28
CA VAL I 145 -34.44 -64.48 9.65
C VAL I 145 -35.60 -64.92 8.75
N LEU I 146 -35.33 -65.26 7.50
CA LEU I 146 -36.41 -65.62 6.60
C LEU I 146 -36.96 -67.03 6.78
N VAL I 147 -38.25 -67.22 6.47
CA VAL I 147 -38.88 -68.55 6.57
C VAL I 147 -39.69 -68.70 5.27
N PRO I 148 -39.67 -69.89 4.63
CA PRO I 148 -40.37 -70.02 3.34
C PRO I 148 -41.88 -70.04 3.53
N GLN I 149 -42.49 -68.85 3.64
CA GLN I 149 -43.91 -68.74 3.93
C GLN I 149 -44.55 -67.79 2.94
N LEU I 150 -45.82 -68.02 2.63
CA LEU I 150 -46.50 -67.25 1.59
C LEU I 150 -47.26 -66.07 2.12
N LEU I 151 -47.45 -65.05 1.28
CA LEU I 151 -48.14 -63.83 1.69
C LEU I 151 -49.05 -63.35 0.58
N GLN I 152 -49.85 -62.32 0.87
CA GLN I 152 -50.72 -61.73 -0.14
C GLN I 152 -50.93 -60.27 0.23
N TYR I 153 -50.67 -59.36 -0.70
CA TYR I 153 -50.83 -57.93 -0.45
C TYR I 153 -51.98 -57.43 -1.29
N MET I 154 -53.20 -57.53 -0.77
CA MET I 154 -54.37 -57.12 -1.51
C MET I 154 -54.49 -55.62 -1.54
N TYR I 155 -54.75 -55.07 -2.73
CA TYR I 155 -54.87 -53.63 -2.89
C TYR I 155 -56.29 -53.27 -3.28
N VAL I 156 -56.91 -52.37 -2.53
CA VAL I 156 -58.26 -51.94 -2.86
C VAL I 156 -58.20 -50.57 -3.51
N PRO I 157 -59.10 -50.31 -4.45
CA PRO I 157 -59.14 -48.95 -5.03
C PRO I 157 -60.00 -48.06 -4.15
N PRO I 158 -60.08 -46.75 -4.47
CA PRO I 158 -61.00 -45.93 -3.70
C PRO I 158 -62.44 -46.26 -4.08
N GLY I 159 -63.29 -46.50 -3.08
CA GLY I 159 -64.69 -46.81 -3.32
C GLY I 159 -65.09 -48.23 -3.02
N ALA I 160 -64.17 -49.17 -3.19
CA ALA I 160 -64.45 -50.56 -2.87
C ALA I 160 -64.41 -50.75 -1.34
N PRO I 161 -65.23 -51.67 -0.81
CA PRO I 161 -65.21 -51.91 0.63
C PRO I 161 -63.98 -52.65 1.11
N LYS I 162 -63.53 -52.33 2.32
CA LYS I 162 -62.30 -52.92 2.85
C LYS I 162 -62.64 -54.25 3.49
N PRO I 163 -61.66 -55.15 3.63
CA PRO I 163 -61.95 -56.38 4.36
C PRO I 163 -62.10 -56.12 5.84
N THR I 164 -62.84 -56.98 6.52
CA THR I 164 -63.06 -56.80 7.94
C THR I 164 -62.66 -57.98 8.80
N SER I 165 -62.40 -59.14 8.20
CA SER I 165 -61.95 -60.31 8.94
C SER I 165 -60.90 -60.99 8.10
N ARG I 166 -60.22 -61.98 8.67
CA ARG I 166 -59.20 -62.72 7.93
C ARG I 166 -59.83 -63.61 6.88
N ASP I 167 -61.08 -64.02 7.08
CA ASP I 167 -61.78 -64.91 6.15
C ASP I 167 -63.01 -64.23 5.60
N SER I 168 -62.87 -62.94 5.29
CA SER I 168 -64.02 -62.18 4.78
C SER I 168 -64.32 -62.46 3.32
N PHE I 169 -65.35 -61.83 2.79
CA PHE I 169 -65.69 -62.00 1.38
C PHE I 169 -64.80 -61.21 0.43
N ALA I 170 -64.18 -60.14 0.88
CA ALA I 170 -63.40 -59.26 0.00
C ALA I 170 -62.14 -59.86 -0.57
N TRP I 171 -61.56 -60.83 0.12
CA TRP I 171 -60.28 -61.41 -0.31
C TRP I 171 -60.35 -62.19 -1.62
N GLN I 172 -61.55 -62.62 -2.01
CA GLN I 172 -61.73 -63.34 -3.28
C GLN I 172 -62.29 -62.45 -4.39
N THR I 173 -62.45 -61.16 -4.15
CA THR I 173 -63.02 -60.28 -5.15
C THR I 173 -62.01 -60.03 -6.26
N ALA I 174 -62.41 -60.25 -7.50
CA ALA I 174 -61.47 -60.15 -8.62
C ALA I 174 -61.02 -58.76 -8.95
N THR I 175 -61.84 -57.76 -8.67
CA THR I 175 -61.52 -56.39 -9.04
C THR I 175 -60.51 -55.70 -8.13
N ASN I 176 -60.17 -56.32 -6.99
CA ASN I 176 -59.14 -55.78 -6.11
C ASN I 176 -57.86 -56.55 -6.38
N PRO I 177 -56.90 -55.97 -7.12
CA PRO I 177 -55.71 -56.75 -7.48
C PRO I 177 -54.80 -57.03 -6.32
N SER I 178 -54.11 -58.16 -6.37
CA SER I 178 -53.22 -58.56 -5.29
C SER I 178 -52.01 -59.27 -5.84
N VAL I 179 -50.94 -59.28 -5.07
CA VAL I 179 -49.72 -59.98 -5.48
C VAL I 179 -49.54 -61.14 -4.53
N PHE I 180 -48.88 -62.19 -5.01
CA PHE I 180 -48.66 -63.39 -4.21
C PHE I 180 -47.16 -63.65 -4.26
N VAL I 181 -46.45 -63.34 -3.19
CA VAL I 181 -45.00 -63.47 -3.20
C VAL I 181 -44.54 -64.24 -1.98
N LYS I 182 -43.48 -65.02 -2.15
CA LYS I 182 -42.92 -65.78 -1.04
C LYS I 182 -42.07 -64.85 -0.20
N MET I 183 -41.63 -65.32 0.96
CA MET I 183 -40.81 -64.49 1.85
C MET I 183 -39.35 -64.52 1.46
N THR I 184 -38.87 -65.61 0.87
CA THR I 184 -37.46 -65.74 0.51
C THR I 184 -37.18 -65.13 -0.84
N ASP I 185 -38.20 -64.62 -1.50
CA ASP I 185 -38.03 -64.02 -2.82
C ASP I 185 -37.50 -62.61 -2.75
N PRO I 186 -37.17 -62.01 -3.91
CA PRO I 186 -36.85 -60.59 -3.88
C PRO I 186 -38.12 -59.82 -3.50
N PRO I 187 -37.98 -58.59 -2.99
CA PRO I 187 -39.17 -57.86 -2.58
C PRO I 187 -40.05 -57.46 -3.73
N ALA I 188 -41.36 -57.37 -3.48
CA ALA I 188 -42.31 -57.01 -4.51
C ALA I 188 -42.19 -55.56 -4.92
N GLN I 189 -42.68 -55.21 -6.10
CA GLN I 189 -42.66 -53.83 -6.55
C GLN I 189 -43.91 -53.55 -7.35
N VAL I 190 -44.71 -52.59 -6.91
CA VAL I 190 -45.99 -52.29 -7.54
C VAL I 190 -46.07 -50.80 -7.80
N SER I 191 -46.52 -50.41 -8.99
CA SER I 191 -46.77 -49.00 -9.26
C SER I 191 -48.26 -48.76 -9.31
N VAL I 192 -48.71 -47.61 -8.80
CA VAL I 192 -50.12 -47.28 -8.79
C VAL I 192 -50.30 -45.87 -9.36
N PRO I 193 -51.13 -45.72 -10.40
CA PRO I 193 -51.34 -44.39 -10.96
C PRO I 193 -52.26 -43.57 -10.09
N PHE I 194 -52.23 -42.26 -10.25
CA PHE I 194 -53.05 -41.38 -9.42
C PHE I 194 -54.49 -41.46 -9.84
N MET I 195 -55.42 -41.66 -8.91
CA MET I 195 -56.82 -41.91 -9.26
C MET I 195 -57.77 -40.83 -8.74
N SER I 196 -57.36 -39.55 -8.73
CA SER I 196 -58.27 -38.55 -8.24
C SER I 196 -59.33 -38.26 -9.30
N PRO I 197 -60.57 -37.99 -8.89
CA PRO I 197 -61.58 -37.57 -9.88
C PRO I 197 -61.28 -36.18 -10.40
N ALA I 198 -60.51 -35.39 -9.65
CA ALA I 198 -60.09 -34.06 -10.10
C ALA I 198 -58.82 -34.23 -10.92
N SER I 199 -58.14 -33.13 -11.24
CA SER I 199 -56.91 -33.21 -12.02
C SER I 199 -55.62 -33.13 -11.23
N ALA I 200 -55.67 -32.80 -9.95
CA ALA I 200 -54.48 -32.75 -9.12
C ALA I 200 -54.84 -32.93 -7.67
N TYR I 201 -53.90 -33.39 -6.86
CA TYR I 201 -54.15 -33.55 -5.45
C TYR I 201 -54.17 -32.21 -4.75
N GLN I 202 -54.90 -32.12 -3.65
CA GLN I 202 -54.93 -30.89 -2.87
C GLN I 202 -54.54 -31.16 -1.45
N TRP I 203 -53.45 -30.54 -1.00
CA TRP I 203 -53.06 -30.67 0.39
C TRP I 203 -53.77 -29.63 1.25
N PHE I 204 -54.43 -28.65 0.64
CA PHE I 204 -55.12 -27.62 1.39
C PHE I 204 -56.49 -27.39 0.78
N TYR I 205 -57.55 -27.76 1.51
CA TYR I 205 -58.92 -27.52 1.06
C TYR I 205 -59.56 -26.55 2.03
N ASP I 206 -60.23 -25.53 1.50
CA ASP I 206 -60.81 -24.48 2.35
C ASP I 206 -62.22 -24.76 2.79
N GLY I 207 -63.02 -25.34 1.92
CA GLY I 207 -64.41 -25.56 2.22
C GLY I 207 -64.77 -26.78 2.99
N TYR I 208 -66.06 -27.13 2.95
CA TYR I 208 -66.60 -28.31 3.63
C TYR I 208 -66.91 -29.37 2.56
N PRO I 209 -66.75 -30.65 2.90
CA PRO I 209 -67.08 -31.70 1.92
C PRO I 209 -68.60 -31.84 1.68
N GLY I 223 -66.33 -30.28 8.46
CA GLY I 223 -65.00 -30.75 8.10
C GLY I 223 -64.24 -29.81 7.19
N GLN I 224 -62.91 -29.91 7.20
CA GLN I 224 -62.06 -29.08 6.34
C GLN I 224 -61.11 -29.99 5.55
N CYS I 225 -61.58 -31.19 5.20
CA CYS I 225 -60.74 -32.15 4.47
C CYS I 225 -61.36 -32.44 3.09
N PRO I 226 -60.51 -32.62 2.06
CA PRO I 226 -61.03 -32.94 0.72
C PRO I 226 -61.28 -34.42 0.55
N ASN I 227 -61.64 -34.83 -0.67
CA ASN I 227 -61.85 -36.24 -0.97
C ASN I 227 -60.75 -36.78 -1.90
N ASN I 228 -59.53 -36.92 -1.38
CA ASN I 228 -58.45 -37.52 -2.17
C ASN I 228 -58.00 -38.72 -1.40
N MET I 229 -58.16 -39.89 -1.99
CA MET I 229 -57.65 -41.07 -1.36
C MET I 229 -57.18 -41.98 -2.42
N MET I 230 -56.10 -42.68 -2.15
CA MET I 230 -55.47 -43.54 -3.12
C MET I 230 -55.58 -44.96 -2.68
N GLY I 231 -56.63 -45.30 -1.95
CA GLY I 231 -56.85 -46.68 -1.56
C GLY I 231 -56.10 -47.10 -0.33
N THR I 232 -56.14 -48.39 -0.01
CA THR I 232 -55.45 -48.91 1.14
C THR I 232 -54.91 -50.25 0.73
N PHE I 233 -53.97 -50.79 1.47
CA PHE I 233 -53.36 -52.06 1.15
C PHE I 233 -53.86 -53.00 2.25
N SER I 234 -53.81 -54.30 1.99
CA SER I 234 -54.25 -55.27 2.97
C SER I 234 -53.33 -56.45 2.91
N ILE I 235 -52.68 -56.76 4.04
CA ILE I 235 -51.65 -57.78 4.05
C ILE I 235 -52.03 -58.89 4.99
N ARG I 236 -52.00 -60.13 4.51
CA ARG I 236 -52.28 -61.28 5.35
C ARG I 236 -51.56 -62.48 4.80
N THR I 237 -51.43 -63.50 5.63
CA THR I 237 -50.83 -64.75 5.19
C THR I 237 -51.86 -65.55 4.43
N VAL I 238 -51.39 -66.57 3.71
CA VAL I 238 -52.29 -67.38 2.90
C VAL I 238 -52.49 -68.70 3.58
N GLY I 239 -53.75 -69.06 3.83
CA GLY I 239 -54.06 -70.31 4.48
C GLY I 239 -55.31 -70.19 5.30
N THR I 240 -55.62 -71.24 6.05
CA THR I 240 -56.82 -71.25 6.89
C THR I 240 -56.50 -71.06 8.37
N GLU I 241 -55.54 -71.79 8.89
CA GLU I 241 -55.13 -71.60 10.28
C GLU I 241 -53.97 -70.65 10.36
N LYS I 242 -53.59 -70.28 11.58
CA LYS I 242 -52.54 -69.30 11.75
C LYS I 242 -51.15 -69.85 11.44
N SER I 243 -50.36 -69.09 10.70
CA SER I 243 -49.00 -69.50 10.42
C SER I 243 -48.17 -69.27 11.69
N PRO I 244 -47.27 -70.18 12.04
CA PRO I 244 -46.51 -70.05 13.29
C PRO I 244 -45.25 -69.19 13.12
N HIS I 245 -45.38 -68.04 12.46
CA HIS I 245 -44.25 -67.16 12.24
C HIS I 245 -44.72 -65.73 12.26
N SER I 246 -44.35 -64.98 13.31
CA SER I 246 -44.68 -63.57 13.36
C SER I 246 -43.83 -62.83 12.34
N ILE I 247 -44.45 -61.92 11.60
CA ILE I 247 -43.73 -61.19 10.56
C ILE I 247 -43.82 -59.70 10.74
N THR I 248 -42.84 -58.97 10.23
CA THR I 248 -42.89 -57.52 10.20
C THR I 248 -42.49 -57.12 8.79
N LEU I 249 -42.89 -55.93 8.36
CA LEU I 249 -42.51 -55.46 7.04
C LEU I 249 -42.41 -53.96 6.97
N ARG I 250 -41.64 -53.46 5.99
CA ARG I 250 -41.51 -52.05 5.76
C ARG I 250 -41.98 -51.75 4.35
N VAL I 251 -42.54 -50.58 4.12
CA VAL I 251 -43.05 -50.20 2.82
C VAL I 251 -42.31 -48.97 2.36
N TYR I 252 -41.51 -49.10 1.31
CA TYR I 252 -40.82 -47.95 0.74
C TYR I 252 -41.63 -47.42 -0.44
N MET I 253 -41.46 -46.15 -0.78
CA MET I 253 -42.26 -45.55 -1.82
C MET I 253 -41.52 -44.49 -2.57
N ARG I 254 -41.46 -44.60 -3.90
CA ARG I 254 -40.88 -43.55 -4.73
C ARG I 254 -41.99 -42.66 -5.23
N ILE I 255 -41.63 -41.56 -5.90
CA ILE I 255 -42.62 -40.67 -6.49
C ILE I 255 -42.14 -40.37 -7.90
N LYS I 256 -42.98 -40.62 -8.90
CA LYS I 256 -42.58 -40.42 -10.28
C LYS I 256 -43.40 -39.37 -10.99
N HIS I 257 -42.80 -38.70 -11.97
CA HIS I 257 -43.49 -37.73 -12.82
C HIS I 257 -44.19 -36.65 -12.05
N VAL I 258 -43.43 -35.88 -11.30
CA VAL I 258 -44.01 -34.86 -10.44
C VAL I 258 -44.29 -33.58 -11.17
N ARG I 259 -45.34 -32.87 -10.83
CA ARG I 259 -45.55 -31.56 -11.41
C ARG I 259 -46.22 -30.81 -10.30
N ALA I 260 -45.97 -29.52 -10.16
CA ALA I 260 -46.56 -28.71 -9.09
C ALA I 260 -47.10 -27.44 -9.63
N TRP I 261 -48.17 -26.89 -9.04
CA TRP I 261 -48.80 -25.71 -9.60
C TRP I 261 -48.98 -24.38 -8.86
N ILE I 262 -48.72 -24.21 -7.55
CA ILE I 262 -48.74 -22.86 -6.94
C ILE I 262 -47.81 -22.96 -5.77
N PRO I 263 -46.99 -21.94 -5.51
CA PRO I 263 -46.08 -22.14 -4.38
C PRO I 263 -46.60 -21.50 -3.11
N ARG I 264 -46.16 -21.90 -1.92
CA ARG I 264 -46.67 -21.38 -0.65
C ARG I 264 -45.56 -21.28 0.33
N PRO I 265 -45.77 -20.61 1.46
CA PRO I 265 -44.69 -20.59 2.44
C PRO I 265 -44.49 -21.84 3.24
N LEU I 266 -43.36 -22.01 3.94
CA LEU I 266 -43.07 -23.25 4.67
C LEU I 266 -43.77 -23.30 6.00
N ARG I 267 -43.44 -24.29 6.84
CA ARG I 267 -44.04 -24.40 8.16
C ARG I 267 -42.96 -24.44 9.21
N ASN I 268 -43.11 -23.65 10.27
CA ASN I 268 -42.14 -23.61 11.36
C ASN I 268 -42.64 -24.18 12.68
N GLN I 269 -43.91 -24.07 12.95
CA GLN I 269 -44.46 -24.60 14.17
C GLN I 269 -44.53 -26.12 14.13
N PRO I 270 -44.42 -26.80 15.27
CA PRO I 270 -44.57 -28.25 15.27
C PRO I 270 -45.99 -28.67 14.98
N TYR I 271 -46.18 -29.84 14.40
CA TYR I 271 -47.51 -30.32 14.07
C TYR I 271 -48.22 -30.89 15.27
N LEU I 272 -49.53 -31.02 15.18
CA LEU I 272 -50.33 -31.57 16.28
C LEU I 272 -51.25 -32.70 15.88
N PHE I 273 -51.74 -32.73 14.65
CA PHE I 273 -52.65 -33.76 14.19
C PHE I 273 -52.22 -34.19 12.80
N LYS I 274 -53.00 -35.05 12.16
CA LYS I 274 -52.65 -35.55 10.84
C LYS I 274 -53.44 -34.93 9.72
N THR I 275 -54.48 -34.15 10.03
CA THR I 275 -55.33 -33.61 8.97
C THR I 275 -55.50 -32.11 8.91
N ASN I 276 -55.27 -31.40 10.01
CA ASN I 276 -55.54 -29.97 10.05
C ASN I 276 -54.32 -29.22 10.51
N PRO I 277 -54.09 -28.01 10.00
CA PRO I 277 -52.88 -27.29 10.37
C PRO I 277 -53.02 -26.53 11.67
N ASN I 278 -53.23 -27.25 12.76
CA ASN I 278 -53.30 -26.61 14.06
C ASN I 278 -51.91 -26.34 14.55
N TYR I 279 -51.79 -25.52 15.59
CA TYR I 279 -50.52 -25.24 16.20
C TYR I 279 -50.73 -24.94 17.65
N LYS I 280 -49.66 -24.93 18.42
CA LYS I 280 -49.78 -24.74 19.85
C LYS I 280 -50.03 -23.27 20.06
N GLY I 281 -51.10 -22.93 20.77
CA GLY I 281 -51.49 -21.53 20.88
C GLY I 281 -50.75 -20.64 21.81
N ASN I 282 -50.52 -21.10 23.03
CA ASN I 282 -49.90 -20.25 24.05
C ASN I 282 -48.46 -19.85 23.80
N ASP I 283 -47.63 -20.79 23.38
CA ASP I 283 -46.22 -20.50 23.10
C ASP I 283 -45.94 -20.71 21.63
N ILE I 284 -45.22 -19.79 21.02
CA ILE I 284 -44.91 -19.86 19.60
C ILE I 284 -43.40 -19.84 19.46
N LYS I 285 -42.84 -20.85 18.84
CA LYS I 285 -41.40 -20.92 18.78
C LYS I 285 -40.96 -20.06 17.63
N CYS I 286 -40.23 -19.01 17.91
CA CYS I 286 -39.87 -18.11 16.83
C CYS I 286 -38.94 -18.83 15.93
N THR I 287 -38.96 -18.49 14.65
CA THR I 287 -38.17 -19.22 13.69
C THR I 287 -36.68 -19.17 13.88
N SER I 288 -36.14 -18.03 14.22
CA SER I 288 -34.70 -17.87 14.33
C SER I 288 -34.14 -18.15 15.67
N THR I 289 -32.83 -18.22 15.79
CA THR I 289 -32.21 -18.35 17.08
C THR I 289 -32.12 -16.91 17.56
N SER I 290 -31.39 -16.62 18.64
CA SER I 290 -31.30 -15.28 19.18
C SER I 290 -29.93 -14.86 19.60
N ARG I 291 -29.72 -13.55 19.67
CA ARG I 291 -28.47 -13.00 20.16
C ARG I 291 -28.84 -12.00 21.22
N ASP I 292 -27.85 -11.40 21.85
CA ASP I 292 -28.10 -10.48 22.97
C ASP I 292 -28.17 -9.02 22.60
N LYS I 293 -27.38 -8.60 21.62
CA LYS I 293 -27.36 -7.19 21.20
C LYS I 293 -27.37 -7.14 19.68
N ILE I 294 -28.03 -6.15 19.11
CA ILE I 294 -28.15 -6.06 17.66
C ILE I 294 -26.85 -5.70 16.98
N THR I 295 -25.94 -5.08 17.69
CA THR I 295 -24.68 -4.62 17.11
C THR I 295 -23.57 -5.62 17.25
N THR I 296 -23.87 -6.84 17.66
CA THR I 296 -22.86 -7.88 17.73
C THR I 296 -22.47 -8.36 16.35
N LEU I 297 -21.35 -9.06 16.24
CA LEU I 297 -20.86 -9.46 14.91
C LEU I 297 -21.64 -10.64 14.39
N SER J 74 2.19 -55.44 -26.67
CA SER J 74 2.11 -54.11 -27.26
C SER J 74 2.35 -53.09 -26.19
N THR J 75 1.98 -51.84 -26.43
CA THR J 75 2.18 -50.76 -25.47
C THR J 75 0.94 -50.43 -24.68
N GLN J 76 -0.13 -51.18 -24.88
CA GLN J 76 -1.37 -50.87 -24.18
C GLN J 76 -1.40 -51.45 -22.79
N GLU J 77 -0.56 -52.42 -22.51
CA GLU J 77 -0.60 -53.08 -21.22
C GLU J 77 -0.04 -52.22 -20.12
N THR J 78 0.74 -51.22 -20.50
CA THR J 78 1.39 -50.39 -19.51
C THR J 78 0.76 -49.04 -19.39
N ALA J 79 -0.44 -48.88 -19.93
CA ALA J 79 -1.17 -47.61 -19.84
C ALA J 79 -1.71 -47.34 -18.45
N ILE J 80 -2.18 -46.12 -18.20
CA ILE J 80 -2.71 -45.76 -16.88
C ILE J 80 -3.94 -46.55 -16.53
N GLY J 81 -4.71 -46.93 -17.54
CA GLY J 81 -5.94 -47.67 -17.30
C GLY J 81 -5.71 -49.06 -16.80
N ASN J 82 -4.64 -49.69 -17.26
CA ASN J 82 -4.36 -51.08 -16.91
C ASN J 82 -3.42 -51.16 -15.72
N PHE J 83 -3.17 -50.03 -15.06
CA PHE J 83 -2.32 -50.01 -13.88
C PHE J 83 -3.12 -50.04 -12.60
N PHE J 84 -4.41 -49.75 -12.67
CA PHE J 84 -5.27 -49.76 -11.49
C PHE J 84 -6.52 -50.60 -11.67
N SER J 85 -6.61 -51.36 -12.73
CA SER J 85 -7.85 -52.06 -13.06
C SER J 85 -8.28 -53.22 -12.20
N ARG J 86 -7.36 -53.83 -11.47
CA ARG J 86 -7.72 -55.01 -10.71
C ARG J 86 -8.42 -54.67 -9.42
N ALA J 87 -9.30 -55.56 -8.95
CA ALA J 87 -10.03 -55.34 -7.72
C ALA J 87 -9.27 -55.96 -6.56
N GLY J 88 -9.32 -55.34 -5.39
CA GLY J 88 -8.64 -55.89 -4.22
C GLY J 88 -9.36 -55.46 -2.98
N LEU J 89 -9.32 -56.28 -1.93
CA LEU J 89 -10.05 -55.96 -0.73
C LEU J 89 -9.43 -54.82 0.01
N VAL J 90 -10.25 -53.90 0.49
CA VAL J 90 -9.76 -52.74 1.21
C VAL J 90 -9.97 -52.83 2.71
N SER J 91 -10.95 -53.61 3.17
CA SER J 91 -11.17 -53.77 4.59
C SER J 91 -11.90 -55.03 4.95
N ILE J 92 -11.79 -55.47 6.20
CA ILE J 92 -12.52 -56.62 6.68
C ILE J 92 -13.38 -56.11 7.83
N ILE J 93 -14.67 -56.42 7.83
CA ILE J 93 -15.60 -55.92 8.84
C ILE J 93 -16.18 -57.09 9.58
N THR J 94 -16.05 -57.08 10.91
CA THR J 94 -16.55 -58.17 11.74
C THR J 94 -17.59 -57.65 12.72
N MET J 95 -18.76 -58.30 12.78
CA MET J 95 -19.82 -57.92 13.71
C MET J 95 -20.15 -59.16 14.51
N PRO J 96 -19.58 -59.29 15.72
CA PRO J 96 -19.80 -60.49 16.51
C PRO J 96 -21.06 -60.42 17.32
N THR J 97 -21.33 -61.44 18.13
CA THR J 97 -22.48 -61.44 19.02
C THR J 97 -22.12 -60.83 20.37
N ASP J 104 -22.52 -53.61 19.60
CA ASP J 104 -23.47 -52.52 19.42
C ASP J 104 -24.41 -52.88 18.29
N GLY J 105 -23.96 -53.70 17.35
CA GLY J 105 -24.80 -54.16 16.26
C GLY J 105 -24.69 -53.35 15.00
N TYR J 106 -23.74 -52.41 14.95
CA TYR J 106 -23.53 -51.64 13.75
C TYR J 106 -22.09 -51.19 13.70
N VAL J 107 -21.62 -50.82 12.52
CA VAL J 107 -20.26 -50.37 12.32
C VAL J 107 -20.26 -49.27 11.27
N ASN J 108 -19.36 -48.31 11.39
CA ASN J 108 -19.30 -47.20 10.46
C ASN J 108 -17.91 -47.21 9.83
N TRP J 109 -17.71 -48.01 8.80
CA TRP J 109 -16.39 -48.11 8.14
C TRP J 109 -16.13 -46.95 7.25
N ASP J 110 -15.12 -46.17 7.56
CA ASP J 110 -14.86 -45.00 6.77
C ASP J 110 -14.28 -45.44 5.48
N ILE J 111 -14.44 -44.61 4.46
CA ILE J 111 -13.96 -44.97 3.17
C ILE J 111 -12.65 -44.29 2.93
N ASP J 112 -11.66 -45.02 2.42
CA ASP J 112 -10.44 -44.41 1.99
C ASP J 112 -9.73 -45.45 1.20
N LEU J 113 -9.09 -45.04 0.12
CA LEU J 113 -8.28 -45.96 -0.65
C LEU J 113 -7.18 -46.36 0.30
N MET J 114 -6.75 -45.42 1.14
CA MET J 114 -5.68 -45.71 2.06
C MET J 114 -6.13 -46.73 3.04
N GLY J 115 -5.19 -47.41 3.67
CA GLY J 115 -5.52 -48.37 4.70
C GLY J 115 -4.96 -49.75 4.55
N TYR J 116 -4.45 -50.07 3.40
CA TYR J 116 -3.80 -51.33 3.22
C TYR J 116 -2.66 -50.76 2.48
N ALA J 117 -1.45 -51.12 2.83
CA ALA J 117 -0.29 -50.45 2.26
C ALA J 117 0.03 -50.52 0.80
N GLN J 118 -0.12 -51.67 0.19
CA GLN J 118 0.34 -51.79 -1.16
C GLN J 118 -0.21 -50.72 -2.04
N LEU J 119 -1.49 -50.48 -1.95
CA LEU J 119 -2.09 -49.54 -2.84
C LEU J 119 -1.55 -48.18 -2.61
N ARG J 120 -1.27 -47.84 -1.38
CA ARG J 120 -0.88 -46.49 -1.09
C ARG J 120 0.25 -46.06 -1.93
N ARG J 121 1.30 -46.85 -1.95
CA ARG J 121 2.48 -46.42 -2.66
C ARG J 121 2.14 -46.32 -4.13
N LYS J 122 1.28 -47.18 -4.65
CA LYS J 122 1.00 -47.14 -6.07
C LYS J 122 0.34 -45.84 -6.37
N CYS J 123 -0.60 -45.46 -5.55
CA CYS J 123 -1.33 -44.24 -5.83
C CYS J 123 -0.42 -43.09 -5.77
N GLU J 124 0.55 -43.10 -4.88
CA GLU J 124 1.38 -41.93 -4.72
C GLU J 124 2.17 -41.57 -5.94
N LEU J 125 2.27 -42.48 -6.91
CA LEU J 125 2.95 -42.17 -8.16
C LEU J 125 2.57 -40.81 -8.68
N PHE J 126 1.32 -40.41 -8.53
CA PHE J 126 0.87 -39.10 -8.98
C PHE J 126 0.33 -38.24 -7.84
N THR J 127 0.16 -36.95 -8.04
CA THR J 127 -0.35 -36.05 -7.01
C THR J 127 -1.76 -35.54 -7.26
N TYR J 128 -2.31 -35.76 -8.44
CA TYR J 128 -3.71 -35.41 -8.69
C TYR J 128 -4.34 -36.57 -9.45
N MET J 129 -5.34 -37.22 -8.85
CA MET J 129 -6.02 -38.33 -9.49
C MET J 129 -7.50 -38.05 -9.56
N ARG J 130 -8.19 -38.75 -10.46
CA ARG J 130 -9.62 -38.58 -10.62
C ARG J 130 -10.20 -39.89 -11.07
N PHE J 131 -11.15 -40.43 -10.31
CA PHE J 131 -11.70 -41.74 -10.58
C PHE J 131 -12.95 -41.98 -9.81
N ASP J 132 -13.78 -42.91 -10.26
CA ASP J 132 -14.96 -43.32 -9.51
C ASP J 132 -14.68 -44.74 -9.08
N ALA J 133 -15.47 -45.28 -8.18
CA ALA J 133 -15.21 -46.60 -7.64
C ALA J 133 -16.37 -47.51 -7.87
N GLU J 134 -16.20 -48.79 -7.55
CA GLU J 134 -17.26 -49.77 -7.69
C GLU J 134 -17.01 -50.80 -6.62
N PHE J 135 -17.87 -50.84 -5.63
CA PHE J 135 -17.65 -51.71 -4.49
C PHE J 135 -18.39 -53.01 -4.61
N THR J 136 -17.99 -54.01 -3.82
CA THR J 136 -18.70 -55.27 -3.79
C THR J 136 -18.54 -55.88 -2.41
N PHE J 137 -19.66 -56.32 -1.82
CA PHE J 137 -19.63 -56.85 -0.48
C PHE J 137 -19.96 -58.34 -0.44
N VAL J 138 -19.01 -59.19 -0.04
CA VAL J 138 -19.28 -60.61 0.11
C VAL J 138 -19.48 -60.88 1.59
N VAL J 139 -20.50 -61.66 1.96
CA VAL J 139 -20.82 -61.86 3.36
C VAL J 139 -21.07 -63.28 3.71
N ALA J 140 -20.52 -63.73 4.83
CA ALA J 140 -20.77 -65.08 5.30
C ALA J 140 -20.37 -65.13 6.74
N LYS J 141 -20.76 -66.18 7.44
CA LYS J 141 -20.49 -66.27 8.86
C LYS J 141 -19.01 -66.51 9.06
N PRO J 142 -18.53 -66.25 10.26
CA PRO J 142 -17.09 -66.42 10.41
C PRO J 142 -16.74 -67.80 10.05
N ASN J 143 -17.61 -68.74 10.38
CA ASN J 143 -17.30 -70.15 10.13
C ASN J 143 -17.33 -70.59 8.66
N GLY J 144 -17.85 -69.77 7.76
CA GLY J 144 -17.92 -70.12 6.35
C GLY J 144 -19.22 -70.71 5.86
N VAL J 145 -20.31 -70.52 6.59
CA VAL J 145 -21.62 -71.05 6.21
C VAL J 145 -22.61 -69.90 6.10
N LEU J 146 -23.69 -70.09 5.35
CA LEU J 146 -24.67 -69.04 5.15
C LEU J 146 -25.98 -69.26 5.85
N VAL J 147 -26.68 -68.17 6.21
CA VAL J 147 -27.98 -68.23 6.90
C VAL J 147 -28.73 -66.98 6.51
N PRO J 148 -29.99 -67.11 6.10
CA PRO J 148 -30.62 -65.86 5.69
C PRO J 148 -30.76 -64.82 6.80
N GLN J 149 -30.29 -63.59 6.58
CA GLN J 149 -30.46 -62.50 7.52
C GLN J 149 -30.40 -61.28 6.68
N LEU J 150 -31.52 -60.64 6.45
CA LEU J 150 -31.49 -59.51 5.55
C LEU J 150 -30.58 -58.50 6.15
N LEU J 151 -29.66 -57.94 5.39
CA LEU J 151 -28.80 -56.90 5.91
C LEU J 151 -29.11 -55.61 5.23
N GLN J 152 -28.45 -54.52 5.62
CA GLN J 152 -28.64 -53.21 4.98
C GLN J 152 -27.31 -52.47 5.00
N TYR J 153 -26.87 -51.96 3.86
CA TYR J 153 -25.63 -51.23 3.77
C TYR J 153 -25.95 -49.78 3.45
N MET J 154 -26.18 -48.99 4.49
CA MET J 154 -26.51 -47.59 4.29
C MET J 154 -25.29 -46.79 3.94
N TYR J 155 -25.42 -45.93 2.93
CA TYR J 155 -24.30 -45.11 2.47
C TYR J 155 -24.60 -43.65 2.71
N VAL J 156 -23.69 -42.92 3.36
CA VAL J 156 -23.95 -41.53 3.68
C VAL J 156 -23.10 -40.75 2.74
N PRO J 157 -23.61 -39.65 2.19
CA PRO J 157 -22.69 -38.87 1.38
C PRO J 157 -21.88 -37.99 2.26
N PRO J 158 -20.87 -37.34 1.70
CA PRO J 158 -20.16 -36.39 2.55
C PRO J 158 -21.02 -35.28 3.14
N GLY J 159 -20.86 -34.95 4.41
CA GLY J 159 -21.57 -33.84 5.04
C GLY J 159 -22.80 -34.21 5.81
N ALA J 160 -23.41 -35.34 5.49
CA ALA J 160 -24.58 -35.78 6.21
C ALA J 160 -24.14 -36.41 7.53
N PRO J 161 -24.97 -36.30 8.57
CA PRO J 161 -24.59 -36.86 9.86
C PRO J 161 -24.59 -38.38 9.91
N LYS J 162 -23.62 -38.97 10.60
CA LYS J 162 -23.48 -40.43 10.62
C LYS J 162 -24.39 -41.01 11.66
N PRO J 163 -24.73 -42.30 11.54
CA PRO J 163 -25.54 -42.90 12.61
C PRO J 163 -24.74 -43.09 13.87
N THR J 164 -25.42 -43.11 15.00
CA THR J 164 -24.76 -43.27 16.28
C THR J 164 -25.24 -44.42 17.12
N SER J 165 -26.40 -44.98 16.81
CA SER J 165 -26.95 -46.11 17.55
C SER J 165 -27.58 -47.05 16.55
N ARG J 166 -27.98 -48.23 17.00
CA ARG J 166 -28.63 -49.18 16.13
C ARG J 166 -30.01 -48.74 15.72
N ASP J 167 -30.66 -47.93 16.56
CA ASP J 167 -32.02 -47.48 16.29
C ASP J 167 -32.05 -45.97 16.22
N SER J 168 -31.05 -45.39 15.60
CA SER J 168 -30.96 -43.93 15.51
C SER J 168 -31.90 -43.34 14.50
N PHE J 169 -31.94 -42.02 14.40
CA PHE J 169 -32.78 -41.34 13.42
C PHE J 169 -32.27 -41.44 12.00
N ALA J 170 -30.97 -41.61 11.81
CA ALA J 170 -30.37 -41.60 10.48
C ALA J 170 -30.76 -42.72 9.57
N TRP J 171 -31.09 -43.87 10.11
CA TRP J 171 -31.36 -45.05 9.29
C TRP J 171 -32.61 -44.94 8.43
N GLN J 172 -33.53 -44.06 8.79
CA GLN J 172 -34.74 -43.84 8.00
C GLN J 172 -34.66 -42.57 7.16
N THR J 173 -33.51 -41.92 7.08
CA THR J 173 -33.39 -40.72 6.28
C THR J 173 -33.37 -41.04 4.81
N ALA J 174 -34.21 -40.39 4.02
CA ALA J 174 -34.28 -40.73 2.62
C ALA J 174 -33.01 -40.39 1.91
N THR J 175 -32.42 -39.26 2.22
CA THR J 175 -31.26 -38.81 1.46
C THR J 175 -30.07 -39.73 1.41
N ASN J 176 -29.98 -40.62 2.36
CA ASN J 176 -28.90 -41.56 2.36
C ASN J 176 -29.41 -42.79 1.62
N PRO J 177 -28.79 -43.18 0.49
CA PRO J 177 -29.22 -44.39 -0.18
C PRO J 177 -28.66 -45.66 0.44
N SER J 178 -29.37 -46.77 0.29
CA SER J 178 -28.93 -48.02 0.88
C SER J 178 -29.30 -49.18 0.00
N VAL J 179 -28.71 -50.36 0.20
CA VAL J 179 -29.13 -51.54 -0.54
C VAL J 179 -29.68 -52.51 0.49
N PHE J 180 -30.58 -53.39 0.07
CA PHE J 180 -31.15 -54.39 0.96
C PHE J 180 -30.94 -55.72 0.28
N VAL J 181 -30.04 -56.53 0.79
CA VAL J 181 -29.71 -57.80 0.16
C VAL J 181 -29.67 -58.91 1.14
N LYS J 182 -29.92 -60.11 0.65
CA LYS J 182 -29.94 -61.28 1.48
C LYS J 182 -28.58 -61.93 1.49
N MET J 183 -28.25 -62.63 2.57
CA MET J 183 -26.94 -63.28 2.69
C MET J 183 -26.84 -64.39 1.68
N THR J 184 -27.95 -65.02 1.34
CA THR J 184 -27.91 -66.17 0.44
C THR J 184 -27.88 -65.75 -1.01
N ASP J 185 -27.89 -64.46 -1.26
CA ASP J 185 -27.90 -63.93 -2.61
C ASP J 185 -26.52 -63.75 -3.17
N PRO J 186 -26.41 -63.42 -4.46
CA PRO J 186 -25.09 -63.04 -4.98
C PRO J 186 -24.68 -61.73 -4.31
N PRO J 187 -23.39 -61.43 -4.29
CA PRO J 187 -22.96 -60.22 -3.59
C PRO J 187 -23.42 -58.94 -4.24
N ALA J 188 -23.64 -57.92 -3.43
CA ALA J 188 -24.11 -56.63 -3.94
C ALA J 188 -23.04 -55.90 -4.71
N GLN J 189 -23.44 -54.95 -5.57
CA GLN J 189 -22.48 -54.15 -6.30
C GLN J 189 -22.97 -52.74 -6.40
N VAL J 190 -22.19 -51.78 -5.92
CA VAL J 190 -22.59 -50.38 -5.92
C VAL J 190 -21.48 -49.55 -6.52
N SER J 191 -21.83 -48.60 -7.39
CA SER J 191 -20.83 -47.68 -7.93
C SER J 191 -21.12 -46.32 -7.36
N VAL J 192 -20.09 -45.56 -7.05
CA VAL J 192 -20.24 -44.24 -6.49
C VAL J 192 -19.39 -43.25 -7.27
N PRO J 193 -19.99 -42.16 -7.75
CA PRO J 193 -19.20 -41.23 -8.54
C PRO J 193 -18.37 -40.35 -7.63
N PHE J 194 -17.34 -39.72 -8.13
CA PHE J 194 -16.44 -38.93 -7.29
C PHE J 194 -17.11 -37.65 -6.93
N MET J 195 -17.04 -37.27 -5.65
CA MET J 195 -17.79 -36.12 -5.18
C MET J 195 -16.94 -35.07 -4.53
N SER J 196 -15.82 -34.78 -5.13
CA SER J 196 -15.04 -33.71 -4.59
C SER J 196 -15.59 -32.38 -5.05
N PRO J 197 -15.55 -31.37 -4.19
CA PRO J 197 -15.96 -30.04 -4.67
C PRO J 197 -14.96 -29.47 -5.64
N ALA J 198 -13.73 -29.94 -5.61
CA ALA J 198 -12.70 -29.50 -6.54
C ALA J 198 -12.78 -30.38 -7.79
N SER J 199 -11.79 -30.30 -8.66
CA SER J 199 -11.80 -31.07 -9.88
C SER J 199 -11.03 -32.37 -9.85
N ALA J 200 -10.20 -32.59 -8.83
CA ALA J 200 -9.48 -33.85 -8.71
C ALA J 200 -9.08 -34.05 -7.27
N TYR J 201 -8.82 -35.29 -6.90
CA TYR J 201 -8.39 -35.58 -5.56
C TYR J 201 -6.95 -35.16 -5.36
N GLN J 202 -6.57 -34.86 -4.12
CA GLN J 202 -5.19 -34.53 -3.80
C GLN J 202 -4.67 -35.44 -2.72
N TRP J 203 -3.63 -36.21 -3.01
CA TRP J 203 -3.01 -37.03 -1.99
C TRP J 203 -1.97 -36.25 -1.19
N PHE J 204 -1.61 -35.07 -1.65
CA PHE J 204 -0.64 -34.26 -0.95
C PHE J 204 -1.12 -32.82 -0.87
N TYR J 205 -1.40 -32.33 0.33
CA TYR J 205 -1.82 -30.94 0.54
C TYR J 205 -0.78 -30.30 1.40
N ASP J 206 -0.33 -29.11 1.02
CA ASP J 206 0.75 -28.44 1.74
C ASP J 206 0.31 -27.59 2.89
N GLY J 207 -0.84 -26.95 2.75
CA GLY J 207 -1.29 -26.02 3.76
C GLY J 207 -2.07 -26.55 4.91
N TYR J 208 -2.73 -25.66 5.63
CA TYR J 208 -3.53 -26.00 6.80
C TYR J 208 -5.02 -25.92 6.40
N PRO J 209 -5.87 -26.74 7.01
CA PRO J 209 -7.29 -26.68 6.68
C PRO J 209 -7.98 -25.48 7.27
N THR J 210 -8.36 -24.51 6.44
CA THR J 210 -9.04 -23.32 6.92
C THR J 210 -10.00 -22.78 5.88
N ALA J 217 -7.07 -13.25 4.86
CA ALA J 217 -6.94 -14.68 4.91
C ALA J 217 -5.61 -14.96 5.54
N ASN J 218 -5.52 -15.94 6.42
CA ASN J 218 -4.26 -16.32 7.05
C ASN J 218 -4.46 -17.69 7.69
N ASP J 219 -3.39 -18.39 8.02
CA ASP J 219 -3.50 -19.70 8.65
C ASP J 219 -4.16 -19.60 10.00
N LEU J 220 -5.06 -20.53 10.32
CA LEU J 220 -5.81 -20.48 11.59
C LEU J 220 -5.69 -21.65 12.52
N ASP J 221 -5.30 -22.82 12.04
CA ASP J 221 -5.25 -24.00 12.89
C ASP J 221 -4.17 -24.94 12.40
N TYR J 222 -3.82 -25.94 13.20
CA TYR J 222 -2.74 -26.85 12.82
C TYR J 222 -3.22 -28.17 12.20
N GLY J 223 -2.49 -28.67 11.21
CA GLY J 223 -2.87 -29.89 10.51
C GLY J 223 -2.28 -29.80 9.11
N GLN J 224 -2.08 -30.92 8.43
CA GLN J 224 -1.58 -30.94 7.04
C GLN J 224 -2.44 -31.86 6.18
N CYS J 225 -3.74 -31.94 6.45
CA CYS J 225 -4.66 -32.81 5.70
C CYS J 225 -5.69 -31.99 4.93
N PRO J 226 -6.04 -32.40 3.70
CA PRO J 226 -7.06 -31.67 2.93
C PRO J 226 -8.46 -32.06 3.25
N ASN J 227 -9.43 -31.52 2.51
CA ASN J 227 -10.81 -31.89 2.67
C ASN J 227 -11.27 -32.63 1.43
N ASN J 228 -11.05 -33.94 1.38
CA ASN J 228 -11.57 -34.79 0.30
C ASN J 228 -12.00 -36.10 0.93
N MET J 229 -13.20 -36.57 0.64
CA MET J 229 -13.69 -37.83 1.19
C MET J 229 -14.87 -38.32 0.40
N MET J 230 -15.17 -39.61 0.49
CA MET J 230 -16.34 -40.17 -0.19
C MET J 230 -17.42 -40.60 0.76
N GLY J 231 -17.25 -40.35 2.04
CA GLY J 231 -18.30 -40.67 3.00
C GLY J 231 -18.25 -42.10 3.46
N THR J 232 -18.90 -42.39 4.56
CA THR J 232 -18.80 -43.71 5.12
C THR J 232 -19.89 -44.63 4.68
N PHE J 233 -19.69 -45.93 4.93
CA PHE J 233 -20.73 -46.90 4.72
C PHE J 233 -21.16 -47.29 6.13
N SER J 234 -22.34 -47.86 6.26
CA SER J 234 -22.84 -48.25 7.55
C SER J 234 -23.59 -49.53 7.39
N ILE J 235 -23.20 -50.57 8.13
CA ILE J 235 -23.78 -51.88 7.96
C ILE J 235 -24.44 -52.35 9.21
N ARG J 236 -25.69 -52.79 9.11
CA ARG J 236 -26.38 -53.36 10.25
C ARG J 236 -27.43 -54.33 9.80
N THR J 237 -27.97 -55.07 10.75
CA THR J 237 -28.95 -56.08 10.44
C THR J 237 -30.29 -55.48 10.53
N VAL J 238 -31.27 -56.07 9.87
CA VAL J 238 -32.61 -55.52 9.82
C VAL J 238 -33.41 -56.18 10.87
N GLY J 239 -34.07 -55.39 11.70
CA GLY J 239 -34.94 -55.94 12.70
C GLY J 239 -34.93 -55.11 13.94
N THR J 240 -35.58 -55.59 14.98
CA THR J 240 -35.61 -54.88 16.24
C THR J 240 -34.69 -55.51 17.28
N GLU J 241 -34.75 -56.82 17.43
CA GLU J 241 -33.88 -57.49 18.38
C GLU J 241 -32.63 -57.99 17.71
N LYS J 242 -31.68 -58.48 18.49
CA LYS J 242 -30.40 -58.89 17.95
C LYS J 242 -30.44 -60.17 17.17
N SER J 243 -29.62 -60.24 16.13
CA SER J 243 -29.58 -61.40 15.29
C SER J 243 -29.12 -62.56 16.06
N PRO J 244 -29.58 -63.74 15.68
CA PRO J 244 -28.97 -64.86 16.37
C PRO J 244 -27.53 -65.01 15.94
N HIS J 245 -27.20 -64.76 14.68
CA HIS J 245 -25.85 -65.07 14.18
C HIS J 245 -24.84 -63.98 13.94
N SER J 246 -23.56 -64.27 14.19
CA SER J 246 -22.48 -63.30 13.99
C SER J 246 -22.09 -63.29 12.54
N ILE J 247 -21.84 -62.12 11.97
CA ILE J 247 -21.57 -62.02 10.54
C ILE J 247 -20.27 -61.30 10.29
N THR J 248 -19.55 -61.66 9.22
CA THR J 248 -18.34 -60.93 8.82
C THR J 248 -18.45 -60.64 7.34
N LEU J 249 -17.76 -59.62 6.86
CA LEU J 249 -17.81 -59.30 5.45
C LEU J 249 -16.55 -58.66 4.94
N ARG J 250 -16.33 -58.72 3.63
CA ARG J 250 -15.17 -58.11 3.01
C ARG J 250 -15.68 -57.14 1.97
N VAL J 251 -14.94 -56.06 1.75
CA VAL J 251 -15.31 -55.08 0.76
C VAL J 251 -14.23 -54.99 -0.31
N TYR J 252 -14.55 -55.36 -1.53
CA TYR J 252 -13.62 -55.25 -2.63
C TYR J 252 -13.91 -53.97 -3.39
N MET J 253 -12.91 -53.40 -4.06
CA MET J 253 -13.09 -52.13 -4.77
C MET J 253 -12.27 -52.03 -6.04
N ARG J 254 -12.88 -51.66 -7.15
CA ARG J 254 -12.13 -51.44 -8.38
C ARG J 254 -12.02 -49.96 -8.50
N ILE J 255 -11.31 -49.49 -9.50
CA ILE J 255 -11.23 -48.09 -9.75
C ILE J 255 -11.41 -48.09 -11.25
N LYS J 256 -12.07 -47.08 -11.83
CA LYS J 256 -12.35 -47.03 -13.26
C LYS J 256 -12.13 -45.68 -13.88
N HIS J 257 -11.88 -45.63 -15.17
CA HIS J 257 -11.75 -44.35 -15.87
C HIS J 257 -10.73 -43.43 -15.24
N VAL J 258 -9.57 -43.93 -14.89
CA VAL J 258 -8.63 -43.11 -14.18
C VAL J 258 -7.99 -42.12 -15.07
N ARG J 259 -7.57 -41.00 -14.53
CA ARG J 259 -6.79 -40.04 -15.28
C ARG J 259 -5.88 -39.60 -14.19
N ALA J 260 -4.72 -39.05 -14.49
CA ALA J 260 -3.75 -38.70 -13.47
C ALA J 260 -3.06 -37.45 -13.90
N TRP J 261 -2.34 -36.80 -13.02
CA TRP J 261 -1.58 -35.63 -13.41
C TRP J 261 -0.27 -35.38 -12.65
N ILE J 262 0.74 -34.74 -13.25
CA ILE J 262 2.01 -34.34 -12.56
C ILE J 262 2.85 -35.39 -11.80
N PRO J 263 3.45 -36.37 -12.48
CA PRO J 263 4.15 -37.42 -11.71
C PRO J 263 5.26 -37.08 -10.73
N ARG J 264 5.44 -37.84 -9.64
CA ARG J 264 6.42 -37.54 -8.56
C ARG J 264 7.23 -38.78 -8.18
N PRO J 265 8.29 -38.65 -7.35
CA PRO J 265 9.03 -39.85 -6.91
C PRO J 265 8.37 -40.88 -5.97
N LEU J 266 8.89 -42.10 -5.89
CA LEU J 266 8.29 -43.18 -5.09
C LEU J 266 8.61 -43.04 -3.61
N ARG J 267 8.24 -44.00 -2.77
CA ARG J 267 8.58 -43.98 -1.35
C ARG J 267 9.36 -45.20 -0.92
N ASN J 268 10.47 -45.02 -0.19
CA ASN J 268 11.28 -46.13 0.29
C ASN J 268 11.24 -46.38 1.78
N GLN J 269 11.09 -45.35 2.58
CA GLN J 269 11.03 -45.50 4.02
C GLN J 269 9.72 -46.14 4.43
N PRO J 270 9.70 -46.91 5.51
CA PRO J 270 8.43 -47.47 5.96
C PRO J 270 7.49 -46.42 6.46
N TYR J 271 6.20 -46.65 6.32
CA TYR J 271 5.20 -45.70 6.80
C TYR J 271 5.02 -45.77 8.30
N LEU J 272 4.49 -44.72 8.90
CA LEU J 272 4.24 -44.71 10.33
C LEU J 272 2.85 -44.35 10.76
N PHE J 273 2.12 -43.59 9.97
CA PHE J 273 0.78 -43.18 10.30
C PHE J 273 -0.07 -43.32 9.06
N LYS J 274 -1.32 -42.94 9.12
CA LYS J 274 -2.23 -43.07 7.99
C LYS J 274 -2.48 -41.80 7.28
N THR J 275 -2.02 -40.66 7.81
CA THR J 275 -2.31 -39.36 7.21
C THR J 275 -1.14 -38.49 6.83
N ASN J 276 0.02 -38.66 7.44
CA ASN J 276 1.13 -37.74 7.21
C ASN J 276 2.36 -38.50 6.81
N PRO J 277 3.22 -37.92 5.97
CA PRO J 277 4.38 -38.67 5.51
C PRO J 277 5.55 -38.59 6.45
N ASN J 278 5.39 -39.07 7.66
CA ASN J 278 6.49 -39.09 8.59
C ASN J 278 7.40 -40.26 8.30
N TYR J 279 8.58 -40.28 8.91
CA TYR J 279 9.49 -41.38 8.74
C TYR J 279 10.29 -41.53 10.00
N LYS J 280 10.99 -42.65 10.12
CA LYS J 280 11.77 -42.91 11.31
C LYS J 280 13.05 -42.11 11.21
N GLY J 281 13.36 -41.33 12.21
CA GLY J 281 14.49 -40.43 12.14
C GLY J 281 15.88 -40.96 12.33
N ASN J 282 16.07 -41.73 13.39
CA ASN J 282 17.40 -42.21 13.72
C ASN J 282 18.04 -43.13 12.72
N ASP J 283 17.29 -44.09 12.21
CA ASP J 283 17.83 -45.03 11.21
C ASP J 283 17.11 -44.85 9.90
N ILE J 284 17.85 -44.79 8.79
CA ILE J 284 17.27 -44.64 7.47
C ILE J 284 17.72 -45.83 6.68
N LYS J 285 16.78 -46.57 6.13
CA LYS J 285 17.10 -47.71 5.31
C LYS J 285 17.44 -47.21 3.92
N CYS J 286 18.61 -47.57 3.44
CA CYS J 286 19.01 -47.17 2.10
C CYS J 286 18.26 -47.93 1.07
N THR J 287 18.26 -47.41 -0.15
CA THR J 287 17.49 -48.02 -1.21
C THR J 287 17.95 -49.35 -1.67
N SER J 288 19.26 -49.53 -1.80
CA SER J 288 19.78 -50.75 -2.39
C SER J 288 20.41 -51.70 -1.41
N THR J 289 20.86 -52.86 -1.91
CA THR J 289 21.55 -53.83 -1.07
C THR J 289 23.01 -53.48 -1.14
N SER J 290 23.89 -54.33 -0.64
CA SER J 290 25.30 -53.95 -0.58
C SER J 290 26.26 -54.95 -1.09
N ARG J 291 27.46 -54.47 -1.43
CA ARG J 291 28.53 -55.33 -1.90
C ARG J 291 29.76 -54.93 -1.13
N ASP J 292 30.84 -55.65 -1.35
CA ASP J 292 32.08 -55.42 -0.59
C ASP J 292 33.07 -54.48 -1.23
N LYS J 293 33.16 -54.51 -2.54
CA LYS J 293 34.11 -53.67 -3.27
C LYS J 293 33.41 -53.17 -4.51
N ILE J 294 33.75 -51.97 -4.96
CA ILE J 294 33.09 -51.38 -6.12
C ILE J 294 33.44 -52.12 -7.40
N THR J 295 34.55 -52.82 -7.39
CA THR J 295 35.00 -53.52 -8.59
C THR J 295 34.54 -54.96 -8.67
N THR J 296 33.64 -55.39 -7.80
CA THR J 296 33.07 -56.73 -7.91
C THR J 296 32.13 -56.84 -9.09
N LEU J 297 31.82 -58.06 -9.49
CA LEU J 297 31.00 -58.26 -10.68
C LEU J 297 29.54 -58.00 -10.40
N ALA K 29 -50.56 2.83 -12.13
CA ALA K 29 -50.07 1.84 -13.08
C ALA K 29 -49.11 0.86 -12.41
N ASN K 30 -49.32 0.55 -11.13
CA ASN K 30 -48.45 -0.36 -10.39
C ASN K 30 -49.20 -1.66 -10.16
N ILE K 31 -49.91 -2.14 -11.17
CA ILE K 31 -50.70 -3.35 -11.02
C ILE K 31 -49.82 -4.57 -10.98
N VAL K 32 -50.28 -5.65 -10.37
CA VAL K 32 -49.54 -6.91 -10.35
C VAL K 32 -50.48 -8.03 -10.73
N ILE K 33 -50.08 -8.85 -11.70
CA ILE K 33 -50.92 -9.91 -12.19
C ILE K 33 -50.44 -11.17 -11.53
N ALA K 34 -51.33 -11.89 -10.88
CA ALA K 34 -50.96 -13.09 -10.15
C ALA K 34 -50.58 -14.20 -11.10
N TYR K 35 -49.36 -14.70 -11.01
CA TYR K 35 -48.87 -15.80 -11.84
C TYR K 35 -48.87 -15.50 -13.31
N GLY K 36 -48.82 -14.23 -13.68
CA GLY K 36 -48.68 -13.85 -15.08
C GLY K 36 -49.75 -14.24 -16.05
N GLU K 37 -50.96 -14.46 -15.56
CA GLU K 37 -52.05 -14.87 -16.42
C GLU K 37 -53.26 -13.98 -16.24
N TRP K 38 -53.66 -13.29 -17.30
CA TRP K 38 -54.87 -12.48 -17.25
C TRP K 38 -56.07 -13.43 -17.24
N PRO K 39 -57.17 -13.04 -16.62
CA PRO K 39 -58.32 -13.92 -16.62
C PRO K 39 -59.01 -14.00 -17.97
N GLU K 40 -58.86 -15.14 -18.64
CA GLU K 40 -59.49 -15.34 -19.95
C GLU K 40 -60.66 -16.27 -19.83
N TYR K 41 -61.59 -16.21 -20.79
CA TYR K 41 -62.86 -16.92 -20.67
C TYR K 41 -63.08 -17.96 -21.73
N CYS K 42 -63.64 -19.13 -21.35
CA CYS K 42 -63.88 -20.25 -22.28
C CYS K 42 -62.58 -20.84 -22.86
N VAL K 60 -73.66 -7.06 -12.89
CA VAL K 60 -72.62 -7.69 -12.08
C VAL K 60 -71.28 -6.99 -12.21
N ASN K 61 -71.02 -6.34 -13.34
CA ASN K 61 -69.70 -5.73 -13.58
C ASN K 61 -69.56 -4.36 -12.95
N ARG K 62 -69.61 -4.30 -11.62
CA ARG K 62 -69.51 -3.03 -10.91
C ARG K 62 -68.55 -3.20 -9.75
N PHE K 63 -68.03 -2.07 -9.29
CA PHE K 63 -67.10 -2.09 -8.17
C PHE K 63 -67.85 -2.22 -6.86
N PHE K 64 -67.84 -3.40 -6.26
CA PHE K 64 -68.45 -3.58 -4.96
C PHE K 64 -67.42 -3.17 -3.92
N THR K 65 -67.71 -2.14 -3.14
CA THR K 65 -66.75 -1.63 -2.15
C THR K 65 -67.17 -2.06 -0.78
N LEU K 66 -66.27 -2.70 -0.04
CA LEU K 66 -66.63 -3.25 1.27
C LEU K 66 -66.61 -2.21 2.33
N ASP K 67 -66.86 -2.61 3.57
CA ASP K 67 -66.88 -1.69 4.68
C ASP K 67 -65.47 -1.25 5.01
N THR K 68 -65.33 -0.09 5.62
CA THR K 68 -64.01 0.45 5.91
C THR K 68 -63.51 -0.05 7.24
N LYS K 69 -62.28 -0.57 7.27
CA LYS K 69 -61.70 -1.11 8.50
C LYS K 69 -60.72 -0.11 9.05
N SER K 70 -60.84 0.19 10.34
CA SER K 70 -60.00 1.20 10.96
C SER K 70 -58.71 0.66 11.53
N TRP K 71 -57.58 1.19 11.08
CA TRP K 71 -56.27 0.72 11.51
C TRP K 71 -55.92 1.48 12.74
N ALA K 72 -55.84 0.77 13.85
CA ALA K 72 -55.54 1.38 15.13
C ALA K 72 -54.06 1.36 15.41
N LYS K 73 -53.66 1.77 16.61
CA LYS K 73 -52.27 1.76 17.01
C LYS K 73 -51.74 0.39 17.37
N ASP K 74 -52.61 -0.50 17.82
CA ASP K 74 -52.18 -1.82 18.25
C ASP K 74 -52.98 -2.93 17.59
N SER K 75 -53.44 -2.71 16.38
CA SER K 75 -54.16 -3.76 15.68
C SER K 75 -53.21 -4.79 15.17
N LYS K 76 -53.73 -5.97 14.85
CA LYS K 76 -52.90 -7.05 14.41
C LYS K 76 -53.09 -7.47 12.97
N GLY K 77 -54.23 -7.17 12.34
CA GLY K 77 -54.43 -7.46 10.93
C GLY K 77 -55.78 -8.05 10.60
N TRP K 78 -56.12 -8.09 9.30
CA TRP K 78 -57.43 -8.59 8.89
C TRP K 78 -57.32 -9.53 7.70
N TYR K 79 -58.35 -10.34 7.44
CA TYR K 79 -58.35 -11.21 6.29
C TYR K 79 -59.75 -11.48 5.83
N TRP K 80 -59.96 -11.58 4.52
CA TRP K 80 -61.28 -11.90 3.97
C TRP K 80 -61.21 -13.12 3.05
N LYS K 81 -62.07 -14.12 3.25
CA LYS K 81 -62.10 -15.26 2.33
C LYS K 81 -62.96 -14.76 1.24
N PHE K 82 -62.50 -14.84 -0.01
CA PHE K 82 -63.23 -14.20 -1.11
C PHE K 82 -64.55 -14.58 -1.73
N PRO K 83 -64.78 -15.87 -2.05
CA PRO K 83 -66.10 -16.06 -2.64
C PRO K 83 -67.13 -15.64 -1.64
N ASP K 84 -66.88 -15.92 -0.38
CA ASP K 84 -67.87 -15.62 0.65
C ASP K 84 -68.19 -14.13 0.76
N VAL K 85 -67.22 -13.25 0.66
CA VAL K 85 -67.58 -11.86 0.83
C VAL K 85 -68.54 -11.47 -0.24
N LEU K 86 -68.27 -11.90 -1.45
CA LEU K 86 -69.11 -11.51 -2.53
C LEU K 86 -70.47 -12.10 -2.26
N THR K 87 -70.51 -13.32 -1.77
CA THR K 87 -71.79 -13.98 -1.60
C THR K 87 -72.83 -13.17 -0.91
N GLU K 88 -72.57 -12.70 0.29
CA GLU K 88 -73.64 -12.03 1.03
C GLU K 88 -74.08 -10.74 0.36
N VAL K 89 -73.14 -10.01 -0.22
CA VAL K 89 -73.47 -8.74 -0.84
C VAL K 89 -74.06 -9.02 -2.21
N TYR K 102 -69.84 -22.21 -11.80
CA TYR K 102 -69.36 -20.85 -11.98
C TYR K 102 -67.87 -20.85 -12.10
N ARG K 103 -67.32 -19.81 -12.70
CA ARG K 103 -65.89 -19.71 -12.86
C ARG K 103 -65.64 -18.23 -12.97
N SER K 104 -64.83 -17.67 -12.07
CA SER K 104 -64.68 -16.23 -12.04
C SER K 104 -63.32 -15.73 -11.64
N GLY K 105 -62.99 -14.52 -12.08
CA GLY K 105 -61.75 -13.86 -11.68
C GLY K 105 -62.11 -12.76 -10.70
N PHE K 106 -61.11 -12.06 -10.20
CA PHE K 106 -61.36 -10.98 -9.27
C PHE K 106 -60.37 -9.85 -9.51
N CYS K 107 -60.64 -8.68 -8.94
CA CYS K 107 -59.78 -7.54 -9.11
C CYS K 107 -59.95 -6.81 -7.84
N VAL K 108 -58.89 -6.59 -7.10
CA VAL K 108 -59.01 -6.03 -5.78
C VAL K 108 -58.19 -4.78 -5.63
N HIS K 109 -58.75 -3.74 -5.05
CA HIS K 109 -58.02 -2.52 -4.83
C HIS K 109 -57.96 -2.28 -3.35
N VAL K 110 -56.81 -1.93 -2.80
CA VAL K 110 -56.68 -1.62 -1.39
C VAL K 110 -56.04 -0.26 -1.33
N GLN K 111 -56.62 0.68 -0.58
CA GLN K 111 -56.08 2.03 -0.47
C GLN K 111 -56.21 2.56 0.93
N CYS K 112 -55.24 3.38 1.36
CA CYS K 112 -55.20 3.88 2.73
C CYS K 112 -55.00 5.37 2.70
N ASN K 113 -56.03 6.15 2.95
CA ASN K 113 -55.96 7.60 2.87
C ASN K 113 -55.40 8.19 4.13
N ALA K 114 -54.11 8.46 4.16
CA ALA K 114 -53.46 8.98 5.36
C ALA K 114 -52.74 10.24 5.06
N SER K 115 -52.29 10.92 6.10
CA SER K 115 -51.60 12.18 5.93
C SER K 115 -50.14 11.96 5.71
N LYS K 116 -49.37 13.05 5.67
CA LYS K 116 -47.94 12.95 5.44
C LYS K 116 -47.16 12.99 6.73
N PHE K 117 -47.84 13.03 7.88
CA PHE K 117 -47.17 12.98 9.18
C PHE K 117 -47.39 11.67 9.89
N HIS K 118 -48.09 10.72 9.30
CA HIS K 118 -48.22 9.39 9.90
C HIS K 118 -47.12 8.50 9.35
N GLN K 119 -46.90 7.33 9.93
CA GLN K 119 -45.93 6.39 9.38
C GLN K 119 -46.38 4.99 9.59
N GLY K 120 -46.06 4.11 8.66
CA GLY K 120 -46.39 2.70 8.82
C GLY K 120 -46.22 1.96 7.53
N ALA K 121 -46.41 0.65 7.57
CA ALA K 121 -46.31 -0.14 6.37
C ALA K 121 -47.25 -1.32 6.42
N LEU K 122 -47.84 -1.65 5.29
CA LEU K 122 -48.78 -2.76 5.21
C LEU K 122 -48.26 -3.76 4.23
N LEU K 123 -48.80 -4.98 4.26
CA LEU K 123 -48.41 -6.01 3.30
C LEU K 123 -49.68 -6.67 2.81
N VAL K 124 -50.06 -6.40 1.56
CA VAL K 124 -51.26 -6.98 0.99
C VAL K 124 -50.82 -8.12 0.12
N ALA K 125 -51.33 -9.32 0.40
CA ALA K 125 -50.98 -10.48 -0.36
C ALA K 125 -52.12 -11.48 -0.41
N VAL K 126 -52.32 -12.09 -1.56
CA VAL K 126 -53.36 -13.10 -1.70
C VAL K 126 -52.73 -14.42 -1.37
N LEU K 127 -53.54 -15.43 -1.07
CA LEU K 127 -53.01 -16.72 -0.68
C LEU K 127 -54.03 -17.78 -1.03
N PRO K 128 -53.73 -18.61 -2.02
CA PRO K 128 -54.72 -19.57 -2.45
C PRO K 128 -54.91 -20.71 -1.49
N GLU K 129 -56.15 -21.12 -1.27
CA GLU K 129 -56.49 -22.21 -0.35
C GLU K 129 -55.96 -21.97 1.05
N TYR K 130 -56.32 -20.85 1.62
CA TYR K 130 -55.89 -20.48 2.97
C TYR K 130 -56.79 -21.17 3.97
N VAL K 131 -56.22 -22.07 4.78
CA VAL K 131 -57.00 -22.82 5.77
C VAL K 131 -56.46 -22.47 7.12
N LEU K 132 -57.34 -22.22 8.07
CA LEU K 132 -56.89 -21.67 9.35
C LEU K 132 -56.84 -22.52 10.54
N GLY K 133 -56.09 -22.04 11.53
CA GLY K 133 -55.96 -22.77 12.76
C GLY K 133 -57.27 -22.64 13.48
N THR K 134 -57.45 -23.45 14.48
CA THR K 134 -58.71 -23.45 15.19
C THR K 134 -59.00 -22.06 15.74
N ILE K 135 -60.25 -21.64 15.69
CA ILE K 135 -60.61 -20.30 16.10
C ILE K 135 -61.70 -20.37 17.15
N GLN K 152 -66.56 -18.74 8.27
CA GLN K 152 -66.52 -18.07 7.00
C GLN K 152 -66.87 -16.60 7.24
N PRO K 153 -65.86 -15.75 7.43
CA PRO K 153 -66.27 -14.36 7.63
C PRO K 153 -66.76 -13.77 6.34
N GLY K 154 -67.82 -12.97 6.36
CA GLY K 154 -68.33 -12.30 5.16
C GLY K 154 -67.82 -10.88 5.10
N GLN K 155 -68.69 -9.91 4.83
CA GLN K 155 -68.26 -8.51 4.68
C GLN K 155 -67.31 -8.01 5.72
N VAL K 156 -67.67 -8.13 6.98
CA VAL K 156 -66.83 -7.56 8.02
C VAL K 156 -65.43 -8.09 8.03
N GLY K 157 -65.25 -9.37 7.76
CA GLY K 157 -63.93 -9.96 7.85
C GLY K 157 -63.70 -10.51 9.23
N ALA K 158 -62.46 -10.53 9.68
CA ALA K 158 -62.14 -11.12 10.96
C ALA K 158 -60.75 -10.75 11.30
N VAL K 159 -60.42 -10.73 12.57
CA VAL K 159 -59.11 -10.30 13.00
C VAL K 159 -58.18 -11.46 13.08
N LEU K 160 -56.88 -11.25 13.20
CA LEU K 160 -55.97 -12.36 13.36
C LEU K 160 -55.76 -12.64 14.83
N THR K 161 -55.29 -13.82 15.17
CA THR K 161 -55.06 -14.18 16.57
C THR K 161 -53.64 -14.04 17.02
N HIS K 162 -52.72 -14.55 16.23
CA HIS K 162 -51.33 -14.39 16.53
C HIS K 162 -50.78 -14.01 15.19
N PRO K 163 -50.43 -12.77 14.98
CA PRO K 163 -50.01 -12.45 13.64
C PRO K 163 -48.79 -13.14 13.14
N TYR K 164 -47.82 -13.40 13.98
CA TYR K 164 -46.56 -13.89 13.48
C TYR K 164 -46.69 -15.10 12.69
N VAL K 165 -47.57 -15.97 13.11
CA VAL K 165 -47.73 -17.23 12.41
C VAL K 165 -48.93 -17.25 11.52
N LEU K 166 -49.51 -16.07 11.27
CA LEU K 166 -50.75 -16.01 10.50
C LEU K 166 -51.54 -17.04 11.31
N ASP K 167 -52.16 -18.08 10.74
CA ASP K 167 -52.81 -19.09 11.52
C ASP K 167 -52.50 -20.50 11.16
N ALA K 168 -51.58 -20.75 10.25
CA ALA K 168 -51.17 -22.11 9.89
C ALA K 168 -49.72 -22.31 10.09
N GLY K 169 -49.08 -21.41 10.81
CA GLY K 169 -47.71 -21.59 11.08
C GLY K 169 -46.90 -21.15 9.93
N ILE K 170 -47.54 -20.57 8.94
CA ILE K 170 -46.73 -20.13 7.88
C ILE K 170 -46.03 -18.95 8.49
N PRO K 171 -44.73 -18.86 8.32
CA PRO K 171 -44.11 -17.65 8.84
C PRO K 171 -44.45 -16.46 8.01
N LEU K 172 -44.67 -15.31 8.63
CA LEU K 172 -45.04 -14.13 7.90
C LEU K 172 -43.91 -13.83 7.02
N SER K 173 -42.71 -14.07 7.48
CA SER K 173 -41.58 -13.67 6.72
C SER K 173 -41.57 -14.19 5.30
N GLN K 174 -42.17 -15.34 5.04
CA GLN K 174 -42.10 -15.93 3.71
C GLN K 174 -43.41 -15.76 2.96
N LEU K 175 -44.26 -14.83 3.38
CA LEU K 175 -45.56 -14.62 2.72
C LEU K 175 -45.37 -14.04 1.36
N THR K 176 -44.23 -13.41 1.11
CA THR K 176 -44.00 -12.71 -0.14
C THR K 176 -43.72 -13.63 -1.31
N VAL K 177 -43.72 -14.94 -1.09
CA VAL K 177 -43.59 -15.90 -2.20
C VAL K 177 -44.89 -15.93 -2.97
N CYS K 178 -45.97 -15.45 -2.38
CA CYS K 178 -47.26 -15.35 -3.08
C CYS K 178 -47.33 -14.03 -3.80
N PRO K 179 -48.37 -13.79 -4.62
CA PRO K 179 -48.50 -12.46 -5.22
C PRO K 179 -48.75 -11.41 -4.17
N HIS K 180 -47.98 -10.34 -4.17
CA HIS K 180 -48.08 -9.35 -3.11
C HIS K 180 -47.77 -7.95 -3.57
N GLN K 181 -48.03 -6.97 -2.71
CA GLN K 181 -47.75 -5.58 -3.00
C GLN K 181 -47.60 -4.86 -1.68
N TRP K 182 -46.65 -3.94 -1.59
CA TRP K 182 -46.40 -3.23 -0.34
C TRP K 182 -47.13 -1.91 -0.32
N ILE K 183 -47.73 -1.53 0.80
CA ILE K 183 -48.38 -0.24 0.95
C ILE K 183 -47.55 0.49 1.97
N ASN K 184 -46.69 1.38 1.50
CA ASN K 184 -45.86 2.17 2.39
C ASN K 184 -46.46 3.56 2.43
N LEU K 185 -46.80 4.04 3.62
CA LEU K 185 -47.47 5.33 3.77
C LEU K 185 -46.60 6.50 3.40
N ARG K 186 -45.28 6.27 3.28
CA ARG K 186 -44.40 7.35 2.84
C ARG K 186 -44.61 7.63 1.37
N THR K 187 -44.79 6.60 0.52
CA THR K 187 -44.84 6.82 -0.92
C THR K 187 -46.16 6.68 -1.61
N ASN K 188 -46.81 5.52 -1.50
CA ASN K 188 -48.03 5.25 -2.26
C ASN K 188 -49.14 4.70 -1.43
N ASN K 189 -50.38 4.98 -1.83
CA ASN K 189 -51.53 4.51 -1.11
C ASN K 189 -52.48 3.78 -2.03
N CYS K 190 -51.95 2.93 -2.91
CA CYS K 190 -52.81 2.13 -3.78
C CYS K 190 -52.11 0.83 -4.10
N ALA K 191 -52.85 -0.27 -4.14
CA ALA K 191 -52.28 -1.56 -4.44
C ALA K 191 -53.37 -2.42 -5.04
N THR K 192 -53.17 -2.85 -6.28
CA THR K 192 -54.17 -3.65 -6.98
C THR K 192 -53.58 -4.98 -7.35
N ILE K 193 -54.35 -6.06 -7.19
CA ILE K 193 -53.90 -7.38 -7.58
C ILE K 193 -54.95 -8.00 -8.48
N ILE K 194 -54.55 -8.51 -9.65
CA ILE K 194 -55.45 -9.20 -10.54
C ILE K 194 -55.19 -10.66 -10.29
N VAL K 195 -56.22 -11.42 -9.98
CA VAL K 195 -56.08 -12.83 -9.64
C VAL K 195 -56.97 -13.66 -10.54
N PRO K 196 -56.43 -14.67 -11.21
CA PRO K 196 -57.24 -15.50 -12.09
C PRO K 196 -57.90 -16.64 -11.34
N TYR K 197 -58.60 -17.51 -12.04
CA TYR K 197 -59.27 -18.63 -11.40
C TYR K 197 -58.29 -19.77 -11.22
N MET K 198 -58.25 -20.36 -10.03
CA MET K 198 -57.28 -21.41 -9.74
C MET K 198 -57.91 -22.56 -8.99
N ASN K 199 -58.24 -23.64 -9.69
CA ASN K 199 -58.85 -24.81 -9.07
C ASN K 199 -58.62 -26.04 -9.92
N THR K 200 -58.71 -27.22 -9.32
CA THR K 200 -58.47 -28.47 -10.04
C THR K 200 -59.54 -28.76 -11.05
N VAL K 201 -60.78 -28.40 -10.75
CA VAL K 201 -61.91 -28.66 -11.64
C VAL K 201 -62.26 -27.34 -12.31
N PRO K 202 -62.79 -27.37 -13.54
CA PRO K 202 -63.16 -26.12 -14.20
C PRO K 202 -64.38 -25.42 -13.61
N PHE K 203 -65.26 -26.16 -12.94
CA PHE K 203 -66.44 -25.56 -12.32
C PHE K 203 -66.72 -26.24 -10.99
N ASP K 204 -67.35 -25.53 -10.06
CA ASP K 204 -67.62 -26.08 -8.73
C ASP K 204 -68.75 -25.35 -8.07
N SER K 205 -69.06 -25.68 -6.82
CA SER K 205 -70.08 -24.96 -6.05
C SER K 205 -69.45 -23.84 -5.26
N ALA K 206 -70.24 -22.84 -4.90
CA ALA K 206 -69.70 -21.64 -4.25
C ALA K 206 -69.91 -21.54 -2.76
N LEU K 207 -71.02 -22.03 -2.25
CA LEU K 207 -71.32 -21.86 -0.83
C LEU K 207 -70.48 -22.72 0.10
N ASN K 208 -69.92 -23.78 -0.42
CA ASN K 208 -69.09 -24.68 0.39
C ASN K 208 -67.63 -24.34 0.30
N HIS K 209 -67.13 -24.04 -0.90
CA HIS K 209 -65.70 -23.83 -1.12
C HIS K 209 -65.27 -22.39 -1.13
N CYS K 210 -64.01 -22.13 -0.75
CA CYS K 210 -63.44 -20.79 -0.83
C CYS K 210 -62.11 -20.91 -1.57
N ASN K 211 -61.93 -20.13 -2.63
CA ASN K 211 -60.74 -20.24 -3.44
C ASN K 211 -59.48 -19.69 -2.83
N PHE K 212 -59.51 -18.43 -2.40
CA PHE K 212 -58.31 -17.80 -1.88
C PHE K 212 -58.65 -16.85 -0.79
N GLY K 213 -57.63 -16.29 -0.15
CA GLY K 213 -57.81 -15.35 0.92
C GLY K 213 -56.90 -14.17 0.78
N LEU K 214 -57.43 -12.96 1.00
CA LEU K 214 -56.63 -11.76 0.95
C LEU K 214 -56.24 -11.41 2.35
N LEU K 215 -54.98 -11.08 2.55
CA LEU K 215 -54.47 -10.76 3.88
C LEU K 215 -53.87 -9.37 3.91
N VAL K 216 -54.13 -8.61 4.99
CA VAL K 216 -53.54 -7.30 5.17
C VAL K 216 -52.94 -7.34 6.57
N ILE K 217 -51.63 -7.21 6.70
CA ILE K 217 -50.96 -7.34 7.97
C ILE K 217 -50.04 -6.15 8.21
N PRO K 218 -50.17 -5.48 9.35
CA PRO K 218 -49.28 -4.36 9.62
C PRO K 218 -47.91 -4.80 10.11
N VAL K 219 -47.00 -5.05 9.19
CA VAL K 219 -45.66 -5.46 9.56
C VAL K 219 -44.89 -4.40 10.32
N VAL K 220 -45.03 -3.13 9.96
CA VAL K 220 -44.40 -2.03 10.69
C VAL K 220 -45.54 -1.29 11.34
N PRO K 221 -45.50 -1.10 12.66
CA PRO K 221 -46.66 -0.51 13.33
C PRO K 221 -46.92 0.94 13.07
N LEU K 222 -48.16 1.37 13.27
CA LEU K 222 -48.52 2.76 13.04
C LEU K 222 -48.06 3.61 14.17
N ASP K 223 -47.65 4.83 13.87
CA ASP K 223 -47.26 5.75 14.91
C ASP K 223 -47.56 7.16 14.51
N PHE K 224 -47.92 7.98 15.49
CA PHE K 224 -48.20 9.37 15.24
C PHE K 224 -47.95 10.13 16.50
N ASN K 225 -47.79 11.44 16.40
CA ASN K 225 -47.68 12.23 17.58
C ASN K 225 -49.08 12.49 18.07
N ALA K 226 -49.22 12.81 19.34
CA ALA K 226 -50.54 13.01 19.92
C ALA K 226 -51.25 14.23 19.42
N GLY K 227 -52.56 14.09 19.18
CA GLY K 227 -53.37 15.20 18.71
C GLY K 227 -53.85 15.00 17.31
N ALA K 228 -53.24 14.10 16.56
CA ALA K 228 -53.68 13.79 15.21
C ALA K 228 -54.81 12.77 15.27
N THR K 229 -55.25 12.32 14.11
CA THR K 229 -56.29 11.32 14.06
C THR K 229 -55.73 9.99 14.50
N SER K 230 -56.49 9.26 15.31
CA SER K 230 -56.00 8.03 15.89
C SER K 230 -56.20 6.81 15.06
N GLU K 231 -57.14 6.84 14.13
CA GLU K 231 -57.44 5.66 13.33
C GLU K 231 -57.35 5.98 11.85
N ILE K 232 -56.52 5.25 11.12
CA ILE K 232 -56.38 5.49 9.70
C ILE K 232 -57.28 4.51 9.00
N PRO K 233 -58.04 4.98 8.01
CA PRO K 233 -58.98 4.07 7.35
C PRO K 233 -58.36 3.19 6.25
N ILE K 234 -58.92 2.00 6.01
CA ILE K 234 -58.45 1.12 4.95
C ILE K 234 -59.68 0.70 4.16
N THR K 235 -59.66 0.86 2.84
CA THR K 235 -60.82 0.59 2.00
C THR K 235 -60.51 -0.45 0.95
N VAL K 236 -61.39 -1.45 0.80
CA VAL K 236 -61.19 -2.52 -0.16
C VAL K 236 -62.29 -2.45 -1.20
N THR K 237 -61.94 -2.64 -2.46
CA THR K 237 -62.93 -2.64 -3.55
C THR K 237 -62.71 -3.84 -4.45
N ILE K 238 -63.75 -4.64 -4.69
CA ILE K 238 -63.64 -5.86 -5.48
C ILE K 238 -64.44 -5.69 -6.76
N ALA K 239 -63.98 -6.31 -7.84
CA ALA K 239 -64.66 -6.19 -9.12
C ALA K 239 -64.54 -7.49 -9.89
N PRO K 240 -65.67 -8.15 -10.21
CA PRO K 240 -65.57 -9.45 -10.86
C PRO K 240 -65.12 -9.38 -12.31
N MET K 241 -64.55 -10.46 -12.82
CA MET K 241 -64.02 -10.49 -14.19
C MET K 241 -64.74 -11.57 -14.99
N CYS K 242 -65.91 -11.24 -15.52
CA CYS K 242 -66.70 -12.19 -16.33
C CYS K 242 -66.94 -13.54 -15.70
N ALA K 243 -67.74 -13.53 -14.64
CA ALA K 243 -68.12 -14.77 -13.99
C ALA K 243 -69.04 -15.54 -14.93
N VAL L 13 26.90 -11.48 -23.01
CA VAL L 13 26.27 -10.82 -21.88
C VAL L 13 24.95 -10.21 -22.32
N ALA L 14 23.92 -10.30 -21.47
CA ALA L 14 22.61 -9.75 -21.79
C ALA L 14 22.03 -9.10 -20.56
N GLN L 15 21.67 -7.82 -20.67
CA GLN L 15 21.06 -7.10 -19.56
C GLN L 15 19.54 -7.20 -19.66
N LEU L 16 18.99 -8.27 -19.10
CA LEU L 16 17.54 -8.44 -19.12
C LEU L 16 16.94 -7.52 -18.08
N THR L 17 16.05 -6.63 -18.51
CA THR L 17 15.38 -5.72 -17.59
C THR L 17 13.92 -5.68 -17.96
N ILE L 18 13.05 -5.73 -16.95
CA ILE L 18 11.61 -5.63 -17.18
C ILE L 18 11.05 -4.85 -16.02
N GLY L 19 10.63 -3.63 -16.28
CA GLY L 19 10.08 -2.78 -15.24
C GLY L 19 11.13 -1.94 -14.54
N ASN L 20 11.50 -2.32 -13.32
CA ASN L 20 12.43 -1.52 -12.53
C ASN L 20 13.79 -2.15 -12.35
N SER L 21 13.83 -3.47 -12.16
CA SER L 21 15.09 -4.17 -11.94
C SER L 21 15.90 -4.39 -13.20
N THR L 22 17.18 -4.73 -13.04
CA THR L 22 18.04 -5.01 -14.17
C THR L 22 19.04 -6.07 -13.74
N ILE L 23 19.11 -7.18 -14.47
CA ILE L 23 19.99 -8.30 -14.11
C ILE L 23 20.79 -8.69 -15.33
N THR L 24 21.91 -9.40 -15.11
CA THR L 24 22.75 -9.85 -16.22
C THR L 24 22.74 -11.36 -16.34
N THR L 25 22.46 -11.86 -17.55
CA THR L 25 22.35 -13.30 -17.76
C THR L 25 23.11 -13.67 -19.03
N GLN L 26 23.48 -14.95 -19.15
CA GLN L 26 24.23 -15.43 -20.32
C GLN L 26 23.32 -15.54 -21.51
N GLU L 27 23.90 -15.77 -22.68
CA GLU L 27 23.11 -15.91 -23.92
C GLU L 27 22.86 -17.38 -24.21
N ALA L 28 22.33 -18.11 -23.23
CA ALA L 28 22.10 -19.55 -23.38
C ALA L 28 20.63 -19.88 -23.37
N ALA L 29 20.18 -20.71 -24.32
CA ALA L 29 18.79 -21.16 -24.37
C ALA L 29 18.69 -22.49 -23.64
N ASN L 30 19.10 -22.51 -22.37
CA ASN L 30 19.04 -23.72 -21.55
C ASN L 30 17.88 -23.63 -20.59
N ILE L 31 16.79 -23.01 -21.01
CA ILE L 31 15.61 -22.90 -20.16
C ILE L 31 14.89 -24.22 -20.19
N VAL L 32 14.10 -24.50 -19.16
CA VAL L 32 13.28 -25.71 -19.13
C VAL L 32 11.88 -25.32 -18.72
N ILE L 33 10.88 -25.71 -19.51
CA ILE L 33 9.51 -25.34 -19.24
C ILE L 33 8.88 -26.53 -18.54
N ALA L 34 8.29 -26.30 -17.39
CA ALA L 34 7.74 -27.38 -16.62
C ALA L 34 6.52 -27.93 -17.28
N TYR L 35 6.56 -29.21 -17.66
CA TYR L 35 5.44 -29.91 -18.30
C TYR L 35 5.01 -29.34 -19.62
N GLY L 36 5.93 -28.66 -20.31
CA GLY L 36 5.66 -28.17 -21.64
C GLY L 36 4.55 -27.18 -21.86
N GLU L 37 4.19 -26.43 -20.82
CA GLU L 37 3.09 -25.48 -20.92
C GLU L 37 3.52 -24.11 -20.45
N TRP L 38 3.43 -23.12 -21.33
CA TRP L 38 3.75 -21.76 -20.96
C TRP L 38 2.65 -21.23 -20.05
N PRO L 39 2.98 -20.34 -19.12
CA PRO L 39 1.92 -19.76 -18.31
C PRO L 39 1.05 -18.81 -19.09
N GLU L 40 -0.16 -19.25 -19.44
CA GLU L 40 -1.11 -18.41 -20.19
C GLU L 40 -2.21 -17.93 -19.30
N TYR L 41 -2.87 -16.85 -19.69
CA TYR L 41 -3.81 -16.17 -18.83
C TYR L 41 -5.22 -16.19 -19.37
N CYS L 42 -6.17 -16.63 -18.56
CA CYS L 42 -7.59 -16.73 -18.96
C CYS L 42 -7.85 -17.60 -20.20
N VAL L 58 1.18 -4.20 -12.84
CA VAL L 58 2.00 -3.25 -13.57
C VAL L 58 3.30 -3.05 -12.82
N SER L 59 3.22 -2.87 -11.50
CA SER L 59 4.42 -2.69 -10.66
C SER L 59 4.80 -4.00 -9.99
N VAL L 60 4.48 -5.12 -10.63
CA VAL L 60 4.77 -6.44 -10.06
C VAL L 60 5.74 -7.28 -10.88
N ASN L 61 5.82 -7.08 -12.17
CA ASN L 61 6.67 -7.88 -13.02
C ASN L 61 8.07 -7.34 -12.94
N ARG L 62 8.80 -7.70 -11.88
CA ARG L 62 10.18 -7.30 -11.75
C ARG L 62 10.93 -8.40 -11.04
N PHE L 63 12.24 -8.42 -11.19
CA PHE L 63 13.03 -9.49 -10.64
C PHE L 63 13.27 -9.32 -9.17
N PHE L 64 12.55 -10.05 -8.34
CA PHE L 64 12.81 -10.04 -6.91
C PHE L 64 13.93 -11.03 -6.65
N THR L 65 15.08 -10.53 -6.20
CA THR L 65 16.24 -11.37 -5.93
C THR L 65 16.36 -11.62 -4.45
N LEU L 66 16.41 -12.87 -4.03
CA LEU L 66 16.38 -13.20 -2.62
C LEU L 66 17.73 -13.08 -1.98
N ASP L 67 17.85 -13.52 -0.73
CA ASP L 67 19.09 -13.47 -0.01
C ASP L 67 20.06 -14.49 -0.57
N THR L 68 21.35 -14.23 -0.43
CA THR L 68 22.35 -15.12 -0.93
C THR L 68 22.69 -16.20 0.08
N LYS L 69 22.61 -17.45 -0.31
CA LYS L 69 22.89 -18.57 0.59
C LYS L 69 24.31 -19.02 0.34
N SER L 70 25.10 -19.21 1.39
CA SER L 70 26.50 -19.57 1.23
C SER L 70 26.69 -21.06 1.26
N TRP L 71 27.27 -21.63 0.22
CA TRP L 71 27.49 -23.06 0.11
C TRP L 71 28.79 -23.37 0.77
N ALA L 72 28.75 -24.09 1.89
CA ALA L 72 29.95 -24.42 2.64
C ALA L 72 30.48 -25.75 2.19
N LYS L 73 31.43 -26.30 2.91
CA LYS L 73 32.02 -27.57 2.54
C LYS L 73 31.21 -28.78 2.97
N ASP L 74 30.38 -28.64 4.01
CA ASP L 74 29.59 -29.75 4.51
C ASP L 74 28.12 -29.41 4.66
N SER L 75 27.62 -28.53 3.81
CA SER L 75 26.22 -28.15 3.87
C SER L 75 25.38 -29.25 3.28
N LYS L 76 24.08 -29.23 3.56
CA LYS L 76 23.22 -30.32 3.13
C LYS L 76 22.15 -29.98 2.13
N GLY L 77 21.72 -28.72 2.07
CA GLY L 77 20.74 -28.31 1.08
C GLY L 77 19.75 -27.32 1.61
N TRP L 78 19.05 -26.60 0.75
CA TRP L 78 18.14 -25.58 1.19
C TRP L 78 16.84 -25.76 0.46
N TYR L 79 15.73 -25.21 0.97
CA TYR L 79 14.45 -25.28 0.28
C TYR L 79 13.67 -24.04 0.55
N TRP L 80 12.87 -23.58 -0.40
CA TRP L 80 12.01 -22.43 -0.22
C TRP L 80 10.67 -22.89 -0.73
N LYS L 81 9.56 -22.38 -0.18
CA LYS L 81 8.22 -22.78 -0.58
C LYS L 81 7.58 -21.63 -1.34
N PHE L 82 6.61 -21.89 -2.23
CA PHE L 82 6.03 -20.85 -3.08
C PHE L 82 4.51 -20.89 -2.98
N PRO L 83 3.82 -19.73 -3.01
CA PRO L 83 4.30 -18.37 -3.18
C PRO L 83 4.44 -17.64 -1.88
N ASP L 84 4.79 -18.32 -0.81
CA ASP L 84 5.03 -17.65 0.48
C ASP L 84 6.36 -16.89 0.45
N VAL L 85 7.26 -17.26 -0.45
CA VAL L 85 8.57 -16.60 -0.58
C VAL L 85 8.48 -15.14 -0.94
N LEU L 86 7.38 -14.71 -1.57
CA LEU L 86 7.19 -13.30 -1.92
C LEU L 86 6.02 -12.68 -1.17
N THR L 87 5.69 -13.20 0.01
CA THR L 87 4.57 -12.66 0.76
C THR L 87 4.98 -11.46 1.57
N GLU L 88 6.02 -11.59 2.37
CA GLU L 88 6.45 -10.49 3.26
C GLU L 88 7.15 -9.42 2.45
N VAL L 89 8.23 -9.84 1.78
CA VAL L 89 8.96 -8.92 0.94
C VAL L 89 7.99 -8.78 -0.16
N GLY L 90 7.96 -7.62 -0.77
CA GLY L 90 7.10 -7.46 -1.89
C GLY L 90 5.69 -7.30 -1.48
N VAL L 91 4.82 -7.17 -2.46
CA VAL L 91 3.42 -6.93 -2.20
C VAL L 91 2.63 -7.98 -2.95
N PHE L 92 3.27 -9.07 -3.32
CA PHE L 92 2.58 -10.03 -4.15
C PHE L 92 1.28 -10.54 -3.54
N GLY L 93 1.28 -10.79 -2.23
CA GLY L 93 0.09 -11.31 -1.57
C GLY L 93 -0.68 -10.24 -0.83
N GLN L 94 -0.50 -9.00 -1.24
CA GLN L 94 -1.21 -7.91 -0.59
C GLN L 94 -2.68 -8.22 -0.68
N ASN L 95 -3.39 -8.00 0.40
CA ASN L 95 -4.79 -8.28 0.37
C ASN L 95 -5.37 -7.40 -0.70
N ALA L 96 -6.18 -7.98 -1.56
CA ALA L 96 -6.85 -7.19 -2.57
C ALA L 96 -8.16 -7.01 -1.85
N GLN L 97 -8.53 -5.78 -1.53
CA GLN L 97 -9.73 -5.56 -0.73
C GLN L 97 -11.02 -5.94 -1.45
N PHE L 98 -10.97 -6.26 -2.73
CA PHE L 98 -12.16 -6.73 -3.43
C PHE L 98 -12.42 -8.18 -3.10
N HIS L 99 -11.48 -9.05 -3.43
CA HIS L 99 -11.62 -10.50 -3.22
C HIS L 99 -10.19 -11.00 -3.34
N TYR L 100 -9.90 -12.20 -2.83
CA TYR L 100 -8.52 -12.73 -2.83
C TYR L 100 -8.32 -13.90 -3.76
N LEU L 101 -8.84 -13.78 -4.96
CA LEU L 101 -8.62 -14.82 -5.96
C LEU L 101 -7.42 -14.47 -6.80
N TYR L 102 -6.38 -15.32 -6.77
CA TYR L 102 -5.15 -15.06 -7.51
C TYR L 102 -4.73 -16.29 -8.27
N ARG L 103 -3.93 -16.10 -9.31
CA ARG L 103 -3.48 -17.19 -10.14
C ARG L 103 -2.21 -16.71 -10.80
N SER L 104 -1.09 -17.36 -10.55
CA SER L 104 0.19 -16.90 -11.06
C SER L 104 1.20 -17.96 -11.36
N GLY L 105 2.10 -17.67 -12.29
CA GLY L 105 3.19 -18.58 -12.61
C GLY L 105 4.46 -17.91 -12.13
N PHE L 106 5.61 -18.51 -12.41
CA PHE L 106 6.85 -17.96 -11.97
C PHE L 106 7.97 -18.21 -12.97
N CYS L 107 9.13 -17.61 -12.71
CA CYS L 107 10.31 -17.81 -13.56
C CYS L 107 11.49 -17.66 -12.63
N VAL L 108 12.13 -18.77 -12.28
CA VAL L 108 13.20 -18.76 -11.31
C VAL L 108 14.56 -18.69 -11.98
N HIS L 109 15.58 -18.34 -11.21
CA HIS L 109 16.93 -18.20 -11.75
C HIS L 109 17.91 -18.54 -10.65
N VAL L 110 18.64 -19.65 -10.78
CA VAL L 110 19.63 -20.02 -9.78
C VAL L 110 20.98 -19.91 -10.44
N GLN L 111 21.92 -19.25 -9.76
CA GLN L 111 23.27 -19.06 -10.31
C GLN L 111 24.30 -19.11 -9.23
N CYS L 112 25.46 -19.68 -9.52
CA CYS L 112 26.48 -19.93 -8.52
C CYS L 112 27.81 -19.43 -8.99
N ASN L 113 28.27 -18.31 -8.43
CA ASN L 113 29.50 -17.66 -8.87
C ASN L 113 30.71 -18.28 -8.24
N ALA L 114 31.32 -19.22 -8.95
CA ALA L 114 32.52 -19.88 -8.45
C ALA L 114 33.66 -19.65 -9.39
N SER L 115 34.87 -19.95 -8.95
CA SER L 115 36.05 -19.82 -9.78
C SER L 115 36.27 -21.05 -10.61
N LYS L 116 37.43 -21.18 -11.24
CA LYS L 116 37.73 -22.32 -12.09
C LYS L 116 38.58 -23.34 -11.36
N PHE L 117 38.80 -23.18 -10.07
CA PHE L 117 39.54 -24.17 -9.27
C PHE L 117 38.64 -24.87 -8.28
N HIS L 118 37.36 -24.51 -8.22
CA HIS L 118 36.41 -25.21 -7.36
C HIS L 118 35.75 -26.33 -8.14
N GLN L 119 35.06 -27.24 -7.45
CA GLN L 119 34.37 -28.32 -8.13
C GLN L 119 33.16 -28.74 -7.32
N GLY L 120 32.14 -29.23 -8.00
CA GLY L 120 30.93 -29.64 -7.32
C GLY L 120 29.80 -29.73 -8.29
N ALA L 121 28.63 -30.11 -7.80
CA ALA L 121 27.46 -30.19 -8.62
C ALA L 121 26.23 -29.97 -7.80
N LEU L 122 25.25 -29.27 -8.35
CA LEU L 122 24.02 -28.99 -7.65
C LEU L 122 22.88 -29.60 -8.42
N LEU L 123 21.71 -29.72 -7.80
CA LEU L 123 20.55 -30.24 -8.47
C LEU L 123 19.38 -29.36 -8.10
N VAL L 124 18.94 -28.52 -9.02
CA VAL L 124 17.83 -27.61 -8.78
C VAL L 124 16.60 -28.23 -9.39
N ALA L 125 15.56 -28.44 -8.58
CA ALA L 125 14.33 -29.05 -9.06
C ALA L 125 13.14 -28.55 -8.31
N VAL L 126 12.02 -28.40 -9.02
CA VAL L 126 10.78 -27.96 -8.39
C VAL L 126 9.90 -29.18 -8.32
N LEU L 127 9.36 -29.50 -7.16
CA LEU L 127 8.55 -30.70 -6.99
C LEU L 127 7.26 -30.16 -6.56
N PRO L 128 6.21 -30.47 -7.27
CA PRO L 128 4.98 -29.87 -6.78
C PRO L 128 4.41 -30.48 -5.54
N GLU L 129 3.65 -29.70 -4.79
CA GLU L 129 2.96 -30.20 -3.62
C GLU L 129 3.77 -30.90 -2.53
N TYR L 130 4.96 -30.37 -2.20
CA TYR L 130 5.84 -30.97 -1.20
C TYR L 130 5.24 -30.94 0.22
N VAL L 131 5.45 -31.97 1.05
CA VAL L 131 4.95 -32.02 2.41
C VAL L 131 6.09 -32.49 3.27
N LEU L 132 6.57 -31.67 4.22
CA LEU L 132 7.74 -32.04 5.03
C LEU L 132 7.26 -32.74 6.28
N GLY L 133 7.35 -34.08 6.30
CA GLY L 133 6.92 -34.82 7.47
C GLY L 133 7.76 -34.51 8.65
N THR L 134 9.04 -34.31 8.42
CA THR L 134 9.92 -34.14 9.53
C THR L 134 9.53 -32.97 10.29
N ILE L 135 9.83 -33.01 11.56
CA ILE L 135 9.41 -31.96 12.42
C ILE L 135 10.63 -31.38 13.03
N ALA L 136 10.59 -30.09 13.35
CA ALA L 136 11.63 -29.45 14.09
C ALA L 136 11.00 -28.90 15.34
N GLY L 137 11.79 -28.66 16.36
CA GLY L 137 11.27 -28.15 17.61
C GLY L 137 10.65 -26.78 17.44
N GLY L 138 11.21 -25.97 16.56
CA GLY L 138 10.72 -24.62 16.39
C GLY L 138 11.38 -23.76 17.43
N THR L 139 10.88 -22.57 17.62
CA THR L 139 11.55 -21.65 18.49
C THR L 139 11.39 -21.89 19.98
N GLY L 140 10.23 -22.31 20.47
CA GLY L 140 10.12 -22.46 21.92
C GLY L 140 8.95 -23.15 22.54
N ASN L 141 9.21 -23.98 23.56
CA ASN L 141 8.16 -24.68 24.26
C ASN L 141 8.85 -25.06 25.51
N GLU L 142 8.12 -25.53 26.49
CA GLU L 142 8.74 -26.04 27.70
C GLU L 142 8.11 -27.37 27.94
N ASN L 143 7.89 -28.11 26.88
CA ASN L 143 7.22 -29.39 26.98
C ASN L 143 5.91 -29.05 27.62
N SER L 144 5.37 -27.90 27.24
CA SER L 144 4.12 -27.47 27.77
C SER L 144 3.13 -27.25 26.66
N HIS L 145 3.35 -27.81 25.49
CA HIS L 145 2.36 -27.82 24.42
C HIS L 145 3.13 -28.75 23.53
N PRO L 146 2.47 -29.41 22.60
CA PRO L 146 3.33 -30.25 21.78
C PRO L 146 4.12 -29.34 20.90
N PRO L 147 5.41 -29.61 20.70
CA PRO L 147 6.11 -28.65 19.87
C PRO L 147 5.55 -28.64 18.45
N TYR L 148 5.09 -27.50 17.93
CA TYR L 148 4.49 -27.47 16.60
C TYR L 148 5.61 -27.33 15.60
N ALA L 149 5.28 -27.36 14.31
CA ALA L 149 6.31 -27.30 13.26
C ALA L 149 6.08 -26.16 12.30
N THR L 150 7.15 -25.65 11.67
CA THR L 150 7.06 -24.53 10.75
C THR L 150 7.20 -25.06 9.37
N THR L 151 6.29 -24.70 8.47
CA THR L 151 6.37 -25.13 7.08
C THR L 151 6.30 -23.94 6.14
N GLN L 152 6.63 -22.74 6.62
CA GLN L 152 6.69 -21.56 5.79
C GLN L 152 8.04 -20.90 6.00
N PRO L 153 9.09 -21.45 5.39
CA PRO L 153 10.35 -20.83 5.73
C PRO L 153 10.32 -19.39 5.31
N GLY L 154 9.76 -19.05 4.15
CA GLY L 154 9.62 -17.67 3.79
C GLY L 154 10.76 -17.04 3.03
N GLN L 155 11.54 -16.15 3.62
CA GLN L 155 12.58 -15.42 2.90
C GLN L 155 13.92 -16.08 2.93
N VAL L 156 14.35 -16.53 4.10
CA VAL L 156 15.67 -17.12 4.24
C VAL L 156 15.72 -18.59 3.90
N GLY L 157 14.58 -19.23 3.74
CA GLY L 157 14.60 -20.66 3.51
C GLY L 157 14.94 -21.43 4.76
N ALA L 158 15.51 -22.62 4.61
CA ALA L 158 15.76 -23.45 5.76
C ALA L 158 16.58 -24.60 5.32
N VAL L 159 17.38 -25.15 6.20
CA VAL L 159 18.25 -26.26 5.86
C VAL L 159 17.51 -27.56 5.93
N LEU L 160 17.95 -28.54 5.15
CA LEU L 160 17.33 -29.84 5.16
C LEU L 160 18.03 -30.63 6.25
N THR L 161 17.38 -31.68 6.76
CA THR L 161 17.94 -32.48 7.82
C THR L 161 18.65 -33.72 7.30
N HIS L 162 17.93 -34.62 6.65
CA HIS L 162 18.52 -35.81 6.10
C HIS L 162 18.35 -35.75 4.59
N PRO L 163 19.41 -35.44 3.87
CA PRO L 163 19.17 -35.30 2.44
C PRO L 163 18.73 -36.51 1.73
N TYR L 164 19.31 -37.65 2.02
CA TYR L 164 19.04 -38.84 1.25
C TYR L 164 17.61 -39.11 1.09
N VAL L 165 16.80 -38.69 2.06
CA VAL L 165 15.37 -38.84 1.93
C VAL L 165 14.59 -37.57 1.71
N LEU L 166 15.22 -36.42 1.69
CA LEU L 166 14.49 -35.20 1.37
C LEU L 166 13.35 -34.95 2.32
N ASP L 167 13.54 -35.23 3.58
CA ASP L 167 12.54 -34.86 4.58
C ASP L 167 11.19 -35.31 4.22
N ALA L 168 11.13 -36.47 3.63
CA ALA L 168 9.88 -37.05 3.26
C ALA L 168 10.51 -38.33 2.88
N GLY L 169 9.77 -39.28 2.37
CA GLY L 169 10.42 -40.52 2.06
C GLY L 169 10.98 -40.59 0.68
N ILE L 170 10.75 -39.58 -0.12
CA ILE L 170 11.16 -39.69 -1.48
C ILE L 170 12.65 -39.86 -1.57
N PRO L 171 13.12 -40.71 -2.47
CA PRO L 171 14.57 -40.81 -2.68
C PRO L 171 15.14 -39.78 -3.63
N LEU L 172 16.31 -39.22 -3.33
CA LEU L 172 16.89 -38.17 -4.15
C LEU L 172 17.12 -38.74 -5.45
N SER L 173 17.39 -40.01 -5.47
CA SER L 173 17.73 -40.59 -6.70
C SER L 173 16.70 -40.28 -7.72
N GLN L 174 15.43 -40.39 -7.37
CA GLN L 174 14.41 -40.24 -8.36
C GLN L 174 13.89 -38.82 -8.50
N LEU L 175 14.57 -37.85 -7.93
CA LEU L 175 14.06 -36.47 -7.95
C LEU L 175 14.01 -35.93 -9.35
N THR L 176 14.74 -36.52 -10.27
CA THR L 176 14.84 -35.99 -11.64
C THR L 176 13.61 -36.30 -12.47
N VAL L 177 12.60 -36.95 -11.91
CA VAL L 177 11.34 -37.18 -12.61
C VAL L 177 10.56 -35.87 -12.63
N CYS L 178 10.87 -34.94 -11.74
CA CYS L 178 10.21 -33.64 -11.80
C CYS L 178 11.00 -32.71 -12.72
N PRO L 179 10.51 -31.47 -12.97
CA PRO L 179 11.31 -30.55 -13.76
C PRO L 179 12.57 -30.18 -13.03
N HIS L 180 13.72 -30.34 -13.68
CA HIS L 180 14.99 -30.12 -13.01
C HIS L 180 16.04 -29.58 -13.93
N GLN L 181 17.17 -29.18 -13.37
CA GLN L 181 18.29 -28.66 -14.14
C GLN L 181 19.54 -28.84 -13.31
N TRP L 182 20.65 -29.24 -13.94
CA TRP L 182 21.88 -29.49 -13.23
C TRP L 182 22.76 -28.25 -13.25
N ILE L 183 23.41 -27.92 -12.14
CA ILE L 183 24.36 -26.82 -12.09
C ILE L 183 25.69 -27.50 -11.84
N ASN L 184 26.47 -27.67 -12.90
CA ASN L 184 27.78 -28.28 -12.79
C ASN L 184 28.79 -27.16 -12.84
N LEU L 185 29.59 -27.03 -11.80
CA LEU L 185 30.55 -25.93 -11.71
C LEU L 185 31.66 -26.00 -12.71
N ARG L 186 31.80 -27.11 -13.41
CA ARG L 186 32.80 -27.21 -14.47
C ARG L 186 32.35 -26.43 -15.67
N THR L 187 31.08 -26.51 -16.03
CA THR L 187 30.61 -25.93 -17.29
C THR L 187 29.76 -24.70 -17.20
N ASN L 188 28.64 -24.74 -16.49
CA ASN L 188 27.69 -23.63 -16.48
C ASN L 188 27.26 -23.24 -15.12
N ASN L 189 26.92 -21.96 -14.95
CA ASN L 189 26.48 -21.45 -13.66
C ASN L 189 25.12 -20.77 -13.78
N CYS L 190 24.17 -21.40 -14.45
CA CYS L 190 22.84 -20.83 -14.56
C CYS L 190 21.82 -21.93 -14.74
N ALA L 191 20.62 -21.76 -14.20
CA ALA L 191 19.57 -22.75 -14.31
C ALA L 191 18.26 -22.05 -14.12
N THR L 192 17.42 -22.01 -15.17
CA THR L 192 16.13 -21.32 -15.10
C THR L 192 15.01 -22.31 -15.34
N ILE L 193 13.95 -22.20 -14.56
CA ILE L 193 12.79 -23.07 -14.73
C ILE L 193 11.55 -22.21 -14.85
N ILE L 194 10.74 -22.42 -15.89
CA ILE L 194 9.48 -21.72 -16.04
C ILE L 194 8.44 -22.68 -15.52
N VAL L 195 7.64 -22.26 -14.54
CA VAL L 195 6.67 -23.14 -13.91
C VAL L 195 5.30 -22.49 -14.03
N PRO L 196 4.30 -23.19 -14.56
CA PRO L 196 2.97 -22.62 -14.71
C PRO L 196 2.16 -22.81 -13.45
N TYR L 197 0.89 -22.41 -13.48
CA TYR L 197 0.03 -22.62 -12.32
C TYR L 197 -0.54 -24.02 -12.33
N MET L 198 -0.49 -24.71 -11.21
CA MET L 198 -0.94 -26.11 -11.13
C MET L 198 -1.75 -26.35 -9.88
N ASN L 199 -3.08 -26.36 -9.99
CA ASN L 199 -3.95 -26.59 -8.84
C ASN L 199 -5.28 -27.10 -9.32
N THR L 200 -6.03 -27.77 -8.45
CA THR L 200 -7.31 -28.34 -8.83
C THR L 200 -8.36 -27.28 -9.07
N VAL L 201 -8.32 -26.21 -8.31
CA VAL L 201 -9.29 -25.11 -8.45
C VAL L 201 -8.60 -23.98 -9.22
N PRO L 202 -9.33 -23.17 -10.00
CA PRO L 202 -8.67 -22.11 -10.74
C PRO L 202 -8.19 -20.93 -9.88
N PHE L 203 -8.75 -20.74 -8.70
CA PHE L 203 -8.29 -19.66 -7.86
C PHE L 203 -8.33 -20.15 -6.46
N ASP L 204 -7.66 -19.49 -5.54
CA ASP L 204 -7.59 -19.97 -4.16
C ASP L 204 -7.26 -18.89 -3.16
N SER L 205 -7.43 -19.16 -1.86
CA SER L 205 -7.01 -18.19 -0.84
C SER L 205 -5.55 -18.41 -0.57
N ALA L 206 -4.71 -17.41 -0.80
CA ALA L 206 -3.25 -17.61 -0.73
C ALA L 206 -2.59 -17.99 0.53
N LEU L 207 -2.97 -17.40 1.62
CA LEU L 207 -2.18 -17.68 2.78
C LEU L 207 -2.20 -19.16 3.18
N ASN L 208 -3.35 -19.82 3.09
CA ASN L 208 -3.37 -21.19 3.50
C ASN L 208 -2.51 -22.06 2.66
N HIS L 209 -2.59 -21.93 1.34
CA HIS L 209 -1.90 -22.85 0.45
C HIS L 209 -0.48 -22.55 0.13
N CYS L 210 0.20 -23.53 -0.45
CA CYS L 210 1.57 -23.35 -0.88
C CYS L 210 1.61 -24.27 -2.07
N ASN L 211 1.92 -23.77 -3.25
CA ASN L 211 1.79 -24.60 -4.44
C ASN L 211 2.89 -25.58 -4.66
N PHE L 212 4.13 -25.12 -4.64
CA PHE L 212 5.28 -25.99 -4.92
C PHE L 212 6.47 -25.60 -4.09
N GLY L 213 7.53 -26.38 -4.19
CA GLY L 213 8.73 -26.11 -3.45
C GLY L 213 9.94 -26.25 -4.33
N LEU L 214 10.88 -25.30 -4.26
CA LEU L 214 12.12 -25.37 -5.01
C LEU L 214 13.06 -26.00 -4.04
N LEU L 215 13.96 -26.85 -4.50
CA LEU L 215 14.94 -27.51 -3.65
C LEU L 215 16.26 -27.30 -4.33
N VAL L 216 17.37 -27.19 -3.60
CA VAL L 216 18.69 -27.08 -4.18
C VAL L 216 19.49 -28.02 -3.31
N ILE L 217 20.05 -29.12 -3.84
CA ILE L 217 20.72 -30.15 -3.06
C ILE L 217 22.11 -30.41 -3.62
N PRO L 218 23.16 -30.32 -2.80
CA PRO L 218 24.50 -30.62 -3.30
C PRO L 218 24.75 -32.11 -3.38
N VAL L 219 24.39 -32.70 -4.50
CA VAL L 219 24.58 -34.14 -4.70
C VAL L 219 26.05 -34.52 -4.75
N VAL L 220 26.91 -33.69 -5.32
CA VAL L 220 28.35 -33.94 -5.31
C VAL L 220 28.92 -32.84 -4.44
N PRO L 221 29.66 -33.18 -3.40
CA PRO L 221 30.10 -32.13 -2.47
C PRO L 221 31.15 -31.20 -2.99
N LEU L 222 31.27 -30.04 -2.36
CA LEU L 222 32.26 -29.03 -2.77
C LEU L 222 33.64 -29.41 -2.31
N ASP L 223 34.65 -29.07 -3.12
CA ASP L 223 36.02 -29.28 -2.70
C ASP L 223 36.90 -28.22 -3.29
N PHE L 224 37.92 -27.83 -2.53
CA PHE L 224 38.88 -26.84 -2.99
C PHE L 224 40.08 -26.98 -2.16
N ASN L 225 41.21 -26.71 -2.74
CA ASN L 225 42.44 -26.90 -2.04
C ASN L 225 42.54 -25.76 -1.09
N ALA L 226 43.23 -25.97 0.02
CA ALA L 226 43.31 -24.93 1.04
C ALA L 226 43.91 -23.63 0.59
N GLY L 227 43.34 -22.51 1.02
CA GLY L 227 43.85 -21.20 0.69
C GLY L 227 42.86 -20.37 -0.05
N ALA L 228 41.98 -21.00 -0.79
CA ALA L 228 41.02 -20.26 -1.62
C ALA L 228 39.82 -19.83 -0.77
N THR L 229 38.77 -19.32 -1.40
CA THR L 229 37.59 -18.92 -0.67
C THR L 229 36.85 -20.12 -0.20
N SER L 230 36.35 -20.06 1.03
CA SER L 230 35.73 -21.23 1.64
C SER L 230 34.25 -21.40 1.41
N GLU L 231 33.55 -20.33 1.05
CA GLU L 231 32.11 -20.40 0.86
C GLU L 231 31.74 -19.88 -0.51
N ILE L 232 31.05 -20.67 -1.33
CA ILE L 232 30.65 -20.25 -2.64
C ILE L 232 29.23 -19.73 -2.53
N PRO L 233 28.93 -18.59 -3.15
CA PRO L 233 27.58 -18.04 -3.00
C PRO L 233 26.57 -18.60 -3.97
N ILE L 234 25.29 -18.53 -3.61
CA ILE L 234 24.19 -18.99 -4.46
C ILE L 234 23.14 -17.89 -4.46
N THR L 235 22.68 -17.47 -5.64
CA THR L 235 21.73 -16.37 -5.77
C THR L 235 20.47 -16.83 -6.46
N VAL L 236 19.31 -16.54 -5.87
CA VAL L 236 18.03 -16.92 -6.44
C VAL L 236 17.28 -15.68 -6.88
N THR L 237 16.65 -15.72 -8.05
CA THR L 237 15.91 -14.59 -8.59
C THR L 237 14.55 -15.04 -9.06
N ILE L 238 13.48 -14.40 -8.59
CA ILE L 238 12.12 -14.80 -8.89
C ILE L 238 11.45 -13.71 -9.72
N ALA L 239 10.56 -14.11 -10.61
CA ALA L 239 9.81 -13.15 -11.40
C ALA L 239 8.43 -13.73 -11.72
N PRO L 240 7.35 -13.14 -11.18
CA PRO L 240 6.03 -13.67 -11.47
C PRO L 240 5.59 -13.39 -12.87
N MET L 241 4.65 -14.19 -13.39
CA MET L 241 4.18 -14.05 -14.76
C MET L 241 2.70 -13.77 -14.78
N CYS L 242 2.34 -12.49 -14.67
CA CYS L 242 0.94 -12.05 -14.73
C CYS L 242 0.02 -12.65 -13.73
N ALA L 243 0.26 -12.30 -12.47
CA ALA L 243 -0.60 -12.74 -11.39
C ALA L 243 -1.94 -12.02 -11.53
N GLU L 244 -2.99 -12.74 -11.87
CA GLU L 244 -4.27 -12.13 -12.06
C GLU L 244 -5.00 -11.86 -10.76
N PHE L 245 -5.90 -10.87 -10.76
CA PHE L 245 -6.78 -10.60 -9.63
C PHE L 245 -8.07 -10.12 -10.30
N ALA L 246 -8.93 -11.05 -10.70
CA ALA L 246 -10.17 -10.69 -11.40
C ALA L 246 -11.20 -11.79 -11.20
N LEU M 6 -25.77 -64.14 -15.75
CA LEU M 6 -26.39 -63.47 -14.62
C LEU M 6 -25.32 -62.86 -13.76
N LYS M 7 -24.99 -61.59 -14.02
CA LYS M 7 -23.89 -60.90 -13.32
C LYS M 7 -24.13 -60.65 -11.84
N PRO M 8 -23.05 -60.41 -11.07
CA PRO M 8 -23.26 -60.06 -9.66
C PRO M 8 -23.78 -58.68 -9.51
N GLY M 9 -24.54 -58.44 -8.45
CA GLY M 9 -25.19 -57.15 -8.26
C GLY M 9 -26.68 -57.27 -8.48
N THR M 10 -27.16 -58.44 -8.87
CA THR M 10 -28.59 -58.64 -9.04
C THR M 10 -29.23 -58.98 -7.73
N ASN M 11 -30.55 -59.14 -7.71
CA ASN M 11 -31.29 -59.60 -6.54
C ASN M 11 -31.18 -58.70 -5.34
N GLN M 12 -30.97 -57.41 -5.58
CA GLN M 12 -30.83 -56.44 -4.50
C GLN M 12 -31.86 -55.34 -4.67
N PHE M 13 -32.14 -54.61 -3.61
CA PHE M 13 -33.10 -53.52 -3.66
C PHE M 13 -32.36 -52.25 -3.39
N LEU M 14 -32.01 -51.53 -4.44
CA LEU M 14 -31.38 -50.22 -4.25
C LEU M 14 -32.48 -49.22 -3.96
N THR M 15 -32.26 -48.34 -3.01
CA THR M 15 -33.26 -47.38 -2.62
C THR M 15 -33.47 -46.30 -3.64
N THR M 16 -32.39 -45.82 -4.25
CA THR M 16 -32.47 -44.69 -5.18
C THR M 16 -32.29 -45.07 -6.62
N ASP M 17 -32.85 -46.20 -7.01
CA ASP M 17 -32.79 -46.62 -8.41
C ASP M 17 -34.11 -46.44 -9.10
N ASP M 18 -34.09 -45.99 -10.35
CA ASP M 18 -35.31 -45.83 -11.13
C ASP M 18 -35.52 -47.05 -12.00
N GLY M 19 -36.67 -47.14 -12.63
CA GLY M 19 -36.95 -48.26 -13.51
C GLY M 19 -38.41 -48.49 -13.70
N VAL M 20 -38.77 -49.28 -14.68
CA VAL M 20 -40.16 -49.54 -14.98
C VAL M 20 -40.67 -50.63 -14.07
N SER M 21 -41.76 -50.35 -13.34
CA SER M 21 -42.36 -51.34 -12.45
C SER M 21 -43.75 -51.63 -12.96
N ALA M 22 -44.25 -52.82 -12.69
CA ALA M 22 -45.53 -53.24 -13.23
C ALA M 22 -46.70 -52.48 -12.62
N PRO M 23 -47.58 -51.90 -13.45
CA PRO M 23 -48.69 -51.13 -12.90
C PRO M 23 -49.76 -51.99 -12.26
N ILE M 24 -50.38 -51.51 -11.20
CA ILE M 24 -51.38 -52.29 -10.48
C ILE M 24 -52.75 -52.30 -11.13
N LEU M 25 -53.02 -51.33 -12.00
CA LEU M 25 -54.33 -51.23 -12.69
C LEU M 25 -54.10 -50.87 -14.14
N PRO M 26 -53.84 -51.87 -14.99
CA PRO M 26 -53.49 -51.55 -16.38
C PRO M 26 -54.65 -50.99 -17.18
N GLY M 27 -55.89 -51.34 -16.82
CA GLY M 27 -57.05 -50.84 -17.52
C GLY M 27 -57.44 -49.42 -17.13
N PHE M 28 -56.84 -48.88 -16.08
CA PHE M 28 -57.20 -47.55 -15.60
C PHE M 28 -56.65 -46.45 -16.47
N HIS M 29 -57.49 -45.48 -16.83
CA HIS M 29 -57.05 -44.32 -17.61
C HIS M 29 -57.27 -43.12 -16.71
N PRO M 30 -56.20 -42.50 -16.20
CA PRO M 30 -56.38 -41.42 -15.23
C PRO M 30 -56.88 -40.12 -15.81
N THR M 31 -57.19 -39.18 -14.94
CA THR M 31 -57.74 -37.91 -15.37
C THR M 31 -56.74 -37.09 -16.17
N PRO M 32 -57.14 -36.58 -17.34
CA PRO M 32 -56.23 -35.75 -18.11
C PRO M 32 -56.03 -34.39 -17.45
N PRO M 33 -54.86 -33.77 -17.62
CA PRO M 33 -54.62 -32.51 -16.92
C PRO M 33 -55.38 -31.32 -17.45
N ILE M 34 -55.47 -30.27 -16.64
CA ILE M 34 -56.15 -29.04 -17.04
C ILE M 34 -55.16 -27.92 -16.73
N HIS M 35 -55.13 -26.90 -17.57
CA HIS M 35 -54.19 -25.79 -17.38
C HIS M 35 -54.61 -24.97 -16.19
N ILE M 36 -53.81 -24.98 -15.13
CA ILE M 36 -54.07 -24.15 -13.96
C ILE M 36 -52.84 -23.26 -13.87
N PRO M 37 -53.01 -21.99 -13.49
CA PRO M 37 -51.87 -21.08 -13.54
C PRO M 37 -50.85 -21.26 -12.47
N GLY M 38 -49.60 -20.92 -12.74
CA GLY M 38 -48.56 -20.96 -11.74
C GLY M 38 -47.76 -22.24 -11.59
N GLU M 39 -47.52 -22.95 -12.68
CA GLU M 39 -46.72 -24.15 -12.61
C GLU M 39 -45.26 -23.83 -12.40
N VAL M 40 -44.60 -24.54 -11.51
CA VAL M 40 -43.19 -24.30 -11.19
C VAL M 40 -42.39 -25.49 -11.64
N HIS M 41 -41.31 -25.26 -12.37
CA HIS M 41 -40.48 -26.34 -12.87
C HIS M 41 -39.21 -26.52 -12.06
N ASN M 42 -38.53 -25.43 -11.73
CA ASN M 42 -37.28 -25.50 -10.99
C ASN M 42 -37.46 -24.83 -9.65
N LEU M 43 -36.67 -25.23 -8.67
CA LEU M 43 -36.78 -24.61 -7.36
C LEU M 43 -36.12 -23.27 -7.27
N LEU M 44 -35.43 -22.85 -8.32
CA LEU M 44 -34.80 -21.54 -8.33
C LEU M 44 -35.73 -20.41 -8.70
N GLU M 45 -36.97 -20.72 -9.08
CA GLU M 45 -37.96 -19.64 -9.24
C GLU M 45 -38.38 -19.22 -7.83
N ILE M 46 -38.30 -20.11 -6.85
CA ILE M 46 -38.73 -19.80 -5.51
C ILE M 46 -37.67 -18.98 -4.78
N CYS M 47 -36.39 -19.20 -5.10
CA CYS M 47 -35.31 -18.49 -4.42
C CYS M 47 -34.94 -17.20 -5.11
N ARG M 48 -35.85 -16.60 -5.87
CA ARG M 48 -35.60 -15.31 -6.51
C ARG M 48 -36.64 -14.28 -6.14
N VAL M 49 -37.33 -14.49 -5.03
CA VAL M 49 -38.32 -13.51 -4.55
C VAL M 49 -37.85 -12.96 -3.24
N GLU M 50 -38.16 -11.70 -2.98
CA GLU M 50 -37.66 -11.04 -1.80
C GLU M 50 -38.47 -11.42 -0.59
N THR M 51 -37.82 -11.84 0.49
CA THR M 51 -38.50 -12.22 1.71
C THR M 51 -37.92 -11.46 2.88
N ILE M 52 -38.65 -11.37 3.98
CA ILE M 52 -38.26 -10.52 5.09
C ILE M 52 -37.15 -11.16 5.87
N LEU M 53 -36.12 -10.40 6.20
CA LEU M 53 -35.02 -10.90 7.05
C LEU M 53 -35.38 -10.56 8.47
N GLU M 54 -34.76 -11.22 9.45
CA GLU M 54 -35.02 -10.96 10.86
C GLU M 54 -33.73 -10.45 11.46
N VAL M 55 -33.46 -9.17 11.29
CA VAL M 55 -32.23 -8.60 11.78
C VAL M 55 -32.31 -8.31 13.25
N ASN M 56 -33.49 -7.94 13.74
CA ASN M 56 -33.67 -7.59 15.15
C ASN M 56 -34.10 -8.81 15.94
N ASN M 57 -33.26 -9.83 15.92
CA ASN M 57 -33.57 -11.09 16.62
C ASN M 57 -32.94 -11.07 17.99
N LEU M 58 -33.38 -10.13 18.81
CA LEU M 58 -32.83 -10.01 20.14
C LEU M 58 -33.36 -11.09 21.06
N LYS M 59 -32.77 -11.20 22.24
CA LYS M 59 -33.22 -12.18 23.24
C LYS M 59 -34.50 -11.77 23.93
N THR M 60 -34.91 -10.52 23.81
CA THR M 60 -36.11 -10.02 24.47
C THR M 60 -37.29 -9.91 23.50
N ASN M 61 -37.36 -10.79 22.52
CA ASN M 61 -38.46 -10.77 21.55
C ASN M 61 -39.21 -12.07 21.39
N GLU M 62 -38.91 -13.08 22.19
CA GLU M 62 -39.68 -14.32 22.12
C GLU M 62 -41.08 -14.15 22.66
N THR M 63 -41.30 -13.11 23.44
CA THR M 63 -42.62 -12.89 24.02
C THR M 63 -43.54 -12.29 22.98
N THR M 64 -43.11 -11.21 22.33
CA THR M 64 -43.91 -10.57 21.28
C THR M 64 -43.08 -10.58 20.00
N PRO M 65 -43.24 -11.61 19.16
CA PRO M 65 -42.36 -11.76 18.00
C PRO M 65 -42.66 -10.90 16.79
N MET M 66 -43.66 -10.03 16.85
CA MET M 66 -43.99 -9.17 15.72
C MET M 66 -42.95 -8.06 15.55
N GLN M 67 -42.21 -7.73 16.62
CA GLN M 67 -41.21 -6.67 16.57
C GLN M 67 -39.91 -7.18 15.97
N ARG M 68 -39.82 -8.48 15.70
CA ARG M 68 -38.58 -9.07 15.23
C ARG M 68 -38.29 -8.79 13.76
N LEU M 69 -39.22 -8.19 13.04
CA LEU M 69 -39.07 -8.00 11.60
C LEU M 69 -38.45 -6.69 11.15
N CYS M 70 -38.28 -5.72 12.04
CA CYS M 70 -37.74 -4.43 11.65
C CYS M 70 -36.88 -3.84 12.73
N PHE M 71 -35.82 -3.13 12.35
CA PHE M 71 -34.88 -2.57 13.31
C PHE M 71 -35.00 -1.07 13.30
N PRO M 72 -34.95 -0.43 14.47
CA PRO M 72 -35.23 1.01 14.49
C PRO M 72 -34.13 2.00 14.29
N VAL M 73 -34.48 3.24 13.94
CA VAL M 73 -33.54 4.34 13.87
C VAL M 73 -34.21 5.42 14.68
N SER M 74 -33.42 6.31 15.27
CA SER M 74 -33.97 7.33 16.17
C SER M 74 -33.17 8.60 16.18
N VAL M 75 -33.66 9.60 16.90
CA VAL M 75 -32.95 10.87 17.03
C VAL M 75 -32.00 10.92 18.21
N GLN M 76 -32.03 9.90 19.06
CA GLN M 76 -31.20 9.88 20.25
C GLN M 76 -29.85 9.27 19.97
N SER M 77 -29.53 9.05 18.69
CA SER M 77 -28.26 8.44 18.30
C SER M 77 -27.36 9.50 17.72
N LYS M 78 -26.10 9.50 18.13
CA LYS M 78 -25.14 10.44 17.60
C LYS M 78 -24.72 10.04 16.20
N THR M 79 -24.11 10.96 15.47
CA THR M 79 -23.68 10.67 14.13
C THR M 79 -22.42 9.84 14.12
N GLY M 80 -22.24 9.03 13.10
CA GLY M 80 -21.03 8.25 12.94
C GLY M 80 -20.95 6.91 13.61
N GLU M 81 -22.00 6.51 14.32
CA GLU M 81 -22.01 5.24 15.03
C GLU M 81 -22.82 4.22 14.27
N LEU M 82 -22.53 2.94 14.48
CA LEU M 82 -23.21 1.89 13.73
C LEU M 82 -24.60 1.64 14.24
N CYS M 83 -25.45 1.02 13.43
CA CYS M 83 -26.83 0.74 13.79
C CYS M 83 -27.11 -0.74 13.89
N ALA M 84 -26.68 -1.51 12.90
CA ALA M 84 -26.90 -2.95 12.90
C ALA M 84 -25.81 -3.65 12.14
N ALA M 85 -25.67 -4.95 12.37
CA ALA M 85 -24.68 -5.74 11.69
C ALA M 85 -25.11 -7.17 11.66
N PHE M 86 -24.88 -7.85 10.56
CA PHE M 86 -25.20 -9.26 10.45
C PHE M 86 -24.35 -9.90 9.38
N ARG M 87 -24.10 -11.20 9.52
CA ARG M 87 -23.26 -11.87 8.56
C ARG M 87 -24.07 -12.23 7.35
N ALA M 88 -23.43 -12.68 6.28
CA ALA M 88 -24.11 -13.04 5.06
C ALA M 88 -23.79 -14.46 4.66
N ASP M 89 -24.50 -15.42 5.24
CA ASP M 89 -24.37 -16.83 4.83
C ASP M 89 -25.73 -17.46 5.09
N PRO M 90 -26.44 -17.89 4.05
CA PRO M 90 -27.78 -18.42 4.26
C PRO M 90 -27.88 -19.78 4.92
N GLY M 91 -26.77 -20.44 5.19
CA GLY M 91 -26.83 -21.78 5.74
C GLY M 91 -26.84 -21.83 7.24
N ARG M 92 -26.19 -20.86 7.87
CA ARG M 92 -26.06 -20.90 9.31
C ARG M 92 -27.29 -20.38 9.99
N ASP M 93 -27.24 -20.24 11.31
CA ASP M 93 -28.36 -19.72 12.06
C ASP M 93 -28.37 -18.20 12.03
N GLY M 94 -29.23 -17.58 12.82
CA GLY M 94 -29.28 -16.15 12.86
C GLY M 94 -30.35 -15.61 11.95
N PRO M 95 -30.10 -14.46 11.33
CA PRO M 95 -31.18 -13.84 10.56
C PRO M 95 -31.61 -14.57 9.32
N TRP M 96 -30.73 -15.34 8.71
CA TRP M 96 -31.07 -15.97 7.45
C TRP M 96 -31.97 -17.18 7.59
N GLN M 97 -32.34 -17.57 8.79
CA GLN M 97 -33.26 -18.68 8.96
C GLN M 97 -34.68 -18.31 8.59
N SER M 98 -34.99 -17.02 8.59
CA SER M 98 -36.37 -16.59 8.37
C SER M 98 -36.77 -16.38 6.94
N THR M 99 -35.86 -16.50 6.01
CA THR M 99 -36.16 -16.23 4.61
C THR M 99 -36.39 -17.53 3.87
N ILE M 100 -36.94 -17.43 2.67
CA ILE M 100 -37.19 -18.61 1.86
C ILE M 100 -35.91 -19.20 1.31
N LEU M 101 -34.87 -18.39 1.20
CA LEU M 101 -33.58 -18.88 0.73
C LEU M 101 -32.90 -19.72 1.77
N GLY M 102 -33.00 -19.32 3.02
CA GLY M 102 -32.32 -20.03 4.08
C GLY M 102 -33.01 -21.30 4.51
N GLN M 103 -34.23 -21.51 4.07
CA GLN M 103 -34.91 -22.74 4.39
C GLN M 103 -34.71 -23.76 3.29
N LEU M 104 -34.58 -23.33 2.04
CA LEU M 104 -34.30 -24.26 0.95
C LEU M 104 -32.85 -24.57 0.84
N CYS M 105 -31.99 -23.87 1.58
CA CYS M 105 -30.57 -24.22 1.63
C CYS M 105 -30.28 -25.19 2.73
N ARG M 106 -31.26 -25.58 3.52
CA ARG M 106 -31.01 -26.62 4.49
C ARG M 106 -31.04 -27.86 3.68
N TYR M 107 -31.90 -27.92 2.67
CA TYR M 107 -32.08 -29.14 1.91
C TYR M 107 -31.01 -29.47 0.88
N TYR M 108 -29.90 -28.75 0.83
CA TYR M 108 -28.82 -29.11 -0.07
C TYR M 108 -27.52 -28.86 0.65
N THR M 109 -26.44 -29.50 0.24
CA THR M 109 -25.18 -29.39 0.95
C THR M 109 -24.35 -28.23 0.51
N GLN M 110 -24.08 -28.13 -0.78
CA GLN M 110 -23.19 -27.08 -1.30
C GLN M 110 -23.97 -26.06 -2.10
N TRP M 111 -23.68 -24.76 -1.97
CA TRP M 111 -24.33 -23.73 -2.77
C TRP M 111 -23.29 -22.70 -3.11
N SER M 112 -23.56 -21.91 -4.15
CA SER M 112 -22.66 -20.85 -4.57
C SER M 112 -23.46 -19.85 -5.36
N GLY M 113 -22.86 -18.70 -5.65
CA GLY M 113 -23.52 -17.66 -6.43
C GLY M 113 -23.57 -16.34 -5.72
N SER M 114 -24.35 -15.40 -6.26
CA SER M 114 -24.43 -14.06 -5.71
C SER M 114 -25.78 -13.77 -5.15
N LEU M 115 -25.84 -12.84 -4.20
CA LEU M 115 -27.08 -12.52 -3.51
C LEU M 115 -27.39 -11.07 -3.66
N GLU M 116 -28.55 -10.64 -3.17
CA GLU M 116 -28.88 -9.23 -3.14
C GLU M 116 -29.73 -8.94 -1.92
N VAL M 117 -29.48 -7.81 -1.27
CA VAL M 117 -30.20 -7.44 -0.08
C VAL M 117 -30.74 -6.05 -0.31
N THR M 118 -32.06 -5.87 -0.15
CA THR M 118 -32.66 -4.57 -0.30
C THR M 118 -33.27 -4.14 1.01
N PHE M 119 -33.27 -2.83 1.26
CA PHE M 119 -33.84 -2.27 2.47
C PHE M 119 -35.03 -1.39 2.05
N MET M 120 -35.86 -1.02 3.01
CA MET M 120 -37.00 -0.19 2.72
C MET M 120 -37.32 0.68 3.92
N PHE M 121 -37.26 2.01 3.74
CA PHE M 121 -37.56 2.92 4.83
C PHE M 121 -39.04 2.98 5.06
N ALA M 122 -39.46 3.22 6.29
CA ALA M 122 -40.87 3.26 6.64
C ALA M 122 -41.26 4.41 7.51
N GLY M 123 -40.50 5.49 7.50
CA GLY M 123 -40.81 6.65 8.31
C GLY M 123 -41.77 7.59 7.62
N SER M 124 -41.94 8.78 8.16
CA SER M 124 -42.85 9.74 7.58
C SER M 124 -42.27 10.39 6.36
N PHE M 125 -43.05 11.20 5.66
CA PHE M 125 -42.59 11.86 4.45
C PHE M 125 -41.62 12.98 4.72
N MET M 126 -41.66 13.55 5.92
CA MET M 126 -40.83 14.70 6.23
C MET M 126 -39.47 14.39 6.81
N ALA M 127 -39.14 13.12 6.98
CA ALA M 127 -37.84 12.75 7.55
C ALA M 127 -36.77 12.83 6.50
N THR M 128 -35.56 13.18 6.92
CA THR M 128 -34.44 13.26 6.00
C THR M 128 -33.19 12.82 6.72
N GLY M 129 -32.24 12.30 5.97
CA GLY M 129 -30.98 11.85 6.55
C GLY M 129 -30.27 10.88 5.63
N LYS M 130 -29.07 10.45 6.01
CA LYS M 130 -28.32 9.54 5.21
C LYS M 130 -27.79 8.41 6.04
N MET M 131 -27.67 7.21 5.47
CA MET M 131 -27.08 6.08 6.14
C MET M 131 -26.15 5.41 5.17
N LEU M 132 -25.13 4.73 5.69
CA LEU M 132 -24.09 4.12 4.86
C LEU M 132 -24.15 2.62 5.00
N ILE M 133 -24.40 1.91 3.90
CA ILE M 133 -24.50 0.47 3.91
C ILE M 133 -23.15 -0.04 3.47
N ALA M 134 -22.41 -0.68 4.36
CA ALA M 134 -21.05 -1.13 4.06
C ALA M 134 -20.93 -2.62 4.16
N TYR M 135 -20.20 -3.22 3.23
CA TYR M 135 -20.02 -4.66 3.19
C TYR M 135 -18.56 -4.98 3.17
N THR M 136 -18.11 -5.87 4.05
CA THR M 136 -16.73 -6.27 4.08
C THR M 136 -16.58 -7.66 3.47
N PRO M 137 -15.51 -7.91 2.73
CA PRO M 137 -15.37 -9.20 2.08
C PRO M 137 -15.00 -10.27 3.11
N PRO M 138 -15.16 -11.56 2.77
CA PRO M 138 -14.81 -12.60 3.71
C PRO M 138 -13.33 -12.68 3.98
N GLY M 139 -12.98 -13.05 5.19
CA GLY M 139 -11.59 -13.11 5.55
C GLY M 139 -11.00 -11.76 5.86
N GLY M 140 -11.83 -10.80 6.20
CA GLY M 140 -11.37 -9.47 6.54
C GLY M 140 -11.61 -9.20 7.99
N ASN M 141 -12.16 -8.04 8.33
CA ASN M 141 -12.50 -7.73 9.71
C ASN M 141 -13.61 -6.70 9.73
N VAL M 142 -14.40 -6.69 10.79
CA VAL M 142 -15.45 -5.70 10.94
C VAL M 142 -14.78 -4.34 11.16
N PRO M 143 -15.31 -3.27 10.54
CA PRO M 143 -14.66 -1.97 10.71
C PRO M 143 -14.81 -1.45 12.11
N ALA M 144 -13.90 -0.58 12.53
CA ALA M 144 -13.93 -0.03 13.89
C ALA M 144 -14.75 1.24 13.95
N ASP M 145 -14.67 2.07 12.92
CA ASP M 145 -15.46 3.29 12.85
C ASP M 145 -15.88 3.52 11.41
N ARG M 146 -16.47 4.66 11.14
CA ARG M 146 -17.02 4.91 9.81
C ARG M 146 -15.98 5.15 8.75
N ILE M 147 -14.89 5.79 9.10
CA ILE M 147 -13.92 6.22 8.08
C ILE M 147 -13.15 5.06 7.49
N THR M 148 -13.09 3.94 8.20
CA THR M 148 -12.47 2.76 7.63
C THR M 148 -13.49 1.90 6.90
N ALA M 149 -14.78 2.20 7.08
CA ALA M 149 -15.82 1.44 6.42
C ALA M 149 -16.12 1.93 5.03
N MET M 150 -16.03 3.24 4.84
CA MET M 150 -16.28 3.83 3.53
C MET M 150 -15.27 3.34 2.51
N LEU M 151 -14.05 3.04 2.92
CA LEU M 151 -12.97 2.69 1.99
C LEU M 151 -13.25 1.38 1.27
N GLY M 152 -14.15 0.57 1.79
CA GLY M 152 -14.54 -0.66 1.11
C GLY M 152 -15.73 -0.41 0.21
N THR M 153 -16.37 -1.49 -0.22
CA THR M 153 -17.53 -1.36 -1.06
C THR M 153 -18.72 -0.88 -0.25
N HIS M 154 -19.38 0.18 -0.71
CA HIS M 154 -20.48 0.76 0.04
C HIS M 154 -21.38 1.59 -0.82
N VAL M 155 -22.61 1.82 -0.37
CA VAL M 155 -23.54 2.72 -1.04
C VAL M 155 -23.96 3.73 0.02
N ILE M 156 -24.45 4.89 -0.39
CA ILE M 156 -24.88 5.92 0.55
C ILE M 156 -26.36 6.10 0.34
N TRP M 157 -27.16 5.56 1.23
CA TRP M 157 -28.59 5.60 1.10
C TRP M 157 -29.10 6.89 1.66
N ASP M 158 -29.92 7.60 0.89
CA ASP M 158 -30.53 8.84 1.33
C ASP M 158 -32.03 8.63 1.28
N PHE M 159 -32.68 8.66 2.43
CA PHE M 159 -34.11 8.36 2.51
C PHE M 159 -34.97 9.58 2.42
N GLY M 160 -34.45 10.63 1.81
CA GLY M 160 -35.26 11.81 1.53
C GLY M 160 -35.56 11.85 0.06
N LEU M 161 -34.89 11.00 -0.71
CA LEU M 161 -35.08 10.96 -2.15
C LEU M 161 -35.71 9.67 -2.60
N GLN M 162 -35.16 8.53 -2.21
CA GLN M 162 -35.78 7.24 -2.53
C GLN M 162 -35.98 6.48 -1.26
N SER M 163 -36.92 5.54 -1.27
CA SER M 163 -37.26 4.81 -0.07
C SER M 163 -36.76 3.39 -0.04
N SER M 164 -36.06 2.97 -1.09
CA SER M 164 -35.56 1.60 -1.16
C SER M 164 -34.28 1.55 -1.95
N VAL M 165 -33.24 0.91 -1.40
CA VAL M 165 -31.95 0.82 -2.06
C VAL M 165 -31.53 -0.63 -2.06
N THR M 166 -30.71 -1.01 -3.02
CA THR M 166 -30.29 -2.38 -3.20
C THR M 166 -28.81 -2.53 -3.07
N LEU M 167 -28.37 -3.57 -2.37
CA LEU M 167 -26.95 -3.86 -2.23
C LEU M 167 -26.72 -5.27 -2.67
N VAL M 168 -25.76 -5.47 -3.58
CA VAL M 168 -25.51 -6.78 -4.15
C VAL M 168 -24.26 -7.37 -3.55
N VAL M 169 -24.31 -8.64 -3.16
CA VAL M 169 -23.17 -9.33 -2.57
C VAL M 169 -22.52 -10.07 -3.71
N PRO M 170 -21.22 -9.91 -3.91
CA PRO M 170 -20.58 -10.49 -5.10
C PRO M 170 -20.52 -12.00 -5.21
N TRP M 171 -20.07 -12.71 -4.19
CA TRP M 171 -19.92 -14.15 -4.27
C TRP M 171 -19.85 -14.81 -2.92
N ILE M 172 -20.59 -15.89 -2.72
CA ILE M 172 -20.50 -16.69 -1.52
C ILE M 172 -20.34 -18.12 -1.99
N SER M 173 -19.80 -18.98 -1.12
CA SER M 173 -19.56 -20.38 -1.47
C SER M 173 -19.43 -21.20 -0.21
N ASN M 174 -18.98 -22.44 -0.31
CA ASN M 174 -18.71 -23.29 0.84
C ASN M 174 -17.33 -23.94 0.71
N THR M 190 -15.88 -17.90 8.26
CA THR M 190 -15.51 -16.62 7.74
C THR M 190 -16.38 -16.34 6.57
N THR M 191 -17.22 -15.32 6.66
CA THR M 191 -18.00 -14.89 5.52
C THR M 191 -18.09 -13.39 5.63
N GLY M 192 -18.86 -12.76 4.75
CA GLY M 192 -18.97 -11.33 4.78
C GLY M 192 -19.74 -10.79 5.95
N ILE M 193 -19.59 -9.49 6.23
CA ILE M 193 -20.32 -8.83 7.29
C ILE M 193 -20.88 -7.56 6.69
N ILE M 194 -22.20 -7.35 6.82
CA ILE M 194 -22.85 -6.17 6.30
C ILE M 194 -23.12 -5.27 7.47
N THR M 195 -22.76 -4.00 7.36
CA THR M 195 -22.94 -3.04 8.44
C THR M 195 -23.76 -1.87 7.99
N ILE M 196 -24.54 -1.29 8.91
CA ILE M 196 -25.39 -0.15 8.61
C ILE M 196 -24.91 0.99 9.48
N TRP M 197 -24.17 1.92 8.88
CA TRP M 197 -23.62 3.03 9.62
C TRP M 197 -24.47 4.28 9.50
N TYR M 198 -24.46 5.10 10.54
CA TYR M 198 -25.14 6.38 10.49
C TYR M 198 -24.22 7.37 9.82
N GLN M 199 -24.72 8.07 8.81
CA GLN M 199 -23.94 9.12 8.14
C GLN M 199 -24.31 10.45 8.69
N THR M 200 -25.61 10.75 8.79
CA THR M 200 -26.08 11.97 9.42
C THR M 200 -27.12 11.59 10.43
N ASN M 201 -27.43 12.50 11.33
CA ASN M 201 -28.46 12.24 12.33
C ASN M 201 -29.85 12.33 11.73
N TYR M 202 -30.84 11.83 12.43
CA TYR M 202 -32.21 11.80 11.93
C TYR M 202 -32.82 13.17 12.08
N VAL M 203 -33.40 13.71 11.00
CA VAL M 203 -33.95 15.07 11.00
C VAL M 203 -35.44 15.05 10.82
N VAL M 204 -36.20 15.62 11.74
CA VAL M 204 -37.65 15.65 11.67
C VAL M 204 -38.15 17.02 12.06
N PRO M 205 -39.27 17.47 11.49
CA PRO M 205 -39.83 18.77 11.91
C PRO M 205 -40.76 18.61 13.08
N ILE M 206 -41.39 19.70 13.49
CA ILE M 206 -42.36 19.64 14.58
C ILE M 206 -43.58 18.87 14.11
N GLY M 207 -44.02 17.90 14.90
CA GLY M 207 -45.22 17.13 14.58
C GLY M 207 -45.00 15.78 13.95
N ALA M 208 -43.84 15.58 13.34
CA ALA M 208 -43.51 14.28 12.78
C ALA M 208 -43.16 13.34 13.92
N PRO M 209 -43.26 12.03 13.72
CA PRO M 209 -42.84 11.13 14.79
C PRO M 209 -41.35 11.11 15.03
N THR M 210 -40.93 10.46 16.11
CA THR M 210 -39.52 10.47 16.50
C THR M 210 -38.72 9.32 15.94
N THR M 211 -39.19 8.10 16.07
CA THR M 211 -38.44 6.93 15.63
C THR M 211 -39.04 6.37 14.36
N ALA M 212 -38.25 5.64 13.59
CA ALA M 212 -38.73 5.02 12.38
C ALA M 212 -38.06 3.66 12.27
N TYR M 213 -38.62 2.80 11.43
CA TYR M 213 -38.10 1.47 11.29
C TYR M 213 -37.67 1.19 9.86
N ILE M 214 -36.75 0.24 9.68
CA ILE M 214 -36.27 -0.13 8.38
C ILE M 214 -36.48 -1.63 8.25
N VAL M 215 -37.18 -2.05 7.22
CA VAL M 215 -37.45 -3.48 7.01
C VAL M 215 -36.48 -3.93 5.94
N ALA M 216 -35.90 -5.12 6.12
CA ALA M 216 -34.91 -5.64 5.18
C ALA M 216 -35.47 -6.75 4.33
N LEU M 217 -34.90 -6.97 3.16
CA LEU M 217 -35.34 -8.00 2.27
C LEU M 217 -34.13 -8.66 1.64
N ALA M 218 -34.28 -9.90 1.20
CA ALA M 218 -33.17 -10.64 0.64
C ALA M 218 -33.62 -11.69 -0.33
N ALA M 219 -32.88 -11.86 -1.42
CA ALA M 219 -33.15 -12.90 -2.39
C ALA M 219 -31.86 -13.18 -3.12
N ALA M 220 -31.89 -14.11 -4.07
CA ALA M 220 -30.70 -14.49 -4.79
C ALA M 220 -30.70 -13.96 -6.20
N GLN M 221 -29.55 -14.01 -6.85
CA GLN M 221 -29.42 -13.56 -8.23
C GLN M 221 -29.69 -14.74 -9.15
N ASP M 222 -29.41 -14.59 -10.43
CA ASP M 222 -29.64 -15.67 -11.38
C ASP M 222 -28.65 -16.82 -11.30
N ASN M 223 -27.43 -16.55 -10.85
CA ASN M 223 -26.39 -17.56 -10.86
C ASN M 223 -26.26 -18.35 -9.56
N PHE M 224 -27.34 -18.47 -8.81
CA PHE M 224 -27.32 -19.23 -7.56
C PHE M 224 -27.73 -20.66 -7.83
N THR M 225 -26.94 -21.65 -7.41
CA THR M 225 -27.25 -23.04 -7.69
C THR M 225 -26.80 -23.87 -6.56
N MET M 226 -27.32 -25.09 -6.43
CA MET M 226 -27.01 -25.95 -5.32
C MET M 226 -26.71 -27.34 -5.82
N LYS M 227 -26.26 -28.26 -4.97
CA LYS M 227 -26.05 -29.66 -5.37
C LYS M 227 -26.01 -30.61 -4.17
N LEU M 228 -25.95 -31.93 -4.39
CA LEU M 228 -25.81 -32.95 -3.32
C LEU M 228 -26.87 -32.97 -2.28
N CYS M 229 -28.10 -33.24 -2.69
CA CYS M 229 -29.25 -33.23 -1.77
C CYS M 229 -29.07 -33.93 -0.43
N LYS M 230 -29.53 -33.30 0.65
CA LYS M 230 -29.38 -33.82 1.99
C LYS M 230 -30.75 -33.64 2.62
N ASP M 231 -30.95 -34.07 3.88
CA ASP M 231 -32.24 -33.96 4.54
C ASP M 231 -32.01 -33.05 5.69
N THR M 232 -33.03 -32.33 6.18
CA THR M 232 -32.78 -31.33 7.21
C THR M 232 -32.53 -31.95 8.56
N ASN N 11 -22.97 -67.10 -12.09
CA ASN N 11 -23.31 -66.34 -10.89
C ASN N 11 -22.10 -66.19 -9.97
N GLN N 12 -21.11 -65.41 -10.36
CA GLN N 12 -19.87 -65.29 -9.57
C GLN N 12 -19.22 -63.91 -9.61
N PHE N 13 -18.50 -63.55 -8.55
CA PHE N 13 -17.81 -62.27 -8.51
C PHE N 13 -16.42 -62.39 -9.04
N LEU N 14 -16.26 -62.64 -10.32
CA LEU N 14 -14.91 -62.62 -10.86
C LEU N 14 -14.26 -61.33 -10.40
N THR N 15 -13.00 -61.41 -9.99
CA THR N 15 -12.31 -60.25 -9.45
C THR N 15 -11.97 -59.23 -10.52
N THR N 16 -11.56 -59.69 -11.69
CA THR N 16 -11.08 -58.80 -12.74
C THR N 16 -12.05 -58.67 -13.90
N ASP N 17 -13.34 -58.61 -13.61
CA ASP N 17 -14.34 -58.44 -14.66
C ASP N 17 -14.90 -57.05 -14.64
N ASP N 18 -15.13 -56.49 -15.83
CA ASP N 18 -15.71 -55.17 -15.95
C ASP N 18 -17.20 -55.28 -16.18
N GLY N 19 -17.90 -54.15 -16.15
CA GLY N 19 -19.33 -54.16 -16.42
C GLY N 19 -19.99 -52.93 -15.88
N VAL N 20 -21.21 -52.68 -16.32
CA VAL N 20 -21.95 -51.53 -15.85
C VAL N 20 -22.61 -51.89 -14.53
N SER N 21 -22.36 -51.10 -13.49
CA SER N 21 -22.95 -51.33 -12.18
C SER N 21 -23.88 -50.17 -11.86
N ALA N 22 -24.88 -50.43 -11.05
CA ALA N 22 -25.89 -49.41 -10.76
C ALA N 22 -25.35 -48.27 -9.91
N PRO N 23 -25.54 -47.03 -10.32
CA PRO N 23 -24.97 -45.93 -9.56
C PRO N 23 -25.71 -45.65 -8.27
N ILE N 24 -25.00 -45.27 -7.23
CA ILE N 24 -25.58 -45.03 -5.92
C ILE N 24 -26.25 -43.67 -5.79
N LEU N 25 -25.93 -42.73 -6.66
CA LEU N 25 -26.52 -41.38 -6.61
C LEU N 25 -26.82 -40.92 -8.02
N PRO N 26 -27.98 -41.30 -8.55
CA PRO N 26 -28.26 -40.98 -9.96
C PRO N 26 -28.49 -39.51 -10.23
N GLY N 27 -28.95 -38.78 -9.22
CA GLY N 27 -29.20 -37.36 -9.36
C GLY N 27 -27.96 -36.52 -9.24
N PHE N 28 -26.83 -37.12 -8.88
CA PHE N 28 -25.61 -36.36 -8.67
C PHE N 28 -24.94 -36.00 -9.98
N HIS N 29 -24.57 -34.73 -10.13
CA HIS N 29 -23.83 -34.28 -11.32
C HIS N 29 -22.47 -33.82 -10.82
N PRO N 30 -21.40 -34.57 -11.13
CA PRO N 30 -20.10 -34.23 -10.56
C PRO N 30 -19.45 -33.02 -11.16
N THR N 31 -18.35 -32.60 -10.55
CA THR N 31 -17.66 -31.40 -10.98
C THR N 31 -16.99 -31.61 -12.34
N PRO N 32 -17.20 -30.68 -13.27
CA PRO N 32 -16.59 -30.84 -14.60
C PRO N 32 -15.11 -30.61 -14.52
N PRO N 33 -14.32 -31.26 -15.38
CA PRO N 33 -12.87 -31.13 -15.26
C PRO N 33 -12.29 -29.82 -15.67
N ILE N 34 -11.07 -29.54 -15.22
CA ILE N 34 -10.36 -28.32 -15.56
C ILE N 34 -8.99 -28.76 -16.04
N HIS N 35 -8.46 -28.10 -17.05
CA HIS N 35 -7.15 -28.47 -17.61
C HIS N 35 -6.08 -28.10 -16.62
N ILE N 36 -5.39 -29.09 -16.08
CA ILE N 36 -4.27 -28.85 -15.18
C ILE N 36 -3.07 -29.44 -15.89
N PRO N 37 -1.91 -28.81 -15.80
CA PRO N 37 -0.81 -29.29 -16.62
C PRO N 37 -0.16 -30.55 -16.18
N GLY N 38 0.36 -31.32 -17.13
CA GLY N 38 1.13 -32.51 -16.80
C GLY N 38 0.42 -33.82 -16.78
N GLU N 39 -0.59 -34.00 -17.60
CA GLU N 39 -1.35 -35.24 -17.63
C GLU N 39 -0.54 -36.36 -18.24
N VAL N 40 -0.55 -37.53 -17.60
CA VAL N 40 0.24 -38.67 -18.06
C VAL N 40 -0.72 -39.75 -18.49
N HIS N 41 -0.51 -40.31 -19.68
CA HIS N 41 -1.40 -41.33 -20.21
C HIS N 41 -0.79 -42.72 -20.07
N ASN N 42 0.48 -42.87 -20.43
CA ASN N 42 1.14 -44.17 -20.36
C ASN N 42 2.25 -44.13 -19.33
N LEU N 43 2.58 -45.28 -18.75
CA LEU N 43 3.64 -45.29 -17.76
C LEU N 43 5.02 -45.27 -18.36
N LEU N 44 5.13 -45.29 -19.68
CA LEU N 44 6.42 -45.23 -20.34
C LEU N 44 6.95 -43.83 -20.52
N GLU N 45 6.16 -42.83 -20.13
CA GLU N 45 6.69 -41.47 -20.12
C GLU N 45 7.55 -41.36 -18.87
N ILE N 46 7.23 -42.13 -17.83
CA ILE N 46 7.98 -42.08 -16.60
C ILE N 46 9.32 -42.81 -16.73
N CYS N 47 9.37 -43.85 -17.55
CA CYS N 47 10.59 -44.64 -17.69
C CYS N 47 11.51 -44.12 -18.80
N ARG N 48 11.41 -42.85 -19.16
CA ARG N 48 12.28 -42.27 -20.18
C ARG N 48 13.00 -41.04 -19.67
N VAL N 49 13.10 -40.90 -18.35
CA VAL N 49 13.82 -39.77 -17.77
C VAL N 49 15.04 -40.30 -17.06
N GLU N 50 16.11 -39.52 -17.04
CA GLU N 50 17.36 -39.99 -16.47
C GLU N 50 17.34 -39.88 -14.98
N THR N 51 17.66 -40.95 -14.26
CA THR N 51 17.69 -40.93 -12.82
C THR N 51 19.03 -41.42 -12.32
N ILE N 52 19.37 -41.08 -11.07
CA ILE N 52 20.69 -41.37 -10.55
C ILE N 52 20.86 -42.84 -10.23
N LEU N 53 21.99 -43.41 -10.65
CA LEU N 53 22.29 -44.78 -10.29
C LEU N 53 23.06 -44.78 -8.98
N GLU N 54 23.18 -45.94 -8.34
CA GLU N 54 23.93 -46.05 -7.10
C GLU N 54 25.02 -47.07 -7.34
N VAL N 55 26.10 -46.63 -7.94
CA VAL N 55 27.18 -47.54 -8.29
C VAL N 55 28.06 -47.79 -7.09
N ASN N 56 28.21 -46.80 -6.23
CA ASN N 56 29.08 -46.92 -5.05
C ASN N 56 28.28 -47.39 -3.86
N ASN N 57 27.67 -48.56 -3.98
CA ASN N 57 26.84 -49.12 -2.91
C ASN N 57 27.68 -50.06 -2.07
N LEU N 58 28.68 -49.50 -1.41
CA LEU N 58 29.55 -50.30 -0.58
C LEU N 58 28.90 -50.66 0.73
N LYS N 59 29.54 -51.54 1.49
CA LYS N 59 29.01 -51.94 2.79
C LYS N 59 29.25 -50.90 3.87
N THR N 60 30.11 -49.92 3.62
CA THR N 60 30.41 -48.89 4.59
C THR N 60 29.70 -47.57 4.31
N ASN N 61 28.49 -47.65 3.77
CA ASN N 61 27.71 -46.46 3.45
C ASN N 61 26.32 -46.41 4.01
N GLU N 62 25.91 -47.40 4.80
CA GLU N 62 24.59 -47.33 5.44
C GLU N 62 24.52 -46.27 6.52
N THR N 63 25.66 -45.84 7.04
CA THR N 63 25.68 -44.81 8.06
C THR N 63 25.41 -43.46 7.43
N THR N 64 26.18 -43.08 6.43
CA THR N 64 25.99 -41.80 5.74
C THR N 64 25.69 -42.11 4.27
N PRO N 65 24.40 -42.22 3.91
CA PRO N 65 24.06 -42.65 2.55
C PRO N 65 24.16 -41.61 1.45
N MET N 66 24.58 -40.39 1.74
CA MET N 66 24.72 -39.39 0.69
C MET N 66 25.93 -39.63 -0.19
N GLN N 67 26.89 -40.40 0.27
CA GLN N 67 28.09 -40.71 -0.53
C GLN N 67 27.82 -41.82 -1.51
N ARG N 68 26.65 -42.43 -1.46
CA ARG N 68 26.33 -43.59 -2.28
C ARG N 68 26.02 -43.24 -3.72
N LEU N 69 25.90 -41.96 -4.05
CA LEU N 69 25.47 -41.55 -5.38
C LEU N 69 26.56 -41.29 -6.40
N CYS N 70 27.81 -41.26 -5.99
CA CYS N 70 28.89 -40.98 -6.93
C CYS N 70 30.13 -41.76 -6.59
N PHE N 71 30.88 -42.18 -7.60
CA PHE N 71 32.08 -42.98 -7.39
C PHE N 71 33.31 -42.18 -7.76
N PRO N 72 34.37 -42.27 -6.96
CA PRO N 72 35.50 -41.38 -7.20
C PRO N 72 36.59 -41.78 -8.15
N VAL N 73 37.38 -40.79 -8.59
CA VAL N 73 38.55 -41.04 -9.41
C VAL N 73 39.63 -40.23 -8.70
N SER N 74 40.88 -40.64 -8.81
CA SER N 74 41.95 -39.98 -8.07
C SER N 74 43.27 -40.05 -8.79
N VAL N 75 44.28 -39.41 -8.21
CA VAL N 75 45.62 -39.43 -8.79
C VAL N 75 46.47 -40.56 -8.25
N GLN N 76 45.99 -41.28 -7.26
CA GLN N 76 46.75 -42.36 -6.64
C GLN N 76 46.54 -43.67 -7.38
N SER N 77 45.87 -43.64 -8.53
CA SER N 77 45.60 -44.84 -9.30
C SER N 77 46.50 -44.90 -10.51
N LYS N 78 47.07 -46.07 -10.77
CA LYS N 78 47.94 -46.24 -11.92
C LYS N 78 47.11 -46.34 -13.19
N THR N 79 47.77 -46.20 -14.33
CA THR N 79 47.04 -46.24 -15.59
C THR N 79 46.71 -47.68 -15.92
N GLY N 80 45.55 -47.91 -16.53
CA GLY N 80 45.15 -49.25 -16.85
C GLY N 80 44.77 -50.13 -15.68
N GLU N 81 43.90 -49.66 -14.78
CA GLU N 81 43.39 -50.52 -13.70
C GLU N 81 41.90 -50.32 -13.63
N LEU N 82 41.16 -51.36 -13.32
CA LEU N 82 39.72 -51.23 -13.36
C LEU N 82 39.29 -50.38 -12.19
N CYS N 83 38.39 -49.45 -12.44
CA CYS N 83 37.93 -48.54 -11.42
C CYS N 83 36.65 -48.97 -10.77
N ALA N 84 35.65 -49.37 -11.58
CA ALA N 84 34.37 -49.83 -11.03
C ALA N 84 33.57 -50.59 -12.08
N ALA N 85 32.57 -51.35 -11.68
CA ALA N 85 31.83 -52.15 -12.64
C ALA N 85 30.48 -52.58 -12.13
N PHE N 86 29.55 -52.90 -13.02
CA PHE N 86 28.22 -53.27 -12.61
C PHE N 86 27.48 -53.93 -13.74
N ARG N 87 26.48 -54.74 -13.41
CA ARG N 87 25.78 -55.51 -14.41
C ARG N 87 24.68 -54.62 -14.91
N ALA N 88 24.01 -55.04 -15.98
CA ALA N 88 22.94 -54.26 -16.55
C ALA N 88 21.67 -55.06 -16.62
N ASP N 89 20.91 -55.10 -15.52
CA ASP N 89 19.60 -55.74 -15.51
C ASP N 89 18.75 -55.00 -14.47
N PRO N 90 17.70 -54.30 -14.89
CA PRO N 90 16.93 -53.49 -13.94
C PRO N 90 16.04 -54.25 -12.97
N GLY N 91 15.96 -55.56 -13.08
CA GLY N 91 15.07 -56.32 -12.23
C GLY N 91 15.70 -56.81 -10.96
N ARG N 92 16.98 -57.12 -11.01
CA ARG N 92 17.65 -57.72 -9.87
C ARG N 92 18.03 -56.66 -8.87
N ASP N 93 18.77 -57.04 -7.85
CA ASP N 93 19.21 -56.09 -6.83
C ASP N 93 20.46 -55.37 -7.30
N GLY N 94 21.07 -54.61 -6.41
CA GLY N 94 22.28 -53.90 -6.77
C GLY N 94 21.99 -52.47 -7.14
N PRO N 95 22.73 -51.91 -8.09
CA PRO N 95 22.57 -50.49 -8.36
C PRO N 95 21.27 -50.09 -9.00
N TRP N 96 20.63 -51.00 -9.71
CA TRP N 96 19.43 -50.62 -10.45
C TRP N 96 18.19 -50.50 -9.58
N GLN N 97 18.30 -50.76 -8.28
CA GLN N 97 17.15 -50.56 -7.41
C GLN N 97 16.85 -49.11 -7.16
N SER N 98 17.82 -48.23 -7.38
CA SER N 98 17.66 -46.83 -7.01
C SER N 98 17.08 -45.94 -8.07
N THR N 99 16.84 -46.46 -9.26
CA THR N 99 16.34 -45.64 -10.34
C THR N 99 14.85 -45.84 -10.52
N ILE N 100 14.22 -44.97 -11.30
CA ILE N 100 12.79 -45.06 -11.53
C ILE N 100 12.45 -46.21 -12.43
N LEU N 101 13.40 -46.67 -13.23
CA LEU N 101 13.15 -47.82 -14.09
C LEU N 101 13.13 -49.10 -13.30
N GLY N 102 13.99 -49.21 -12.32
CA GLY N 102 14.08 -50.44 -11.55
C GLY N 102 12.99 -50.59 -10.52
N GLN N 103 12.23 -49.53 -10.26
CA GLN N 103 11.13 -49.62 -9.31
C GLN N 103 9.85 -49.93 -10.03
N LEU N 104 9.69 -49.46 -11.27
CA LEU N 104 8.51 -49.79 -12.05
C LEU N 104 8.64 -51.11 -12.75
N CYS N 105 9.83 -51.72 -12.72
CA CYS N 105 10.00 -53.08 -13.25
C CYS N 105 9.76 -54.11 -12.18
N ARG N 106 9.44 -53.70 -10.97
CA ARG N 106 9.05 -54.66 -9.93
C ARG N 106 7.55 -54.87 -10.02
N TYR N 107 6.84 -53.99 -10.71
CA TYR N 107 5.40 -54.15 -10.89
C TYR N 107 5.02 -54.92 -12.13
N TYR N 108 5.99 -55.51 -12.82
CA TYR N 108 5.71 -56.30 -14.00
C TYR N 108 6.56 -57.56 -14.02
N THR N 109 6.26 -58.47 -14.94
CA THR N 109 6.95 -59.74 -14.98
C THR N 109 8.00 -59.84 -16.06
N GLN N 110 7.65 -59.50 -17.29
CA GLN N 110 8.59 -59.61 -18.41
C GLN N 110 8.82 -58.24 -19.01
N TRP N 111 10.08 -57.92 -19.32
CA TRP N 111 10.40 -56.66 -19.98
C TRP N 111 11.43 -56.93 -21.05
N SER N 112 11.53 -56.01 -22.01
CA SER N 112 12.52 -56.12 -23.07
C SER N 112 12.75 -54.75 -23.65
N GLY N 113 13.76 -54.62 -24.50
CA GLY N 113 14.08 -53.35 -25.13
C GLY N 113 15.49 -52.91 -24.88
N SER N 114 15.80 -51.65 -25.24
CA SER N 114 17.14 -51.14 -25.12
C SER N 114 17.23 -50.05 -24.09
N LEU N 115 18.40 -49.85 -23.53
CA LEU N 115 18.62 -48.89 -22.46
C LEU N 115 19.67 -47.89 -22.86
N GLU N 116 19.90 -46.90 -22.00
CA GLU N 116 20.99 -45.96 -22.22
C GLU N 116 21.51 -45.51 -20.88
N VAL N 117 22.83 -45.36 -20.77
CA VAL N 117 23.47 -44.97 -19.53
C VAL N 117 24.37 -43.80 -19.84
N THR N 118 24.17 -42.68 -19.14
CA THR N 118 25.02 -41.52 -19.33
C THR N 118 25.77 -41.22 -18.06
N PHE N 119 26.98 -40.70 -18.22
CA PHE N 119 27.81 -40.32 -17.08
C PHE N 119 28.00 -38.81 -17.12
N MET N 120 28.49 -38.25 -16.03
CA MET N 120 28.70 -36.81 -15.95
C MET N 120 29.86 -36.53 -15.04
N PHE N 121 30.91 -35.91 -15.57
CA PHE N 121 32.07 -35.57 -14.77
C PHE N 121 31.76 -34.38 -13.90
N ALA N 122 32.37 -34.31 -12.73
CA ALA N 122 32.08 -33.24 -11.80
C ALA N 122 33.33 -32.64 -11.19
N GLY N 123 34.47 -32.74 -11.84
CA GLY N 123 35.70 -32.23 -11.29
C GLY N 123 35.90 -30.79 -11.66
N SER N 124 37.10 -30.28 -11.42
CA SER N 124 37.38 -28.89 -11.72
C SER N 124 37.57 -28.65 -13.20
N PHE N 125 37.71 -27.41 -13.60
CA PHE N 125 37.85 -27.07 -15.01
C PHE N 125 39.21 -27.42 -15.55
N MET N 126 40.21 -27.53 -14.69
CA MET N 126 41.58 -27.74 -15.14
C MET N 126 42.00 -29.20 -15.24
N ALA N 127 41.11 -30.12 -14.91
CA ALA N 127 41.45 -31.54 -14.98
C ALA N 127 41.39 -32.05 -16.40
N THR N 128 42.24 -33.02 -16.71
CA THR N 128 42.28 -33.61 -18.04
C THR N 128 42.62 -35.07 -17.90
N GLY N 129 42.14 -35.89 -18.83
CA GLY N 129 42.44 -37.30 -18.82
C GLY N 129 41.43 -38.04 -19.65
N LYS N 130 41.62 -39.35 -19.77
CA LYS N 130 40.72 -40.18 -20.54
C LYS N 130 40.31 -41.40 -19.78
N MET N 131 39.09 -41.88 -20.01
CA MET N 131 38.60 -43.11 -19.42
C MET N 131 37.91 -43.89 -20.51
N LEU N 132 37.87 -45.22 -20.37
CA LEU N 132 37.32 -46.10 -21.39
C LEU N 132 36.09 -46.81 -20.85
N ILE N 133 34.93 -46.59 -21.48
CA ILE N 133 33.69 -47.20 -21.03
C ILE N 133 33.47 -48.40 -21.91
N ALA N 134 33.58 -49.59 -21.34
CA ALA N 134 33.50 -50.84 -22.11
C ALA N 134 32.31 -51.67 -21.68
N TYR N 135 31.61 -52.25 -22.65
CA TYR N 135 30.42 -53.05 -22.39
C TYR N 135 30.58 -54.41 -23.02
N THR N 136 30.34 -55.46 -22.25
CA THR N 136 30.44 -56.80 -22.80
C THR N 136 29.03 -57.36 -22.99
N PRO N 137 28.81 -58.12 -24.08
CA PRO N 137 27.47 -58.64 -24.33
C PRO N 137 27.16 -59.77 -23.35
N PRO N 138 25.88 -60.13 -23.20
CA PRO N 138 25.55 -61.22 -22.30
C PRO N 138 26.05 -62.56 -22.78
N GLY N 139 26.42 -63.41 -21.85
CA GLY N 139 26.94 -64.71 -22.20
C GLY N 139 28.38 -64.64 -22.68
N GLY N 140 29.10 -63.60 -22.30
CA GLY N 140 30.50 -63.48 -22.67
C GLY N 140 31.38 -63.67 -21.44
N ASN N 141 32.31 -62.75 -21.19
CA ASN N 141 33.12 -62.81 -19.99
C ASN N 141 33.61 -61.41 -19.65
N VAL N 142 33.83 -61.16 -18.37
CA VAL N 142 34.38 -59.88 -17.94
C VAL N 142 35.84 -59.81 -18.44
N PRO N 143 36.29 -58.66 -18.94
CA PRO N 143 37.68 -58.59 -19.40
C PRO N 143 38.68 -58.67 -18.26
N ALA N 144 39.87 -59.17 -18.57
CA ALA N 144 40.94 -59.31 -17.57
C ALA N 144 41.78 -58.05 -17.45
N ASP N 145 42.07 -57.40 -18.58
CA ASP N 145 42.81 -56.13 -18.56
C ASP N 145 42.23 -55.23 -19.62
N ARG N 146 42.91 -54.12 -19.90
CA ARG N 146 42.36 -53.13 -20.80
C ARG N 146 42.41 -53.53 -22.26
N ILE N 147 43.45 -54.24 -22.66
CA ILE N 147 43.64 -54.53 -24.09
C ILE N 147 42.64 -55.52 -24.63
N THR N 148 42.05 -56.31 -23.76
CA THR N 148 40.98 -57.20 -24.23
C THR N 148 39.63 -56.53 -24.13
N ALA N 149 39.56 -55.39 -23.44
CA ALA N 149 38.29 -54.66 -23.29
C ALA N 149 38.02 -53.74 -24.45
N MET N 150 39.08 -53.19 -25.05
CA MET N 150 38.94 -52.25 -26.16
C MET N 150 38.46 -52.95 -27.43
N LEU N 151 38.65 -54.26 -27.50
CA LEU N 151 38.28 -55.02 -28.71
C LEU N 151 36.78 -55.14 -28.86
N GLY N 152 36.03 -54.99 -27.77
CA GLY N 152 34.58 -55.00 -27.84
C GLY N 152 34.02 -53.62 -28.05
N THR N 153 32.73 -53.47 -27.81
CA THR N 153 32.07 -52.18 -27.97
C THR N 153 32.48 -51.25 -26.86
N HIS N 154 32.96 -50.06 -27.22
CA HIS N 154 33.46 -49.12 -26.24
C HIS N 154 33.49 -47.71 -26.76
N VAL N 155 33.52 -46.74 -25.86
CA VAL N 155 33.68 -45.34 -26.22
C VAL N 155 34.88 -44.86 -25.41
N ILE N 156 35.52 -43.79 -25.85
CA ILE N 156 36.67 -43.25 -25.13
C ILE N 156 36.27 -41.88 -24.65
N TRP N 157 35.95 -41.77 -23.37
CA TRP N 157 35.49 -40.54 -22.79
C TRP N 157 36.66 -39.68 -22.43
N ASP N 158 36.66 -38.44 -22.90
CA ASP N 158 37.71 -37.48 -22.58
C ASP N 158 37.02 -36.33 -21.87
N PHE N 159 37.36 -36.14 -20.59
CA PHE N 159 36.70 -35.13 -19.78
C PHE N 159 37.44 -33.83 -19.79
N GLY N 160 38.21 -33.56 -20.83
CA GLY N 160 38.84 -32.26 -21.00
C GLY N 160 38.10 -31.53 -22.11
N LEU N 161 37.25 -32.24 -22.84
CA LEU N 161 36.52 -31.67 -23.97
C LEU N 161 35.03 -31.61 -23.71
N GLN N 162 34.41 -32.73 -23.32
CA GLN N 162 33.01 -32.73 -22.94
C GLN N 162 32.87 -33.30 -21.58
N SER N 163 31.79 -32.96 -20.90
CA SER N 163 31.59 -33.39 -19.52
C SER N 163 30.56 -34.49 -19.36
N SER N 164 29.96 -34.94 -20.45
CA SER N 164 28.94 -35.97 -20.38
C SER N 164 28.95 -36.79 -21.63
N VAL N 165 28.98 -38.11 -21.47
CA VAL N 165 28.99 -39.01 -22.61
C VAL N 165 27.89 -40.04 -22.41
N THR N 166 27.39 -40.59 -23.51
CA THR N 166 26.28 -41.52 -23.46
C THR N 166 26.66 -42.86 -24.03
N LEU N 167 26.24 -43.94 -23.37
CA LEU N 167 26.49 -45.30 -23.84
C LEU N 167 25.18 -46.01 -23.94
N VAL N 168 24.90 -46.62 -25.08
CA VAL N 168 23.61 -47.25 -25.32
C VAL N 168 23.77 -48.76 -25.26
N VAL N 169 22.88 -49.43 -24.53
CA VAL N 169 22.90 -50.88 -24.40
C VAL N 169 21.97 -51.41 -25.47
N PRO N 170 22.41 -52.35 -26.31
CA PRO N 170 21.57 -52.79 -27.43
C PRO N 170 20.28 -53.52 -27.11
N TRP N 171 20.32 -54.54 -26.26
CA TRP N 171 19.12 -55.32 -25.99
C TRP N 171 19.19 -56.10 -24.69
N ILE N 172 18.14 -56.04 -23.87
CA ILE N 172 18.04 -56.87 -22.69
C ILE N 172 16.68 -57.55 -22.76
N SER N 173 16.53 -58.67 -22.06
CA SER N 173 15.27 -59.42 -22.06
C SER N 173 15.19 -60.28 -20.82
N ASN N 174 14.25 -61.23 -20.78
CA ASN N 174 14.14 -62.15 -19.68
C ASN N 174 14.00 -63.58 -20.22
N THR N 190 22.56 -64.14 -16.27
CA THR N 190 23.49 -63.83 -17.34
C THR N 190 23.04 -62.60 -18.12
N THR N 191 23.77 -61.50 -17.96
CA THR N 191 23.44 -60.27 -18.66
C THR N 191 24.74 -59.53 -18.92
N GLY N 192 24.63 -58.31 -19.44
CA GLY N 192 25.81 -57.55 -19.76
C GLY N 192 26.56 -57.04 -18.56
N ILE N 193 27.82 -56.65 -18.77
CA ILE N 193 28.65 -56.09 -17.71
C ILE N 193 29.27 -54.82 -18.27
N ILE N 194 29.10 -53.70 -17.59
CA ILE N 194 29.68 -52.44 -18.02
C ILE N 194 30.88 -52.17 -17.14
N THR N 195 32.00 -51.81 -17.76
CA THR N 195 33.24 -51.56 -17.03
C THR N 195 33.76 -50.17 -17.33
N ILE N 196 34.40 -49.53 -16.35
CA ILE N 196 34.95 -48.20 -16.50
C ILE N 196 36.45 -48.35 -16.32
N TRP N 197 37.20 -48.34 -17.42
CA TRP N 197 38.65 -48.49 -17.35
C TRP N 197 39.37 -47.17 -17.38
N TYR N 198 40.54 -47.11 -16.72
CA TYR N 198 41.39 -45.93 -16.78
C TYR N 198 42.21 -46.01 -18.05
N GLN N 199 42.21 -44.94 -18.84
CA GLN N 199 43.03 -44.88 -20.05
C GLN N 199 44.29 -44.12 -19.76
N THR N 200 44.18 -42.94 -19.15
CA THR N 200 45.34 -42.16 -18.73
C THR N 200 45.14 -41.82 -17.27
N ASN N 201 46.20 -41.41 -16.61
CA ASN N 201 46.09 -41.00 -15.22
C ASN N 201 45.46 -39.63 -15.09
N TYR N 202 45.04 -39.27 -13.90
CA TYR N 202 44.37 -38.00 -13.67
C TYR N 202 45.38 -36.88 -13.62
N VAL N 203 45.18 -35.82 -14.41
CA VAL N 203 46.15 -34.74 -14.52
C VAL N 203 45.58 -33.45 -13.98
N VAL N 204 46.26 -32.82 -13.01
CA VAL N 204 45.78 -31.60 -12.41
C VAL N 204 46.89 -30.61 -12.25
N PRO N 205 46.57 -29.31 -12.29
CA PRO N 205 47.60 -28.32 -12.00
C PRO N 205 47.73 -28.05 -10.53
N ILE N 206 48.69 -27.22 -10.14
CA ILE N 206 48.89 -26.89 -8.73
C ILE N 206 47.74 -26.01 -8.29
N GLY N 207 47.10 -26.34 -7.16
CA GLY N 207 45.98 -25.56 -6.66
C GLY N 207 44.65 -26.21 -6.93
N ALA N 208 44.59 -27.09 -7.92
CA ALA N 208 43.36 -27.82 -8.19
C ALA N 208 43.15 -28.87 -7.16
N PRO N 209 41.93 -29.34 -7.00
CA PRO N 209 41.79 -30.43 -6.07
C PRO N 209 42.35 -31.74 -6.57
N THR N 210 42.43 -32.73 -5.70
CA THR N 210 43.03 -34.01 -6.04
C THR N 210 42.07 -35.04 -6.58
N THR N 211 40.94 -35.25 -5.91
CA THR N 211 39.99 -36.29 -6.33
C THR N 211 38.78 -35.66 -6.97
N ALA N 212 38.08 -36.44 -7.79
CA ALA N 212 36.85 -35.98 -8.43
C ALA N 212 35.88 -37.13 -8.45
N TYR N 213 34.60 -36.82 -8.66
CA TYR N 213 33.55 -37.83 -8.66
C TYR N 213 32.83 -37.87 -9.99
N ILE N 214 32.25 -39.01 -10.31
CA ILE N 214 31.50 -39.19 -11.55
C ILE N 214 30.11 -39.68 -11.15
N VAL N 215 29.09 -38.95 -11.56
CA VAL N 215 27.72 -39.33 -11.25
C VAL N 215 27.16 -40.01 -12.48
N ALA N 216 26.41 -41.09 -12.29
CA ALA N 216 25.88 -41.86 -13.40
C ALA N 216 24.38 -41.65 -13.54
N LEU N 217 23.86 -41.87 -14.73
CA LEU N 217 22.45 -41.72 -14.99
C LEU N 217 22.00 -42.85 -15.90
N ALA N 218 20.70 -43.16 -15.84
CA ALA N 218 20.18 -44.26 -16.63
C ALA N 218 18.72 -44.09 -16.94
N ALA N 219 18.33 -44.43 -18.16
CA ALA N 219 16.93 -44.40 -18.56
C ALA N 219 16.77 -45.39 -19.69
N ALA N 220 15.55 -45.50 -20.22
CA ALA N 220 15.26 -46.45 -21.28
C ALA N 220 15.07 -45.76 -22.60
N GLN N 221 15.08 -46.53 -23.68
CA GLN N 221 14.87 -46.01 -25.02
C GLN N 221 13.38 -46.05 -25.33
N ASP N 222 13.01 -45.82 -26.58
CA ASP N 222 11.61 -45.84 -26.96
C ASP N 222 10.98 -47.22 -27.03
N ASN N 223 11.78 -48.23 -27.30
CA ASN N 223 11.26 -49.58 -27.52
C ASN N 223 11.25 -50.45 -26.28
N PHE N 224 11.17 -49.84 -25.10
CA PHE N 224 11.10 -50.59 -23.86
C PHE N 224 9.65 -50.84 -23.50
N THR N 225 9.24 -52.09 -23.34
CA THR N 225 7.85 -52.42 -22.94
C THR N 225 7.82 -53.45 -21.86
N MET N 226 6.72 -53.55 -21.14
CA MET N 226 6.60 -54.46 -20.05
C MET N 226 5.32 -55.13 -20.36
N LYS N 227 5.12 -56.40 -20.02
CA LYS N 227 3.90 -57.11 -20.44
C LYS N 227 3.02 -57.96 -19.50
N LEU N 228 3.17 -57.91 -18.18
CA LEU N 228 2.20 -58.63 -17.31
C LEU N 228 2.19 -58.04 -15.94
N CYS N 229 1.02 -57.83 -15.35
CA CYS N 229 0.93 -57.17 -14.06
C CYS N 229 1.12 -58.10 -12.87
N LYS N 230 1.84 -57.65 -11.84
CA LYS N 230 2.01 -58.44 -10.63
C LYS N 230 2.37 -57.46 -9.57
N ASP N 231 2.17 -57.82 -8.32
CA ASP N 231 2.51 -56.95 -7.21
C ASP N 231 3.90 -57.19 -6.76
N THR N 232 4.45 -56.23 -6.02
CA THR N 232 5.84 -56.32 -5.55
C THR N 232 6.00 -57.25 -4.37
N VAL O 2 15.24 -12.89 36.40
CA VAL O 2 14.33 -12.91 35.26
C VAL O 2 12.93 -12.79 35.78
N GLN O 3 12.25 -11.68 35.48
CA GLN O 3 10.86 -11.51 35.87
C GLN O 3 10.06 -10.76 34.83
N LEU O 4 8.77 -11.01 34.76
CA LEU O 4 7.91 -10.30 33.83
C LEU O 4 7.10 -9.28 34.60
N VAL O 5 7.45 -8.01 34.45
CA VAL O 5 6.70 -6.95 35.11
C VAL O 5 5.69 -6.44 34.14
N GLN O 6 4.59 -5.92 34.62
CA GLN O 6 3.48 -5.52 33.77
C GLN O 6 2.97 -4.14 34.10
N SER O 7 1.92 -3.70 33.42
CA SER O 7 1.35 -2.38 33.65
C SER O 7 0.46 -2.34 34.86
N GLY O 8 -0.12 -1.18 35.14
CA GLY O 8 -1.05 -1.03 36.25
C GLY O 8 -2.48 -1.31 35.88
N ALA O 9 -3.38 -1.17 36.85
CA ALA O 9 -4.78 -1.45 36.62
C ALA O 9 -5.44 -0.35 35.81
N GLU O 10 -6.60 -0.64 35.22
CA GLU O 10 -7.33 0.34 34.43
C GLU O 10 -8.82 0.27 34.72
N VAL O 11 -9.48 1.42 34.65
CA VAL O 11 -10.94 1.50 34.84
C VAL O 11 -11.49 2.03 33.54
N LYS O 12 -12.40 1.32 32.91
CA LYS O 12 -12.92 1.69 31.59
C LYS O 12 -14.41 1.59 31.49
N LYS O 13 -14.97 1.90 30.31
CA LYS O 13 -16.41 1.80 30.04
C LYS O 13 -16.68 0.73 29.00
N PRO O 14 -17.92 0.21 28.93
CA PRO O 14 -18.19 -0.86 27.97
C PRO O 14 -18.10 -0.41 26.53
N GLY O 15 -17.57 -1.27 25.67
CA GLY O 15 -17.37 -0.94 24.27
C GLY O 15 -15.99 -0.38 23.96
N ALA O 16 -15.16 -0.18 24.97
CA ALA O 16 -13.84 0.39 24.76
C ALA O 16 -12.82 -0.67 24.36
N SER O 17 -11.55 -0.30 24.22
CA SER O 17 -10.51 -1.25 23.89
C SER O 17 -9.25 -0.90 24.68
N VAL O 18 -8.70 -1.86 25.41
CA VAL O 18 -7.50 -1.63 26.21
C VAL O 18 -6.39 -2.50 25.71
N LYS O 19 -5.16 -2.24 26.17
CA LYS O 19 -4.04 -3.10 25.85
C LYS O 19 -3.09 -3.17 27.03
N VAL O 20 -2.90 -4.34 27.59
CA VAL O 20 -1.96 -4.53 28.70
C VAL O 20 -0.58 -4.76 28.12
N SER O 21 0.45 -4.63 28.93
CA SER O 21 1.82 -4.78 28.47
C SER O 21 2.57 -5.78 29.32
N CYS O 22 3.59 -6.41 28.75
CA CYS O 22 4.39 -7.41 29.46
C CYS O 22 5.84 -7.19 29.14
N LYS O 23 6.62 -6.77 30.14
CA LYS O 23 8.03 -6.52 29.95
C LYS O 23 8.82 -7.78 30.03
N ALA O 24 9.87 -7.87 29.21
CA ALA O 24 10.75 -9.02 29.28
C ALA O 24 11.93 -8.50 30.05
N SER O 25 12.76 -9.39 30.58
CA SER O 25 13.93 -9.00 31.34
C SER O 25 14.94 -10.12 31.31
N GLY O 26 16.17 -9.82 30.90
CA GLY O 26 17.21 -10.82 30.81
C GLY O 26 17.15 -11.77 29.66
N PHE O 27 16.15 -12.62 29.60
CA PHE O 27 16.00 -13.55 28.49
C PHE O 27 15.55 -12.87 27.22
N ASN O 28 15.95 -13.41 26.07
CA ASN O 28 15.61 -12.79 24.81
C ASN O 28 14.17 -13.03 24.47
N ILE O 29 13.54 -12.05 23.87
CA ILE O 29 12.10 -12.12 23.58
C ILE O 29 11.71 -12.99 22.41
N LYS O 30 12.62 -13.21 21.47
CA LYS O 30 12.32 -13.98 20.25
C LYS O 30 12.44 -15.49 20.38
N ASP O 31 12.64 -16.01 21.58
CA ASP O 31 12.84 -17.45 21.73
C ASP O 31 11.65 -18.21 22.25
N PHE O 32 11.04 -17.76 23.32
CA PHE O 32 9.95 -18.51 23.91
C PHE O 32 8.60 -18.04 23.47
N TYR O 33 7.60 -18.92 23.57
CA TYR O 33 6.25 -18.52 23.29
C TYR O 33 5.82 -17.69 24.49
N ILE O 34 4.90 -16.76 24.28
CA ILE O 34 4.37 -15.97 25.39
C ILE O 34 2.87 -16.20 25.46
N HIS O 35 2.44 -16.97 26.44
CA HIS O 35 1.03 -17.29 26.60
C HIS O 35 0.31 -16.17 27.32
N TRP O 36 -1.02 -16.16 27.30
CA TRP O 36 -1.78 -15.19 28.09
C TRP O 36 -2.98 -15.88 28.73
N VAL O 37 -3.19 -15.75 30.05
CA VAL O 37 -4.24 -16.46 30.76
C VAL O 37 -5.15 -15.46 31.45
N ARG O 38 -6.31 -15.88 31.97
CA ARG O 38 -7.25 -14.92 32.56
C ARG O 38 -7.84 -15.49 33.79
N GLN O 39 -8.32 -14.69 34.72
CA GLN O 39 -9.03 -15.24 35.85
C GLN O 39 -10.18 -14.33 36.16
N ARG O 40 -11.39 -14.78 35.93
CA ARG O 40 -12.53 -13.97 36.29
C ARG O 40 -12.55 -14.06 37.80
N PRO O 41 -13.01 -13.00 38.47
CA PRO O 41 -13.04 -13.17 39.91
C PRO O 41 -13.94 -14.31 40.26
N GLY O 42 -13.55 -15.12 41.24
CA GLY O 42 -14.35 -16.24 41.66
C GLY O 42 -14.57 -17.27 40.58
N GLN O 43 -13.60 -17.45 39.71
CA GLN O 43 -13.70 -18.48 38.69
C GLN O 43 -12.30 -19.03 38.40
N GLY O 44 -12.23 -20.24 37.87
CA GLY O 44 -10.96 -20.85 37.59
C GLY O 44 -10.21 -20.30 36.42
N LEU O 45 -8.89 -20.46 36.43
CA LEU O 45 -8.07 -19.96 35.34
C LEU O 45 -8.55 -20.29 33.94
N GLU O 46 -8.42 -19.35 32.99
CA GLU O 46 -8.82 -19.53 31.61
C GLU O 46 -7.61 -19.31 30.73
N TRP O 47 -7.78 -19.49 29.43
CA TRP O 47 -6.69 -19.34 28.48
C TRP O 47 -7.14 -18.58 27.25
N ILE O 48 -6.30 -17.68 26.75
CA ILE O 48 -6.65 -16.89 25.57
C ILE O 48 -5.84 -17.36 24.37
N GLY O 49 -4.53 -17.26 24.41
CA GLY O 49 -3.71 -17.62 23.27
C GLY O 49 -2.25 -17.26 23.42
N TRP O 50 -1.38 -17.94 22.69
CA TRP O 50 0.05 -17.64 22.74
C TRP O 50 0.45 -16.97 21.46
N ILE O 51 1.74 -16.67 21.32
CA ILE O 51 2.26 -16.03 20.12
C ILE O 51 3.62 -16.61 19.79
N ASP O 52 3.88 -16.84 18.51
CA ASP O 52 5.19 -17.32 18.07
C ASP O 52 5.92 -16.04 17.67
N PRO O 53 6.93 -15.62 18.45
CA PRO O 53 7.58 -14.34 18.15
C PRO O 53 8.55 -14.34 16.97
N LYS O 54 8.87 -15.50 16.40
CA LYS O 54 9.84 -15.56 15.31
C LYS O 54 9.23 -15.06 14.05
N VAL O 55 8.10 -15.64 13.67
CA VAL O 55 7.46 -15.30 12.38
C VAL O 55 6.15 -14.54 12.56
N GLY O 56 5.44 -14.76 13.66
CA GLY O 56 4.18 -14.10 13.93
C GLY O 56 2.93 -14.97 13.99
N ASN O 57 3.08 -16.25 14.24
CA ASN O 57 1.93 -17.12 14.39
C ASN O 57 1.22 -16.84 15.69
N THR O 58 -0.03 -16.37 15.60
CA THR O 58 -0.84 -16.07 16.78
C THR O 58 -2.13 -16.84 16.64
N MET O 59 -2.54 -17.56 17.67
CA MET O 59 -3.74 -18.40 17.63
C MET O 59 -4.48 -18.29 18.94
N PHE O 60 -5.80 -18.20 18.90
CA PHE O 60 -6.58 -17.94 20.09
C PHE O 60 -7.56 -19.01 20.45
N ASP O 61 -8.18 -18.97 21.63
CA ASP O 61 -9.20 -19.95 21.95
C ASP O 61 -10.38 -19.60 21.09
N PRO O 62 -11.17 -20.57 20.71
CA PRO O 62 -12.36 -20.18 19.96
C PRO O 62 -13.18 -19.05 20.55
N LYS O 63 -13.35 -19.02 21.86
CA LYS O 63 -14.22 -18.03 22.47
C LYS O 63 -13.89 -16.59 22.12
N PHE O 64 -12.63 -16.21 22.20
CA PHE O 64 -12.24 -14.81 22.01
C PHE O 64 -11.69 -14.61 20.63
N GLN O 65 -12.06 -15.46 19.69
CA GLN O 65 -11.48 -15.38 18.35
C GLN O 65 -11.39 -14.00 17.77
N GLY O 66 -12.47 -13.25 17.89
CA GLY O 66 -12.49 -11.93 17.30
C GLY O 66 -11.87 -10.93 18.21
N LYS O 67 -12.38 -10.85 19.42
CA LYS O 67 -11.91 -9.86 20.37
C LYS O 67 -10.40 -9.63 20.49
N ALA O 68 -9.63 -10.65 20.83
CA ALA O 68 -8.20 -10.45 21.15
C ALA O 68 -7.22 -10.22 20.02
N ARG O 69 -6.03 -9.69 20.35
CA ARG O 69 -5.00 -9.43 19.36
C ARG O 69 -3.60 -9.33 20.02
N ILE O 70 -2.70 -10.31 19.83
CA ILE O 70 -1.41 -10.31 20.48
C ILE O 70 -0.40 -9.78 19.49
N THR O 71 0.51 -8.92 19.93
CA THR O 71 1.60 -8.46 19.08
C THR O 71 2.85 -8.45 19.93
N VAL O 72 4.01 -8.51 19.28
CA VAL O 72 5.28 -8.51 19.99
C VAL O 72 6.15 -7.43 19.39
N ASP O 73 7.03 -6.84 20.18
CA ASP O 73 8.00 -5.87 19.68
C ASP O 73 9.36 -6.40 20.07
N ALA O 74 10.29 -6.43 19.13
CA ALA O 74 11.62 -6.98 19.41
C ALA O 74 12.56 -5.96 20.01
N SER O 75 12.34 -4.67 19.73
CA SER O 75 13.27 -3.64 20.18
C SER O 75 13.17 -3.36 21.66
N ILE O 76 11.97 -3.08 22.14
CA ILE O 76 11.77 -2.73 23.54
C ILE O 76 11.36 -3.96 24.32
N SER O 77 11.22 -5.11 23.65
CA SER O 77 10.88 -6.39 24.29
C SER O 77 9.60 -6.40 25.08
N THR O 78 8.50 -6.15 24.39
CA THR O 78 7.20 -6.16 25.02
C THR O 78 6.36 -7.31 24.52
N ALA O 79 5.14 -7.43 25.03
CA ALA O 79 4.18 -8.38 24.50
C ALA O 79 2.82 -7.80 24.86
N TYR O 80 2.09 -7.30 23.87
CA TYR O 80 0.82 -6.66 24.13
C TYR O 80 -0.37 -7.54 23.88
N LEU O 81 -1.41 -7.41 24.70
CA LEU O 81 -2.67 -8.12 24.51
C LEU O 81 -3.73 -7.05 24.37
N GLU O 82 -4.25 -6.87 23.17
CA GLU O 82 -5.24 -5.83 22.89
C GLU O 82 -6.63 -6.39 22.89
N LEU O 83 -7.40 -6.13 23.93
CA LEU O 83 -8.79 -6.52 23.94
C LEU O 83 -9.60 -5.46 23.21
N SER O 84 -10.81 -5.81 22.79
CA SER O 84 -11.69 -4.85 22.14
C SER O 84 -13.13 -5.25 22.35
N ARG O 85 -14.05 -4.28 22.30
CA ARG O 85 -15.50 -4.53 22.49
C ARG O 85 -15.78 -5.21 23.81
N LEU O 86 -15.47 -4.52 24.90
CA LEU O 86 -15.60 -5.12 26.22
C LEU O 86 -17.04 -5.18 26.64
N ARG O 87 -17.40 -6.21 27.42
CA ARG O 87 -18.76 -6.38 27.92
C ARG O 87 -18.64 -6.32 29.43
N SER O 88 -19.73 -6.58 30.15
CA SER O 88 -19.68 -6.60 31.61
C SER O 88 -19.00 -7.84 32.15
N ASP O 89 -18.68 -8.81 31.31
CA ASP O 89 -18.05 -10.05 31.74
C ASP O 89 -16.55 -9.97 31.79
N ASP O 90 -15.94 -8.95 31.20
CA ASP O 90 -14.48 -8.87 31.06
C ASP O 90 -13.76 -8.20 32.19
N THR O 91 -14.17 -8.43 33.44
CA THR O 91 -13.43 -7.88 34.57
C THR O 91 -12.62 -9.01 35.11
N ALA O 92 -11.29 -8.91 35.05
CA ALA O 92 -10.47 -10.02 35.46
C ALA O 92 -9.04 -9.62 35.61
N VAL O 93 -8.21 -10.51 36.14
CA VAL O 93 -6.79 -10.24 36.22
C VAL O 93 -6.11 -10.94 35.08
N TYR O 94 -5.15 -10.29 34.42
CA TYR O 94 -4.46 -10.87 33.26
C TYR O 94 -2.97 -11.09 33.53
N TYR O 95 -2.41 -12.21 33.08
CA TYR O 95 -1.01 -12.55 33.33
C TYR O 95 -0.31 -12.95 32.04
N CYS O 96 1.00 -12.71 31.89
CA CYS O 96 1.76 -13.08 30.72
C CYS O 96 2.83 -13.96 31.26
N SER O 97 3.07 -15.09 30.62
CA SER O 97 4.07 -16.03 31.10
C SER O 97 4.70 -16.79 30.00
N ARG O 98 6.05 -16.87 30.04
CA ARG O 98 6.83 -17.53 28.98
C ARG O 98 6.76 -19.01 29.20
N GLY O 99 6.09 -19.72 28.29
CA GLY O 99 5.90 -21.14 28.46
C GLY O 99 5.07 -21.09 29.69
N ALA O 100 5.00 -22.17 30.44
CA ALA O 100 4.27 -22.14 31.68
C ALA O 100 5.13 -21.96 32.91
N ALA O 101 6.17 -22.77 33.06
CA ALA O 101 6.95 -22.76 34.31
C ALA O 101 7.83 -21.68 34.78
N ALA O 102 8.64 -21.14 33.91
CA ALA O 102 9.69 -20.30 34.42
C ALA O 102 9.28 -19.12 35.23
N TYR O 103 8.35 -18.35 34.76
CA TYR O 103 7.98 -17.15 35.44
C TYR O 103 6.64 -16.81 34.95
N TRP O 104 5.94 -15.97 35.68
CA TRP O 104 4.69 -15.48 35.23
C TRP O 104 4.85 -14.08 35.70
N GLY O 105 3.87 -13.21 35.48
CA GLY O 105 3.89 -11.83 35.94
C GLY O 105 2.77 -11.57 36.91
N GLN O 106 2.73 -10.40 37.48
CA GLN O 106 1.70 -10.09 38.44
C GLN O 106 0.36 -9.85 37.75
N GLY O 107 -0.71 -9.93 38.52
CA GLY O 107 -2.04 -9.74 37.95
C GLY O 107 -2.36 -8.30 37.62
N THR O 108 -3.02 -8.09 36.48
CA THR O 108 -3.46 -6.76 36.07
C THR O 108 -4.97 -6.75 35.98
N LEU O 109 -5.63 -6.20 36.99
CA LEU O 109 -7.08 -6.16 37.02
C LEU O 109 -7.62 -5.06 36.12
N VAL O 110 -8.65 -5.36 35.37
CA VAL O 110 -9.30 -4.38 34.50
C VAL O 110 -10.75 -4.24 34.95
N THR O 111 -11.31 -3.04 34.80
CA THR O 111 -12.68 -2.77 35.24
C THR O 111 -13.47 -2.12 34.11
N VAL O 112 -14.65 -2.66 33.83
CA VAL O 112 -15.48 -2.18 32.74
C VAL O 112 -16.70 -1.43 33.24
N SER O 113 -16.99 -1.50 34.52
CA SER O 113 -18.21 -0.88 35.06
C SER O 113 -18.14 0.64 35.09
N ALA P 1 -13.53 -29.81 21.94
CA ALA P 1 -14.17 -29.21 23.12
C ALA P 1 -13.96 -30.12 24.31
N VAL P 2 -12.70 -30.32 24.68
CA VAL P 2 -12.37 -31.23 25.79
C VAL P 2 -12.72 -30.65 27.15
N VAL P 3 -13.02 -31.51 28.12
CA VAL P 3 -13.38 -31.06 29.45
C VAL P 3 -12.49 -31.79 30.43
N MET P 4 -12.26 -31.20 31.58
CA MET P 4 -11.47 -31.84 32.62
C MET P 4 -12.28 -31.75 33.89
N THR P 5 -12.07 -32.66 34.81
CA THR P 5 -12.76 -32.62 36.10
C THR P 5 -11.70 -32.92 37.09
N GLN P 6 -11.87 -32.47 38.31
CA GLN P 6 -10.90 -32.73 39.35
C GLN P 6 -11.65 -33.35 40.49
N THR P 7 -10.95 -33.96 41.43
CA THR P 7 -11.64 -34.48 42.59
C THR P 7 -12.25 -33.22 43.12
N PRO P 8 -13.51 -33.28 43.53
CA PRO P 8 -14.15 -32.02 43.89
C PRO P 8 -13.81 -31.31 45.18
N LEU P 9 -13.99 -30.00 45.21
CA LEU P 9 -13.85 -29.26 46.45
C LEU P 9 -12.54 -29.44 47.18
N SER P 10 -12.52 -29.67 48.49
CA SER P 10 -11.28 -29.73 49.24
C SER P 10 -11.12 -30.99 50.01
N LEU P 11 -9.88 -31.43 50.17
CA LEU P 11 -9.62 -32.63 50.87
C LEU P 11 -9.03 -31.92 52.07
N PRO P 12 -9.69 -32.01 53.22
CA PRO P 12 -9.04 -31.32 54.31
C PRO P 12 -7.83 -32.14 54.66
N VAL P 13 -6.72 -31.50 54.97
CA VAL P 13 -5.47 -32.21 55.23
C VAL P 13 -4.88 -31.81 56.57
N THR P 14 -3.90 -32.55 57.05
CA THR P 14 -3.20 -32.22 58.30
C THR P 14 -1.70 -32.20 58.03
N LEU P 15 -0.87 -32.07 59.06
CA LEU P 15 0.57 -31.95 58.85
C LEU P 15 1.28 -33.27 58.64
N GLY P 16 1.32 -33.74 57.40
CA GLY P 16 2.08 -34.94 57.08
C GLY P 16 1.41 -36.09 56.39
N GLN P 17 0.14 -35.96 56.05
CA GLN P 17 -0.58 -37.08 55.46
C GLN P 17 -0.81 -36.80 53.96
N PRO P 18 -0.91 -37.85 53.14
CA PRO P 18 -1.10 -37.63 51.71
C PRO P 18 -2.43 -37.03 51.32
N ALA P 19 -2.50 -36.47 50.12
CA ALA P 19 -3.71 -35.80 49.63
C ALA P 19 -4.40 -36.50 48.48
N SER P 20 -3.66 -36.92 47.44
CA SER P 20 -4.21 -37.66 46.30
C SER P 20 -5.30 -36.95 45.52
N ILE P 21 -4.95 -35.81 44.95
CA ILE P 21 -5.87 -35.07 44.09
C ILE P 21 -5.91 -35.72 42.71
N SER P 22 -7.12 -35.94 42.17
CA SER P 22 -7.26 -36.65 40.89
C SER P 22 -7.78 -35.76 39.80
N CYS P 23 -7.49 -36.11 38.55
CA CYS P 23 -7.95 -35.33 37.40
C CYS P 23 -8.29 -36.32 36.30
N LYS P 24 -9.49 -36.23 35.74
CA LYS P 24 -9.94 -37.17 34.72
C LYS P 24 -10.42 -36.43 33.52
N SER P 25 -10.27 -37.02 32.32
CA SER P 25 -10.57 -36.32 31.06
C SER P 25 -11.70 -36.91 30.28
N SER P 26 -11.90 -36.45 29.03
CA SER P 26 -12.92 -37.06 28.17
C SER P 26 -12.33 -37.94 27.10
N GLN P 27 -11.12 -37.63 26.66
CA GLN P 27 -10.45 -38.46 25.70
C GLN P 27 -8.94 -38.46 25.88
N SER P 28 -8.25 -39.44 25.34
CA SER P 28 -6.84 -39.62 25.65
C SER P 28 -6.01 -38.41 25.32
N LEU P 29 -5.07 -38.11 26.19
CA LEU P 29 -4.29 -36.90 26.04
C LEU P 29 -2.91 -37.24 25.52
N LEU P 30 -2.81 -38.26 24.68
CA LEU P 30 -1.53 -38.70 24.13
C LEU P 30 -1.45 -38.21 22.70
N TYR P 31 -0.37 -37.54 22.34
CA TYR P 31 -0.21 -36.99 20.99
C TYR P 31 0.16 -38.12 20.10
N SER P 32 0.26 -37.87 18.80
CA SER P 32 0.71 -38.92 17.91
C SER P 32 2.09 -39.33 18.32
N ASP P 33 2.92 -38.35 18.62
CA ASP P 33 4.28 -38.64 19.02
C ASP P 33 4.22 -39.28 20.37
N GLY P 34 5.28 -39.95 20.77
CA GLY P 34 5.23 -40.70 22.01
C GLY P 34 4.83 -40.02 23.28
N LYS P 35 5.10 -38.73 23.42
CA LYS P 35 4.84 -38.06 24.67
C LYS P 35 3.38 -37.80 25.00
N THR P 36 3.04 -37.83 26.28
CA THR P 36 1.68 -37.53 26.75
C THR P 36 1.96 -36.28 27.51
N TYR P 37 1.03 -35.32 27.54
CA TYR P 37 1.27 -33.97 28.10
C TYR P 37 0.27 -33.45 29.11
N VAL P 38 0.62 -33.33 30.40
CA VAL P 38 -0.27 -32.75 31.40
C VAL P 38 0.60 -31.82 32.22
N ASN P 39 0.05 -30.86 32.93
CA ASN P 39 0.86 -30.05 33.86
C ASN P 39 0.01 -29.78 35.11
N TRP P 40 0.61 -29.36 36.23
CA TRP P 40 -0.13 -29.02 37.44
C TRP P 40 0.43 -27.71 37.91
N PHE P 41 -0.43 -26.77 38.26
CA PHE P 41 0.04 -25.48 38.69
C PHE P 41 -0.44 -25.22 40.09
N GLN P 42 0.31 -24.46 40.89
CA GLN P 42 -0.13 -24.08 42.25
C GLN P 42 -0.05 -22.58 42.45
N GLN P 43 -1.11 -21.97 42.98
CA GLN P 43 -1.14 -20.54 43.21
C GLN P 43 -1.42 -20.25 44.66
N ARG P 44 -0.58 -19.44 45.30
CA ARG P 44 -0.78 -19.08 46.70
C ARG P 44 -1.70 -17.87 46.74
N PRO P 45 -2.57 -17.77 47.78
CA PRO P 45 -3.51 -16.65 47.73
C PRO P 45 -2.64 -15.40 47.74
N GLY P 46 -2.77 -14.57 46.70
CA GLY P 46 -2.00 -13.35 46.62
C GLY P 46 -0.68 -13.40 45.92
N GLN P 47 -0.52 -14.30 44.95
CA GLN P 47 0.71 -14.30 44.14
C GLN P 47 0.41 -14.95 42.80
N SER P 48 1.27 -14.76 41.81
CA SER P 48 1.09 -15.42 40.53
C SER P 48 1.28 -16.94 40.65
N PRO P 49 0.62 -17.72 39.80
CA PRO P 49 0.80 -19.18 39.85
C PRO P 49 2.16 -19.66 39.43
N LYS P 50 2.48 -20.92 39.74
CA LYS P 50 3.79 -21.48 39.44
C LYS P 50 3.68 -22.92 38.95
N ARG P 51 4.58 -23.40 38.09
CA ARG P 51 4.53 -24.82 37.67
C ARG P 51 5.08 -25.85 38.63
N LEU P 52 4.35 -26.95 38.79
CA LEU P 52 4.75 -28.02 39.68
C LEU P 52 5.26 -29.30 39.03
N ILE P 53 4.57 -29.85 38.05
CA ILE P 53 4.94 -31.15 37.46
C ILE P 53 5.22 -31.05 35.96
N TYR P 54 6.21 -31.79 35.48
CA TYR P 54 6.64 -31.70 34.08
C TYR P 54 6.22 -32.93 33.32
N LEU P 55 5.75 -32.77 32.09
CA LEU P 55 5.27 -33.91 31.32
C LEU P 55 4.23 -34.53 32.22
N VAL P 56 4.34 -35.81 32.60
CA VAL P 56 3.41 -36.45 33.52
C VAL P 56 4.02 -36.75 34.89
N SER P 57 5.33 -36.97 34.95
CA SER P 57 5.99 -37.29 36.22
C SER P 57 7.44 -36.89 36.26
N ARG P 58 7.70 -35.60 36.37
CA ARG P 58 9.08 -35.14 36.51
C ARG P 58 8.93 -33.81 37.23
N LEU P 59 9.97 -33.33 37.92
CA LEU P 59 9.90 -32.09 38.69
C LEU P 59 10.96 -31.14 38.17
N ASP P 60 10.75 -29.85 38.36
CA ASP P 60 11.72 -28.84 37.89
C ASP P 60 11.97 -27.75 38.94
N SER P 61 13.10 -27.84 39.66
CA SER P 61 13.45 -26.86 40.70
C SER P 61 12.37 -26.70 41.78
N GLY P 62 11.61 -27.74 42.06
CA GLY P 62 10.61 -27.71 43.12
C GLY P 62 11.34 -28.46 44.17
N VAL P 63 11.80 -27.78 45.20
CA VAL P 63 12.66 -28.46 46.16
C VAL P 63 11.99 -29.61 46.86
N PRO P 64 10.75 -29.42 47.31
CA PRO P 64 10.21 -30.61 47.95
C PRO P 64 10.04 -31.63 46.87
N ASP P 65 10.47 -32.85 47.13
CA ASP P 65 10.29 -33.92 46.18
C ASP P 65 9.06 -34.65 46.64
N ARG P 66 8.35 -34.07 47.58
CA ARG P 66 7.19 -34.71 48.12
C ARG P 66 6.22 -34.86 47.00
N PHE P 67 6.11 -33.79 46.22
CA PHE P 67 5.17 -33.79 45.14
C PHE P 67 5.66 -34.85 44.23
N SER P 68 4.84 -35.84 44.01
CA SER P 68 5.18 -36.86 43.08
C SER P 68 3.89 -36.89 42.40
N GLY P 69 3.90 -37.32 41.17
CA GLY P 69 2.70 -37.37 40.40
C GLY P 69 2.83 -38.67 39.70
N SER P 70 1.72 -39.18 39.20
CA SER P 70 1.73 -40.43 38.46
C SER P 70 0.49 -40.56 37.61
N GLY P 71 0.45 -41.57 36.74
CA GLY P 71 -0.73 -41.84 35.93
C GLY P 71 -0.49 -41.88 34.44
N SER P 72 -1.49 -42.29 33.66
CA SER P 72 -1.37 -42.38 32.20
C SER P 72 -2.71 -42.53 31.55
N GLY P 73 -2.81 -42.35 30.24
CA GLY P 73 -4.08 -42.57 29.60
C GLY P 73 -5.12 -41.65 30.18
N THR P 74 -6.30 -42.15 30.48
CA THR P 74 -7.37 -41.29 30.96
C THR P 74 -7.14 -40.60 32.29
N ASP P 75 -6.52 -41.26 33.27
CA ASP P 75 -6.42 -40.70 34.64
C ASP P 75 -5.05 -40.21 35.07
N PHE P 76 -5.02 -39.17 35.91
CA PHE P 76 -3.76 -38.63 36.42
C PHE P 76 -3.94 -38.22 37.86
N THR P 77 -2.84 -38.19 38.64
CA THR P 77 -2.96 -37.92 40.07
C THR P 77 -1.68 -37.37 40.69
N LEU P 78 -1.77 -36.66 41.82
CA LEU P 78 -0.58 -36.16 42.55
C LEU P 78 -0.53 -36.66 44.01
N LYS P 79 0.49 -37.44 44.35
CA LYS P 79 0.60 -38.01 45.70
C LYS P 79 1.70 -37.26 46.42
N ILE P 80 1.36 -36.66 47.56
CA ILE P 80 2.33 -35.89 48.32
C ILE P 80 2.65 -36.65 49.60
N SER P 81 3.92 -36.68 49.98
CA SER P 81 4.32 -37.42 51.16
C SER P 81 3.86 -36.75 52.44
N ARG P 82 4.17 -35.47 52.59
CA ARG P 82 3.81 -34.75 53.81
C ARG P 82 3.48 -33.29 53.54
N VAL P 83 2.25 -32.87 53.81
CA VAL P 83 1.90 -31.49 53.45
C VAL P 83 2.35 -30.50 54.48
N GLU P 84 3.36 -29.71 54.13
CA GLU P 84 3.86 -28.68 55.02
C GLU P 84 2.96 -27.49 54.86
N ALA P 85 3.14 -26.49 55.70
CA ALA P 85 2.32 -25.30 55.63
C ALA P 85 2.46 -24.58 54.30
N GLU P 86 3.66 -24.58 53.73
CA GLU P 86 3.89 -23.85 52.50
C GLU P 86 2.98 -24.37 51.43
N ASP P 87 2.64 -25.64 51.50
CA ASP P 87 1.83 -26.27 50.46
C ASP P 87 0.36 -25.82 50.34
N LEU P 88 -0.16 -25.09 51.30
CA LEU P 88 -1.53 -24.63 51.17
C LEU P 88 -1.73 -23.70 49.97
N GLY P 89 -2.89 -23.76 49.29
CA GLY P 89 -3.15 -22.97 48.08
C GLY P 89 -4.29 -23.54 47.24
N VAL P 90 -4.30 -23.32 45.92
CA VAL P 90 -5.30 -23.94 45.01
C VAL P 90 -4.55 -24.79 43.96
N TYR P 91 -5.20 -25.73 43.26
CA TYR P 91 -4.46 -26.61 42.34
C TYR P 91 -5.23 -26.76 41.04
N TYR P 92 -4.53 -26.83 39.90
CA TYR P 92 -5.21 -26.91 38.60
C TYR P 92 -4.61 -27.94 37.63
N CYS P 93 -5.36 -28.37 36.61
CA CYS P 93 -4.84 -29.29 35.59
C CYS P 93 -4.68 -28.46 34.36
N TRP P 94 -3.64 -28.68 33.57
CA TRP P 94 -3.47 -27.98 32.30
C TRP P 94 -3.23 -29.10 31.38
N GLN P 95 -3.80 -29.12 30.15
CA GLN P 95 -3.69 -30.24 29.17
C GLN P 95 -3.31 -29.76 27.78
N GLY P 96 -2.43 -30.46 27.05
CA GLY P 96 -1.91 -29.99 25.78
C GLY P 96 -2.23 -30.72 24.53
N THR P 97 -3.02 -31.77 24.60
CA THR P 97 -3.21 -32.56 23.42
C THR P 97 -4.01 -31.92 22.35
N HIS P 98 -5.13 -31.33 22.70
CA HIS P 98 -6.02 -30.78 21.69
C HIS P 98 -5.93 -29.28 21.67
N LEU P 99 -6.48 -28.63 20.65
CA LEU P 99 -6.30 -27.20 20.51
C LEU P 99 -6.84 -26.32 21.58
N PRO P 100 -8.05 -26.58 22.06
CA PRO P 100 -8.46 -25.65 23.10
C PRO P 100 -7.80 -26.10 24.38
N TYR P 101 -6.76 -25.39 24.80
CA TYR P 101 -6.04 -25.81 25.97
C TYR P 101 -7.02 -25.65 27.07
N THR P 102 -7.02 -26.56 28.02
CA THR P 102 -8.00 -26.53 29.08
C THR P 102 -7.34 -26.36 30.40
N PHE P 103 -7.90 -25.52 31.28
CA PHE P 103 -7.38 -25.36 32.61
C PHE P 103 -8.43 -26.03 33.47
N GLY P 104 -8.04 -26.63 34.58
CA GLY P 104 -8.99 -27.37 35.43
C GLY P 104 -9.94 -26.55 36.29
N GLN P 105 -10.91 -27.20 36.91
CA GLN P 105 -11.89 -26.50 37.72
C GLN P 105 -11.29 -25.80 38.89
N GLY P 106 -10.35 -26.44 39.57
CA GLY P 106 -9.69 -25.83 40.73
C GLY P 106 -10.15 -26.41 42.07
N THR P 107 -9.23 -26.80 42.96
CA THR P 107 -9.61 -27.32 44.27
C THR P 107 -8.99 -26.47 45.36
N LYS P 108 -9.30 -26.78 46.62
CA LYS P 108 -8.76 -26.02 47.73
C LYS P 108 -8.12 -26.90 48.75
N LEU P 109 -7.09 -26.39 49.44
CA LEU P 109 -6.48 -27.11 50.54
C LEU P 109 -6.87 -26.36 51.79
N GLU P 110 -7.30 -27.06 52.83
CA GLU P 110 -7.76 -26.42 54.05
C GLU P 110 -7.25 -27.14 55.28
N ILE P 111 -7.17 -26.43 56.40
CA ILE P 111 -6.76 -27.05 57.65
C ILE P 111 -8.03 -27.45 58.38
N LYS P 112 -7.94 -28.44 59.27
CA LYS P 112 -9.11 -28.90 60.02
C LYS P 112 -8.85 -28.66 61.48
#